data_6JCY
#
_entry.id   6JCY
#
_cell.length_a   128.943
_cell.length_b   163.005
_cell.length_c   129.315
_cell.angle_alpha   90.000
_cell.angle_beta   117.810
_cell.angle_gamma   90.000
#
_symmetry.space_group_name_H-M   'P 1 21 1'
#
loop_
_entity.id
_entity.type
_entity.pdbx_description
1 polymer 'DNA-directed RNA polymerase subunit alpha'
2 polymer 'DNA-directed RNA polymerase subunit beta'
3 polymer "DNA-directed RNA polymerase subunit beta'"
4 polymer 'DNA-directed RNA polymerase subunit omega'
5 polymer 'ECF RNA polymerase sigma factor SigH,ECF RNA polymerase sigma factor SigE,ECF RNA polymerase sigma factor SigH'
6 polymer "DNA (5'-D(*TP*TP*GP*TP*GP*GP*GP*AP*GP*CP*TP*GP*TP*CP*AP*CP*GP*GP*AP*TP*GP*CP*A)-3')"
7 polymer "DNA (5'-D(*TP*GP*CP*AP*TP*CP*CP*GP*TP*GP*AP*GP*TP*CP*GP*AP*GP*GP*GP*T)-3')"
8 polymer "RNA (5'-R(*CP*CP*UP*CP*GP*A)-3')"
9 non-polymer 'ZINC ION'
10 non-polymer 'MAGNESIUM ION'
11 water water
#
loop_
_entity_poly.entity_id
_entity_poly.type
_entity_poly.pdbx_seq_one_letter_code
_entity_poly.pdbx_strand_id
1 'polypeptide(L)'
;MGHHHHHHHHHHSSGHIEGRHMLISQRPTLSEDVLTDNRSQFVIEPLEPGFGYTLGNSLRRTLLSSIPGAAVTSIRIDGV
LHEFTTVPGVKEDVTEIILNLKSLVVSSEEDEPVTMYLRKQGPGEVTAGDIVPPAGVTVHNPGMHIATLNDKGKLEVELV
VERGRGYVPAVQNRASGAEIGRIPVDSIYSPVLKVTYKVDATRVEQRTDFDKLILDVETKNSISPRDALASAGKTLVELF
GLARELNVEAEGIEIGPSPAEADHIASFALPIDDLDLTVRSYNCLKREGVHTVGELVARTESDLLDIRNFGQKSIDEVKI
KLHQLGLSLKDSPPSFDPSEVAGYDVATGTWSTEGAYDEQDYAETEQL
;
A,B
2 'polypeptide(L)'
;MVLADSRQSKTAASPSPSRPQSSSNNSVPGAPNRVSFAKLREPLEVPGLLDVQTDSFEWLIGSPRWRESAAERGDVNPVG
GLEEVLYELSPIEDFSGSMSLSFSDPRFDDVKAPVDECKDKDMTYAAPLFVTAEFINNNTGEIKSQTVFMGDFPMMTEKG
TFIINGTERVVVSQLVRSPGVYFDETIDKSTDKTLHSVKVIPSRGAWLEFDVDKRDTVGVRIDRKRRQPVTVLLKALGWT
SEQIVERFGFSEIMRSTLEKDNTVGTDEALLDIYRKLRPGEPPTKESAQTLLENLFFKEKRYDLARVGRYKVNKKLGLHV
GEPITSSTLTEEDVVATIEYLVRLHEGQTTMTVPGGVEVPVETDDIDHFGNRRLRTVGELIQNQIRVGMSRMERVVRERM
TTQDVEAITPQTLINIRPVVAAIKEFFGTSQLSQFMDQNNPLSGLTHKRRLSALGPGGLSRERAGLEVRDVHPSHYGRMC
PIETPEGPNIGLIGSLSVYARVNPFGFIETPYRKVVDGVVSDEIVYLTADEEDRHVVAQANSPIDADGRFVEPRVLVRRK
AGEVEYVPSSEVDYMDVSPRQMVSVATAMIPFLEHDDANRALMGANMQRQAVPLVRSEAPLVGTGMELRAAIDAGDVVVA
EESGVIEEVSADYITVMHDNGTRRTYRMRKFARSNHGTCANQCPIVDAGDRVEAGQVIADGPCTDDGEMALGKNLLVAIM
PWEGHNYEDAIILSNRLVEEDVLTSIHIEEHEIDARDTKLGAEEITRDIPNISDEVLADLDERGIVRIGAEVRDGDILVG
KVTPKGETELTPEERLLRAIFGEKAREVRDTSLKVPHGESGKVIGIRVFSREDEDELPAGVNELVRVYVAQKRKISDGDK
LAGRHGNKGVIGKILPVEDMPFLADGTPVDIILNTHGVPRRMNIGQILETHLGWCAHSGWKVDAAKGVPDWAARLPDELL
EAQPNAIVSTPVFDGAQEAELQGLLSCTLPNRDGDVLVDADGKAMLFDGRSGEPFPYPVTVGYMYIMKLHHLVDDKIHAR
STGPYSMITQQPLGGKAQFGGQRFGEMECWAMQAYGAAYTLQELLTIKSDDTVGRVKVYEAIVKGENIPEPGIPESFKVL
LKELQSLCLNVEVLSSDGAAIELREGEDEDLERAAANLGINLSRNESASVEDLA
;
C
3 'polypeptide(L)'
;MVLDVNFFDELRIGLATAEDIRQWSYGEVKKPETINYRTLKPEKDGLFCEKIFGPTRDWECYCGKYKRVRFKGIICERCG
VEVTRAKVRRERMGHIELAAPVTHIWYFKGVPSRLGYLLDLAPKDLEKIIYFAAYVITSVDEEMRHNELSTLEAEMAVER
KAVEDQRDGELEARAQKLEADLAELEAEGAKADARRKVRDGGEREMRQIRDRAQRELDRLEDIWSTFTKLAPKQLIVDEN
LYRELVDRYGEYFTGAMGAESIQKLIENFDIDAEAESLRDVIRNGKGQKKLRALKRLKVVAAFQQSGNSPMGMVLDAVPV
IPPELRPMVQLDGGRFATSDLNDLYRRVINRNNRLKRLIDLGAPEIIVNNEKRMLQESVDALFDNGRRGRPVTGPGNRPL
KSLSDLLKGKQGRFRQNLLGKRVDYSGRSVIVVGPQLKLHQCGLPKLMALELFKPFVMKRLVDLNHAQNIKSAKRMVERQ
RPQVWDVLEEVIAEHPVLLNRAPTLHRLGIQAFEPMLVEGKAIQLHPLVCEAFNADFDGDQMAVHLPLSAEAQAEARILM
LSSNNILSPASGRPLAMPRLDMVTGLYYLTTEVPGDTGEYQPASGDHPETGVYSSPAEAIMAADRGVLSVRAKIKVRLTQ
LRPPVEIEAELFGHSGWQPGDAWMAETTLGRVMFNELLPLGYPFVNKQMHKKVQAAIINDLAERYPMIVVAQTVDKLKDA
GFYWATRSGVTVSMADVLVPPRKKEILDHYEERADKVEKQFQRGALNHDERNEALVEIWKEATDEVGQALREHYPDDNPI
ITIVDSGATGNFTQTRTLAGMKGLVTNPKGEFIPRPVKSSFREGLTVLEYFINTHGARKGLADTALRTADSGYLTRRLVD
VSQDVIVREHDCQTERGIVVELAERAPDGTLIRDPYIETSAYARTLGTDAVDEAGNVIVERGQDLGDPEIDALLAAGITQ
VKVRSVLTCATSTGVCATCYGRSMATGKLVDIGEAVGIVAAQSIGEPGTQLTMRTFHQGGVGEDITGGLPRVQELFEARV
PRGKAPIADVTGRVRLEDGERFYKITIVPDDGGEEVVYDKISKRQRLRVFKHEDGSERVLSDGDHVEVGQQLMEGSADPH
EVLRVQGPREVQIHLVREVQEVYRAQGVSIHDKHIEVIVRQMLRRVTIIDSGSTEFLPGSLIDRAEFEAENRRVVAEGGE
PAAGRPVLMGITKASLATDSWLSAASFQETTRVLTDAAINCRSDKLNGLKENVIIGKLIPAGTGINRYRNIAVQPTEEAR
AAAYTIPSYEDQYYSPDFGAATGAAVPLDDYGYSDYR
;
D
4 'polypeptide(L)'
;MSISQSDASLAAVPAVDQFDPSSGASGGYDTPLGITNPPIDELLDRVSSKYALVIYAAKRARQINDYYNQLGEGILEYVG
PLVEPGLQEKPLSIALREIHADLLEHTEGE
;
E
5 'polypeptide(L)'
;GAMADIDGVTGSAGLQPGPSEETDEELTARFERDAIPLLDQLYGGALRMTRNPADAEDLLQETMVKAYAGFRSFRHGTNL
KAWLYRILTNTYINSYRRRARIRMEALPEDYDRVPADEPNPEQIYHDARLGPDLQAALQALPEEFRMAVYYADVEGFPYK
EIAEIMDTPIGTVMSRLHRGRRQLRGLLADVARDRGFARGEQAHEGVSS
;
F
6 'polydeoxyribonucleotide'
;(DT)(DT)(DG)(DT)(DG)(DG)(DG)(DA)(DG)(DC)(DT)(DG)(DT)(DC)(DA)(DC)(DG)(DG)(DA)(DT)
(DG)(DC)(DA)
;
G
7 'polydeoxyribonucleotide' (DT)(DG)(DC)(DA)(DT)(DC)(DC)(DG)(DT)(DG)(DA)(DG)(DT)(DC)(DG)(DA)(DG)(DG)(DG)(DT) H
8 'polyribonucleotide' CCUCGA I
#
loop_
_chem_comp.id
_chem_comp.type
_chem_comp.name
_chem_comp.formula
A RNA linking ADENOSINE-5'-MONOPHOSPHATE 'C10 H14 N5 O7 P'
C RNA linking CYTIDINE-5'-MONOPHOSPHATE 'C9 H14 N3 O8 P'
DA DNA linking 2'-DEOXYADENOSINE-5'-MONOPHOSPHATE 'C10 H14 N5 O6 P'
DC DNA linking 2'-DEOXYCYTIDINE-5'-MONOPHOSPHATE 'C9 H14 N3 O7 P'
DG DNA linking 2'-DEOXYGUANOSINE-5'-MONOPHOSPHATE 'C10 H14 N5 O7 P'
DT DNA linking THYMIDINE-5'-MONOPHOSPHATE 'C10 H15 N2 O8 P'
G RNA linking GUANOSINE-5'-MONOPHOSPHATE 'C10 H14 N5 O8 P'
MG non-polymer 'MAGNESIUM ION' 'Mg 2'
U RNA linking URIDINE-5'-MONOPHOSPHATE 'C9 H13 N2 O9 P'
ZN non-polymer 'ZINC ION' 'Zn 2'
#
# COMPACT_ATOMS: atom_id res chain seq x y z
N ILE A 24 -10.19 15.53 67.53
CA ILE A 24 -9.89 15.21 66.14
C ILE A 24 -10.06 16.43 65.23
N SER A 25 -10.91 17.36 65.66
CA SER A 25 -11.30 18.51 64.84
C SER A 25 -10.31 19.65 64.98
N GLN A 26 -9.81 20.13 63.84
CA GLN A 26 -8.98 21.33 63.80
C GLN A 26 -9.00 21.84 62.37
N ARG A 27 -9.41 23.09 62.18
CA ARG A 27 -9.53 23.64 60.85
C ARG A 27 -8.18 23.70 60.15
N PRO A 28 -8.15 23.52 58.83
CA PRO A 28 -6.88 23.64 58.11
C PRO A 28 -6.38 25.07 58.08
N THR A 29 -5.05 25.20 58.09
CA THR A 29 -4.38 26.49 58.10
C THR A 29 -3.38 26.55 56.95
N LEU A 30 -3.38 27.67 56.24
CA LEU A 30 -2.50 27.87 55.09
C LEU A 30 -1.40 28.84 55.48
N SER A 31 -0.15 28.38 55.39
CA SER A 31 1.01 29.20 55.72
C SER A 31 1.93 29.33 54.52
N GLU A 32 2.28 30.55 54.16
CA GLU A 32 3.17 30.80 53.04
C GLU A 32 4.63 30.71 53.50
N ASP A 33 5.51 30.41 52.54
CA ASP A 33 6.94 30.29 52.81
C ASP A 33 7.66 30.64 51.52
N VAL A 34 8.12 31.88 51.40
CA VAL A 34 8.71 32.33 50.13
C VAL A 34 10.13 31.79 50.00
N LEU A 35 10.54 31.58 48.75
CA LEU A 35 11.90 31.15 48.43
C LEU A 35 12.62 32.17 47.54
N THR A 36 11.95 32.66 46.51
CA THR A 36 12.42 33.79 45.71
C THR A 36 11.23 34.74 45.50
N ASP A 37 11.48 35.80 44.73
CA ASP A 37 10.42 36.77 44.47
C ASP A 37 9.28 36.15 43.68
N ASN A 38 9.57 35.11 42.89
CA ASN A 38 8.58 34.48 42.02
C ASN A 38 8.49 32.98 42.27
N ARG A 39 8.72 32.53 43.50
CA ARG A 39 8.51 31.14 43.86
C ARG A 39 8.22 31.06 45.36
N SER A 40 7.19 30.29 45.73
CA SER A 40 6.80 30.18 47.12
C SER A 40 6.18 28.80 47.37
N GLN A 41 6.41 28.30 48.58
CA GLN A 41 5.73 27.10 49.05
C GLN A 41 4.55 27.49 49.94
N PHE A 42 3.58 26.60 50.02
CA PHE A 42 2.37 26.83 50.82
C PHE A 42 2.03 25.54 51.55
N VAL A 43 1.92 25.62 52.88
CA VAL A 43 1.73 24.45 53.73
C VAL A 43 0.32 24.46 54.27
N ILE A 44 -0.35 23.30 54.19
CA ILE A 44 -1.69 23.08 54.72
C ILE A 44 -1.59 21.80 55.55
N GLU A 45 -1.52 21.93 56.88
CA GLU A 45 -1.14 20.80 57.73
C GLU A 45 -2.31 19.87 58.10
N PRO A 46 -3.38 20.36 58.75
CA PRO A 46 -4.43 19.44 59.23
C PRO A 46 -5.40 19.00 58.14
N LEU A 47 -5.03 17.99 57.35
CA LEU A 47 -5.91 17.39 56.35
C LEU A 47 -6.11 15.92 56.66
N GLU A 48 -7.28 15.40 56.26
CA GLU A 48 -7.59 14.00 56.48
C GLU A 48 -6.57 13.11 55.76
N PRO A 49 -6.36 11.88 56.24
CA PRO A 49 -5.39 11.00 55.57
C PRO A 49 -5.89 10.57 54.20
N GLY A 50 -4.99 10.60 53.23
CA GLY A 50 -5.32 10.32 51.84
C GLY A 50 -5.89 11.49 51.07
N PHE A 51 -6.03 12.65 51.71
CA PHE A 51 -6.70 13.81 51.14
C PHE A 51 -5.72 14.85 50.62
N GLY A 52 -4.42 14.65 50.78
CA GLY A 52 -3.46 15.67 50.40
C GLY A 52 -3.18 15.73 48.92
N TYR A 53 -2.91 14.56 48.33
CA TYR A 53 -2.57 14.49 46.91
C TYR A 53 -3.66 15.11 46.04
N THR A 54 -4.92 14.77 46.31
CA THR A 54 -6.01 15.23 45.46
C THR A 54 -6.20 16.75 45.56
N LEU A 55 -6.06 17.31 46.75
CA LEU A 55 -6.20 18.77 46.91
C LEU A 55 -5.05 19.51 46.24
N GLY A 56 -3.81 19.07 46.51
CA GLY A 56 -2.68 19.65 45.81
C GLY A 56 -2.82 19.56 44.30
N ASN A 57 -3.37 18.46 43.82
CA ASN A 57 -3.51 18.28 42.38
C ASN A 57 -4.59 19.18 41.80
N SER A 58 -5.70 19.36 42.53
CA SER A 58 -6.72 20.31 42.06
C SER A 58 -6.15 21.70 41.98
N LEU A 59 -5.38 22.11 42.99
CA LEU A 59 -4.73 23.42 42.94
C LEU A 59 -3.78 23.51 41.75
N ARG A 60 -3.02 22.44 41.49
CA ARG A 60 -2.08 22.46 40.37
C ARG A 60 -2.80 22.56 39.03
N ARG A 61 -3.91 21.82 38.87
CA ARG A 61 -4.71 21.91 37.65
C ARG A 61 -5.19 23.33 37.44
N THR A 62 -5.76 23.94 38.49
CA THR A 62 -6.27 25.30 38.36
C THR A 62 -5.14 26.28 38.05
N LEU A 63 -3.97 26.09 38.66
CA LEU A 63 -2.84 27.00 38.42
C LEU A 63 -2.35 26.90 36.99
N LEU A 64 -2.14 25.68 36.50
CA LEU A 64 -1.65 25.51 35.14
C LEU A 64 -2.72 25.81 34.09
N SER A 65 -3.99 25.89 34.48
CA SER A 65 -5.08 26.05 33.51
C SER A 65 -5.61 27.47 33.41
N SER A 66 -6.09 28.04 34.52
CA SER A 66 -7.05 29.13 34.45
C SER A 66 -6.62 30.35 35.27
N ILE A 67 -5.33 30.66 35.30
CA ILE A 67 -4.84 31.85 35.98
C ILE A 67 -4.81 33.00 34.98
N PRO A 68 -5.49 34.12 35.25
CA PRO A 68 -5.52 35.22 34.29
C PRO A 68 -4.14 35.84 34.10
N GLY A 69 -3.93 36.38 32.91
CA GLY A 69 -2.67 37.00 32.57
C GLY A 69 -2.82 37.94 31.39
N ALA A 70 -1.71 38.22 30.74
CA ALA A 70 -1.71 39.10 29.58
C ALA A 70 -0.56 38.73 28.66
N ALA A 71 -0.79 38.86 27.36
CA ALA A 71 0.22 38.56 26.36
C ALA A 71 -0.09 39.36 25.10
N VAL A 72 0.74 39.16 24.08
CA VAL A 72 0.59 39.87 22.82
C VAL A 72 -0.37 39.11 21.93
N THR A 73 -1.31 39.83 21.31
CA THR A 73 -2.30 39.24 20.42
C THR A 73 -1.85 39.29 18.97
N SER A 74 -1.57 40.50 18.48
CA SER A 74 -1.15 40.69 17.10
C SER A 74 -0.01 41.70 17.08
N ILE A 75 0.74 41.70 15.98
CA ILE A 75 1.79 42.68 15.77
C ILE A 75 1.72 43.18 14.33
N ARG A 76 2.19 44.41 14.13
CA ARG A 76 2.31 45.01 12.80
C ARG A 76 3.71 45.57 12.70
N ILE A 77 4.54 45.00 11.85
CA ILE A 77 5.89 45.50 11.62
C ILE A 77 5.86 46.38 10.37
N ASP A 78 6.48 47.56 10.47
CA ASP A 78 6.48 48.49 9.36
C ASP A 78 7.29 47.93 8.19
N GLY A 79 6.66 47.82 7.03
CA GLY A 79 7.32 47.33 5.85
C GLY A 79 7.13 45.86 5.56
N VAL A 80 6.26 45.17 6.30
CA VAL A 80 5.98 43.76 6.07
C VAL A 80 4.47 43.57 6.02
N LEU A 81 4.05 42.52 5.31
CA LEU A 81 2.64 42.16 5.18
C LEU A 81 2.31 40.78 5.72
N HIS A 82 3.29 39.90 5.86
CA HIS A 82 3.07 38.56 6.39
C HIS A 82 4.32 38.14 7.15
N GLU A 83 4.23 37.00 7.83
CA GLU A 83 5.33 36.55 8.66
C GLU A 83 6.54 36.07 7.87
N PHE A 84 6.35 35.61 6.64
CA PHE A 84 7.37 34.85 5.92
C PHE A 84 8.16 35.78 5.00
N THR A 85 8.93 36.66 5.64
CA THR A 85 9.71 37.65 4.92
C THR A 85 10.79 38.18 5.85
N THR A 86 11.65 39.04 5.32
CA THR A 86 12.73 39.64 6.09
C THR A 86 12.59 41.16 6.08
N VAL A 87 13.23 41.78 7.06
CA VAL A 87 13.32 43.24 7.15
C VAL A 87 14.76 43.64 6.86
N PRO A 88 15.00 44.63 6.00
CA PRO A 88 16.38 44.98 5.65
C PRO A 88 17.19 45.34 6.89
N GLY A 89 18.40 44.79 6.96
CA GLY A 89 19.34 45.11 8.02
C GLY A 89 19.17 44.30 9.29
N VAL A 90 18.08 43.59 9.46
CA VAL A 90 17.85 42.78 10.65
C VAL A 90 18.41 41.39 10.43
N LYS A 91 19.17 40.88 11.40
CA LYS A 91 19.76 39.56 11.26
C LYS A 91 18.69 38.47 11.26
N GLU A 92 17.65 38.63 12.07
CA GLU A 92 16.56 37.67 12.16
C GLU A 92 15.50 37.97 11.10
N ASP A 93 14.71 36.95 10.79
CA ASP A 93 13.54 37.13 9.95
C ASP A 93 12.30 37.34 10.83
N VAL A 94 11.18 37.65 10.19
CA VAL A 94 9.98 37.99 10.95
C VAL A 94 9.49 36.79 11.75
N THR A 95 9.61 35.59 11.20
CA THR A 95 9.23 34.39 11.94
C THR A 95 10.08 34.22 13.18
N GLU A 96 11.40 34.39 13.05
CA GLU A 96 12.27 34.30 14.20
C GLU A 96 12.03 35.43 15.18
N ILE A 97 11.70 36.62 14.68
CA ILE A 97 11.38 37.74 15.57
C ILE A 97 10.15 37.41 16.41
N ILE A 98 9.14 36.80 15.79
CA ILE A 98 7.93 36.44 16.54
C ILE A 98 8.23 35.32 17.53
N LEU A 99 9.08 34.36 17.12
CA LEU A 99 9.49 33.32 18.06
C LEU A 99 10.24 33.91 19.25
N ASN A 100 11.02 34.96 19.02
CA ASN A 100 11.70 35.64 20.13
C ASN A 100 10.69 36.38 21.02
N LEU A 101 9.73 37.07 20.41
CA LEU A 101 8.70 37.77 21.15
C LEU A 101 7.83 36.83 21.96
N LYS A 102 7.78 35.55 21.60
CA LYS A 102 7.02 34.58 22.38
C LYS A 102 7.44 34.58 23.85
N SER A 103 8.71 34.87 24.13
CA SER A 103 9.23 34.84 25.50
C SER A 103 8.92 36.11 26.29
N LEU A 104 8.09 37.01 25.75
CA LEU A 104 7.79 38.26 26.44
C LEU A 104 6.86 38.01 27.62
N VAL A 105 7.28 38.48 28.80
CA VAL A 105 6.41 38.53 29.98
C VAL A 105 5.98 39.97 30.19
N VAL A 106 4.67 40.19 30.25
CA VAL A 106 4.09 41.53 30.30
C VAL A 106 2.82 41.44 31.14
N SER A 107 2.47 42.56 31.80
CA SER A 107 1.24 42.62 32.59
C SER A 107 0.45 43.87 32.22
N SER A 108 -0.87 43.72 32.20
CA SER A 108 -1.77 44.79 31.78
C SER A 108 -2.95 44.89 32.74
N GLU A 109 -3.29 46.12 33.11
CA GLU A 109 -4.43 46.39 33.97
C GLU A 109 -5.64 46.89 33.20
N GLU A 110 -5.50 47.09 31.89
CA GLU A 110 -6.56 47.74 31.11
C GLU A 110 -7.74 46.82 30.84
N ASP A 111 -7.52 45.50 30.77
CA ASP A 111 -8.56 44.53 30.43
C ASP A 111 -9.20 44.87 29.08
N GLU A 112 -8.43 45.48 28.20
CA GLU A 112 -8.91 45.96 26.91
C GLU A 112 -7.74 45.98 25.95
N PRO A 113 -7.95 45.67 24.66
CA PRO A 113 -6.85 45.70 23.70
C PRO A 113 -6.13 47.04 23.69
N VAL A 114 -4.87 47.05 24.13
CA VAL A 114 -4.06 48.25 24.15
C VAL A 114 -2.87 48.03 23.22
N THR A 115 -2.15 49.11 22.93
CA THR A 115 -1.09 49.06 21.94
C THR A 115 0.21 49.58 22.52
N MET A 116 1.28 48.81 22.34
CA MET A 116 2.64 49.23 22.62
C MET A 116 3.37 49.48 21.31
N TYR A 117 4.45 50.26 21.39
CA TYR A 117 5.21 50.62 20.20
C TYR A 117 6.69 50.32 20.44
N LEU A 118 7.40 50.13 19.34
CA LEU A 118 8.84 49.90 19.39
C LEU A 118 9.45 50.47 18.13
N ARG A 119 10.44 51.34 18.29
CA ARG A 119 11.19 51.90 17.18
C ARG A 119 12.67 51.85 17.49
N LYS A 120 13.47 51.47 16.49
CA LYS A 120 14.91 51.44 16.69
C LYS A 120 15.58 51.58 15.34
N GLN A 121 16.77 52.20 15.36
CA GLN A 121 17.49 52.59 14.17
C GLN A 121 18.97 52.31 14.41
N GLY A 122 19.73 52.25 13.32
CA GLY A 122 21.17 52.13 13.40
C GLY A 122 21.61 50.83 14.04
N PRO A 123 22.92 50.61 14.11
CA PRO A 123 23.43 49.36 14.69
C PRO A 123 23.05 49.25 16.16
N GLY A 124 22.84 48.01 16.59
CA GLY A 124 22.50 47.76 17.97
C GLY A 124 21.71 46.47 18.12
N GLU A 125 21.22 46.26 19.33
CA GLU A 125 20.46 45.07 19.68
C GLU A 125 19.11 45.50 20.24
N VAL A 126 18.06 45.35 19.44
CA VAL A 126 16.71 45.65 19.91
C VAL A 126 16.31 44.62 20.94
N THR A 127 16.09 45.07 22.17
CA THR A 127 15.65 44.23 23.28
C THR A 127 14.30 44.75 23.78
N ALA A 128 13.67 43.94 24.63
CA ALA A 128 12.35 44.30 25.13
C ALA A 128 12.36 45.62 25.89
N GLY A 129 13.51 46.02 26.42
CA GLY A 129 13.60 47.32 27.07
C GLY A 129 13.30 48.47 26.14
N ASP A 130 13.58 48.31 24.86
CA ASP A 130 13.32 49.32 23.84
C ASP A 130 11.81 49.53 23.58
N ILE A 131 10.91 48.89 24.32
CA ILE A 131 9.48 49.00 24.08
C ILE A 131 8.90 50.06 25.00
N VAL A 132 8.02 50.90 24.44
CA VAL A 132 7.34 51.92 25.23
C VAL A 132 5.91 51.44 25.50
N PRO A 133 5.65 50.88 26.67
CA PRO A 133 4.29 50.44 27.00
C PRO A 133 3.43 51.62 27.40
N PRO A 134 2.13 51.55 27.12
CA PRO A 134 1.22 52.59 27.62
C PRO A 134 1.01 52.51 29.12
N ALA A 135 0.10 53.33 29.63
CA ALA A 135 -0.20 53.30 31.06
C ALA A 135 -0.86 51.98 31.44
N GLY A 136 -0.45 51.43 32.58
CA GLY A 136 -1.00 50.19 33.08
C GLY A 136 -0.32 48.94 32.55
N VAL A 137 0.38 49.03 31.42
CA VAL A 137 1.08 47.91 30.82
C VAL A 137 2.55 48.01 31.18
N THR A 138 3.11 46.93 31.72
CA THR A 138 4.51 46.90 32.13
C THR A 138 5.20 45.66 31.58
N VAL A 139 6.44 45.84 31.14
CA VAL A 139 7.28 44.79 30.56
C VAL A 139 8.32 44.38 31.59
N HIS A 140 8.29 43.13 32.01
CA HIS A 140 9.06 42.71 33.19
C HIS A 140 10.45 42.18 32.88
N ASN A 141 10.77 41.89 31.61
CA ASN A 141 12.10 41.40 31.23
C ASN A 141 12.70 42.32 30.17
N PRO A 142 13.16 43.50 30.58
CA PRO A 142 13.66 44.47 29.58
C PRO A 142 14.87 43.98 28.81
N GLY A 143 15.62 43.00 29.33
CA GLY A 143 16.82 42.53 28.68
C GLY A 143 16.62 41.48 27.61
N MET A 144 15.39 41.00 27.45
CA MET A 144 15.12 39.90 26.51
C MET A 144 15.47 40.30 25.10
N HIS A 145 16.33 39.51 24.46
CA HIS A 145 16.74 39.80 23.09
C HIS A 145 15.56 39.66 22.14
N ILE A 146 15.44 40.61 21.22
CA ILE A 146 14.39 40.58 20.22
C ILE A 146 15.01 40.47 18.83
N ALA A 147 15.85 41.44 18.48
CA ALA A 147 16.47 41.44 17.17
C ALA A 147 17.85 42.10 17.28
N THR A 148 18.64 41.96 16.23
CA THR A 148 19.90 42.68 16.13
C THR A 148 19.93 43.42 14.80
N LEU A 149 20.19 44.72 14.86
CA LEU A 149 20.13 45.61 13.71
C LEU A 149 21.54 46.12 13.39
N ASN A 150 21.77 46.36 12.10
CA ASN A 150 23.03 46.89 11.60
C ASN A 150 22.80 48.30 11.05
N ASP A 151 23.83 48.83 10.38
CA ASP A 151 23.79 50.17 9.84
C ASP A 151 22.50 50.44 9.05
N LYS A 152 22.17 49.54 8.13
CA LYS A 152 21.02 49.72 7.25
C LYS A 152 19.71 49.26 7.86
N GLY A 153 19.69 48.93 9.15
CA GLY A 153 18.53 48.32 9.78
C GLY A 153 17.69 49.32 10.54
N LYS A 154 16.38 49.26 10.31
CA LYS A 154 15.39 50.08 11.01
C LYS A 154 14.18 49.21 11.30
N LEU A 155 13.76 49.19 12.57
CA LEU A 155 12.65 48.35 13.01
C LEU A 155 11.58 49.23 13.64
N GLU A 156 10.32 49.00 13.26
CA GLU A 156 9.18 49.76 13.80
C GLU A 156 8.00 48.81 13.92
N VAL A 157 7.61 48.50 15.16
CA VAL A 157 6.64 47.45 15.45
C VAL A 157 5.56 47.99 16.37
N GLU A 158 4.30 47.72 16.04
CA GLU A 158 3.17 47.91 16.93
C GLU A 158 2.73 46.56 17.48
N LEU A 159 2.47 46.50 18.79
CA LEU A 159 2.14 45.25 19.46
C LEU A 159 0.86 45.42 20.26
N VAL A 160 -0.20 44.69 19.87
CA VAL A 160 -1.45 44.73 20.61
C VAL A 160 -1.35 43.77 21.79
N VAL A 161 -1.55 44.28 22.99
CA VAL A 161 -1.59 43.49 24.21
C VAL A 161 -3.02 43.41 24.70
N GLU A 162 -3.49 42.20 24.97
CA GLU A 162 -4.80 41.92 25.54
C GLU A 162 -4.63 41.09 26.80
N ARG A 163 -5.71 41.03 27.59
CA ARG A 163 -5.72 40.35 28.87
C ARG A 163 -6.65 39.15 28.76
N GLY A 164 -6.10 37.96 29.00
CA GLY A 164 -6.89 36.73 28.95
C GLY A 164 -6.32 35.64 29.83
N ARG A 165 -6.77 34.41 29.64
CA ARG A 165 -6.29 33.29 30.45
C ARG A 165 -6.09 32.07 29.57
N GLY A 166 -5.35 31.10 30.10
CA GLY A 166 -5.07 29.88 29.38
C GLY A 166 -4.23 30.13 28.15
N TYR A 167 -4.47 29.34 27.11
CA TYR A 167 -3.78 29.47 25.84
C TYR A 167 -4.81 29.60 24.73
N VAL A 168 -4.54 30.51 23.80
CA VAL A 168 -5.44 30.72 22.67
C VAL A 168 -4.63 30.86 21.40
N PRO A 169 -4.95 30.09 20.35
CA PRO A 169 -4.20 30.22 19.09
C PRO A 169 -4.58 31.49 18.35
N ALA A 170 -3.67 31.92 17.48
CA ALA A 170 -3.82 33.19 16.76
C ALA A 170 -5.17 33.30 16.07
N VAL A 171 -5.82 34.45 16.26
CA VAL A 171 -7.14 34.69 15.68
C VAL A 171 -6.95 35.17 14.24
N GLN A 172 -7.35 34.33 13.29
CA GLN A 172 -7.16 34.65 11.88
C GLN A 172 -7.97 35.88 11.50
N ASN A 173 -7.50 36.57 10.45
CA ASN A 173 -8.11 37.81 9.98
C ASN A 173 -9.48 37.61 9.35
N ARG A 174 -9.98 36.38 9.26
CA ARG A 174 -11.36 36.16 8.84
C ARG A 174 -12.33 36.39 10.00
N ALA A 175 -11.98 35.93 11.20
CA ALA A 175 -12.83 36.12 12.37
C ALA A 175 -12.76 37.53 12.93
N SER A 176 -11.88 38.38 12.41
CA SER A 176 -11.79 39.77 12.82
C SER A 176 -12.03 40.66 11.61
N GLY A 177 -12.29 41.94 11.87
CA GLY A 177 -12.33 42.91 10.80
C GLY A 177 -10.93 43.36 10.44
N ALA A 178 -9.96 42.51 10.76
CA ALA A 178 -8.56 42.87 10.63
C ALA A 178 -8.16 43.00 9.17
N GLU A 179 -7.36 44.03 8.89
CA GLU A 179 -6.86 44.26 7.55
C GLU A 179 -5.63 43.38 7.32
N ILE A 180 -4.93 43.62 6.21
CA ILE A 180 -3.93 42.65 5.76
C ILE A 180 -2.66 42.72 6.59
N GLY A 181 -2.19 43.91 6.93
CA GLY A 181 -0.90 44.04 7.59
C GLY A 181 -0.81 43.37 8.95
N ARG A 182 -1.96 43.05 9.56
CA ARG A 182 -1.96 42.52 10.92
C ARG A 182 -1.47 41.08 10.94
N ILE A 183 -0.55 40.79 11.85
CA ILE A 183 0.02 39.45 12.01
C ILE A 183 -0.46 38.85 13.33
N PRO A 184 -1.50 38.02 13.33
CA PRO A 184 -1.93 37.39 14.58
C PRO A 184 -0.84 36.49 15.14
N VAL A 185 -0.86 36.34 16.47
CA VAL A 185 0.18 35.63 17.20
C VAL A 185 -0.48 34.78 18.29
N ASP A 186 0.10 33.61 18.55
CA ASP A 186 -0.38 32.78 19.66
C ASP A 186 -0.17 33.50 20.99
N SER A 187 -1.17 33.45 21.86
CA SER A 187 -1.14 34.15 23.14
C SER A 187 -1.08 33.12 24.26
N ILE A 188 0.07 33.04 24.93
CA ILE A 188 0.25 32.15 26.08
C ILE A 188 0.01 33.00 27.32
N TYR A 189 -1.26 33.04 27.75
CA TYR A 189 -1.67 33.96 28.82
C TYR A 189 -1.25 33.52 30.20
N SER A 190 -0.98 32.23 30.41
CA SER A 190 -0.74 31.74 31.76
C SER A 190 0.49 32.40 32.35
N PRO A 191 0.41 32.96 33.56
CA PRO A 191 1.59 33.56 34.19
C PRO A 191 2.31 32.63 35.15
N VAL A 192 1.75 31.45 35.43
CA VAL A 192 2.39 30.51 36.33
C VAL A 192 3.34 29.63 35.52
N LEU A 193 4.47 29.29 36.12
CA LEU A 193 5.56 28.63 35.42
C LEU A 193 5.66 27.15 35.75
N LYS A 194 5.73 26.79 37.03
CA LYS A 194 5.85 25.39 37.40
C LYS A 194 5.24 25.15 38.77
N VAL A 195 4.37 24.15 38.86
CA VAL A 195 3.64 23.82 40.08
C VAL A 195 3.88 22.36 40.42
N THR A 196 4.28 22.08 41.65
CA THR A 196 4.41 20.71 42.14
C THR A 196 3.85 20.65 43.54
N TYR A 197 3.70 19.43 44.06
CA TYR A 197 3.24 19.27 45.42
C TYR A 197 3.92 18.07 46.06
N LYS A 198 3.84 18.03 47.39
CA LYS A 198 4.45 16.98 48.19
C LYS A 198 3.64 16.85 49.48
N VAL A 199 3.25 15.64 49.83
CA VAL A 199 2.52 15.42 51.09
C VAL A 199 3.41 14.61 52.03
N ASP A 200 3.31 14.92 53.31
CA ASP A 200 3.97 14.18 54.39
C ASP A 200 2.88 13.50 55.21
N ALA A 201 2.88 12.17 55.19
CA ALA A 201 1.84 11.40 55.86
C ALA A 201 2.34 11.02 57.25
N THR A 202 1.74 11.61 58.29
CA THR A 202 2.00 11.23 59.67
C THR A 202 0.93 10.21 60.06
N ARG A 203 1.31 8.95 60.09
CA ARG A 203 0.42 7.84 60.44
C ARG A 203 1.01 7.14 61.67
N VAL A 204 0.66 7.67 62.85
CA VAL A 204 1.16 7.13 64.12
C VAL A 204 0.39 5.86 64.43
N GLU A 205 0.88 5.08 65.40
CA GLU A 205 0.15 3.89 65.83
C GLU A 205 -1.17 4.24 66.51
N GLN A 206 -1.35 5.49 66.93
CA GLN A 206 -2.59 5.93 67.56
C GLN A 206 -3.64 6.20 66.47
N ARG A 207 -4.72 6.87 66.86
CA ARG A 207 -5.84 7.13 65.96
C ARG A 207 -5.70 8.42 65.17
N THR A 208 -4.76 9.29 65.52
CA THR A 208 -4.62 10.59 64.88
C THR A 208 -3.60 10.49 63.75
N ASP A 209 -4.10 10.25 62.54
CA ASP A 209 -3.31 10.25 61.32
C ASP A 209 -3.70 11.44 60.47
N PHE A 210 -2.73 12.03 59.77
CA PHE A 210 -3.02 13.21 58.96
C PHE A 210 -1.92 13.43 57.94
N ASP A 211 -2.29 14.06 56.83
CA ASP A 211 -1.37 14.42 55.78
C ASP A 211 -1.14 15.93 55.78
N LYS A 212 0.12 16.33 55.63
CA LYS A 212 0.51 17.73 55.49
C LYS A 212 0.87 18.00 54.04
N LEU A 213 0.13 18.91 53.40
CA LEU A 213 0.35 19.25 52.01
C LEU A 213 1.30 20.43 51.88
N ILE A 214 2.21 20.35 50.91
CA ILE A 214 3.18 21.40 50.61
C ILE A 214 3.13 21.63 49.11
N LEU A 215 2.57 22.75 48.70
CA LEU A 215 2.41 23.09 47.30
C LEU A 215 3.46 24.12 46.90
N ASP A 216 4.29 23.78 45.93
CA ASP A 216 5.36 24.65 45.44
C ASP A 216 4.91 25.30 44.14
N VAL A 217 4.90 26.63 44.12
CA VAL A 217 4.37 27.41 42.99
C VAL A 217 5.46 28.37 42.51
N GLU A 218 5.72 28.36 41.22
CA GLU A 218 6.64 29.31 40.60
C GLU A 218 5.95 29.98 39.43
N THR A 219 5.99 31.31 39.39
CA THR A 219 5.33 32.12 38.38
C THR A 219 6.34 32.81 37.47
N LYS A 220 5.81 33.44 36.41
CA LYS A 220 6.60 33.98 35.32
C LYS A 220 7.06 35.41 35.57
N ASN A 221 7.17 35.83 36.83
CA ASN A 221 7.61 37.17 37.24
C ASN A 221 6.58 38.25 36.91
N SER A 222 5.40 37.88 36.38
CA SER A 222 4.35 38.85 36.12
C SER A 222 3.50 39.08 37.36
N ILE A 223 3.22 38.02 38.12
CA ILE A 223 2.56 38.12 39.41
C ILE A 223 3.33 37.25 40.40
N SER A 224 3.00 37.39 41.68
CA SER A 224 3.62 36.59 42.72
C SER A 224 2.90 35.26 42.86
N PRO A 225 3.57 34.24 43.42
CA PRO A 225 2.87 32.98 43.70
C PRO A 225 1.63 33.15 44.58
N ARG A 226 1.68 34.10 45.51
CA ARG A 226 0.54 34.35 46.39
C ARG A 226 -0.71 34.74 45.60
N ASP A 227 -0.55 35.64 44.62
CA ASP A 227 -1.68 36.08 43.82
C ASP A 227 -2.23 34.95 42.95
N ALA A 228 -1.34 34.16 42.33
CA ALA A 228 -1.78 33.05 41.50
C ALA A 228 -2.57 32.05 42.33
N LEU A 229 -2.06 31.70 43.51
CA LEU A 229 -2.76 30.76 44.38
C LEU A 229 -4.10 31.34 44.82
N ALA A 230 -4.16 32.65 45.07
CA ALA A 230 -5.42 33.28 45.46
C ALA A 230 -6.45 33.17 44.33
N SER A 231 -6.03 33.46 43.10
CA SER A 231 -6.93 33.33 41.96
C SER A 231 -7.42 31.91 41.80
N ALA A 232 -6.51 30.94 41.95
CA ALA A 232 -6.90 29.53 41.87
C ALA A 232 -7.91 29.18 42.96
N GLY A 233 -7.69 29.68 44.17
CA GLY A 233 -8.61 29.39 45.25
C GLY A 233 -9.99 29.99 45.01
N LYS A 234 -10.04 31.20 44.45
CA LYS A 234 -11.34 31.81 44.15
C LYS A 234 -12.06 31.00 43.08
N THR A 235 -11.36 30.62 42.01
CA THR A 235 -11.98 29.81 40.97
C THR A 235 -12.51 28.49 41.53
N LEU A 236 -11.72 27.84 42.38
CA LEU A 236 -12.15 26.55 42.92
C LEU A 236 -13.32 26.68 43.88
N VAL A 237 -13.34 27.75 44.70
CA VAL A 237 -14.48 27.97 45.58
C VAL A 237 -15.75 28.23 44.78
N GLU A 238 -15.65 29.09 43.77
CA GLU A 238 -16.79 29.36 42.92
C GLU A 238 -17.30 28.09 42.24
N LEU A 239 -16.38 27.19 41.86
CA LEU A 239 -16.79 25.95 41.21
C LEU A 239 -17.47 25.01 42.20
N PHE A 240 -16.83 24.73 43.33
CA PHE A 240 -17.36 23.79 44.30
C PHE A 240 -18.62 24.29 44.99
N GLY A 241 -18.93 25.58 44.90
CA GLY A 241 -20.20 26.06 45.41
C GLY A 241 -21.43 25.51 44.70
N LEU A 242 -21.23 24.76 43.60
CA LEU A 242 -22.37 24.24 42.85
C LEU A 242 -23.10 23.14 43.61
N ALA A 243 -22.36 22.32 44.36
CA ALA A 243 -22.95 21.21 45.10
C ALA A 243 -23.59 21.74 46.39
N ARG A 244 -24.77 22.33 46.23
CA ARG A 244 -25.53 22.87 47.35
C ARG A 244 -27.01 22.95 46.99
N MET B 22 -10.26 34.67 33.89
CA MET B 22 -10.61 36.07 34.16
C MET B 22 -12.03 36.39 33.70
N LEU B 23 -12.40 35.88 32.52
CA LEU B 23 -13.68 36.19 31.92
C LEU B 23 -14.79 35.42 32.62
N ILE B 24 -16.01 35.49 32.09
CA ILE B 24 -17.15 34.76 32.62
C ILE B 24 -17.31 33.47 31.84
N SER B 25 -17.82 32.45 32.51
CA SER B 25 -18.01 31.12 31.93
C SER B 25 -19.48 30.73 32.00
N GLN B 26 -19.90 29.90 31.04
CA GLN B 26 -21.27 29.38 31.04
C GLN B 26 -21.48 28.50 32.27
N ARG B 27 -22.46 28.87 33.09
CA ARG B 27 -22.60 28.28 34.41
C ARG B 27 -22.98 26.80 34.31
N PRO B 28 -22.24 25.90 34.94
CA PRO B 28 -22.63 24.49 34.94
C PRO B 28 -23.82 24.25 35.86
N THR B 29 -24.61 23.23 35.51
CA THR B 29 -25.77 22.83 36.29
C THR B 29 -25.51 21.48 36.94
N LEU B 30 -26.18 21.26 38.07
CA LEU B 30 -26.07 20.04 38.87
C LEU B 30 -27.41 19.31 38.80
N SER B 31 -27.49 18.32 37.93
CA SER B 31 -28.67 17.49 37.79
C SER B 31 -28.57 16.27 38.70
N GLU B 32 -29.70 15.83 39.25
CA GLU B 32 -29.76 14.66 40.09
C GLU B 32 -30.70 13.62 39.51
N ASP B 33 -30.27 12.36 39.53
CA ASP B 33 -31.10 11.23 39.16
C ASP B 33 -31.08 10.24 40.32
N VAL B 34 -32.26 9.94 40.86
CA VAL B 34 -32.39 9.11 42.05
C VAL B 34 -32.59 7.67 41.59
N LEU B 35 -31.53 6.86 41.72
CA LEU B 35 -31.65 5.44 41.40
C LEU B 35 -32.46 4.71 42.47
N THR B 36 -31.97 4.73 43.70
CA THR B 36 -32.70 4.24 44.87
C THR B 36 -32.68 5.32 45.93
N ASP B 37 -33.25 5.01 47.10
CA ASP B 37 -33.31 6.00 48.17
C ASP B 37 -31.94 6.28 48.79
N ASN B 38 -31.00 5.35 48.67
CA ASN B 38 -29.65 5.52 49.22
C ASN B 38 -28.60 5.68 48.13
N ARG B 39 -28.99 5.68 46.86
CA ARG B 39 -28.05 5.71 45.76
C ARG B 39 -28.53 6.70 44.72
N SER B 40 -27.64 7.59 44.29
CA SER B 40 -28.00 8.62 43.32
C SER B 40 -26.85 8.88 42.37
N GLN B 41 -27.18 9.53 41.25
CA GLN B 41 -26.21 9.94 40.25
C GLN B 41 -26.36 11.44 40.01
N PHE B 42 -25.31 12.18 40.27
CA PHE B 42 -25.28 13.61 40.00
C PHE B 42 -24.47 13.88 38.73
N VAL B 43 -24.89 14.91 38.01
CA VAL B 43 -24.28 15.28 36.74
C VAL B 43 -23.99 16.77 36.80
N ILE B 44 -22.72 17.13 36.82
CA ILE B 44 -22.29 18.52 36.75
C ILE B 44 -21.84 18.78 35.32
N GLU B 45 -22.58 19.64 34.61
CA GLU B 45 -22.23 19.91 33.21
C GLU B 45 -22.83 21.24 32.79
N PRO B 46 -22.15 21.99 31.91
CA PRO B 46 -20.84 21.64 31.33
C PRO B 46 -19.67 22.37 31.99
N LEU B 47 -18.53 21.69 32.09
CA LEU B 47 -17.33 22.26 32.68
C LEU B 47 -16.34 22.64 31.57
N GLU B 48 -15.50 23.63 31.86
CA GLU B 48 -14.42 23.98 30.95
C GLU B 48 -13.42 22.84 30.88
N PRO B 49 -12.79 22.64 29.71
CA PRO B 49 -11.91 21.48 29.52
C PRO B 49 -10.82 21.36 30.59
N GLY B 50 -10.79 20.21 31.26
CA GLY B 50 -9.84 19.95 32.32
C GLY B 50 -10.43 19.92 33.71
N PHE B 51 -11.57 20.57 33.91
CA PHE B 51 -12.14 20.69 35.26
C PHE B 51 -12.95 19.47 35.69
N GLY B 52 -13.30 18.59 34.77
CA GLY B 52 -13.95 17.35 35.13
C GLY B 52 -13.13 16.54 36.13
N TYR B 53 -11.91 16.17 35.73
CA TYR B 53 -11.02 15.44 36.62
C TYR B 53 -10.56 16.29 37.80
N THR B 54 -10.60 17.62 37.67
CA THR B 54 -10.23 18.50 38.78
C THR B 54 -11.24 18.40 39.91
N LEU B 55 -12.53 18.47 39.59
CA LEU B 55 -13.54 18.35 40.63
C LEU B 55 -13.77 16.90 41.06
N GLY B 56 -13.56 15.94 40.16
CA GLY B 56 -13.92 14.56 40.41
C GLY B 56 -13.25 13.89 41.60
N ASN B 57 -11.92 13.73 41.54
CA ASN B 57 -11.23 13.04 42.62
C ASN B 57 -11.39 13.78 43.94
N SER B 58 -11.41 15.11 43.89
CA SER B 58 -11.61 15.89 45.10
C SER B 58 -12.96 15.60 45.73
N LEU B 59 -14.04 15.64 44.94
CA LEU B 59 -15.36 15.35 45.48
C LEU B 59 -15.45 13.92 45.99
N ARG B 60 -14.81 12.98 45.29
CA ARG B 60 -14.86 11.59 45.72
C ARG B 60 -14.18 11.41 47.08
N ARG B 61 -12.97 11.92 47.22
CA ARG B 61 -12.25 11.77 48.49
C ARG B 61 -12.96 12.53 49.61
N THR B 62 -13.55 13.69 49.29
CA THR B 62 -14.26 14.44 50.31
C THR B 62 -15.49 13.68 50.80
N LEU B 63 -16.30 13.18 49.88
CA LEU B 63 -17.46 12.39 50.27
C LEU B 63 -17.06 11.18 51.09
N LEU B 64 -16.00 10.48 50.69
CA LEU B 64 -15.66 9.23 51.35
C LEU B 64 -15.02 9.42 52.72
N SER B 65 -14.18 10.46 52.89
CA SER B 65 -13.33 10.50 54.08
C SER B 65 -13.45 11.81 54.87
N SER B 66 -14.48 12.61 54.63
CA SER B 66 -14.62 13.88 55.34
C SER B 66 -15.96 14.09 56.04
N ILE B 67 -17.01 13.39 55.66
CA ILE B 67 -18.31 13.57 56.31
C ILE B 67 -18.29 12.85 57.66
N PRO B 68 -18.58 13.52 58.76
CA PRO B 68 -18.52 12.87 60.08
C PRO B 68 -19.75 12.02 60.34
N GLY B 69 -19.50 10.86 60.95
CA GLY B 69 -20.57 9.93 61.27
C GLY B 69 -20.15 8.98 62.36
N ALA B 70 -21.14 8.32 62.95
CA ALA B 70 -20.91 7.40 64.05
C ALA B 70 -20.83 5.96 63.54
N ALA B 71 -20.11 5.13 64.27
CA ALA B 71 -19.88 3.74 63.87
C ALA B 71 -19.41 2.94 65.08
N VAL B 72 -19.42 1.62 64.90
CA VAL B 72 -18.95 0.69 65.93
C VAL B 72 -17.43 0.65 65.93
N THR B 73 -16.85 0.69 67.12
CA THR B 73 -15.40 0.68 67.31
C THR B 73 -14.86 -0.64 67.86
N SER B 74 -15.53 -1.22 68.86
CA SER B 74 -15.07 -2.48 69.45
C SER B 74 -16.26 -3.16 70.11
N ILE B 75 -16.14 -4.48 70.31
CA ILE B 75 -17.21 -5.27 70.90
C ILE B 75 -16.65 -6.21 71.96
N ARG B 76 -17.48 -6.52 72.95
CA ARG B 76 -17.15 -7.50 73.98
C ARG B 76 -18.26 -8.55 74.00
N ILE B 77 -17.93 -9.78 73.61
CA ILE B 77 -18.90 -10.87 73.53
C ILE B 77 -18.73 -11.76 74.74
N ASP B 78 -19.84 -12.07 75.41
CA ASP B 78 -19.81 -12.88 76.61
C ASP B 78 -19.60 -14.36 76.28
N GLY B 79 -18.93 -15.06 77.19
CA GLY B 79 -18.65 -16.47 77.02
C GLY B 79 -17.40 -16.79 76.25
N VAL B 80 -16.71 -15.79 75.69
CA VAL B 80 -15.48 -16.02 74.97
C VAL B 80 -14.56 -14.80 75.12
N LEU B 81 -13.38 -15.00 75.68
CA LEU B 81 -12.38 -13.94 75.79
C LEU B 81 -10.98 -14.35 75.36
N HIS B 82 -10.65 -15.65 75.31
CA HIS B 82 -9.35 -16.12 74.86
C HIS B 82 -9.40 -16.78 73.49
N GLU B 83 -10.56 -17.29 73.07
CA GLU B 83 -10.66 -18.19 71.92
C GLU B 83 -10.95 -17.43 70.63
N PHE B 84 -12.07 -16.71 70.59
CA PHE B 84 -12.46 -15.86 69.45
C PHE B 84 -12.66 -16.66 68.17
N THR B 85 -13.17 -17.90 68.28
CA THR B 85 -13.49 -18.65 67.07
C THR B 85 -14.90 -19.19 67.05
N THR B 86 -15.44 -19.60 68.19
CA THR B 86 -16.77 -20.19 68.25
C THR B 86 -17.52 -19.66 69.47
N VAL B 87 -18.74 -19.21 69.26
CA VAL B 87 -19.62 -18.72 70.32
C VAL B 87 -20.67 -19.79 70.60
N PRO B 88 -20.70 -20.37 71.80
CA PRO B 88 -21.69 -21.41 72.09
C PRO B 88 -23.09 -20.83 72.21
N GLY B 89 -24.07 -21.60 71.72
CA GLY B 89 -25.47 -21.22 71.79
C GLY B 89 -26.01 -20.55 70.55
N VAL B 90 -25.16 -20.21 69.59
CA VAL B 90 -25.57 -19.53 68.36
C VAL B 90 -25.08 -20.34 67.17
N LYS B 91 -25.60 -20.00 66.00
CA LYS B 91 -25.23 -20.66 64.75
C LYS B 91 -24.03 -19.99 64.08
N GLU B 92 -24.01 -18.66 64.03
CA GLU B 92 -22.90 -17.95 63.43
C GLU B 92 -21.67 -18.03 64.33
N ASP B 93 -20.50 -17.85 63.72
CA ASP B 93 -19.25 -17.80 64.45
C ASP B 93 -18.93 -16.35 64.80
N VAL B 94 -17.71 -16.11 65.32
CA VAL B 94 -17.36 -14.78 65.78
C VAL B 94 -17.18 -13.83 64.59
N THR B 95 -16.51 -14.29 63.54
CA THR B 95 -16.10 -13.37 62.48
C THR B 95 -17.30 -12.91 61.64
N GLU B 96 -18.27 -13.78 61.40
CA GLU B 96 -19.48 -13.34 60.70
C GLU B 96 -20.29 -12.37 61.55
N ILE B 97 -20.25 -12.53 62.87
CA ILE B 97 -20.89 -11.56 63.76
C ILE B 97 -20.21 -10.19 63.62
N ILE B 98 -18.87 -10.19 63.63
CA ILE B 98 -18.13 -8.94 63.44
C ILE B 98 -18.50 -8.31 62.10
N LEU B 99 -18.61 -9.13 61.05
CA LEU B 99 -18.98 -8.63 59.73
C LEU B 99 -20.34 -7.94 59.77
N ASN B 100 -21.40 -8.67 60.11
CA ASN B 100 -22.73 -8.06 60.06
C ASN B 100 -22.97 -7.06 61.19
N LEU B 101 -22.02 -6.91 62.13
CA LEU B 101 -22.08 -5.80 63.07
C LEU B 101 -21.41 -4.55 62.52
N LYS B 102 -20.37 -4.71 61.69
CA LYS B 102 -19.81 -3.56 60.98
C LYS B 102 -20.79 -2.94 59.99
N SER B 103 -21.88 -3.64 59.67
CA SER B 103 -22.94 -3.11 58.83
C SER B 103 -23.99 -2.34 59.61
N LEU B 104 -23.89 -2.30 60.94
CA LEU B 104 -24.87 -1.60 61.75
C LEU B 104 -24.78 -0.10 61.51
N VAL B 105 -25.92 0.50 61.16
CA VAL B 105 -26.01 1.94 60.93
C VAL B 105 -26.39 2.60 62.25
N VAL B 106 -25.46 3.34 62.85
CA VAL B 106 -25.67 4.01 64.11
C VAL B 106 -25.25 5.47 63.99
N SER B 107 -25.97 6.35 64.68
CA SER B 107 -25.61 7.76 64.73
C SER B 107 -25.73 8.28 66.15
N SER B 108 -24.69 8.95 66.64
CA SER B 108 -24.62 9.44 68.00
C SER B 108 -24.58 10.97 68.02
N GLU B 109 -24.95 11.53 69.17
CA GLU B 109 -24.93 12.98 69.38
C GLU B 109 -23.66 13.43 70.10
N GLU B 110 -23.38 12.85 71.27
CA GLU B 110 -22.23 13.24 72.06
C GLU B 110 -20.96 12.61 71.48
N ASP B 111 -19.91 13.40 71.36
CA ASP B 111 -18.62 12.93 70.84
C ASP B 111 -17.82 12.21 71.93
N GLU B 112 -18.39 11.10 72.40
CA GLU B 112 -17.75 10.27 73.41
C GLU B 112 -18.12 8.81 73.15
N PRO B 113 -17.24 7.87 73.48
CA PRO B 113 -17.48 6.47 73.09
C PRO B 113 -18.62 5.82 73.86
N VAL B 114 -19.86 6.04 73.39
CA VAL B 114 -21.02 5.55 74.11
C VAL B 114 -21.12 4.03 73.97
N THR B 115 -21.49 3.35 75.05
CA THR B 115 -21.62 1.90 75.06
C THR B 115 -23.10 1.50 75.06
N MET B 116 -23.42 0.49 74.26
CA MET B 116 -24.74 -0.10 74.19
C MET B 116 -24.63 -1.60 74.44
N TYR B 117 -25.77 -2.23 74.72
CA TYR B 117 -25.83 -3.65 75.02
C TYR B 117 -26.88 -4.32 74.15
N LEU B 118 -26.63 -5.59 73.82
CA LEU B 118 -27.58 -6.41 73.09
C LEU B 118 -27.70 -7.75 73.80
N ARG B 119 -28.93 -8.10 74.18
CA ARG B 119 -29.20 -9.35 74.90
C ARG B 119 -30.44 -10.00 74.33
N LYS B 120 -30.43 -11.33 74.30
CA LYS B 120 -31.61 -12.11 73.91
C LYS B 120 -31.43 -13.55 74.36
N GLN B 121 -32.54 -14.16 74.79
CA GLN B 121 -32.58 -15.53 75.29
C GLN B 121 -33.42 -16.46 74.43
N GLY B 122 -34.59 -16.02 73.98
CA GLY B 122 -35.51 -16.87 73.28
C GLY B 122 -34.95 -17.43 71.99
N PRO B 123 -35.23 -18.71 71.71
CA PRO B 123 -34.77 -19.31 70.44
C PRO B 123 -35.42 -18.64 69.25
N GLY B 124 -34.62 -17.91 68.48
CA GLY B 124 -35.16 -17.12 67.37
C GLY B 124 -34.09 -16.39 66.61
N GLU B 125 -34.36 -15.14 66.22
CA GLU B 125 -33.37 -14.35 65.50
C GLU B 125 -33.15 -13.03 66.22
N VAL B 126 -31.88 -12.71 66.48
CA VAL B 126 -31.50 -11.42 67.05
C VAL B 126 -31.30 -10.45 65.89
N THR B 127 -32.08 -9.38 65.88
CA THR B 127 -32.00 -8.34 64.86
C THR B 127 -31.50 -7.05 65.49
N ALA B 128 -31.45 -6.00 64.69
CA ALA B 128 -30.97 -4.70 65.16
C ALA B 128 -32.00 -3.94 65.97
N GLY B 129 -33.25 -4.43 66.03
CA GLY B 129 -34.25 -3.83 66.89
C GLY B 129 -34.22 -4.30 68.32
N ASP B 130 -33.47 -5.38 68.61
CA ASP B 130 -33.35 -5.92 69.94
C ASP B 130 -32.24 -5.25 70.76
N ILE B 131 -31.53 -4.30 70.18
CA ILE B 131 -30.50 -3.57 70.90
C ILE B 131 -31.15 -2.45 71.70
N VAL B 132 -30.70 -2.28 72.94
CA VAL B 132 -31.15 -1.17 73.78
C VAL B 132 -30.28 0.04 73.46
N PRO B 133 -30.78 1.03 72.72
CA PRO B 133 -29.97 2.20 72.37
C PRO B 133 -30.01 3.24 73.47
N PRO B 134 -28.87 3.56 74.08
CA PRO B 134 -28.83 4.62 75.10
C PRO B 134 -29.30 5.95 74.53
N ALA B 135 -29.55 6.88 75.43
CA ALA B 135 -30.00 8.21 75.02
C ALA B 135 -28.92 8.90 74.20
N GLY B 136 -29.31 9.47 73.06
CA GLY B 136 -28.40 10.18 72.20
C GLY B 136 -27.90 9.40 71.01
N VAL B 137 -28.20 8.11 70.92
CA VAL B 137 -27.79 7.29 69.79
C VAL B 137 -29.05 6.76 69.10
N THR B 138 -28.89 6.41 67.83
CA THR B 138 -30.01 5.96 67.00
C THR B 138 -29.53 4.85 66.07
N VAL B 139 -30.29 3.77 66.01
CA VAL B 139 -30.07 2.68 65.08
C VAL B 139 -31.05 2.81 63.93
N HIS B 140 -30.53 3.01 62.72
CA HIS B 140 -31.36 3.36 61.57
C HIS B 140 -31.88 2.16 60.80
N ASN B 141 -31.34 0.98 61.01
CA ASN B 141 -31.77 -0.24 60.32
C ASN B 141 -32.13 -1.31 61.33
N PRO B 142 -33.21 -1.11 62.10
CA PRO B 142 -33.54 -2.06 63.18
C PRO B 142 -33.95 -3.43 62.66
N GLY B 143 -34.35 -3.55 61.39
CA GLY B 143 -34.70 -4.82 60.82
C GLY B 143 -33.54 -5.66 60.34
N MET B 144 -32.32 -5.14 60.43
CA MET B 144 -31.15 -5.88 59.95
C MET B 144 -30.93 -7.14 60.80
N HIS B 145 -30.72 -8.27 60.12
CA HIS B 145 -30.42 -9.50 60.82
C HIS B 145 -29.02 -9.44 61.42
N ILE B 146 -28.87 -10.02 62.62
CA ILE B 146 -27.62 -10.02 63.35
C ILE B 146 -27.16 -11.45 63.68
N ALA B 147 -28.05 -12.24 64.27
CA ALA B 147 -27.66 -13.59 64.67
C ALA B 147 -28.90 -14.47 64.79
N THR B 148 -28.65 -15.77 65.02
CA THR B 148 -29.71 -16.75 65.21
C THR B 148 -29.43 -17.54 66.49
N LEU B 149 -30.40 -17.56 67.41
CA LEU B 149 -30.28 -18.27 68.67
C LEU B 149 -31.04 -19.59 68.57
N ASN B 150 -30.33 -20.69 68.81
CA ASN B 150 -30.94 -22.01 68.87
C ASN B 150 -31.77 -22.12 70.16
N ASP B 151 -32.28 -23.31 70.42
CA ASP B 151 -32.91 -23.57 71.71
C ASP B 151 -31.88 -23.36 72.82
N LYS B 152 -32.32 -22.68 73.88
CA LYS B 152 -31.47 -22.37 75.04
C LYS B 152 -30.27 -21.51 74.65
N GLY B 153 -30.41 -20.71 73.60
CA GLY B 153 -29.33 -19.85 73.16
C GLY B 153 -29.32 -18.50 73.84
N LYS B 154 -28.22 -18.17 74.52
CA LYS B 154 -28.08 -16.91 75.24
C LYS B 154 -27.08 -16.02 74.51
N LEU B 155 -27.50 -14.80 74.18
CA LEU B 155 -26.68 -13.84 73.48
C LEU B 155 -26.59 -12.56 74.29
N GLU B 156 -25.35 -12.11 74.56
CA GLU B 156 -25.11 -10.87 75.29
C GLU B 156 -23.80 -10.28 74.79
N VAL B 157 -23.89 -9.09 74.17
CA VAL B 157 -22.73 -8.47 73.53
C VAL B 157 -22.76 -6.96 73.78
N GLU B 158 -21.58 -6.40 74.06
CA GLU B 158 -21.38 -4.97 74.22
C GLU B 158 -20.99 -4.35 72.87
N LEU B 159 -21.36 -3.10 72.68
CA LEU B 159 -21.09 -2.38 71.43
C LEU B 159 -20.62 -0.97 71.77
N VAL B 160 -19.41 -0.61 71.33
CA VAL B 160 -18.87 0.73 71.52
C VAL B 160 -19.14 1.54 70.24
N VAL B 161 -19.66 2.75 70.40
CA VAL B 161 -20.02 3.63 69.29
C VAL B 161 -19.22 4.93 69.44
N GLU B 162 -18.61 5.36 68.34
CA GLU B 162 -17.84 6.60 68.32
C GLU B 162 -18.14 7.37 67.04
N ARG B 163 -17.92 8.68 67.10
CA ARG B 163 -18.06 9.54 65.94
C ARG B 163 -16.69 9.84 65.35
N GLY B 164 -16.54 9.56 64.05
CA GLY B 164 -15.31 9.83 63.34
C GLY B 164 -15.57 10.16 61.88
N ARG B 165 -14.58 9.93 61.03
CA ARG B 165 -14.69 10.25 59.61
C ARG B 165 -14.07 9.14 58.76
N GLY B 166 -14.70 8.87 57.63
CA GLY B 166 -14.10 7.94 56.68
C GLY B 166 -14.11 6.52 57.20
N TYR B 167 -12.93 5.89 57.15
CA TYR B 167 -12.78 4.48 57.51
C TYR B 167 -11.50 4.32 58.30
N VAL B 168 -11.58 3.69 59.46
CA VAL B 168 -10.41 3.47 60.31
C VAL B 168 -10.32 1.99 60.65
N PRO B 169 -9.16 1.35 60.45
CA PRO B 169 -9.02 -0.06 60.82
C PRO B 169 -8.99 -0.26 62.32
N ALA B 170 -8.91 -1.52 62.77
CA ALA B 170 -8.95 -1.83 64.19
C ALA B 170 -7.65 -1.40 64.87
N VAL B 171 -7.76 -0.48 65.82
CA VAL B 171 -6.60 0.03 66.54
C VAL B 171 -6.18 -0.97 67.61
N SER B 176 -4.20 -2.88 70.88
CA SER B 176 -5.27 -2.64 71.83
C SER B 176 -5.07 -3.42 73.13
N GLY B 177 -5.88 -4.47 73.32
CA GLY B 177 -5.74 -5.27 74.52
C GLY B 177 -6.11 -4.48 75.76
N ALA B 178 -5.29 -4.62 76.79
CA ALA B 178 -5.39 -3.98 78.11
C ALA B 178 -6.62 -4.43 78.91
N GLU B 179 -7.52 -5.22 78.33
CA GLU B 179 -8.60 -5.87 79.08
C GLU B 179 -9.21 -6.97 78.21
N ILE B 180 -9.36 -8.17 78.76
CA ILE B 180 -9.73 -9.32 77.94
C ILE B 180 -11.22 -9.26 77.59
N GLY B 181 -11.58 -9.94 76.51
CA GLY B 181 -12.94 -9.98 76.01
C GLY B 181 -13.28 -8.92 74.99
N ARG B 182 -12.59 -7.78 75.03
CA ARG B 182 -12.87 -6.66 74.13
C ARG B 182 -11.99 -6.78 72.89
N ILE B 183 -12.63 -6.79 71.72
CA ILE B 183 -11.96 -6.93 70.44
C ILE B 183 -12.29 -5.70 69.60
N PRO B 184 -11.30 -5.00 69.06
CA PRO B 184 -11.59 -3.88 68.16
C PRO B 184 -12.05 -4.37 66.80
N VAL B 185 -12.81 -3.50 66.12
CA VAL B 185 -13.33 -3.79 64.80
C VAL B 185 -13.00 -2.63 63.87
N ASP B 186 -13.41 -2.76 62.61
CA ASP B 186 -13.17 -1.74 61.60
C ASP B 186 -14.31 -0.73 61.65
N SER B 187 -13.96 0.53 61.92
CA SER B 187 -14.96 1.58 62.13
C SER B 187 -15.28 2.25 60.79
N ILE B 188 -16.44 1.93 60.23
CA ILE B 188 -16.90 2.59 59.00
C ILE B 188 -17.68 3.81 59.45
N TYR B 189 -16.94 4.87 59.78
CA TYR B 189 -17.59 6.11 60.22
C TYR B 189 -18.33 6.78 59.08
N SER B 190 -17.83 6.64 57.86
CA SER B 190 -18.36 7.39 56.73
C SER B 190 -19.85 7.09 56.52
N PRO B 191 -20.71 8.11 56.47
CA PRO B 191 -22.11 7.86 56.13
C PRO B 191 -22.34 7.57 54.66
N VAL B 192 -21.33 7.71 53.81
CA VAL B 192 -21.39 7.28 52.42
C VAL B 192 -20.65 5.96 52.32
N LEU B 193 -21.07 5.12 51.37
CA LEU B 193 -20.59 3.75 51.29
C LEU B 193 -19.70 3.49 50.09
N LYS B 194 -20.09 3.94 48.90
CA LYS B 194 -19.33 3.68 47.69
C LYS B 194 -19.53 4.82 46.71
N VAL B 195 -18.43 5.40 46.26
CA VAL B 195 -18.48 6.56 45.37
C VAL B 195 -17.62 6.27 44.14
N THR B 196 -18.17 6.53 42.95
CA THR B 196 -17.42 6.45 41.71
C THR B 196 -17.72 7.71 40.89
N TYR B 197 -16.85 8.00 39.93
CA TYR B 197 -17.04 9.17 39.09
C TYR B 197 -16.47 8.90 37.71
N LYS B 198 -16.99 9.65 36.73
CA LYS B 198 -16.56 9.48 35.34
C LYS B 198 -16.73 10.81 34.60
N VAL B 199 -15.77 11.12 33.74
CA VAL B 199 -15.75 12.37 32.99
C VAL B 199 -16.04 12.07 31.53
N ASP B 200 -17.15 12.57 31.02
CA ASP B 200 -17.51 12.41 29.62
C ASP B 200 -17.32 13.73 28.88
N ALA B 201 -17.39 13.65 27.55
CA ALA B 201 -17.16 14.79 26.68
C ALA B 201 -18.49 15.32 26.17
N THR B 202 -18.82 16.54 26.57
CA THR B 202 -19.98 17.27 26.07
C THR B 202 -19.50 18.50 25.31
N ARG B 203 -20.37 18.98 24.43
CA ARG B 203 -20.09 20.13 23.58
C ARG B 203 -20.99 21.28 23.97
N VAL B 204 -20.38 22.43 24.28
CA VAL B 204 -21.16 23.63 24.57
C VAL B 204 -21.72 24.21 23.27
N GLU B 205 -20.82 24.58 22.36
CA GLU B 205 -21.17 24.97 21.00
C GLU B 205 -19.86 25.11 20.25
N GLN B 206 -19.71 24.35 19.17
CA GLN B 206 -18.53 24.30 18.31
C GLN B 206 -17.34 23.63 19.00
N ARG B 207 -17.46 23.24 20.26
CA ARG B 207 -16.33 22.73 21.05
C ARG B 207 -16.72 21.41 21.70
N THR B 208 -16.30 20.30 21.10
CA THR B 208 -16.70 18.97 21.54
C THR B 208 -15.84 18.42 22.69
N ASP B 209 -14.95 19.22 23.27
CA ASP B 209 -14.03 18.75 24.30
C ASP B 209 -14.41 19.20 25.70
N PHE B 210 -15.58 19.79 25.88
CA PHE B 210 -15.96 20.24 27.22
C PHE B 210 -16.25 19.05 28.11
N ASP B 211 -16.09 19.25 29.42
CA ASP B 211 -16.16 18.16 30.38
C ASP B 211 -17.55 18.07 31.02
N LYS B 212 -17.93 16.84 31.36
CA LYS B 212 -19.20 16.55 32.01
C LYS B 212 -18.91 15.53 33.12
N LEU B 213 -19.07 15.93 34.37
CA LEU B 213 -18.75 15.07 35.50
C LEU B 213 -19.99 14.30 35.93
N ILE B 214 -19.82 12.99 36.16
CA ILE B 214 -20.90 12.11 36.60
C ILE B 214 -20.44 11.41 37.86
N LEU B 215 -21.07 11.75 38.99
CA LEU B 215 -20.84 11.10 40.27
C LEU B 215 -21.93 10.08 40.53
N ASP B 216 -21.55 8.93 41.06
CA ASP B 216 -22.47 7.90 41.52
C ASP B 216 -22.14 7.64 42.98
N VAL B 217 -23.07 7.99 43.87
CA VAL B 217 -22.85 7.93 45.31
C VAL B 217 -23.90 7.03 45.93
N GLU B 218 -23.44 6.01 46.67
CA GLU B 218 -24.28 5.12 47.44
C GLU B 218 -23.90 5.30 48.90
N THR B 219 -24.89 5.60 49.73
CA THR B 219 -24.69 5.95 51.13
C THR B 219 -25.50 5.01 52.01
N LYS B 220 -25.40 5.24 53.32
CA LYS B 220 -26.26 4.57 54.29
C LYS B 220 -27.61 5.28 54.29
N ASN B 221 -28.45 4.98 55.27
CA ASN B 221 -29.70 5.69 55.48
C ASN B 221 -29.58 6.78 56.54
N SER B 222 -28.36 7.14 56.93
CA SER B 222 -28.18 8.27 57.84
C SER B 222 -28.50 9.59 57.16
N ILE B 223 -27.91 9.83 55.99
CA ILE B 223 -28.19 11.00 55.18
C ILE B 223 -28.36 10.57 53.74
N SER B 224 -29.22 11.30 53.02
CA SER B 224 -29.41 11.04 51.60
C SER B 224 -28.17 11.47 50.82
N PRO B 225 -27.98 10.96 49.60
CA PRO B 225 -26.87 11.43 48.78
C PRO B 225 -26.84 12.93 48.59
N ARG B 226 -28.01 13.57 48.50
CA ARG B 226 -28.07 15.02 48.34
C ARG B 226 -27.39 15.73 49.50
N ASP B 227 -27.69 15.30 50.74
CA ASP B 227 -27.08 15.93 51.91
C ASP B 227 -25.58 15.65 51.96
N ALA B 228 -25.16 14.44 51.58
CA ALA B 228 -23.73 14.12 51.57
C ALA B 228 -22.99 15.01 50.58
N LEU B 229 -23.54 15.19 49.38
CA LEU B 229 -22.92 16.05 48.40
C LEU B 229 -22.89 17.50 48.88
N ALA B 230 -23.97 17.97 49.49
CA ALA B 230 -24.00 19.34 50.00
C ALA B 230 -22.94 19.54 51.09
N SER B 231 -22.79 18.56 51.97
CA SER B 231 -21.79 18.65 53.03
C SER B 231 -20.38 18.65 52.47
N ALA B 232 -20.12 17.78 51.49
CA ALA B 232 -18.80 17.76 50.87
C ALA B 232 -18.50 19.08 50.15
N GLY B 233 -19.50 19.65 49.48
CA GLY B 233 -19.31 20.93 48.83
C GLY B 233 -19.02 22.04 49.82
N LYS B 234 -19.76 22.06 50.94
CA LYS B 234 -19.50 23.04 51.99
C LYS B 234 -18.08 22.89 52.53
N THR B 235 -17.66 21.65 52.79
CA THR B 235 -16.30 21.39 53.28
C THR B 235 -15.25 21.91 52.32
N LEU B 236 -15.41 21.61 51.03
CA LEU B 236 -14.41 22.04 50.05
C LEU B 236 -14.43 23.55 49.86
N VAL B 237 -15.61 24.19 49.95
CA VAL B 237 -15.69 25.64 49.88
C VAL B 237 -14.89 26.25 51.03
N GLU B 238 -15.14 25.78 52.26
CA GLU B 238 -14.38 26.27 53.40
C GLU B 238 -12.88 26.00 53.25
N LEU B 239 -12.53 24.87 52.63
CA LEU B 239 -11.12 24.51 52.49
C LEU B 239 -10.42 25.47 51.53
N PHE B 240 -10.89 25.56 50.29
CA PHE B 240 -10.28 26.48 49.33
C PHE B 240 -10.50 27.95 49.70
N GLY B 241 -11.35 28.22 50.70
CA GLY B 241 -11.37 29.55 51.28
C GLY B 241 -10.03 29.96 51.84
N LEU B 242 -9.21 28.98 52.26
CA LEU B 242 -7.87 29.30 52.74
C LEU B 242 -7.04 29.94 51.64
N ALA B 243 -7.13 29.42 50.41
CA ALA B 243 -6.43 30.05 49.30
C ALA B 243 -7.11 31.34 48.87
N ARG B 244 -8.44 31.40 48.99
CA ARG B 244 -9.14 32.64 48.68
C ARG B 244 -8.69 33.80 49.59
N GLU B 245 -8.44 33.51 50.86
CA GLU B 245 -8.12 34.52 51.86
C GLU B 245 -6.77 35.19 51.65
N LEU B 246 -5.97 34.78 50.68
CA LEU B 246 -4.64 35.35 50.51
C LEU B 246 -4.66 36.68 49.79
N ASN B 247 -5.73 36.99 49.06
CA ASN B 247 -5.82 38.19 48.23
C ASN B 247 -7.25 38.25 47.69
N VAL B 248 -7.53 39.28 46.90
CA VAL B 248 -8.78 39.37 46.14
C VAL B 248 -8.39 39.72 44.71
N GLU B 249 -8.24 38.70 43.87
CA GLU B 249 -7.77 38.81 42.50
C GLU B 249 -8.81 38.25 41.56
N ALA B 250 -8.82 38.77 40.33
CA ALA B 250 -9.74 38.27 39.31
C ALA B 250 -9.56 36.78 39.11
N GLU B 251 -10.68 36.06 39.07
CA GLU B 251 -10.68 34.62 38.83
C GLU B 251 -11.90 34.27 37.98
N GLY B 252 -12.07 32.99 37.71
CA GLY B 252 -13.21 32.54 36.93
C GLY B 252 -14.50 32.73 37.71
N ILE B 253 -15.43 33.50 37.15
CA ILE B 253 -16.72 33.76 37.77
C ILE B 253 -17.81 33.16 36.89
N GLU B 254 -18.73 32.43 37.50
CA GLU B 254 -19.79 31.73 36.77
C GLU B 254 -21.17 31.87 37.40
N ILE B 255 -21.30 32.54 38.54
CA ILE B 255 -22.61 32.68 39.17
C ILE B 255 -23.53 33.50 38.28
N GLY B 256 -24.76 33.03 38.11
CA GLY B 256 -25.74 33.72 37.28
C GLY B 256 -25.49 33.56 35.79
N ARG C 19 41.05 21.36 20.47
CA ARG C 19 40.04 20.48 21.07
C ARG C 19 40.54 19.05 21.19
N PRO C 20 40.08 18.33 22.21
CA PRO C 20 40.56 16.96 22.46
C PRO C 20 40.20 16.02 21.32
N GLN C 21 40.72 14.79 21.43
CA GLN C 21 40.51 13.77 20.41
C GLN C 21 39.11 13.19 20.45
N SER C 22 38.46 13.22 21.61
CA SER C 22 37.10 12.68 21.73
C SER C 22 36.06 13.58 21.08
N SER C 23 36.41 14.81 20.72
CA SER C 23 35.49 15.68 20.00
C SER C 23 35.36 15.20 18.56
N SER C 24 34.16 14.78 18.17
CA SER C 24 33.92 14.33 16.81
C SER C 24 33.92 15.52 15.85
N ASN C 25 34.40 15.28 14.63
CA ASN C 25 34.48 16.29 13.57
C ASN C 25 35.34 17.48 14.01
N ASN C 26 36.57 17.18 14.44
CA ASN C 26 37.52 18.23 14.81
C ASN C 26 38.12 18.92 13.59
N SER C 27 38.11 18.27 12.42
CA SER C 27 38.68 18.87 11.23
C SER C 27 37.86 20.06 10.76
N VAL C 28 36.54 19.99 10.87
CA VAL C 28 35.66 21.06 10.43
C VAL C 28 35.77 22.24 11.38
N PRO C 29 36.13 23.43 10.89
CA PRO C 29 36.26 24.59 11.78
C PRO C 29 34.91 25.06 12.29
N GLY C 30 34.91 25.52 13.55
CA GLY C 30 33.69 26.01 14.16
C GLY C 30 32.65 24.95 14.43
N ALA C 31 33.01 23.67 14.31
CA ALA C 31 32.04 22.61 14.56
C ALA C 31 31.71 22.55 16.05
N PRO C 32 30.47 22.21 16.40
CA PRO C 32 30.13 22.08 17.82
C PRO C 32 30.93 20.95 18.46
N ASN C 33 31.18 21.13 19.76
CA ASN C 33 32.02 20.18 20.51
C ASN C 33 31.14 19.03 20.99
N ARG C 34 31.00 18.02 20.14
CA ARG C 34 30.23 16.82 20.46
C ARG C 34 31.19 15.77 20.99
N VAL C 35 31.11 15.49 22.29
CA VAL C 35 32.01 14.55 22.93
C VAL C 35 31.55 13.13 22.64
N SER C 36 32.48 12.28 22.18
CA SER C 36 32.16 10.96 21.66
C SER C 36 32.66 9.85 22.58
N PHE C 37 31.81 8.83 22.76
CA PHE C 37 32.16 7.62 23.47
C PHE C 37 33.10 6.70 22.70
N ALA C 38 33.50 7.09 21.49
CA ALA C 38 34.29 6.19 20.65
C ALA C 38 35.59 5.81 21.32
N LYS C 39 36.02 4.57 21.10
CA LYS C 39 37.27 4.07 21.66
C LYS C 39 38.32 3.75 20.61
N LEU C 40 37.99 3.81 19.33
CA LEU C 40 38.93 3.53 18.25
C LEU C 40 39.24 4.81 17.49
N ARG C 41 40.51 4.96 17.10
CA ARG C 41 40.92 6.12 16.33
C ARG C 41 40.35 6.04 14.91
N GLU C 42 40.01 7.20 14.35
CA GLU C 42 39.56 7.29 12.96
C GLU C 42 40.77 7.51 12.07
N PRO C 43 41.25 6.47 11.38
CA PRO C 43 42.44 6.62 10.54
C PRO C 43 42.16 7.16 9.14
N LEU C 44 40.90 7.41 8.79
CA LEU C 44 40.54 7.96 7.50
C LEU C 44 39.24 8.75 7.65
N GLU C 45 39.21 9.95 7.06
CA GLU C 45 38.03 10.80 7.16
C GLU C 45 37.01 10.43 6.08
N VAL C 46 35.75 10.71 6.39
CA VAL C 46 34.67 10.47 5.42
C VAL C 46 34.93 11.31 4.18
N PRO C 47 34.96 10.73 2.99
CA PRO C 47 35.21 11.53 1.79
C PRO C 47 34.04 12.44 1.44
N GLY C 48 34.19 13.22 0.38
CA GLY C 48 33.08 14.01 -0.11
C GLY C 48 31.92 13.11 -0.45
N LEU C 49 30.78 13.31 0.20
CA LEU C 49 29.65 12.40 0.00
C LEU C 49 28.94 12.62 -1.33
N LEU C 50 29.20 13.73 -2.01
CA LEU C 50 28.64 14.00 -3.32
C LEU C 50 29.58 13.67 -4.47
N ASP C 51 30.76 13.11 -4.16
CA ASP C 51 31.74 12.86 -5.22
C ASP C 51 31.26 11.85 -6.24
N VAL C 52 30.38 10.93 -5.84
CA VAL C 52 29.81 9.95 -6.77
C VAL C 52 29.15 10.65 -7.94
N GLN C 53 28.67 11.88 -7.73
CA GLN C 53 28.06 12.68 -8.79
C GLN C 53 29.08 13.62 -9.44
N THR C 54 29.78 14.40 -8.63
CA THR C 54 30.62 15.46 -9.16
C THR C 54 31.81 14.91 -9.94
N ASP C 55 32.44 13.85 -9.43
CA ASP C 55 33.58 13.29 -10.15
C ASP C 55 33.15 12.71 -11.49
N SER C 56 32.00 12.04 -11.52
CA SER C 56 31.46 11.51 -12.77
C SER C 56 31.23 12.63 -13.78
N PHE C 57 30.57 13.71 -13.34
CA PHE C 57 30.24 14.77 -14.29
C PHE C 57 31.49 15.52 -14.73
N GLU C 58 32.44 15.73 -13.82
CA GLU C 58 33.69 16.41 -14.19
C GLU C 58 34.48 15.57 -15.17
N TRP C 59 34.45 14.24 -15.03
CA TRP C 59 35.04 13.38 -16.04
C TRP C 59 34.35 13.58 -17.38
N LEU C 60 33.02 13.62 -17.37
CA LEU C 60 32.27 13.85 -18.61
C LEU C 60 32.72 15.14 -19.28
N ILE C 61 32.86 16.20 -18.50
CA ILE C 61 33.26 17.49 -19.04
C ILE C 61 34.72 17.46 -19.48
N GLY C 62 35.62 17.11 -18.56
CA GLY C 62 37.04 17.26 -18.80
C GLY C 62 37.56 18.44 -18.02
N SER C 63 37.05 18.61 -16.81
CA SER C 63 37.38 19.77 -15.99
C SER C 63 38.81 19.69 -15.46
N PRO C 64 39.40 20.83 -15.08
CA PRO C 64 40.73 20.78 -14.46
C PRO C 64 40.76 20.02 -13.15
N ARG C 65 39.69 20.13 -12.34
CA ARG C 65 39.59 19.32 -11.14
C ARG C 65 39.72 17.84 -11.45
N TRP C 66 39.21 17.41 -12.62
CA TRP C 66 39.34 16.02 -13.03
C TRP C 66 40.73 15.73 -13.61
N ARG C 67 41.32 16.70 -14.30
CA ARG C 67 42.65 16.49 -14.88
C ARG C 67 43.69 16.26 -13.79
N GLU C 68 43.61 17.03 -12.71
CA GLU C 68 44.57 16.88 -11.62
C GLU C 68 44.48 15.50 -10.98
N SER C 69 43.25 15.02 -10.76
CA SER C 69 43.09 13.68 -10.17
C SER C 69 43.51 12.59 -11.13
N ALA C 70 43.19 12.75 -12.42
CA ALA C 70 43.58 11.73 -13.40
C ALA C 70 45.09 11.67 -13.57
N ALA C 71 45.78 12.79 -13.40
CA ALA C 71 47.25 12.76 -13.47
C ALA C 71 47.86 12.23 -12.19
N GLU C 72 47.28 12.58 -11.03
CA GLU C 72 47.88 12.19 -9.75
C GLU C 72 47.79 10.69 -9.54
N ARG C 73 46.57 10.15 -9.47
CA ARG C 73 46.38 8.74 -9.11
C ARG C 73 45.63 7.94 -10.16
N GLY C 74 45.23 8.56 -11.27
CA GLY C 74 44.55 7.86 -12.35
C GLY C 74 45.51 7.28 -13.36
N ASP C 75 45.02 7.10 -14.59
CA ASP C 75 45.87 6.63 -15.67
C ASP C 75 46.81 7.75 -16.12
N VAL C 76 47.95 7.33 -16.72
CA VAL C 76 48.93 8.29 -17.20
C VAL C 76 48.39 9.12 -18.36
N ASN C 77 47.39 8.61 -19.07
CA ASN C 77 46.82 9.32 -20.22
C ASN C 77 45.41 9.78 -19.89
N PRO C 78 45.18 11.10 -19.76
CA PRO C 78 43.83 11.58 -19.44
C PRO C 78 42.99 11.74 -20.72
N VAL C 79 41.77 11.21 -20.68
CA VAL C 79 40.82 11.36 -21.78
C VAL C 79 39.45 11.66 -21.19
N GLY C 80 38.84 12.76 -21.63
CA GLY C 80 37.57 13.18 -21.09
C GLY C 80 36.39 12.41 -21.66
N GLY C 81 35.23 12.63 -21.03
CA GLY C 81 34.02 11.96 -21.48
C GLY C 81 33.57 12.38 -22.86
N LEU C 82 33.81 13.64 -23.23
CA LEU C 82 33.48 14.13 -24.56
C LEU C 82 34.62 13.91 -25.56
N GLU C 83 35.85 14.08 -25.10
CA GLU C 83 37.01 13.74 -25.94
C GLU C 83 36.92 12.30 -26.40
N GLU C 84 36.41 11.41 -25.54
CA GLU C 84 36.29 10.00 -25.90
C GLU C 84 35.30 9.81 -27.05
N VAL C 85 34.12 10.43 -26.93
CA VAL C 85 33.11 10.30 -27.99
C VAL C 85 33.62 10.91 -29.29
N LEU C 86 34.35 12.02 -29.20
CA LEU C 86 34.86 12.65 -30.41
C LEU C 86 35.94 11.80 -31.08
N TYR C 87 36.85 11.23 -30.29
CA TYR C 87 37.86 10.34 -30.88
C TYR C 87 37.22 9.11 -31.48
N GLU C 88 36.14 8.60 -30.85
CA GLU C 88 35.42 7.48 -31.44
C GLU C 88 34.69 7.89 -32.71
N LEU C 89 34.33 9.16 -32.83
CA LEU C 89 33.54 9.62 -33.97
C LEU C 89 34.40 10.13 -35.12
N SER C 90 35.49 10.80 -34.82
CA SER C 90 36.31 11.34 -35.89
C SER C 90 37.39 10.34 -36.31
N PRO C 91 37.77 10.32 -37.60
CA PRO C 91 37.23 11.16 -38.67
C PRO C 91 36.02 10.57 -39.39
N ILE C 92 35.12 11.42 -39.85
CA ILE C 92 33.99 11.01 -40.68
C ILE C 92 34.44 11.06 -42.13
N GLU C 93 34.29 9.94 -42.85
CA GLU C 93 34.69 9.86 -44.24
C GLU C 93 33.48 9.45 -45.09
N ASP C 94 33.66 9.56 -46.41
CA ASP C 94 32.64 9.24 -47.38
C ASP C 94 32.94 7.88 -48.02
N PHE C 95 32.17 7.52 -49.05
CA PHE C 95 32.36 6.24 -49.72
C PHE C 95 33.74 6.16 -50.37
N SER C 96 34.09 7.16 -51.17
CA SER C 96 35.39 7.20 -51.84
C SER C 96 36.52 7.65 -50.92
N GLY C 97 36.23 7.98 -49.66
CA GLY C 97 37.24 8.53 -48.77
C GLY C 97 37.80 9.85 -49.26
N SER C 98 37.02 10.59 -50.05
CA SER C 98 37.53 11.78 -50.73
C SER C 98 37.63 12.98 -49.80
N MET C 99 36.83 13.03 -48.74
CA MET C 99 36.77 14.17 -47.86
C MET C 99 36.58 13.69 -46.42
N SER C 100 37.14 14.43 -45.47
CA SER C 100 37.10 14.02 -44.07
C SER C 100 36.74 15.21 -43.19
N LEU C 101 36.04 14.92 -42.10
CA LEU C 101 35.65 15.92 -41.11
C LEU C 101 35.94 15.36 -39.72
N SER C 102 36.75 16.06 -38.95
CA SER C 102 37.13 15.62 -37.61
C SER C 102 36.69 16.64 -36.58
N PHE C 103 36.32 16.14 -35.39
CA PHE C 103 35.91 16.97 -34.28
C PHE C 103 36.98 16.92 -33.20
N SER C 104 37.22 18.06 -32.55
CA SER C 104 38.21 18.09 -31.48
C SER C 104 37.86 19.20 -30.51
N ASP C 105 38.56 19.19 -29.37
CA ASP C 105 38.57 20.26 -28.39
C ASP C 105 37.17 20.66 -27.93
N PRO C 106 36.50 19.84 -27.12
CA PRO C 106 35.22 20.29 -26.54
C PRO C 106 35.44 21.47 -25.60
N ARG C 107 34.60 22.48 -25.74
CA ARG C 107 34.73 23.72 -24.99
C ARG C 107 33.36 24.19 -24.53
N PHE C 108 33.33 24.81 -23.35
CA PHE C 108 32.11 25.34 -22.76
C PHE C 108 32.23 26.84 -22.55
N ASP C 109 31.15 27.56 -22.88
CA ASP C 109 31.07 28.98 -22.61
C ASP C 109 30.58 29.17 -21.17
N ASP C 110 30.24 30.40 -20.80
CA ASP C 110 29.65 30.62 -19.49
C ASP C 110 28.21 30.10 -19.47
N VAL C 111 27.66 30.00 -18.26
CA VAL C 111 26.30 29.50 -18.10
C VAL C 111 25.31 30.56 -18.57
N LYS C 112 24.15 30.11 -19.05
CA LYS C 112 23.18 31.02 -19.63
C LYS C 112 22.47 31.85 -18.55
N ALA C 113 22.09 31.21 -17.44
CA ALA C 113 21.36 31.88 -16.38
C ALA C 113 21.77 31.27 -15.05
N PRO C 114 21.66 32.01 -13.95
CA PRO C 114 21.93 31.43 -12.64
C PRO C 114 20.90 30.36 -12.30
N VAL C 115 21.18 29.63 -11.21
CA VAL C 115 20.32 28.51 -10.84
C VAL C 115 18.94 29.00 -10.43
N ASP C 116 18.89 30.07 -9.64
CA ASP C 116 17.60 30.59 -9.19
C ASP C 116 16.78 31.14 -10.36
N GLU C 117 17.42 31.85 -11.29
CA GLU C 117 16.73 32.32 -12.47
C GLU C 117 16.19 31.17 -13.31
N CYS C 118 16.92 30.05 -13.36
CA CYS C 118 16.45 28.89 -14.10
C CYS C 118 15.26 28.23 -13.42
N LYS C 119 15.32 28.09 -12.09
CA LYS C 119 14.18 27.56 -11.35
C LYS C 119 12.96 28.45 -11.48
N ASP C 120 13.17 29.76 -11.63
CA ASP C 120 12.06 30.71 -11.69
C ASP C 120 11.36 30.66 -13.04
N LYS C 121 12.12 30.68 -14.14
CA LYS C 121 11.56 30.83 -15.48
C LYS C 121 11.25 29.51 -16.17
N ASP C 122 11.27 28.39 -15.43
CA ASP C 122 10.99 27.07 -15.99
C ASP C 122 11.97 26.71 -17.11
N MET C 123 13.23 27.06 -16.93
CA MET C 123 14.26 26.82 -17.92
C MET C 123 15.08 25.58 -17.54
N THR C 124 16.17 25.36 -18.28
CA THR C 124 17.11 24.27 -18.00
C THR C 124 18.49 24.86 -17.81
N TYR C 125 19.04 24.68 -16.61
CA TYR C 125 20.37 25.19 -16.29
C TYR C 125 21.40 24.51 -17.19
N ALA C 126 21.98 25.28 -18.11
CA ALA C 126 22.82 24.71 -19.15
C ALA C 126 23.84 25.73 -19.62
N ALA C 127 24.88 25.23 -20.27
CA ALA C 127 25.92 26.03 -20.87
C ALA C 127 26.12 25.61 -22.31
N PRO C 128 26.47 26.54 -23.21
CA PRO C 128 26.65 26.18 -24.61
C PRO C 128 27.94 25.41 -24.83
N LEU C 129 27.87 24.46 -25.78
CA LEU C 129 28.98 23.58 -26.10
C LEU C 129 29.53 23.91 -27.49
N PHE C 130 30.86 23.95 -27.60
CA PHE C 130 31.55 24.25 -28.84
C PHE C 130 32.62 23.21 -29.12
N VAL C 131 32.87 22.94 -30.40
CA VAL C 131 33.92 22.04 -30.83
C VAL C 131 34.61 22.64 -32.05
N THR C 132 35.84 22.19 -32.30
CA THR C 132 36.58 22.56 -33.50
C THR C 132 36.38 21.47 -34.55
N ALA C 133 35.70 21.82 -35.64
CA ALA C 133 35.38 20.88 -36.71
C ALA C 133 36.30 21.18 -37.89
N GLU C 134 37.37 20.41 -38.01
CA GLU C 134 38.34 20.59 -39.07
C GLU C 134 37.95 19.72 -40.27
N PHE C 135 37.78 20.35 -41.43
CA PHE C 135 37.45 19.65 -42.66
C PHE C 135 38.66 19.64 -43.58
N ILE C 136 39.06 18.44 -44.00
CA ILE C 136 40.14 18.27 -44.95
C ILE C 136 39.59 17.64 -46.23
N ASN C 137 40.16 18.04 -47.36
CA ASN C 137 39.74 17.56 -48.67
C ASN C 137 40.94 16.91 -49.35
N ASN C 138 40.87 15.59 -49.53
CA ASN C 138 41.93 14.87 -50.22
C ASN C 138 42.00 15.24 -51.70
N ASN C 139 40.94 15.80 -52.26
CA ASN C 139 40.92 16.15 -53.69
C ASN C 139 41.58 17.51 -53.94
N THR C 140 41.03 18.57 -53.35
CA THR C 140 41.51 19.93 -53.61
C THR C 140 42.62 20.35 -52.65
N GLY C 141 43.06 19.47 -51.76
CA GLY C 141 44.16 19.76 -50.86
C GLY C 141 44.00 21.01 -50.03
N GLU C 142 42.97 21.03 -49.19
CA GLU C 142 42.69 22.20 -48.36
C GLU C 142 42.25 21.72 -46.97
N ILE C 143 42.45 22.59 -45.99
CA ILE C 143 42.04 22.36 -44.61
C ILE C 143 41.10 23.48 -44.21
N LYS C 144 39.90 23.12 -43.74
CA LYS C 144 38.84 24.09 -43.40
C LYS C 144 38.41 23.85 -41.96
N SER C 145 39.13 24.44 -41.01
CA SER C 145 38.76 24.38 -39.60
C SER C 145 37.64 25.38 -39.31
N GLN C 146 36.92 25.13 -38.23
CA GLN C 146 35.81 26.00 -37.87
C GLN C 146 35.31 25.63 -36.47
N THR C 147 34.79 26.62 -35.77
CA THR C 147 34.15 26.40 -34.48
C THR C 147 32.65 26.25 -34.70
N VAL C 148 32.09 25.12 -34.27
CA VAL C 148 30.69 24.79 -34.47
C VAL C 148 30.00 24.73 -33.11
N PHE C 149 28.82 25.32 -33.04
CA PHE C 149 27.99 25.28 -31.84
C PHE C 149 27.23 23.96 -31.80
N MET C 150 27.38 23.22 -30.71
CA MET C 150 26.83 21.87 -30.61
C MET C 150 25.49 21.81 -29.89
N GLY C 151 25.18 22.77 -29.03
CA GLY C 151 23.91 22.81 -28.34
C GLY C 151 24.08 23.37 -26.95
N ASP C 152 23.00 23.33 -26.18
CA ASP C 152 23.00 23.79 -24.80
C ASP C 152 23.04 22.56 -23.89
N PHE C 153 24.23 22.24 -23.40
CA PHE C 153 24.46 21.08 -22.57
C PHE C 153 24.04 21.38 -21.14
N PRO C 154 23.11 20.61 -20.55
CA PRO C 154 22.71 20.87 -19.16
C PRO C 154 23.87 20.64 -18.20
N MET C 155 24.04 21.58 -17.26
CA MET C 155 25.13 21.56 -16.31
C MET C 155 24.69 21.04 -14.95
N MET C 156 25.63 20.41 -14.24
CA MET C 156 25.40 19.91 -12.89
C MET C 156 25.75 21.00 -11.88
N THR C 157 24.81 21.28 -10.99
CA THR C 157 25.00 22.33 -10.01
C THR C 157 26.07 21.95 -8.98
N GLU C 158 26.32 22.86 -8.04
CA GLU C 158 27.25 22.55 -6.96
C GLU C 158 26.74 21.39 -6.12
N LYS C 159 25.42 21.34 -5.89
CA LYS C 159 24.80 20.28 -5.10
C LYS C 159 24.76 18.95 -5.82
N GLY C 160 25.23 18.87 -7.05
CA GLY C 160 25.22 17.62 -7.79
C GLY C 160 23.93 17.31 -8.51
N THR C 161 23.07 18.31 -8.72
CA THR C 161 21.77 18.11 -9.34
C THR C 161 21.73 18.78 -10.71
N PHE C 162 20.58 18.66 -11.37
CA PHE C 162 20.31 19.30 -12.64
C PHE C 162 19.01 20.08 -12.52
N ILE C 163 18.88 21.14 -13.31
CA ILE C 163 17.64 21.88 -13.42
C ILE C 163 17.11 21.65 -14.82
N ILE C 164 15.94 21.02 -14.91
CA ILE C 164 15.32 20.68 -16.19
C ILE C 164 13.91 21.25 -16.17
N ASN C 165 13.61 22.11 -17.14
CA ASN C 165 12.29 22.74 -17.27
C ASN C 165 11.83 23.40 -15.97
N GLY C 166 12.78 23.78 -15.11
CA GLY C 166 12.48 24.47 -13.88
C GLY C 166 12.49 23.62 -12.63
N THR C 167 12.54 22.29 -12.76
CA THR C 167 12.53 21.42 -11.59
C THR C 167 13.91 20.82 -11.38
N GLU C 168 14.23 20.54 -10.11
CA GLU C 168 15.53 19.99 -9.74
C GLU C 168 15.48 18.47 -9.78
N ARG C 169 16.53 17.86 -10.34
CA ARG C 169 16.54 16.45 -10.63
C ARG C 169 17.88 15.84 -10.29
N VAL C 170 17.86 14.55 -9.97
CA VAL C 170 19.05 13.77 -9.66
C VAL C 170 19.16 12.64 -10.65
N VAL C 171 20.37 12.36 -11.11
CA VAL C 171 20.63 11.22 -11.97
C VAL C 171 21.22 10.11 -11.10
N VAL C 172 20.41 9.07 -10.88
CA VAL C 172 20.80 7.98 -10.01
C VAL C 172 21.73 7.04 -10.76
N SER C 173 22.84 6.66 -10.11
CA SER C 173 23.73 5.66 -10.68
C SER C 173 22.97 4.34 -10.90
N GLN C 174 23.29 3.65 -11.98
CA GLN C 174 22.62 2.40 -12.32
C GLN C 174 23.54 1.22 -12.06
N LEU C 175 22.98 0.14 -11.52
CA LEU C 175 23.69 -1.12 -11.37
C LEU C 175 23.45 -1.97 -12.61
N VAL C 176 24.53 -2.35 -13.31
CA VAL C 176 24.41 -3.10 -14.55
C VAL C 176 25.45 -4.20 -14.59
N ARG C 177 25.25 -5.15 -15.50
CA ARG C 177 26.21 -6.22 -15.72
C ARG C 177 27.42 -5.70 -16.46
N SER C 178 28.59 -5.89 -15.88
CA SER C 178 29.81 -5.48 -16.54
C SER C 178 30.02 -6.30 -17.81
N PRO C 179 30.55 -5.71 -18.88
CA PRO C 179 30.88 -6.51 -20.06
C PRO C 179 31.92 -7.56 -19.73
N GLY C 180 31.81 -8.70 -20.41
CA GLY C 180 32.75 -9.78 -20.18
C GLY C 180 32.15 -11.11 -20.63
N VAL C 181 32.76 -12.18 -20.14
CA VAL C 181 32.35 -13.55 -20.45
C VAL C 181 31.91 -14.20 -19.15
N TYR C 182 30.69 -14.72 -19.13
CA TYR C 182 30.07 -15.21 -17.91
C TYR C 182 29.48 -16.60 -18.15
N PHE C 183 29.83 -17.54 -17.27
CA PHE C 183 29.44 -18.93 -17.40
C PHE C 183 28.41 -19.28 -16.32
N ASP C 184 27.38 -20.02 -16.71
CA ASP C 184 26.34 -20.44 -15.78
C ASP C 184 25.99 -21.90 -16.05
N GLU C 185 25.95 -22.70 -14.98
CA GLU C 185 25.52 -24.09 -15.07
C GLU C 185 24.09 -24.23 -14.56
N THR C 186 23.31 -25.04 -15.26
CA THR C 186 21.91 -25.28 -14.94
C THR C 186 21.70 -26.78 -14.78
N ILE C 187 21.12 -27.18 -13.66
CA ILE C 187 20.84 -28.59 -13.37
C ILE C 187 19.45 -28.92 -13.90
N ASP C 188 19.33 -30.04 -14.59
CA ASP C 188 18.07 -30.48 -15.19
C ASP C 188 17.56 -31.74 -14.51
N LYS C 189 16.23 -31.84 -14.39
CA LYS C 189 15.63 -33.07 -13.90
C LYS C 189 15.89 -34.22 -14.87
N SER C 190 15.60 -34.01 -16.15
CA SER C 190 15.83 -35.04 -17.16
C SER C 190 17.33 -35.26 -17.34
N THR C 191 17.74 -36.52 -17.21
CA THR C 191 19.12 -37.02 -17.29
C THR C 191 19.98 -36.57 -16.13
N ASP C 192 19.46 -35.72 -15.23
CA ASP C 192 20.18 -35.21 -14.06
C ASP C 192 21.51 -34.54 -14.43
N LYS C 193 21.70 -34.21 -15.70
CA LYS C 193 22.95 -33.65 -16.16
C LYS C 193 22.99 -32.15 -15.91
N THR C 194 24.19 -31.65 -15.59
CA THR C 194 24.41 -30.22 -15.37
C THR C 194 24.87 -29.61 -16.69
N LEU C 195 23.96 -28.94 -17.39
CA LEU C 195 24.32 -28.26 -18.61
C LEU C 195 25.03 -26.94 -18.29
N HIS C 196 25.76 -26.42 -19.27
CA HIS C 196 26.53 -25.20 -19.08
C HIS C 196 26.31 -24.26 -20.25
N SER C 197 26.26 -22.96 -19.96
CA SER C 197 26.03 -21.93 -20.97
C SER C 197 26.97 -20.76 -20.74
N VAL C 198 27.34 -20.11 -21.84
CA VAL C 198 28.23 -18.95 -21.81
C VAL C 198 27.50 -17.75 -22.38
N LYS C 199 27.75 -16.58 -21.80
CA LYS C 199 27.21 -15.32 -22.28
C LYS C 199 28.33 -14.32 -22.44
N VAL C 200 28.40 -13.67 -23.60
CA VAL C 200 29.39 -12.66 -23.91
C VAL C 200 28.67 -11.32 -23.99
N ILE C 201 28.83 -10.49 -22.96
CA ILE C 201 28.11 -9.22 -22.84
C ILE C 201 29.06 -8.10 -23.22
N PRO C 202 28.89 -7.45 -24.36
CA PRO C 202 29.75 -6.33 -24.74
C PRO C 202 29.17 -4.99 -24.31
N SER C 203 29.96 -3.94 -24.53
CA SER C 203 29.47 -2.59 -24.27
C SER C 203 28.58 -2.08 -25.40
N ARG C 204 28.88 -2.48 -26.63
CA ARG C 204 28.01 -2.21 -27.78
C ARG C 204 27.98 -3.46 -28.65
N GLY C 205 26.99 -3.51 -29.53
CA GLY C 205 26.81 -4.66 -30.40
C GLY C 205 25.97 -5.74 -29.76
N ALA C 206 25.58 -6.71 -30.57
CA ALA C 206 24.69 -7.77 -30.13
C ALA C 206 25.47 -8.92 -29.49
N TRP C 207 24.76 -9.68 -28.64
CA TRP C 207 25.38 -10.74 -27.86
C TRP C 207 25.58 -11.99 -28.72
N LEU C 208 26.54 -12.80 -28.30
CA LEU C 208 26.67 -14.18 -28.77
C LEU C 208 26.71 -15.10 -27.55
N GLU C 209 26.24 -16.32 -27.73
CA GLU C 209 26.04 -17.24 -26.62
C GLU C 209 26.48 -18.64 -27.03
N PHE C 210 27.03 -19.37 -26.06
CA PHE C 210 27.42 -20.75 -26.24
C PHE C 210 26.66 -21.61 -25.24
N ASP C 211 26.46 -22.88 -25.60
CA ASP C 211 25.62 -23.75 -24.80
C ASP C 211 25.82 -25.20 -25.22
N VAL C 212 25.94 -26.09 -24.23
CA VAL C 212 25.93 -27.52 -24.45
C VAL C 212 24.52 -28.05 -24.17
N ASP C 213 23.96 -28.77 -25.12
CA ASP C 213 22.56 -29.16 -25.07
C ASP C 213 22.37 -30.39 -24.17
N LYS C 214 21.11 -30.82 -24.04
CA LYS C 214 20.83 -32.10 -23.40
C LYS C 214 21.43 -33.25 -24.19
N ARG C 215 21.49 -33.11 -25.52
CA ARG C 215 22.04 -34.13 -26.40
C ARG C 215 23.55 -34.02 -26.56
N ASP C 216 24.24 -33.41 -25.60
CA ASP C 216 25.70 -33.25 -25.62
C ASP C 216 26.16 -32.52 -26.88
N THR C 217 25.29 -31.71 -27.47
CA THR C 217 25.58 -30.97 -28.69
C THR C 217 25.87 -29.51 -28.33
N VAL C 218 27.13 -29.12 -28.47
CA VAL C 218 27.54 -27.74 -28.18
C VAL C 218 26.98 -26.84 -29.27
N GLY C 219 26.15 -25.88 -28.87
CA GLY C 219 25.50 -24.97 -29.81
C GLY C 219 25.88 -23.52 -29.56
N VAL C 220 26.09 -22.79 -30.65
CA VAL C 220 26.36 -21.35 -30.61
C VAL C 220 25.12 -20.62 -31.10
N ARG C 221 24.74 -19.57 -30.38
CA ARG C 221 23.58 -18.76 -30.73
C ARG C 221 24.03 -17.35 -31.08
N ILE C 222 23.35 -16.75 -32.05
CA ILE C 222 23.54 -15.34 -32.37
C ILE C 222 22.33 -14.59 -31.81
N ASP C 223 22.40 -13.25 -31.84
CA ASP C 223 21.52 -12.39 -31.05
C ASP C 223 20.11 -12.95 -30.85
N ARG C 224 19.36 -13.13 -31.94
CA ARG C 224 18.05 -13.78 -31.91
C ARG C 224 18.03 -14.75 -33.07
N LYS C 225 18.52 -15.97 -32.83
CA LYS C 225 18.64 -16.95 -33.90
C LYS C 225 18.62 -18.35 -33.30
N ARG C 226 18.17 -19.30 -34.10
CA ARG C 226 18.17 -20.70 -33.69
C ARG C 226 19.60 -21.16 -33.42
N ARG C 227 19.73 -22.10 -32.49
CA ARG C 227 21.04 -22.61 -32.11
C ARG C 227 21.68 -23.34 -33.29
N GLN C 228 22.95 -23.02 -33.56
CA GLN C 228 23.73 -23.65 -34.60
C GLN C 228 24.91 -24.39 -33.99
N PRO C 229 25.40 -25.44 -34.64
CA PRO C 229 26.58 -26.15 -34.11
C PRO C 229 27.77 -25.20 -33.99
N VAL C 230 28.56 -25.41 -32.93
CA VAL C 230 29.71 -24.55 -32.66
C VAL C 230 30.73 -24.64 -33.79
N THR C 231 30.86 -25.82 -34.41
CA THR C 231 31.78 -25.97 -35.52
C THR C 231 31.43 -25.05 -36.69
N VAL C 232 30.15 -24.70 -36.84
CA VAL C 232 29.73 -23.80 -37.91
C VAL C 232 30.40 -22.44 -37.76
N LEU C 233 30.66 -22.02 -36.52
CA LEU C 233 31.35 -20.75 -36.30
C LEU C 233 32.81 -20.83 -36.70
N LEU C 234 33.48 -21.95 -36.40
CA LEU C 234 34.84 -22.13 -36.88
C LEU C 234 34.88 -22.15 -38.40
N LYS C 235 33.92 -22.85 -39.02
CA LYS C 235 33.79 -22.85 -40.47
C LYS C 235 33.24 -21.53 -41.01
N ALA C 236 32.67 -20.69 -40.14
CA ALA C 236 32.34 -19.33 -40.56
C ALA C 236 33.56 -18.41 -40.49
N LEU C 237 34.60 -18.81 -39.77
CA LEU C 237 35.87 -18.09 -39.73
C LEU C 237 36.91 -18.72 -40.66
N GLY C 238 36.53 -19.72 -41.45
CA GLY C 238 37.42 -20.33 -42.39
C GLY C 238 38.33 -21.41 -41.83
N TRP C 239 38.03 -21.94 -40.65
CA TRP C 239 38.91 -22.94 -40.05
C TRP C 239 38.76 -24.29 -40.74
N THR C 240 39.86 -25.02 -40.81
CA THR C 240 39.88 -26.33 -41.42
C THR C 240 39.31 -27.37 -40.44
N SER C 241 38.84 -28.50 -41.01
CA SER C 241 38.24 -29.54 -40.20
C SER C 241 39.24 -30.25 -39.31
N GLU C 242 40.53 -30.23 -39.66
CA GLU C 242 41.56 -30.84 -38.83
C GLU C 242 42.05 -29.91 -37.72
N GLN C 243 42.04 -28.60 -37.95
CA GLN C 243 42.48 -27.66 -36.92
C GLN C 243 41.54 -27.68 -35.71
N ILE C 244 40.26 -27.99 -35.93
CA ILE C 244 39.33 -28.13 -34.83
C ILE C 244 39.69 -29.32 -33.95
N VAL C 245 40.06 -30.44 -34.59
CA VAL C 245 40.42 -31.64 -33.84
C VAL C 245 41.75 -31.47 -33.10
N GLU C 246 42.62 -30.58 -33.56
CA GLU C 246 43.90 -30.34 -32.88
C GLU C 246 43.71 -29.53 -31.60
N ARG C 247 42.79 -28.58 -31.61
CA ARG C 247 42.53 -27.73 -30.45
C ARG C 247 41.53 -28.34 -29.47
N PHE C 248 40.54 -29.08 -29.96
CA PHE C 248 39.51 -29.65 -29.10
C PHE C 248 39.43 -31.16 -29.26
N GLY C 249 38.38 -31.76 -28.68
CA GLY C 249 38.21 -33.19 -28.70
C GLY C 249 38.74 -33.89 -27.47
N PHE C 250 39.53 -33.21 -26.64
CA PHE C 250 39.96 -33.79 -25.38
C PHE C 250 38.78 -34.06 -24.45
N SER C 251 37.69 -33.30 -24.61
CA SER C 251 36.42 -33.62 -23.97
C SER C 251 35.58 -34.56 -24.82
N GLU C 252 35.86 -34.64 -26.12
CA GLU C 252 35.19 -35.49 -27.10
C GLU C 252 33.79 -34.96 -27.41
N ILE C 253 33.34 -33.96 -26.67
CA ILE C 253 32.06 -33.33 -26.96
C ILE C 253 32.15 -32.54 -28.26
N MET C 254 33.26 -31.82 -28.46
CA MET C 254 33.50 -31.14 -29.73
C MET C 254 33.57 -32.13 -30.88
N ARG C 255 34.27 -33.25 -30.67
CA ARG C 255 34.34 -34.27 -31.71
C ARG C 255 32.96 -34.80 -32.08
N SER C 256 32.16 -35.17 -31.07
CA SER C 256 30.83 -35.69 -31.35
C SER C 256 29.91 -34.63 -31.95
N THR C 257 30.18 -33.35 -31.68
CA THR C 257 29.42 -32.29 -32.35
C THR C 257 29.80 -32.20 -33.83
N LEU C 258 31.09 -32.35 -34.14
CA LEU C 258 31.50 -32.36 -35.54
C LEU C 258 31.02 -33.61 -36.25
N GLU C 259 30.85 -34.72 -35.53
CA GLU C 259 30.29 -35.94 -36.12
C GLU C 259 28.83 -35.75 -36.50
N LYS C 260 28.11 -34.89 -35.80
CA LYS C 260 26.73 -34.58 -36.16
C LYS C 260 26.69 -33.87 -37.50
N ASP C 261 25.70 -34.24 -38.32
CA ASP C 261 25.58 -33.71 -39.67
C ASP C 261 25.49 -32.19 -39.66
N ASN C 262 26.48 -31.53 -40.23
CA ASN C 262 26.55 -30.07 -40.27
C ASN C 262 26.98 -29.65 -41.67
N THR C 263 27.35 -28.37 -41.80
CA THR C 263 27.78 -27.83 -43.08
C THR C 263 29.02 -28.56 -43.58
N VAL C 264 29.29 -28.38 -44.87
CA VAL C 264 30.43 -28.99 -45.55
C VAL C 264 31.31 -27.88 -46.10
N GLY C 265 32.45 -27.64 -45.45
CA GLY C 265 33.34 -26.58 -45.86
C GLY C 265 32.98 -25.23 -45.24
N THR C 266 33.87 -24.26 -45.47
CA THR C 266 33.69 -22.93 -44.89
C THR C 266 32.77 -22.06 -45.74
N ASP C 267 32.76 -22.27 -47.06
CA ASP C 267 31.93 -21.44 -47.94
C ASP C 267 30.44 -21.67 -47.67
N GLU C 268 30.01 -22.94 -47.68
CA GLU C 268 28.61 -23.23 -47.39
C GLU C 268 28.27 -22.88 -45.95
N ALA C 269 29.27 -22.88 -45.06
CA ALA C 269 29.05 -22.45 -43.68
C ALA C 269 28.68 -20.97 -43.63
N LEU C 270 29.47 -20.12 -44.30
CA LEU C 270 29.13 -18.70 -44.36
C LEU C 270 27.80 -18.48 -45.08
N LEU C 271 27.52 -19.29 -46.11
CA LEU C 271 26.25 -19.17 -46.82
C LEU C 271 25.07 -19.45 -45.89
N ASP C 272 25.13 -20.56 -45.14
CA ASP C 272 24.04 -20.92 -44.24
C ASP C 272 23.96 -19.99 -43.03
N ILE C 273 25.08 -19.38 -42.64
CA ILE C 273 25.03 -18.47 -41.51
C ILE C 273 24.54 -17.09 -41.94
N TYR C 274 24.75 -16.71 -43.20
CA TYR C 274 24.10 -15.53 -43.75
C TYR C 274 22.65 -15.81 -44.10
N ARG C 275 22.27 -17.08 -44.22
CA ARG C 275 20.86 -17.44 -44.30
C ARG C 275 20.18 -17.28 -42.95
N LYS C 276 20.90 -17.56 -41.85
CA LYS C 276 20.34 -17.40 -40.52
C LYS C 276 20.02 -15.94 -40.23
N LEU C 277 21.03 -15.07 -40.31
CA LEU C 277 20.81 -13.65 -40.16
C LEU C 277 20.05 -13.11 -41.37
N ARG C 278 19.11 -12.20 -41.11
CA ARG C 278 18.19 -11.68 -42.13
C ARG C 278 17.48 -12.83 -42.84
N PRO C 279 16.58 -13.53 -42.16
CA PRO C 279 15.86 -14.64 -42.81
C PRO C 279 14.80 -14.13 -43.76
N GLY C 280 14.44 -14.99 -44.71
CA GLY C 280 13.50 -14.63 -45.76
C GLY C 280 14.10 -13.84 -46.90
N GLU C 281 15.36 -13.45 -46.81
CA GLU C 281 16.15 -12.76 -47.82
C GLU C 281 16.99 -13.75 -48.61
N PRO C 282 17.18 -13.52 -49.91
CA PRO C 282 17.99 -14.42 -50.71
C PRO C 282 19.46 -14.32 -50.33
N PRO C 283 20.02 -15.36 -49.71
CA PRO C 283 21.41 -15.27 -49.26
C PRO C 283 22.38 -15.28 -50.42
N THR C 284 23.58 -14.77 -50.16
CA THR C 284 24.64 -14.68 -51.16
C THR C 284 25.96 -15.12 -50.52
N LYS C 285 27.03 -15.03 -51.30
CA LYS C 285 28.37 -15.36 -50.82
C LYS C 285 29.14 -14.14 -50.33
N GLU C 286 28.70 -12.93 -50.66
CA GLU C 286 29.37 -11.70 -50.24
C GLU C 286 28.68 -11.01 -49.07
N SER C 287 27.37 -11.22 -48.90
CA SER C 287 26.68 -10.67 -47.75
C SER C 287 27.25 -11.24 -46.45
N ALA C 288 27.67 -12.51 -46.47
CA ALA C 288 28.30 -13.09 -45.28
C ALA C 288 29.64 -12.43 -44.98
N GLN C 289 30.48 -12.27 -46.01
CA GLN C 289 31.77 -11.61 -45.84
C GLN C 289 31.60 -10.18 -45.36
N THR C 290 30.50 -9.52 -45.76
CA THR C 290 30.27 -8.13 -45.35
C THR C 290 29.70 -8.05 -43.93
N LEU C 291 28.83 -8.99 -43.56
CA LEU C 291 28.14 -8.89 -42.28
C LEU C 291 28.97 -9.44 -41.13
N LEU C 292 29.62 -10.59 -41.33
CA LEU C 292 30.41 -11.20 -40.25
C LEU C 292 31.58 -10.31 -39.86
N GLU C 293 32.15 -9.57 -40.81
CA GLU C 293 33.27 -8.68 -40.50
C GLU C 293 32.83 -7.58 -39.54
N ASN C 294 31.69 -6.95 -39.83
CA ASN C 294 31.24 -5.80 -39.04
C ASN C 294 30.47 -6.20 -37.79
N LEU C 295 30.01 -7.46 -37.68
CA LEU C 295 29.14 -7.82 -36.56
C LEU C 295 29.91 -7.92 -35.25
N PHE C 296 31.05 -8.62 -35.25
CA PHE C 296 31.79 -8.85 -34.02
C PHE C 296 33.25 -8.42 -34.08
N PHE C 297 33.73 -7.94 -35.22
CA PHE C 297 35.15 -7.65 -35.38
C PHE C 297 35.46 -6.26 -35.89
N LYS C 298 34.44 -5.43 -36.13
CA LYS C 298 34.65 -4.04 -36.54
C LYS C 298 34.24 -3.12 -35.39
N GLU C 299 35.17 -2.29 -34.95
CA GLU C 299 34.95 -1.38 -33.83
C GLU C 299 33.93 -0.29 -34.12
N LYS C 300 33.34 -0.28 -35.32
CA LYS C 300 32.31 0.70 -35.64
C LYS C 300 30.94 0.25 -35.16
N ARG C 301 30.70 -1.06 -35.12
CA ARG C 301 29.41 -1.60 -34.71
C ARG C 301 29.47 -2.50 -33.48
N TYR C 302 30.67 -2.88 -33.02
CA TYR C 302 30.83 -3.76 -31.88
C TYR C 302 31.92 -3.22 -30.99
N ASP C 303 31.66 -3.16 -29.69
CA ASP C 303 32.63 -2.60 -28.75
C ASP C 303 32.29 -3.10 -27.36
N LEU C 304 33.24 -3.75 -26.71
CA LEU C 304 33.23 -3.92 -25.26
C LEU C 304 34.35 -3.05 -24.71
N ALA C 305 33.99 -2.09 -23.86
CA ALA C 305 34.91 -1.03 -23.47
C ALA C 305 36.11 -1.60 -22.72
N ARG C 306 37.03 -0.72 -22.30
CA ARG C 306 38.18 -1.15 -21.52
C ARG C 306 37.78 -2.03 -20.35
N VAL C 307 36.59 -1.79 -19.78
CA VAL C 307 36.07 -2.68 -18.74
C VAL C 307 35.92 -4.10 -19.27
N GLY C 308 35.21 -4.26 -20.38
CA GLY C 308 34.98 -5.59 -20.92
C GLY C 308 36.25 -6.25 -21.41
N ARG C 309 37.12 -5.48 -22.08
CA ARG C 309 38.39 -6.04 -22.51
C ARG C 309 39.21 -6.51 -21.32
N TYR C 310 39.27 -5.72 -20.25
CA TYR C 310 39.99 -6.12 -19.05
C TYR C 310 39.39 -7.39 -18.45
N LYS C 311 38.06 -7.48 -18.43
CA LYS C 311 37.41 -8.66 -17.87
C LYS C 311 37.76 -9.91 -18.66
N VAL C 312 37.58 -9.86 -19.99
CA VAL C 312 37.81 -11.05 -20.80
C VAL C 312 39.30 -11.40 -20.84
N ASN C 313 40.18 -10.41 -20.69
CA ASN C 313 41.61 -10.70 -20.71
C ASN C 313 42.08 -11.28 -19.38
N LYS C 314 41.49 -10.85 -18.27
CA LYS C 314 41.90 -11.38 -16.98
C LYS C 314 41.30 -12.75 -16.72
N LYS C 315 40.07 -13.01 -17.19
CA LYS C 315 39.44 -14.29 -16.88
C LYS C 315 40.01 -15.41 -17.74
N LEU C 316 40.36 -15.13 -18.99
CA LEU C 316 40.85 -16.15 -19.92
C LEU C 316 42.37 -16.15 -20.04
N GLY C 317 43.07 -15.29 -19.30
CA GLY C 317 44.51 -15.23 -19.36
C GLY C 317 45.08 -14.68 -20.65
N LEU C 318 44.24 -14.05 -21.48
CA LEU C 318 44.69 -13.56 -22.78
C LEU C 318 45.40 -12.23 -22.63
N HIS C 319 46.61 -12.15 -23.16
CA HIS C 319 47.37 -10.90 -23.28
C HIS C 319 47.56 -10.21 -21.92
N VAL C 320 48.23 -10.94 -21.01
CA VAL C 320 48.50 -10.42 -19.68
C VAL C 320 49.64 -9.41 -19.66
N GLY C 321 50.28 -9.16 -20.80
CA GLY C 321 51.39 -8.21 -20.87
C GLY C 321 50.95 -6.77 -20.87
N GLU C 322 49.66 -6.56 -20.60
CA GLU C 322 48.98 -5.27 -20.48
C GLU C 322 49.05 -4.37 -21.72
N PRO C 323 48.77 -4.87 -22.95
CA PRO C 323 48.36 -3.93 -24.00
C PRO C 323 46.84 -3.79 -24.05
N ILE C 324 46.31 -2.58 -24.16
CA ILE C 324 44.86 -2.37 -24.21
C ILE C 324 44.53 -1.64 -25.50
N THR C 325 45.29 -1.95 -26.56
CA THR C 325 45.14 -1.26 -27.84
C THR C 325 43.76 -1.47 -28.42
N SER C 326 43.42 -2.71 -28.76
CA SER C 326 42.14 -3.04 -29.36
C SER C 326 41.18 -3.57 -28.32
N SER C 327 39.90 -3.20 -28.44
CA SER C 327 38.83 -3.71 -27.58
C SER C 327 37.71 -4.21 -28.51
N THR C 328 37.86 -5.44 -28.97
CA THR C 328 36.90 -6.06 -29.87
C THR C 328 37.10 -7.57 -29.81
N LEU C 329 36.00 -8.32 -29.87
CA LEU C 329 36.10 -9.78 -29.85
C LEU C 329 36.96 -10.27 -30.99
N THR C 330 38.00 -11.03 -30.65
CA THR C 330 38.93 -11.59 -31.62
C THR C 330 38.76 -13.10 -31.69
N GLU C 331 39.43 -13.71 -32.68
CA GLU C 331 39.35 -15.17 -32.81
C GLU C 331 39.95 -15.86 -31.59
N GLU C 332 41.03 -15.30 -31.04
CA GLU C 332 41.62 -15.86 -29.82
C GLU C 332 40.61 -15.93 -28.70
N ASP C 333 39.84 -14.85 -28.51
CA ASP C 333 38.85 -14.82 -27.44
C ASP C 333 37.79 -15.89 -27.61
N VAL C 334 37.28 -16.07 -28.84
CA VAL C 334 36.24 -17.05 -29.09
C VAL C 334 36.78 -18.46 -28.87
N VAL C 335 38.00 -18.74 -29.36
CA VAL C 335 38.60 -20.06 -29.14
C VAL C 335 38.76 -20.33 -27.65
N ALA C 336 39.28 -19.34 -26.92
CA ALA C 336 39.49 -19.52 -25.49
C ALA C 336 38.17 -19.74 -24.76
N THR C 337 37.11 -19.05 -25.19
CA THR C 337 35.82 -19.18 -24.52
C THR C 337 35.19 -20.55 -24.80
N ILE C 338 35.29 -21.04 -26.03
CA ILE C 338 34.72 -22.34 -26.33
C ILE C 338 35.51 -23.44 -25.62
N GLU C 339 36.83 -23.32 -25.56
CA GLU C 339 37.62 -24.27 -24.78
C GLU C 339 37.28 -24.18 -23.29
N TYR C 340 36.99 -22.97 -22.80
CA TYR C 340 36.56 -22.80 -21.41
C TYR C 340 35.27 -23.55 -21.14
N LEU C 341 34.30 -23.41 -22.05
CA LEU C 341 33.03 -24.12 -21.91
C LEU C 341 33.25 -25.63 -21.94
N VAL C 342 34.09 -26.10 -22.88
CA VAL C 342 34.36 -27.53 -22.98
C VAL C 342 34.97 -28.07 -21.69
N ARG C 343 35.98 -27.38 -21.17
CA ARG C 343 36.63 -27.83 -19.94
C ARG C 343 35.72 -27.70 -18.73
N LEU C 344 34.81 -26.72 -18.74
CA LEU C 344 33.92 -26.53 -17.60
C LEU C 344 32.81 -27.59 -17.58
N HIS C 345 32.41 -28.09 -18.75
CA HIS C 345 31.44 -29.18 -18.75
C HIS C 345 31.98 -30.41 -18.03
N GLU C 346 33.26 -30.71 -18.24
CA GLU C 346 33.94 -31.72 -17.45
C GLU C 346 34.36 -31.12 -16.11
N GLY C 347 34.93 -31.97 -15.25
CA GLY C 347 35.33 -31.52 -13.93
C GLY C 347 36.65 -30.78 -13.90
N GLN C 348 37.11 -30.30 -15.06
CA GLN C 348 38.38 -29.59 -15.14
C GLN C 348 38.27 -28.26 -14.41
N THR C 349 39.18 -28.02 -13.47
CA THR C 349 39.18 -26.81 -12.66
C THR C 349 40.33 -25.87 -12.96
N THR C 350 41.32 -26.30 -13.75
CA THR C 350 42.44 -25.47 -14.14
C THR C 350 42.54 -25.46 -15.65
N MET C 351 43.21 -24.43 -16.19
CA MET C 351 43.36 -24.30 -17.63
C MET C 351 44.57 -23.44 -17.94
N THR C 352 45.14 -23.69 -19.12
CA THR C 352 46.08 -22.79 -19.76
C THR C 352 45.69 -22.65 -21.22
N VAL C 353 46.08 -21.52 -21.81
CA VAL C 353 45.79 -21.24 -23.22
C VAL C 353 47.12 -20.98 -23.90
N PRO C 354 47.16 -20.75 -25.23
CA PRO C 354 48.42 -20.30 -25.83
C PRO C 354 48.78 -18.91 -25.33
N GLY C 355 49.27 -18.85 -24.09
CA GLY C 355 49.49 -17.62 -23.37
C GLY C 355 48.73 -17.53 -22.06
N GLY C 356 47.66 -18.30 -21.89
CA GLY C 356 46.86 -18.23 -20.69
C GLY C 356 47.59 -18.82 -19.50
N VAL C 357 47.78 -18.02 -18.45
CA VAL C 357 48.59 -18.40 -17.30
C VAL C 357 47.66 -18.58 -16.11
N GLU C 358 47.40 -19.83 -15.75
CA GLU C 358 46.72 -20.18 -14.49
C GLU C 358 45.35 -19.50 -14.38
N VAL C 359 44.46 -19.92 -15.26
CA VAL C 359 43.09 -19.44 -15.28
C VAL C 359 42.18 -20.49 -14.65
N PRO C 360 41.52 -20.19 -13.53
CA PRO C 360 40.55 -21.15 -12.97
C PRO C 360 39.34 -21.29 -13.89
N VAL C 361 38.67 -22.44 -13.76
CA VAL C 361 37.52 -22.79 -14.58
C VAL C 361 36.31 -22.88 -13.66
N GLU C 362 35.51 -21.82 -13.62
CA GLU C 362 34.35 -21.75 -12.75
C GLU C 362 33.18 -21.14 -13.50
N THR C 363 32.03 -21.14 -12.83
CA THR C 363 30.88 -20.35 -13.24
C THR C 363 30.89 -19.03 -12.48
N ASP C 364 30.26 -18.01 -13.08
CA ASP C 364 30.35 -16.64 -12.59
C ASP C 364 29.10 -16.24 -11.83
N ASP C 365 29.30 -15.51 -10.74
CA ASP C 365 28.21 -14.98 -9.92
C ASP C 365 27.78 -13.63 -10.50
N ILE C 366 26.53 -13.56 -10.97
CA ILE C 366 26.05 -12.34 -11.61
C ILE C 366 25.80 -11.25 -10.58
N ASP C 367 25.52 -11.61 -9.33
CA ASP C 367 25.25 -10.63 -8.29
C ASP C 367 26.50 -10.10 -7.62
N HIS C 368 27.68 -10.65 -7.94
CA HIS C 368 28.90 -10.22 -7.29
C HIS C 368 29.30 -8.83 -7.77
N PHE C 369 29.79 -8.01 -6.84
CA PHE C 369 30.15 -6.63 -7.15
C PHE C 369 31.49 -6.50 -7.88
N GLY C 370 32.05 -7.60 -8.36
CA GLY C 370 33.20 -7.55 -9.23
C GLY C 370 32.79 -7.74 -10.67
N ASN C 371 31.63 -8.36 -10.87
CA ASN C 371 31.02 -8.50 -12.18
C ASN C 371 29.84 -7.56 -12.38
N ARG C 372 29.45 -6.82 -11.34
CA ARG C 372 28.31 -5.91 -11.39
C ARG C 372 28.86 -4.50 -11.18
N ARG C 373 28.79 -3.68 -12.22
CA ARG C 373 29.41 -2.35 -12.21
C ARG C 373 28.34 -1.27 -12.14
N LEU C 374 28.80 -0.03 -11.99
CA LEU C 374 27.96 1.15 -11.87
C LEU C 374 28.12 2.02 -13.11
N ARG C 375 27.00 2.48 -13.64
CA ARG C 375 26.98 3.53 -14.66
C ARG C 375 26.52 4.80 -13.94
N THR C 376 27.47 5.69 -13.66
CA THR C 376 27.15 6.96 -13.02
C THR C 376 26.57 7.92 -14.04
N VAL C 377 26.30 9.15 -13.58
CA VAL C 377 25.63 10.14 -14.43
C VAL C 377 26.50 10.45 -15.66
N GLY C 378 27.81 10.47 -15.49
CA GLY C 378 28.69 10.75 -16.61
C GLY C 378 28.51 9.75 -17.75
N GLU C 379 28.56 8.45 -17.42
CA GLU C 379 28.42 7.43 -18.46
C GLU C 379 26.99 7.41 -19.02
N LEU C 380 25.99 7.62 -18.16
CA LEU C 380 24.62 7.64 -18.63
C LEU C 380 24.42 8.75 -19.66
N ILE C 381 25.01 9.92 -19.43
CA ILE C 381 24.90 11.00 -20.41
C ILE C 381 25.75 10.72 -21.64
N GLN C 382 26.93 10.12 -21.42
CA GLN C 382 27.83 9.82 -22.54
C GLN C 382 27.18 8.88 -23.55
N ASN C 383 26.37 7.93 -23.07
CA ASN C 383 25.73 7.01 -24.01
C ASN C 383 24.71 7.73 -24.89
N GLN C 384 23.90 8.62 -24.30
CA GLN C 384 22.94 9.38 -25.09
C GLN C 384 23.65 10.32 -26.06
N ILE C 385 24.77 10.89 -25.64
CA ILE C 385 25.56 11.72 -26.55
C ILE C 385 26.09 10.87 -27.70
N ARG C 386 26.52 9.64 -27.41
CA ARG C 386 26.99 8.75 -28.47
C ARG C 386 25.89 8.48 -29.48
N VAL C 387 24.66 8.26 -29.01
CA VAL C 387 23.54 8.04 -29.91
C VAL C 387 23.31 9.26 -30.80
N GLY C 388 23.21 10.44 -30.18
CA GLY C 388 23.01 11.65 -30.96
C GLY C 388 24.12 11.89 -31.96
N MET C 389 25.36 11.58 -31.58
CA MET C 389 26.50 11.79 -32.46
C MET C 389 26.47 10.82 -33.64
N SER C 390 26.07 9.57 -33.42
CA SER C 390 25.97 8.63 -34.53
C SER C 390 24.88 9.07 -35.51
N ARG C 391 23.76 9.58 -35.00
CA ARG C 391 22.72 10.07 -35.91
C ARG C 391 23.19 11.32 -36.67
N MET C 392 23.89 12.22 -35.99
CA MET C 392 24.46 13.39 -36.66
C MET C 392 25.47 12.98 -37.72
N GLU C 393 26.25 11.92 -37.46
CA GLU C 393 27.21 11.43 -38.44
C GLU C 393 26.52 10.86 -39.66
N ARG C 394 25.41 10.14 -39.45
CA ARG C 394 24.60 9.69 -40.58
C ARG C 394 24.16 10.88 -41.43
N VAL C 395 23.65 11.93 -40.78
CA VAL C 395 23.22 13.12 -41.53
C VAL C 395 24.40 13.76 -42.26
N VAL C 396 25.57 13.80 -41.62
CA VAL C 396 26.76 14.42 -42.21
C VAL C 396 27.19 13.67 -43.46
N ARG C 397 27.24 12.34 -43.37
CA ARG C 397 27.62 11.55 -44.54
C ARG C 397 26.59 11.67 -45.65
N GLU C 398 25.31 11.76 -45.31
CA GLU C 398 24.28 11.90 -46.33
C GLU C 398 24.33 13.27 -46.98
N ARG C 399 24.84 14.29 -46.29
CA ARG C 399 24.98 15.61 -46.87
C ARG C 399 26.30 15.81 -47.62
N MET C 400 27.33 15.03 -47.28
CA MET C 400 28.63 15.19 -47.94
C MET C 400 28.55 14.84 -49.43
N THR C 401 27.85 13.75 -49.75
CA THR C 401 27.76 13.32 -51.15
C THR C 401 26.99 14.33 -52.00
N THR C 402 25.89 14.87 -51.46
CA THR C 402 24.95 15.62 -52.29
C THR C 402 25.50 16.97 -52.73
N GLN C 403 26.31 17.60 -51.89
CA GLN C 403 26.77 18.97 -52.15
C GLN C 403 28.16 18.95 -52.78
N ASP C 404 28.56 20.13 -53.27
CA ASP C 404 29.81 20.30 -54.00
C ASP C 404 30.87 20.92 -53.10
N VAL C 405 32.14 20.54 -53.36
CA VAL C 405 33.27 21.02 -52.57
C VAL C 405 33.32 22.55 -52.52
N GLU C 406 32.85 23.20 -53.58
CA GLU C 406 32.84 24.67 -53.62
C GLU C 406 31.98 25.27 -52.52
N ALA C 407 31.03 24.51 -51.96
CA ALA C 407 30.01 25.06 -51.07
C ALA C 407 29.99 24.47 -49.67
N ILE C 408 30.40 23.19 -49.49
CA ILE C 408 30.27 22.58 -48.17
C ILE C 408 31.21 23.26 -47.18
N THR C 409 30.84 23.16 -45.91
CA THR C 409 31.62 23.75 -44.82
C THR C 409 31.27 23.02 -43.54
N PRO C 410 32.16 23.00 -42.54
CA PRO C 410 31.83 22.35 -41.26
C PRO C 410 30.52 22.81 -40.66
N GLN C 411 30.02 23.98 -41.07
CA GLN C 411 28.77 24.48 -40.51
C GLN C 411 27.55 23.89 -41.22
N THR C 412 27.64 23.62 -42.52
CA THR C 412 26.50 23.15 -43.30
C THR C 412 26.29 21.65 -43.22
N LEU C 413 27.35 20.88 -43.01
CA LEU C 413 27.19 19.43 -42.86
C LEU C 413 26.54 19.07 -41.54
N ILE C 414 26.80 19.84 -40.49
CA ILE C 414 26.42 19.46 -39.13
C ILE C 414 24.98 19.86 -38.86
N ASN C 415 24.19 18.91 -38.37
CA ASN C 415 22.82 19.14 -37.92
C ASN C 415 22.76 18.75 -36.45
N ILE C 416 22.69 19.76 -35.57
CA ILE C 416 22.75 19.49 -34.13
C ILE C 416 21.43 19.01 -33.54
N ARG C 417 20.36 19.02 -34.32
CA ARG C 417 19.04 18.69 -33.78
C ARG C 417 18.98 17.31 -33.13
N PRO C 418 19.55 16.23 -33.69
CA PRO C 418 19.44 14.93 -33.01
C PRO C 418 20.15 14.87 -31.66
N VAL C 419 21.30 15.54 -31.52
CA VAL C 419 22.01 15.50 -30.23
C VAL C 419 21.20 16.20 -29.16
N VAL C 420 20.71 17.41 -29.46
CA VAL C 420 19.85 18.13 -28.53
C VAL C 420 18.63 17.29 -28.18
N ALA C 421 18.02 16.66 -29.19
CA ALA C 421 16.83 15.84 -28.94
C ALA C 421 17.15 14.67 -28.03
N ALA C 422 18.32 14.05 -28.21
CA ALA C 422 18.69 12.92 -27.37
C ALA C 422 18.91 13.35 -25.92
N ILE C 423 19.61 14.46 -25.71
CA ILE C 423 19.85 14.92 -24.34
C ILE C 423 18.53 15.30 -23.67
N LYS C 424 17.68 16.03 -24.40
CA LYS C 424 16.38 16.41 -23.86
C LYS C 424 15.56 15.18 -23.50
N GLU C 425 15.52 14.20 -24.41
CA GLU C 425 14.71 13.01 -24.16
C GLU C 425 15.25 12.19 -23.00
N PHE C 426 16.58 12.13 -22.86
CA PHE C 426 17.15 11.45 -21.70
C PHE C 426 16.70 12.11 -20.40
N PHE C 427 17.01 13.40 -20.25
CA PHE C 427 16.66 14.07 -18.99
C PHE C 427 15.16 14.15 -18.77
N GLY C 428 14.34 13.96 -19.80
CA GLY C 428 12.91 14.12 -19.61
C GLY C 428 12.10 12.85 -19.57
N THR C 429 12.70 11.72 -19.96
CA THR C 429 11.95 10.47 -20.01
C THR C 429 12.72 9.26 -19.48
N SER C 430 13.95 9.43 -18.99
CA SER C 430 14.69 8.30 -18.44
C SER C 430 14.26 8.02 -17.01
N GLN C 431 14.25 6.73 -16.66
CA GLN C 431 13.95 6.33 -15.29
C GLN C 431 15.05 6.72 -14.32
N LEU C 432 16.25 7.02 -14.82
CA LEU C 432 17.38 7.39 -13.98
C LEU C 432 17.47 8.89 -13.71
N SER C 433 16.72 9.71 -14.45
CA SER C 433 16.58 11.13 -14.14
C SER C 433 15.32 11.30 -13.32
N GLN C 434 15.48 11.53 -12.02
CA GLN C 434 14.37 11.48 -11.09
C GLN C 434 14.17 12.81 -10.38
N PHE C 435 12.91 13.17 -10.22
CA PHE C 435 12.46 14.25 -9.35
C PHE C 435 13.12 14.13 -7.98
N MET C 436 13.92 15.13 -7.62
CA MET C 436 14.74 15.03 -6.42
C MET C 436 13.90 14.98 -5.16
N ASP C 437 14.24 14.05 -4.27
CA ASP C 437 13.58 13.93 -2.97
C ASP C 437 14.12 15.02 -2.05
N GLN C 438 13.30 16.04 -1.78
CA GLN C 438 13.74 17.23 -1.06
C GLN C 438 12.90 17.48 0.20
N ASN C 439 12.52 16.41 0.91
CA ASN C 439 11.88 16.59 2.20
C ASN C 439 12.78 17.33 3.16
N ASN C 440 14.03 16.91 3.26
CA ASN C 440 15.03 17.55 4.11
C ASN C 440 16.38 17.30 3.47
N PRO C 441 17.45 17.94 3.97
CA PRO C 441 18.77 17.72 3.37
C PRO C 441 19.19 16.26 3.29
N LEU C 442 18.87 15.46 4.31
CA LEU C 442 19.31 14.06 4.31
C LEU C 442 18.69 13.29 3.15
N SER C 443 17.41 13.53 2.87
CA SER C 443 16.74 12.80 1.79
C SER C 443 17.44 13.04 0.46
N GLY C 444 17.70 14.29 0.12
CA GLY C 444 18.41 14.59 -1.11
C GLY C 444 19.83 14.03 -1.11
N LEU C 445 20.51 14.11 0.04
CA LEU C 445 21.87 13.59 0.13
C LEU C 445 21.91 12.10 -0.21
N THR C 446 21.06 11.30 0.43
CA THR C 446 21.03 9.88 0.10
C THR C 446 20.51 9.64 -1.30
N HIS C 447 19.62 10.51 -1.80
CA HIS C 447 19.10 10.34 -3.15
C HIS C 447 20.22 10.42 -4.18
N LYS C 448 21.17 11.34 -3.98
CA LYS C 448 22.30 11.42 -4.90
C LYS C 448 23.24 10.23 -4.78
N ARG C 449 23.21 9.51 -3.66
CA ARG C 449 24.04 8.34 -3.46
C ARG C 449 23.28 7.04 -3.70
N ARG C 450 22.06 7.10 -4.21
CA ARG C 450 21.27 5.92 -4.49
C ARG C 450 21.92 5.09 -5.59
N LEU C 451 21.59 3.80 -5.59
CA LEU C 451 22.08 2.83 -6.57
C LEU C 451 20.90 2.01 -7.05
N SER C 452 20.44 2.26 -8.26
CA SER C 452 19.23 1.63 -8.79
C SER C 452 19.58 0.50 -9.74
N ALA C 453 18.86 -0.62 -9.61
CA ALA C 453 19.12 -1.79 -10.44
C ALA C 453 18.32 -1.80 -11.73
N LEU C 454 17.18 -1.13 -11.78
CA LEU C 454 16.32 -1.15 -12.95
C LEU C 454 16.67 0.00 -13.90
N GLY C 455 16.20 -0.14 -15.14
CA GLY C 455 16.37 0.89 -16.13
C GLY C 455 16.70 0.34 -17.50
N PRO C 456 17.04 1.24 -18.43
CA PRO C 456 17.51 0.80 -19.76
C PRO C 456 18.91 0.21 -19.65
N GLY C 457 19.04 -1.05 -20.04
CA GLY C 457 20.29 -1.78 -19.92
C GLY C 457 20.36 -2.65 -18.68
N GLY C 458 19.71 -2.24 -17.59
CA GLY C 458 19.59 -3.06 -16.40
C GLY C 458 18.51 -4.11 -16.58
N LEU C 459 18.05 -4.65 -15.46
CA LEU C 459 17.03 -5.69 -15.54
C LEU C 459 15.63 -5.08 -15.47
N SER C 460 14.66 -5.86 -15.93
CA SER C 460 13.26 -5.46 -15.90
C SER C 460 12.68 -5.73 -14.52
N ARG C 461 11.56 -5.05 -14.24
CA ARG C 461 10.84 -5.30 -13.00
C ARG C 461 10.29 -6.72 -12.96
N GLU C 462 9.90 -7.26 -14.10
CA GLU C 462 9.37 -8.60 -14.21
C GLU C 462 10.45 -9.67 -14.20
N ARG C 463 11.73 -9.27 -14.19
CA ARG C 463 12.84 -10.19 -14.06
C ARG C 463 13.60 -10.01 -12.76
N ALA C 464 13.07 -9.21 -11.84
CA ALA C 464 13.72 -8.92 -10.56
C ALA C 464 13.39 -10.02 -9.58
N GLY C 465 14.10 -11.15 -9.73
CA GLY C 465 13.91 -12.27 -8.84
C GLY C 465 14.39 -11.97 -7.43
N LEU C 466 14.28 -12.98 -6.58
CA LEU C 466 14.70 -12.80 -5.20
C LEU C 466 16.22 -12.76 -5.07
N GLU C 467 16.94 -13.39 -6.00
CA GLU C 467 18.39 -13.43 -5.89
C GLU C 467 19.02 -12.06 -6.12
N VAL C 468 18.35 -11.18 -6.86
CA VAL C 468 18.89 -9.84 -7.06
C VAL C 468 18.77 -9.02 -5.79
N ARG C 469 17.76 -9.30 -4.96
CA ARG C 469 17.35 -8.35 -3.94
C ARG C 469 18.05 -8.55 -2.60
N ASP C 470 18.55 -9.73 -2.31
CA ASP C 470 19.09 -9.98 -0.97
C ASP C 470 20.54 -9.55 -0.87
N VAL C 471 21.01 -9.41 0.37
CA VAL C 471 22.36 -8.94 0.64
C VAL C 471 23.37 -9.91 0.09
N HIS C 472 24.27 -9.42 -0.70
CA HIS C 472 25.38 -10.21 -1.18
C HIS C 472 26.61 -9.96 -0.32
N PRO C 473 27.45 -10.96 -0.09
CA PRO C 473 28.65 -10.73 0.73
C PRO C 473 29.62 -9.73 0.13
N SER C 474 29.62 -9.56 -1.20
CA SER C 474 30.51 -8.58 -1.82
C SER C 474 30.07 -7.15 -1.57
N HIS C 475 28.90 -6.93 -0.97
CA HIS C 475 28.41 -5.59 -0.70
C HIS C 475 29.06 -4.95 0.52
N TYR C 476 29.92 -5.66 1.23
CA TYR C 476 30.46 -5.14 2.49
C TYR C 476 31.40 -3.98 2.19
N GLY C 477 31.05 -2.80 2.69
CA GLY C 477 31.83 -1.60 2.48
C GLY C 477 31.55 -0.88 1.18
N ARG C 478 30.62 -1.38 0.36
CA ARG C 478 30.26 -0.75 -0.90
C ARG C 478 28.81 -0.29 -0.91
N MET C 479 27.86 -1.19 -0.67
CA MET C 479 26.44 -0.87 -0.67
C MET C 479 25.84 -1.26 0.67
N CYS C 480 25.15 -0.32 1.30
CA CYS C 480 24.64 -0.55 2.64
C CYS C 480 23.59 -1.68 2.62
N PRO C 481 23.62 -2.59 3.61
CA PRO C 481 22.64 -3.67 3.65
C PRO C 481 21.34 -3.32 4.34
N ILE C 482 21.24 -2.15 4.96
CA ILE C 482 20.09 -1.78 5.77
C ILE C 482 19.15 -0.82 5.02
N GLU C 483 19.70 0.23 4.44
CA GLU C 483 18.88 1.26 3.80
C GLU C 483 18.43 0.77 2.43
N THR C 484 17.15 0.40 2.33
CA THR C 484 16.57 -0.13 1.11
C THR C 484 15.06 -0.08 1.26
N PRO C 485 14.31 0.06 0.17
CA PRO C 485 12.86 0.25 0.29
C PRO C 485 12.18 -0.89 1.03
N GLU C 486 11.16 -0.54 1.79
CA GLU C 486 10.37 -1.51 2.53
C GLU C 486 9.29 -2.16 1.68
N GLY C 487 9.00 -1.62 0.50
CA GLY C 487 7.90 -2.08 -0.31
C GLY C 487 8.34 -2.88 -1.52
N PRO C 488 7.74 -2.58 -2.68
CA PRO C 488 8.03 -3.39 -3.88
C PRO C 488 9.43 -3.17 -4.45
N ASN C 489 10.14 -2.11 -4.04
CA ASN C 489 11.48 -1.85 -4.54
C ASN C 489 12.57 -2.39 -3.62
N ILE C 490 12.22 -3.31 -2.72
CA ILE C 490 13.19 -3.83 -1.77
C ILE C 490 14.30 -4.55 -2.52
N GLY C 491 15.55 -4.27 -2.12
CA GLY C 491 16.70 -4.87 -2.76
C GLY C 491 17.04 -4.34 -4.14
N LEU C 492 16.17 -3.52 -4.73
CA LEU C 492 16.44 -2.93 -6.04
C LEU C 492 17.05 -1.54 -5.96
N ILE C 493 16.99 -0.90 -4.80
CA ILE C 493 17.51 0.46 -4.61
C ILE C 493 18.39 0.41 -3.37
N GLY C 494 19.70 0.44 -3.56
CA GLY C 494 20.63 0.54 -2.46
C GLY C 494 21.17 1.95 -2.32
N SER C 495 22.12 2.10 -1.40
CA SER C 495 22.81 3.37 -1.25
C SER C 495 24.28 3.12 -0.97
N LEU C 496 25.14 3.92 -1.60
CA LEU C 496 26.58 3.76 -1.48
C LEU C 496 27.00 3.90 -0.02
N SER C 497 27.94 3.06 0.40
CA SER C 497 28.45 3.13 1.76
C SER C 497 29.28 4.41 1.95
N VAL C 498 29.61 4.68 3.21
CA VAL C 498 30.23 5.96 3.56
C VAL C 498 31.57 6.13 2.83
N TYR C 499 32.51 5.22 3.09
CA TYR C 499 33.85 5.36 2.55
C TYR C 499 34.00 4.82 1.13
N ALA C 500 32.90 4.38 0.51
CA ALA C 500 33.00 3.75 -0.80
C ALA C 500 33.25 4.79 -1.89
N ARG C 501 33.74 4.29 -3.03
CA ARG C 501 34.21 5.12 -4.13
C ARG C 501 34.09 4.32 -5.42
N VAL C 502 33.77 5.02 -6.51
CA VAL C 502 33.53 4.36 -7.80
C VAL C 502 34.81 4.37 -8.62
N ASN C 503 35.06 3.27 -9.32
CA ASN C 503 36.22 3.08 -10.17
C ASN C 503 36.06 3.81 -11.48
N PRO C 504 37.17 4.08 -12.18
CA PRO C 504 37.07 4.48 -13.59
C PRO C 504 36.43 3.40 -14.44
N PHE C 505 36.66 2.12 -14.11
CA PHE C 505 35.98 1.02 -14.80
C PHE C 505 34.50 0.96 -14.46
N GLY C 506 34.08 1.60 -13.37
CA GLY C 506 32.71 1.53 -12.93
C GLY C 506 32.46 0.58 -11.76
N PHE C 507 33.51 0.12 -11.10
CA PHE C 507 33.38 -0.76 -9.95
C PHE C 507 33.49 0.04 -8.66
N ILE C 508 32.98 -0.54 -7.58
CA ILE C 508 32.95 0.13 -6.28
C ILE C 508 34.14 -0.37 -5.46
N GLU C 509 34.96 0.56 -5.00
CA GLU C 509 36.13 0.26 -4.18
C GLU C 509 35.90 0.78 -2.77
N THR C 510 36.45 0.06 -1.80
CA THR C 510 36.43 0.51 -0.41
C THR C 510 37.84 0.46 0.16
N PRO C 511 38.16 1.37 1.10
CA PRO C 511 39.53 1.47 1.60
C PRO C 511 39.81 0.54 2.77
N TYR C 512 41.03 -0.01 2.78
CA TYR C 512 41.49 -0.87 3.85
C TYR C 512 42.90 -0.45 4.26
N ARG C 513 43.18 -0.53 5.55
CA ARG C 513 44.54 -0.30 6.04
C ARG C 513 45.40 -1.52 5.73
N LYS C 514 46.63 -1.25 5.29
CA LYS C 514 47.55 -2.31 4.90
C LYS C 514 48.29 -2.84 6.13
N VAL C 515 48.49 -4.16 6.16
CA VAL C 515 49.17 -4.84 7.26
C VAL C 515 50.42 -5.52 6.72
N VAL C 516 51.52 -5.38 7.45
CA VAL C 516 52.79 -6.00 7.10
C VAL C 516 53.37 -6.63 8.36
N ASP C 517 53.46 -7.96 8.38
CA ASP C 517 54.03 -8.71 9.50
C ASP C 517 53.34 -8.35 10.82
N GLY C 518 52.01 -8.47 10.84
CA GLY C 518 51.26 -8.25 12.05
C GLY C 518 51.25 -6.83 12.57
N VAL C 519 51.70 -5.86 11.78
CA VAL C 519 51.69 -4.45 12.17
C VAL C 519 50.75 -3.70 11.24
N VAL C 520 49.69 -3.14 11.81
CA VAL C 520 48.69 -2.41 11.03
C VAL C 520 49.21 -0.99 10.78
N SER C 521 49.58 -0.70 9.54
CA SER C 521 50.13 0.60 9.20
C SER C 521 49.01 1.61 8.95
N ASP C 522 49.41 2.83 8.59
CA ASP C 522 48.47 3.87 8.18
C ASP C 522 48.44 4.04 6.66
N GLU C 523 48.94 3.06 5.91
CA GLU C 523 48.86 3.09 4.46
C GLU C 523 47.50 2.55 4.01
N ILE C 524 46.72 3.39 3.34
CA ILE C 524 45.36 3.05 2.92
C ILE C 524 45.38 2.62 1.46
N VAL C 525 44.67 1.53 1.16
CA VAL C 525 44.57 1.00 -0.19
C VAL C 525 43.10 0.74 -0.52
N TYR C 526 42.64 1.28 -1.64
CA TYR C 526 41.26 1.06 -2.08
C TYR C 526 41.18 -0.21 -2.92
N LEU C 527 40.25 -1.09 -2.56
CA LEU C 527 40.14 -2.40 -3.20
C LEU C 527 38.76 -2.61 -3.78
N THR C 528 38.72 -3.31 -4.91
CA THR C 528 37.49 -3.82 -5.51
C THR C 528 37.17 -5.20 -4.93
N ALA C 529 35.92 -5.60 -5.09
CA ALA C 529 35.49 -6.91 -4.58
C ALA C 529 36.35 -8.03 -5.16
N ASP C 530 36.69 -7.94 -6.44
CA ASP C 530 37.64 -8.87 -7.05
C ASP C 530 38.91 -8.97 -6.22
N GLU C 531 39.60 -7.84 -6.06
CA GLU C 531 40.84 -7.82 -5.31
C GLU C 531 40.63 -8.20 -3.85
N GLU C 532 39.48 -7.85 -3.28
CA GLU C 532 39.22 -8.15 -1.88
C GLU C 532 39.11 -9.65 -1.65
N ASP C 533 38.54 -10.38 -2.61
CA ASP C 533 38.38 -11.82 -2.46
C ASP C 533 39.70 -12.59 -2.48
N ARG C 534 40.84 -11.91 -2.68
CA ARG C 534 42.13 -12.58 -2.69
C ARG C 534 42.84 -12.52 -1.34
N HIS C 535 42.76 -11.38 -0.65
CA HIS C 535 43.54 -11.15 0.55
C HIS C 535 42.71 -11.49 1.79
N VAL C 536 43.26 -11.16 2.96
CA VAL C 536 42.66 -11.49 4.25
C VAL C 536 42.36 -10.17 4.96
N VAL C 537 41.07 -9.87 5.15
CA VAL C 537 40.64 -8.58 5.69
C VAL C 537 40.07 -8.79 7.09
N ALA C 538 40.69 -8.15 8.07
CA ALA C 538 40.28 -8.26 9.47
C ALA C 538 39.14 -7.28 9.75
N GLN C 539 38.86 -7.06 11.03
CA GLN C 539 37.85 -6.11 11.48
C GLN C 539 38.49 -4.88 12.09
N ALA C 540 37.69 -3.83 12.24
CA ALA C 540 38.19 -2.60 12.87
C ALA C 540 38.31 -2.78 14.37
N ASN C 541 37.42 -3.58 14.98
CA ASN C 541 37.49 -3.88 16.41
C ASN C 541 38.49 -5.02 16.64
N SER C 542 39.77 -4.67 16.50
CA SER C 542 40.85 -5.61 16.70
C SER C 542 41.93 -4.87 17.48
N PRO C 543 42.47 -5.47 18.55
CA PRO C 543 43.44 -4.75 19.39
C PRO C 543 44.74 -4.48 18.63
N ILE C 544 45.33 -3.34 18.96
CA ILE C 544 46.52 -2.85 18.26
C ILE C 544 47.49 -2.27 19.29
N ASP C 545 48.78 -2.59 19.12
CA ASP C 545 49.83 -2.04 19.96
C ASP C 545 49.96 -0.53 19.73
N ALA C 546 50.62 0.15 20.69
CA ALA C 546 50.89 1.57 20.54
C ALA C 546 51.72 1.88 19.30
N ASP C 547 52.46 0.90 18.78
CA ASP C 547 53.22 1.07 17.55
C ASP C 547 52.40 0.73 16.31
N GLY C 548 51.38 -0.11 16.43
CA GLY C 548 50.57 -0.51 15.30
C GLY C 548 50.50 -2.01 15.12
N ARG C 549 50.93 -2.76 16.12
CA ARG C 549 51.05 -4.20 16.04
C ARG C 549 49.83 -4.89 16.67
N PHE C 550 49.48 -6.06 16.15
CA PHE C 550 48.39 -6.83 16.70
C PHE C 550 48.70 -7.29 18.12
N VAL C 551 47.65 -7.43 18.93
CA VAL C 551 47.80 -7.88 20.31
C VAL C 551 47.33 -9.30 20.52
N GLU C 552 46.33 -9.77 19.79
CA GLU C 552 45.86 -11.14 19.89
C GLU C 552 46.77 -12.09 19.10
N PRO C 553 46.81 -13.37 19.49
CA PRO C 553 47.54 -14.34 18.66
C PRO C 553 46.88 -14.60 17.32
N ARG C 554 45.55 -14.58 17.27
CA ARG C 554 44.82 -14.73 16.02
C ARG C 554 43.65 -13.75 15.99
N VAL C 555 43.34 -13.25 14.80
CA VAL C 555 42.34 -12.22 14.60
C VAL C 555 41.21 -12.77 13.74
N LEU C 556 40.02 -12.19 13.93
CA LEU C 556 38.87 -12.49 13.08
C LEU C 556 39.08 -11.92 11.69
N VAL C 557 38.82 -12.74 10.67
CA VAL C 557 39.13 -12.37 9.29
C VAL C 557 38.02 -12.85 8.37
N ARG C 558 37.89 -12.15 7.23
CA ARG C 558 36.91 -12.45 6.19
C ARG C 558 37.63 -13.03 4.98
N ARG C 559 37.18 -14.20 4.53
CA ARG C 559 37.82 -14.95 3.47
C ARG C 559 37.07 -14.76 2.15
N LYS C 560 37.47 -15.54 1.14
CA LYS C 560 37.01 -15.30 -0.23
C LYS C 560 35.51 -15.51 -0.38
N ALA C 561 35.02 -16.67 0.05
CA ALA C 561 33.61 -17.00 -0.14
C ALA C 561 32.67 -16.11 0.67
N GLY C 562 33.19 -15.10 1.37
CA GLY C 562 32.40 -14.31 2.28
C GLY C 562 32.35 -14.86 3.68
N GLU C 563 32.95 -16.03 3.93
CA GLU C 563 32.94 -16.64 5.25
C GLU C 563 33.98 -15.98 6.15
N VAL C 564 33.91 -16.30 7.44
CA VAL C 564 34.77 -15.70 8.44
C VAL C 564 35.44 -16.79 9.26
N GLU C 565 36.64 -16.49 9.75
CA GLU C 565 37.41 -17.45 10.53
C GLU C 565 38.37 -16.69 11.44
N TYR C 566 39.21 -17.44 12.15
CA TYR C 566 40.28 -16.88 12.97
C TYR C 566 41.61 -17.31 12.39
N VAL C 567 42.50 -16.35 12.18
CA VAL C 567 43.77 -16.61 11.52
C VAL C 567 44.88 -15.90 12.27
N PRO C 568 46.05 -16.51 12.45
CA PRO C 568 47.14 -15.83 13.17
C PRO C 568 47.53 -14.52 12.50
N SER C 569 48.03 -13.59 13.33
CA SER C 569 48.29 -12.22 12.87
C SER C 569 49.35 -12.15 11.78
N SER C 570 50.19 -13.18 11.64
CA SER C 570 51.19 -13.16 10.58
C SER C 570 50.60 -13.38 9.19
N GLU C 571 49.27 -13.58 9.10
CA GLU C 571 48.64 -13.95 7.84
C GLU C 571 47.57 -12.97 7.39
N VAL C 572 47.31 -11.91 8.15
CA VAL C 572 46.29 -10.92 7.80
C VAL C 572 46.93 -9.84 6.93
N ASP C 573 46.20 -9.41 5.90
CA ASP C 573 46.70 -8.44 4.93
C ASP C 573 46.13 -7.04 5.12
N TYR C 574 44.83 -6.92 5.36
CA TYR C 574 44.15 -5.63 5.39
C TYR C 574 43.20 -5.58 6.57
N MET C 575 42.83 -4.36 6.95
CA MET C 575 41.98 -4.11 8.10
C MET C 575 40.95 -3.04 7.77
N ASP C 576 39.75 -3.19 8.31
CA ASP C 576 38.70 -2.20 8.13
C ASP C 576 39.13 -0.84 8.67
N VAL C 577 38.84 0.21 7.90
CA VAL C 577 39.23 1.55 8.33
C VAL C 577 38.33 2.03 9.46
N SER C 578 37.07 1.59 9.49
CA SER C 578 36.11 2.06 10.47
C SER C 578 35.06 0.99 10.69
N PRO C 579 34.51 0.89 11.90
CA PRO C 579 33.36 0.00 12.10
C PRO C 579 32.15 0.39 11.25
N ARG C 580 31.98 1.68 10.98
CA ARG C 580 30.91 2.25 10.16
C ARG C 580 31.06 1.96 8.68
N GLN C 581 32.07 1.18 8.31
CA GLN C 581 32.45 1.02 6.91
C GLN C 581 31.32 0.45 6.06
N MET C 582 30.47 -0.40 6.63
CA MET C 582 29.49 -1.13 5.85
C MET C 582 28.15 -0.41 5.72
N VAL C 583 27.93 0.68 6.45
CA VAL C 583 26.64 1.33 6.49
C VAL C 583 26.66 2.58 5.63
N SER C 584 25.47 3.11 5.33
CA SER C 584 25.33 4.35 4.59
C SER C 584 25.25 5.52 5.55
N VAL C 585 25.03 6.72 5.00
CA VAL C 585 24.98 7.93 5.82
C VAL C 585 23.78 7.88 6.77
N ALA C 586 22.57 7.77 6.20
CA ALA C 586 21.37 7.75 7.02
C ALA C 586 21.45 6.67 8.09
N THR C 587 21.91 5.47 7.71
CA THR C 587 22.04 4.38 8.67
C THR C 587 23.04 4.72 9.78
N ALA C 588 24.16 5.35 9.42
CA ALA C 588 25.18 5.72 10.39
C ALA C 588 24.71 6.79 11.37
N MET C 589 23.48 7.28 11.24
CA MET C 589 22.96 8.31 12.12
C MET C 589 22.02 7.76 13.19
N ILE C 590 21.95 6.44 13.34
CA ILE C 590 21.06 5.79 14.29
C ILE C 590 21.89 5.45 15.54
N PRO C 591 21.67 6.14 16.66
CA PRO C 591 22.40 5.78 17.89
C PRO C 591 22.04 4.37 18.34
N PHE C 592 23.05 3.64 18.81
CA PHE C 592 22.87 2.26 19.28
C PHE C 592 22.27 1.39 18.19
N LEU C 593 22.77 1.54 16.96
CA LEU C 593 22.28 0.72 15.86
C LEU C 593 22.46 -0.75 16.14
N GLU C 594 23.58 -1.13 16.76
CA GLU C 594 23.89 -2.53 17.02
C GLU C 594 22.87 -3.20 17.93
N HIS C 595 22.08 -2.42 18.67
CA HIS C 595 21.04 -2.96 19.53
C HIS C 595 19.68 -3.02 18.85
N ASP C 596 19.62 -2.86 17.52
CA ASP C 596 18.37 -2.84 16.77
C ASP C 596 18.35 -3.98 15.75
N ASP C 597 17.17 -4.58 15.57
CA ASP C 597 17.00 -5.57 14.53
C ASP C 597 16.92 -4.90 13.17
N ALA C 598 17.30 -5.65 12.13
CA ALA C 598 17.54 -5.04 10.81
C ALA C 598 16.27 -4.43 10.21
N ASN C 599 15.10 -4.99 10.50
CA ASN C 599 13.87 -4.44 9.94
C ASN C 599 13.56 -3.07 10.54
N ARG C 600 13.63 -2.96 11.86
CA ARG C 600 13.39 -1.68 12.51
C ARG C 600 14.49 -0.67 12.18
N ALA C 601 15.73 -1.13 11.99
CA ALA C 601 16.80 -0.23 11.57
C ALA C 601 16.55 0.31 10.17
N LEU C 602 16.11 -0.56 9.25
CA LEU C 602 15.73 -0.10 7.92
C LEU C 602 14.61 0.92 8.00
N MET C 603 13.61 0.66 8.83
CA MET C 603 12.49 1.59 8.95
C MET C 603 12.95 2.95 9.48
N GLY C 604 13.89 2.93 10.44
CA GLY C 604 14.43 4.19 10.94
C GLY C 604 15.23 4.94 9.90
N ALA C 605 16.06 4.22 9.14
CA ALA C 605 16.82 4.86 8.07
C ALA C 605 15.89 5.50 7.05
N ASN C 606 14.80 4.81 6.69
CA ASN C 606 13.87 5.38 5.72
C ASN C 606 13.12 6.58 6.30
N MET C 607 12.71 6.51 7.56
CA MET C 607 11.90 7.59 8.12
C MET C 607 12.74 8.81 8.49
N GLN C 608 14.05 8.67 8.62
CA GLN C 608 14.87 9.87 8.75
C GLN C 608 14.79 10.71 7.48
N ARG C 609 14.66 10.07 6.32
CA ARG C 609 14.51 10.78 5.06
C ARG C 609 13.10 11.31 4.85
N GLN C 610 12.21 11.16 5.82
CA GLN C 610 10.84 11.65 5.71
C GLN C 610 10.50 12.70 6.75
N ALA C 611 11.45 13.10 7.59
CA ALA C 611 11.18 14.13 8.58
C ALA C 611 11.08 15.49 7.90
N VAL C 612 10.14 16.31 8.37
CA VAL C 612 9.94 17.65 7.82
C VAL C 612 10.82 18.64 8.57
N PRO C 613 11.25 19.73 7.94
CA PRO C 613 11.94 20.78 8.69
C PRO C 613 10.97 21.55 9.57
N LEU C 614 11.42 21.85 10.78
CA LEU C 614 10.65 22.63 11.74
C LEU C 614 11.07 24.09 11.68
N VAL C 615 10.25 24.96 12.26
CA VAL C 615 10.55 26.40 12.23
C VAL C 615 11.84 26.68 12.99
N ARG C 616 12.14 25.87 14.01
CA ARG C 616 13.33 26.03 14.82
C ARG C 616 14.02 24.68 14.91
N SER C 617 15.28 24.62 14.53
CA SER C 617 16.02 23.37 14.58
C SER C 617 16.64 23.16 15.95
N GLU C 618 16.89 21.90 16.27
CA GLU C 618 17.44 21.51 17.56
C GLU C 618 18.21 20.22 17.35
N ALA C 619 19.54 20.28 17.44
CA ALA C 619 20.35 19.09 17.24
C ALA C 619 20.08 18.09 18.37
N PRO C 620 20.20 16.79 18.07
CA PRO C 620 19.89 15.79 19.10
C PRO C 620 20.94 15.76 20.20
N LEU C 621 20.47 15.61 21.44
CA LEU C 621 21.39 15.39 22.55
C LEU C 621 22.26 14.17 22.32
N VAL C 622 21.71 13.13 21.68
CA VAL C 622 22.40 11.88 21.46
C VAL C 622 22.58 11.71 19.96
N GLY C 623 23.83 11.74 19.49
CA GLY C 623 24.13 11.60 18.08
C GLY C 623 25.20 10.55 17.85
N THR C 624 25.54 10.38 16.58
CA THR C 624 26.57 9.42 16.18
C THR C 624 27.77 10.07 15.53
N GLY C 625 27.81 11.39 15.42
CA GLY C 625 28.90 12.08 14.77
C GLY C 625 28.71 12.31 13.28
N MET C 626 27.74 11.63 12.66
CA MET C 626 27.49 11.81 11.23
C MET C 626 26.68 13.07 10.92
N GLU C 627 26.10 13.71 11.93
CA GLU C 627 25.21 14.85 11.69
C GLU C 627 25.96 16.01 11.03
N LEU C 628 27.15 16.32 11.53
CA LEU C 628 27.92 17.45 11.03
C LEU C 628 28.27 17.25 9.55
N ARG C 629 28.92 16.13 9.24
CA ARG C 629 29.36 15.89 7.87
C ARG C 629 28.18 15.72 6.94
N ALA C 630 27.09 15.11 7.39
CA ALA C 630 25.91 14.95 6.54
C ALA C 630 25.31 16.30 6.19
N ALA C 631 25.17 17.18 7.19
CA ALA C 631 24.64 18.51 6.92
C ALA C 631 25.55 19.27 5.95
N ILE C 632 26.86 19.19 6.15
CA ILE C 632 27.77 19.97 5.32
C ILE C 632 27.74 19.46 3.88
N ASP C 633 27.92 18.15 3.69
CA ASP C 633 27.95 17.60 2.33
C ASP C 633 26.59 17.65 1.64
N ALA C 634 25.49 17.76 2.40
CA ALA C 634 24.17 17.81 1.77
C ALA C 634 23.98 19.07 0.94
N GLY C 635 24.80 20.10 1.18
CA GLY C 635 24.73 21.33 0.43
C GLY C 635 23.75 22.36 0.95
N ASP C 636 22.73 21.94 1.70
CA ASP C 636 21.70 22.88 2.15
C ASP C 636 22.18 23.83 3.26
N VAL C 637 23.47 23.76 3.58
CA VAL C 637 24.09 24.63 4.55
C VAL C 637 25.09 25.52 3.83
N VAL C 638 25.27 26.74 4.34
CA VAL C 638 26.18 27.71 3.73
C VAL C 638 27.55 27.59 4.39
N VAL C 639 28.59 27.47 3.57
CA VAL C 639 29.94 27.22 4.05
C VAL C 639 30.89 28.26 3.47
N ALA C 640 31.80 28.75 4.30
CA ALA C 640 32.79 29.73 3.86
C ALA C 640 33.74 29.08 2.86
N GLU C 641 33.86 29.69 1.68
CA GLU C 641 34.79 29.20 0.67
C GLU C 641 36.22 29.66 0.93
N GLU C 642 36.42 30.68 1.77
CA GLU C 642 37.76 31.15 2.09
C GLU C 642 37.70 31.88 3.43
N SER C 643 38.79 31.81 4.17
CA SER C 643 38.86 32.45 5.48
C SER C 643 38.64 33.96 5.35
N GLY C 644 38.23 34.57 6.46
CA GLY C 644 38.07 36.02 6.47
C GLY C 644 37.31 36.48 7.69
N VAL C 645 36.77 37.68 7.58
CA VAL C 645 36.00 38.34 8.64
C VAL C 645 34.67 38.77 8.04
N ILE C 646 33.59 38.60 8.80
CA ILE C 646 32.28 39.02 8.33
C ILE C 646 32.28 40.54 8.19
N GLU C 647 31.98 41.02 6.99
CA GLU C 647 31.81 42.46 6.77
C GLU C 647 30.40 42.91 7.06
N GLU C 648 29.40 42.11 6.69
CA GLU C 648 28.02 42.46 7.01
C GLU C 648 27.20 41.18 7.09
N VAL C 649 26.21 41.18 7.98
CA VAL C 649 25.32 40.04 8.16
C VAL C 649 23.89 40.56 8.24
N SER C 650 23.04 40.03 7.37
CA SER C 650 21.63 40.38 7.35
C SER C 650 20.83 39.09 7.18
N ALA C 651 19.53 39.16 7.49
CA ALA C 651 18.66 38.05 7.18
C ALA C 651 18.65 37.73 5.69
N ASP C 652 19.11 38.66 4.85
CA ASP C 652 19.09 38.50 3.40
C ASP C 652 20.39 37.92 2.86
N TYR C 653 21.54 38.35 3.38
CA TYR C 653 22.82 37.87 2.89
C TYR C 653 23.89 38.05 3.97
N ILE C 654 25.01 37.36 3.75
CA ILE C 654 26.18 37.43 4.62
C ILE C 654 27.39 37.69 3.72
N THR C 655 28.06 38.81 3.93
CA THR C 655 29.24 39.14 3.14
C THR C 655 30.47 39.15 4.04
N VAL C 656 31.51 38.46 3.58
CA VAL C 656 32.76 38.27 4.33
C VAL C 656 33.91 38.84 3.52
N MET C 657 34.72 39.68 4.18
CA MET C 657 35.92 40.24 3.59
C MET C 657 37.08 39.27 3.82
N HIS C 658 37.66 38.78 2.73
CA HIS C 658 38.79 37.86 2.84
C HIS C 658 40.01 38.62 3.33
N ASP C 659 41.15 37.92 3.37
CA ASP C 659 42.40 38.53 3.83
C ASP C 659 43.13 39.29 2.73
N ASN C 660 43.02 38.86 1.46
CA ASN C 660 43.67 39.56 0.37
C ASN C 660 42.96 40.85 -0.02
N GLY C 661 41.78 41.11 0.52
CA GLY C 661 40.98 42.28 0.19
C GLY C 661 39.72 41.97 -0.58
N THR C 662 39.62 40.80 -1.18
CA THR C 662 38.42 40.42 -1.91
C THR C 662 37.27 40.15 -0.94
N ARG C 663 36.05 40.36 -1.43
CA ARG C 663 34.83 40.09 -0.67
C ARG C 663 34.03 39.00 -1.35
N ARG C 664 33.35 38.19 -0.53
CA ARG C 664 32.46 37.16 -1.02
C ARG C 664 31.13 37.32 -0.29
N THR C 665 30.03 37.33 -1.03
CA THR C 665 28.71 37.43 -0.43
C THR C 665 27.88 36.20 -0.74
N TYR C 666 27.18 35.71 0.27
CA TYR C 666 26.31 34.55 0.16
C TYR C 666 24.88 35.01 0.45
N ARG C 667 24.00 34.83 -0.53
CA ARG C 667 22.60 35.14 -0.32
C ARG C 667 21.89 33.96 0.34
N MET C 668 20.75 34.26 0.96
CA MET C 668 20.04 33.29 1.79
C MET C 668 18.75 32.88 1.10
N ARG C 669 18.60 31.59 0.81
CA ARG C 669 17.29 31.07 0.46
C ARG C 669 16.37 31.28 1.64
N LYS C 670 15.37 32.16 1.49
CA LYS C 670 14.50 32.53 2.60
C LYS C 670 13.07 32.13 2.27
N PHE C 671 12.55 31.16 3.03
CA PHE C 671 11.19 30.64 2.86
C PHE C 671 10.95 30.16 1.44
N ALA C 672 11.82 29.27 0.98
CA ALA C 672 11.75 28.67 -0.35
C ALA C 672 11.05 27.33 -0.28
N ARG C 673 10.17 27.09 -1.25
CA ARG C 673 9.46 25.81 -1.32
C ARG C 673 10.36 24.74 -1.93
N SER C 674 10.33 23.55 -1.35
CA SER C 674 11.04 22.41 -1.88
C SER C 674 10.14 21.67 -2.86
N ASN C 675 10.69 20.62 -3.48
CA ASN C 675 9.90 19.81 -4.41
C ASN C 675 8.70 19.18 -3.74
N HIS C 676 8.79 18.95 -2.42
CA HIS C 676 7.74 18.28 -1.67
C HIS C 676 7.04 19.21 -0.69
N GLY C 677 7.05 20.51 -0.97
CA GLY C 677 6.30 21.46 -0.16
C GLY C 677 6.89 21.78 1.19
N THR C 678 8.00 21.16 1.57
CA THR C 678 8.68 21.57 2.79
C THR C 678 9.43 22.88 2.53
N CYS C 679 9.81 23.56 3.61
CA CYS C 679 10.33 24.91 3.55
C CYS C 679 11.83 24.92 3.74
N ALA C 680 12.55 25.51 2.78
CA ALA C 680 14.00 25.68 2.84
C ALA C 680 14.27 27.13 3.24
N ASN C 681 14.67 27.32 4.49
CA ASN C 681 14.86 28.66 5.07
C ASN C 681 16.21 28.70 5.78
N GLN C 682 17.16 29.44 5.21
CA GLN C 682 18.50 29.51 5.77
C GLN C 682 18.63 30.72 6.70
N CYS C 683 19.39 30.54 7.78
CA CYS C 683 19.57 31.56 8.78
C CYS C 683 21.06 31.70 9.09
N PRO C 684 21.60 32.92 9.09
CA PRO C 684 23.01 33.10 9.46
C PRO C 684 23.24 32.80 10.93
N ILE C 685 24.35 32.13 11.22
CA ILE C 685 24.73 31.76 12.57
C ILE C 685 26.02 32.46 13.00
N VAL C 686 26.38 33.56 12.33
CA VAL C 686 27.54 34.37 12.70
C VAL C 686 27.08 35.80 12.89
N ASP C 687 27.91 36.57 13.60
CA ASP C 687 27.63 37.97 13.89
C ASP C 687 28.63 38.86 13.16
N ALA C 688 28.44 40.17 13.31
CA ALA C 688 29.07 41.13 12.41
C ALA C 688 30.58 41.11 12.49
N GLY C 689 31.15 40.83 13.66
CA GLY C 689 32.61 40.90 13.77
C GLY C 689 33.32 39.59 13.50
N ASP C 690 32.57 38.48 13.53
CA ASP C 690 33.16 37.14 13.58
C ASP C 690 34.19 36.94 12.48
N ARG C 691 35.29 36.27 12.85
CA ARG C 691 36.24 35.74 11.89
C ARG C 691 35.93 34.26 11.67
N VAL C 692 35.73 33.89 10.41
CA VAL C 692 35.37 32.52 10.05
C VAL C 692 36.49 31.90 9.23
N GLU C 693 36.64 30.59 9.37
CA GLU C 693 37.62 29.82 8.63
C GLU C 693 37.00 29.19 7.40
N ALA C 694 37.86 28.84 6.45
CA ALA C 694 37.39 28.14 5.25
C ALA C 694 36.89 26.76 5.65
N GLY C 695 35.69 26.40 5.19
CA GLY C 695 35.05 25.17 5.58
C GLY C 695 34.10 25.30 6.74
N GLN C 696 34.05 26.47 7.39
CA GLN C 696 33.15 26.68 8.52
C GLN C 696 31.75 26.97 8.02
N VAL C 697 30.76 26.55 8.81
CA VAL C 697 29.36 26.79 8.49
C VAL C 697 29.01 28.22 8.85
N ILE C 698 28.47 28.96 7.88
CA ILE C 698 28.08 30.35 8.09
C ILE C 698 26.59 30.49 8.34
N ALA C 699 25.77 29.69 7.66
CA ALA C 699 24.33 29.75 7.82
C ALA C 699 23.76 28.36 7.97
N ASP C 700 22.64 28.28 8.70
CA ASP C 700 21.94 27.01 8.96
C ASP C 700 20.73 26.91 8.06
N GLY C 701 20.72 25.88 7.20
CA GLY C 701 19.58 25.62 6.35
C GLY C 701 18.47 24.88 7.08
N PRO C 702 17.64 24.15 6.35
CA PRO C 702 16.56 23.39 6.99
C PRO C 702 17.11 22.14 7.65
N CYS C 703 16.54 21.79 8.81
CA CYS C 703 16.95 20.62 9.57
C CYS C 703 18.44 20.65 9.91
N THR C 704 18.95 21.83 10.26
CA THR C 704 20.33 21.98 10.69
C THR C 704 20.38 22.91 11.89
N ASP C 705 21.27 22.60 12.83
CA ASP C 705 21.42 23.41 14.04
C ASP C 705 22.91 23.51 14.35
N ASP C 706 23.48 24.71 14.15
CA ASP C 706 24.90 24.99 14.35
C ASP C 706 25.79 24.14 13.42
N GLY C 707 25.22 23.65 12.33
CA GLY C 707 25.97 22.87 11.37
C GLY C 707 25.73 21.37 11.43
N GLU C 708 24.86 20.90 12.32
CA GLU C 708 24.59 19.48 12.47
C GLU C 708 23.16 19.17 12.05
N MET C 709 22.97 18.02 11.39
CA MET C 709 21.65 17.56 10.98
C MET C 709 20.71 17.44 12.18
N ALA C 710 19.71 18.32 12.25
CA ALA C 710 18.76 18.36 13.35
C ALA C 710 17.38 18.03 12.81
N LEU C 711 17.09 16.73 12.69
CA LEU C 711 15.86 16.29 12.02
C LEU C 711 14.65 16.27 12.95
N GLY C 712 14.85 16.31 14.25
CA GLY C 712 13.76 16.24 15.21
C GLY C 712 13.97 17.10 16.43
N LYS C 713 13.36 16.70 17.54
CA LYS C 713 13.40 17.42 18.80
C LYS C 713 13.69 16.47 19.94
N ASN C 714 14.34 16.99 20.98
CA ASN C 714 14.59 16.23 22.20
C ASN C 714 13.35 16.32 23.08
N LEU C 715 12.61 15.21 23.17
CA LEU C 715 11.34 15.18 23.89
C LEU C 715 11.49 14.38 25.18
N LEU C 716 10.87 14.87 26.24
CA LEU C 716 10.84 14.16 27.52
C LEU C 716 9.82 13.03 27.41
N VAL C 717 10.30 11.79 27.49
CA VAL C 717 9.50 10.60 27.21
C VAL C 717 9.41 9.74 28.46
N ALA C 718 8.21 9.21 28.71
CA ALA C 718 7.97 8.22 29.74
C ALA C 718 7.38 6.97 29.10
N ILE C 719 8.02 5.83 29.32
CA ILE C 719 7.59 4.57 28.71
C ILE C 719 6.57 3.93 29.64
N MET C 720 5.29 4.00 29.26
CA MET C 720 4.20 3.45 30.07
C MET C 720 2.89 3.49 29.28
N PRO C 721 1.98 2.57 29.52
CA PRO C 721 0.62 2.72 28.96
C PRO C 721 -0.10 3.86 29.66
N TRP C 722 -1.08 4.44 28.96
CA TRP C 722 -1.81 5.57 29.55
C TRP C 722 -3.24 5.55 29.03
N GLU C 723 -4.13 4.91 29.81
CA GLU C 723 -5.57 4.86 29.55
C GLU C 723 -5.89 4.48 28.11
N GLY C 724 -5.04 3.65 27.50
CA GLY C 724 -5.27 3.13 26.17
C GLY C 724 -5.26 4.14 25.04
N HIS C 725 -4.78 5.36 25.31
CA HIS C 725 -4.65 6.34 24.22
C HIS C 725 -3.38 6.11 23.41
N ASN C 726 -2.33 5.58 24.01
CA ASN C 726 -1.15 5.14 23.28
C ASN C 726 -1.23 3.67 22.90
N TYR C 727 -2.44 3.12 22.82
CA TYR C 727 -2.64 1.71 22.53
C TYR C 727 -2.32 1.39 21.08
N GLU C 728 -1.53 0.34 20.87
CA GLU C 728 -1.21 -0.17 19.53
C GLU C 728 -0.48 0.88 18.69
N ASP C 729 0.69 1.28 19.20
CA ASP C 729 1.67 2.18 18.57
C ASP C 729 1.22 3.64 18.55
N ALA C 730 0.03 3.97 19.03
CA ALA C 730 -0.36 5.37 19.13
C ALA C 730 0.52 6.10 20.14
N ILE C 731 0.52 7.42 20.04
CA ILE C 731 1.43 8.27 20.80
C ILE C 731 0.64 9.40 21.44
N ILE C 732 0.99 9.74 22.67
CA ILE C 732 0.36 10.83 23.42
C ILE C 732 1.37 11.96 23.57
N LEU C 733 0.92 13.19 23.34
CA LEU C 733 1.77 14.38 23.38
C LEU C 733 1.23 15.41 24.36
N SER C 734 2.16 16.07 25.05
CA SER C 734 1.82 17.21 25.89
C SER C 734 1.43 18.40 25.03
N ASN C 735 0.34 19.08 25.41
CA ASN C 735 -0.10 20.26 24.67
C ASN C 735 0.95 21.35 24.61
N ARG C 736 2.02 21.25 25.41
CA ARG C 736 3.11 22.21 25.31
C ARG C 736 3.74 22.21 23.94
N LEU C 737 3.75 21.06 23.26
CA LEU C 737 4.34 20.99 21.93
C LEU C 737 3.56 21.79 20.91
N VAL C 738 2.30 22.14 21.20
CA VAL C 738 1.52 23.04 20.36
C VAL C 738 1.70 24.49 20.79
N GLU C 739 1.53 24.76 22.09
CA GLU C 739 1.62 26.13 22.59
C GLU C 739 2.99 26.73 22.30
N GLU C 740 4.05 25.94 22.43
CA GLU C 740 5.42 26.41 22.20
C GLU C 740 5.95 26.04 20.83
N ASP C 741 5.10 25.52 19.94
CA ASP C 741 5.43 25.32 18.52
C ASP C 741 6.69 24.49 18.32
N VAL C 742 6.96 23.55 19.24
CA VAL C 742 8.19 22.78 19.12
C VAL C 742 8.11 21.76 17.99
N LEU C 743 6.90 21.36 17.59
CA LEU C 743 6.72 20.46 16.46
C LEU C 743 5.99 21.11 15.29
N THR C 744 6.04 22.44 15.20
CA THR C 744 5.38 23.16 14.12
C THR C 744 6.29 23.22 12.91
N SER C 745 5.69 23.08 11.73
CA SER C 745 6.41 23.12 10.46
C SER C 745 5.72 24.05 9.47
N ILE C 746 6.47 24.47 8.46
CA ILE C 746 5.97 25.37 7.43
C ILE C 746 5.83 24.59 6.13
N HIS C 747 4.70 24.77 5.45
CA HIS C 747 4.43 24.10 4.19
C HIS C 747 3.97 25.11 3.15
N ILE C 748 4.58 25.07 1.97
CA ILE C 748 4.31 26.01 0.90
C ILE C 748 3.78 25.25 -0.30
N GLU C 749 2.67 25.70 -0.87
CA GLU C 749 2.07 25.09 -2.04
C GLU C 749 1.94 26.10 -3.15
N GLU C 750 2.23 25.66 -4.37
CA GLU C 750 2.22 26.51 -5.55
C GLU C 750 0.99 26.19 -6.38
N HIS C 751 0.11 27.18 -6.55
CA HIS C 751 -1.06 27.05 -7.41
C HIS C 751 -0.80 27.87 -8.67
N GLU C 752 -1.30 27.40 -9.81
CA GLU C 752 -1.07 28.13 -11.05
C GLU C 752 -2.27 28.01 -11.96
N ILE C 753 -2.48 29.05 -12.76
CA ILE C 753 -3.53 29.06 -13.76
C ILE C 753 -3.03 29.82 -14.97
N ASP C 754 -3.68 29.58 -16.11
CA ASP C 754 -3.28 30.18 -17.37
C ASP C 754 -4.51 30.61 -18.14
N ALA C 755 -4.51 31.86 -18.60
CA ALA C 755 -5.48 32.36 -19.55
C ALA C 755 -4.97 32.07 -20.96
N ARG C 756 -5.73 31.28 -21.71
CA ARG C 756 -5.33 30.79 -23.02
C ARG C 756 -6.37 31.11 -24.08
N ASP C 757 -6.24 30.53 -25.26
CA ASP C 757 -7.14 30.77 -26.38
C ASP C 757 -8.12 29.61 -26.54
N THR C 758 -9.34 29.95 -26.96
CA THR C 758 -10.38 28.97 -27.25
C THR C 758 -11.00 29.29 -28.60
N LYS C 759 -11.91 28.42 -29.04
CA LYS C 759 -12.59 28.63 -30.31
C LYS C 759 -13.48 29.88 -30.25
N LEU C 760 -14.26 30.02 -29.19
CA LEU C 760 -15.23 31.09 -29.06
C LEU C 760 -14.62 32.42 -28.61
N GLY C 761 -13.31 32.47 -28.42
CA GLY C 761 -12.65 33.70 -28.00
C GLY C 761 -11.42 33.38 -27.19
N ALA C 762 -10.98 34.39 -26.43
CA ALA C 762 -9.78 34.30 -25.62
C ALA C 762 -10.12 34.44 -24.15
N GLU C 763 -9.53 33.59 -23.31
CA GLU C 763 -9.70 33.70 -21.87
C GLU C 763 -9.07 34.99 -21.38
N GLU C 764 -9.55 35.47 -20.23
CA GLU C 764 -9.09 36.73 -19.67
C GLU C 764 -9.04 36.64 -18.15
N ILE C 765 -7.96 37.17 -17.59
CA ILE C 765 -7.78 37.25 -16.14
C ILE C 765 -8.31 38.60 -15.67
N THR C 766 -9.45 38.58 -14.98
CA THR C 766 -10.14 39.81 -14.64
C THR C 766 -10.64 39.77 -13.21
N ARG C 767 -10.84 40.96 -12.64
CA ARG C 767 -11.51 41.09 -11.36
C ARG C 767 -13.03 40.99 -11.49
N ASP C 768 -13.57 41.31 -12.67
CA ASP C 768 -15.02 41.31 -12.90
C ASP C 768 -15.46 39.89 -13.24
N ILE C 769 -16.07 39.20 -12.28
CA ILE C 769 -16.59 37.86 -12.48
C ILE C 769 -18.10 37.92 -12.27
N PRO C 770 -18.90 37.28 -13.14
CA PRO C 770 -20.35 37.41 -13.02
C PRO C 770 -20.90 36.73 -11.77
N ASN C 771 -22.00 37.31 -11.26
CA ASN C 771 -22.74 36.76 -10.12
C ASN C 771 -21.85 36.57 -8.90
N ILE C 772 -21.07 37.60 -8.58
CA ILE C 772 -20.11 37.54 -7.49
C ILE C 772 -20.15 38.85 -6.71
N SER C 773 -20.28 38.75 -5.39
CA SER C 773 -20.38 39.90 -4.52
C SER C 773 -19.03 40.58 -4.34
N ASP C 774 -19.08 41.87 -3.97
CA ASP C 774 -17.85 42.63 -3.74
C ASP C 774 -17.09 42.16 -2.50
N GLU C 775 -17.75 41.41 -1.61
CA GLU C 775 -17.06 40.93 -0.42
C GLU C 775 -16.08 39.82 -0.76
N VAL C 776 -16.52 38.82 -1.53
CA VAL C 776 -15.66 37.71 -1.91
C VAL C 776 -14.62 38.09 -2.95
N LEU C 777 -14.61 39.33 -3.42
CA LEU C 777 -13.54 39.85 -4.26
C LEU C 777 -12.70 40.89 -3.56
N ALA C 778 -12.92 41.09 -2.26
CA ALA C 778 -12.23 42.15 -1.53
C ALA C 778 -10.73 41.96 -1.54
N ASP C 779 -10.27 40.72 -1.38
CA ASP C 779 -8.85 40.43 -1.29
C ASP C 779 -8.15 40.34 -2.64
N LEU C 780 -8.86 40.67 -3.72
CA LEU C 780 -8.27 40.72 -5.06
C LEU C 780 -7.87 42.15 -5.41
N ASP C 781 -6.84 42.28 -6.23
CA ASP C 781 -6.42 43.57 -6.74
C ASP C 781 -7.23 43.92 -7.99
N GLU C 782 -6.78 44.94 -8.73
CA GLU C 782 -7.46 45.34 -9.95
C GLU C 782 -7.28 44.35 -11.09
N ARG C 783 -6.20 43.56 -11.07
CA ARG C 783 -5.97 42.57 -12.12
C ARG C 783 -6.90 41.37 -11.99
N GLY C 784 -7.42 41.11 -10.79
CA GLY C 784 -8.12 39.89 -10.50
C GLY C 784 -7.30 38.86 -9.77
N ILE C 785 -6.15 39.25 -9.23
CA ILE C 785 -5.26 38.36 -8.49
C ILE C 785 -5.36 38.70 -7.01
N VAL C 786 -5.32 37.65 -6.17
CA VAL C 786 -5.37 37.86 -4.73
C VAL C 786 -4.20 38.76 -4.31
N ARG C 787 -4.38 39.46 -3.18
CA ARG C 787 -3.37 40.39 -2.70
C ARG C 787 -2.38 39.69 -1.78
N ILE C 788 -1.10 40.06 -1.89
CA ILE C 788 -0.07 39.50 -1.04
C ILE C 788 -0.41 39.81 0.42
N GLY C 789 -0.32 38.79 1.26
CA GLY C 789 -0.67 38.92 2.67
C GLY C 789 -2.08 38.53 3.02
N ALA C 790 -2.90 38.18 2.03
CA ALA C 790 -4.27 37.77 2.29
C ALA C 790 -4.33 36.35 2.85
N GLU C 791 -5.20 36.15 3.84
CA GLU C 791 -5.42 34.82 4.40
C GLU C 791 -6.58 34.18 3.65
N VAL C 792 -6.29 33.22 2.80
CA VAL C 792 -7.29 32.57 1.97
C VAL C 792 -7.82 31.34 2.68
N ARG C 793 -9.13 31.12 2.55
CA ARG C 793 -9.81 30.00 3.19
C ARG C 793 -10.18 28.94 2.16
N ASP C 794 -10.87 27.91 2.63
CA ASP C 794 -11.29 26.80 1.77
C ASP C 794 -12.32 27.31 0.75
N GLY C 795 -11.89 27.44 -0.51
CA GLY C 795 -12.77 27.85 -1.58
C GLY C 795 -12.63 29.28 -2.03
N ASP C 796 -11.77 30.07 -1.40
CA ASP C 796 -11.60 31.46 -1.79
C ASP C 796 -10.98 31.56 -3.19
N ILE C 797 -11.22 32.69 -3.84
CA ILE C 797 -10.71 32.92 -5.19
C ILE C 797 -9.26 33.39 -5.10
N LEU C 798 -8.38 32.70 -5.82
CA LEU C 798 -6.99 33.13 -5.92
C LEU C 798 -6.75 34.02 -7.13
N VAL C 799 -7.18 33.56 -8.31
CA VAL C 799 -7.03 34.32 -9.56
C VAL C 799 -8.35 34.24 -10.32
N GLY C 800 -8.93 35.40 -10.62
CA GLY C 800 -10.15 35.42 -11.41
C GLY C 800 -9.85 35.25 -12.89
N LYS C 801 -10.67 34.44 -13.55
CA LYS C 801 -10.47 34.15 -14.95
C LYS C 801 -11.80 33.76 -15.59
N VAL C 802 -12.11 34.38 -16.73
CA VAL C 802 -13.35 34.13 -17.45
C VAL C 802 -13.03 33.43 -18.77
N THR C 803 -14.00 32.64 -19.25
CA THR C 803 -13.82 31.90 -20.49
C THR C 803 -14.98 32.19 -21.43
N PRO C 804 -14.73 32.46 -22.71
CA PRO C 804 -15.84 32.65 -23.66
C PRO C 804 -16.73 31.42 -23.73
N LYS C 805 -18.04 31.67 -23.77
CA LYS C 805 -19.04 30.61 -23.68
C LYS C 805 -19.91 30.63 -24.93
N GLY C 806 -20.27 29.44 -25.41
CA GLY C 806 -21.14 29.34 -26.56
C GLY C 806 -22.60 29.55 -26.20
N GLU C 807 -23.37 29.98 -27.20
CA GLU C 807 -24.77 30.34 -26.99
C GLU C 807 -25.67 29.13 -26.72
N THR C 808 -25.11 27.91 -26.68
CA THR C 808 -25.88 26.73 -26.34
C THR C 808 -25.61 26.22 -24.94
N GLU C 809 -24.54 26.69 -24.30
CA GLU C 809 -24.18 26.27 -22.95
C GLU C 809 -24.89 27.05 -21.86
N LEU C 810 -25.59 28.13 -22.21
CA LEU C 810 -26.19 29.00 -21.20
C LEU C 810 -27.30 28.27 -20.45
N THR C 811 -27.35 28.49 -19.14
CA THR C 811 -28.40 27.92 -18.31
C THR C 811 -29.70 28.69 -18.50
N PRO C 812 -30.84 28.11 -18.14
CA PRO C 812 -32.11 28.86 -18.28
C PRO C 812 -32.10 30.20 -17.56
N GLU C 813 -31.57 30.25 -16.32
CA GLU C 813 -31.45 31.53 -15.63
C GLU C 813 -30.48 32.47 -16.34
N GLU C 814 -29.51 31.90 -17.07
CA GLU C 814 -28.54 32.73 -17.78
C GLU C 814 -29.12 33.32 -19.05
N ARG C 815 -29.93 32.54 -19.78
CA ARG C 815 -30.55 33.03 -21.00
C ARG C 815 -31.48 34.19 -20.72
N LEU C 816 -32.20 34.14 -19.59
CA LEU C 816 -33.10 35.23 -19.22
C LEU C 816 -32.33 36.53 -19.00
N LEU C 817 -31.23 36.46 -18.23
CA LEU C 817 -30.44 37.67 -17.97
C LEU C 817 -29.76 38.17 -19.24
N ARG C 818 -29.41 37.27 -20.17
CA ARG C 818 -28.79 37.72 -21.41
C ARG C 818 -29.82 38.36 -22.35
N ALA C 819 -31.06 37.86 -22.35
CA ALA C 819 -32.07 38.34 -23.28
C ALA C 819 -32.79 39.59 -22.78
N ILE C 820 -33.05 39.68 -21.46
CA ILE C 820 -33.76 40.83 -20.93
C ILE C 820 -32.91 42.09 -21.04
N PHE C 821 -31.61 41.98 -20.77
CA PHE C 821 -30.72 43.12 -20.80
C PHE C 821 -30.04 43.34 -22.14
N GLY C 822 -29.96 42.30 -22.97
CA GLY C 822 -29.28 42.41 -24.25
C GLY C 822 -27.81 42.76 -24.09
N GLU C 823 -27.11 42.00 -23.24
CA GLU C 823 -25.72 42.29 -22.92
C GLU C 823 -24.82 41.99 -24.13
N LYS C 824 -23.54 42.24 -23.95
CA LYS C 824 -22.56 42.09 -25.03
C LYS C 824 -22.45 40.61 -25.44
N ALA C 825 -21.90 40.40 -26.64
CA ALA C 825 -21.74 39.05 -27.18
C ALA C 825 -20.71 38.22 -26.43
N ARG C 826 -19.96 38.82 -25.50
CA ARG C 826 -18.95 38.11 -24.73
C ARG C 826 -19.62 37.45 -23.53
N GLU C 827 -20.21 36.28 -23.77
CA GLU C 827 -20.78 35.47 -22.71
C GLU C 827 -19.66 34.65 -22.08
N VAL C 828 -19.43 34.83 -20.78
CA VAL C 828 -18.26 34.28 -20.11
C VAL C 828 -18.71 33.37 -18.97
N ARG C 829 -18.00 32.25 -18.83
CA ARG C 829 -18.14 31.32 -17.71
C ARG C 829 -17.01 31.55 -16.72
N ASP C 830 -17.33 31.37 -15.44
CA ASP C 830 -16.37 31.57 -14.35
C ASP C 830 -15.48 30.34 -14.24
N THR C 831 -14.21 30.51 -14.57
CA THR C 831 -13.20 29.46 -14.43
C THR C 831 -12.06 29.90 -13.53
N SER C 832 -12.37 30.73 -12.54
CA SER C 832 -11.34 31.29 -11.67
C SER C 832 -10.63 30.19 -10.90
N LEU C 833 -9.37 30.45 -10.56
CA LEU C 833 -8.60 29.54 -9.71
C LEU C 833 -9.02 29.71 -8.27
N LYS C 834 -9.59 28.67 -7.68
CA LYS C 834 -10.05 28.72 -6.30
C LYS C 834 -9.18 27.82 -5.42
N VAL C 835 -9.24 28.08 -4.13
CA VAL C 835 -8.47 27.29 -3.16
C VAL C 835 -9.06 25.88 -3.08
N PRO C 836 -8.26 24.82 -3.20
CA PRO C 836 -8.79 23.47 -3.03
C PRO C 836 -9.18 23.21 -1.58
N HIS C 837 -10.01 22.18 -1.41
CA HIS C 837 -10.43 21.79 -0.07
C HIS C 837 -9.23 21.44 0.79
N GLY C 838 -9.36 21.65 2.09
CA GLY C 838 -8.28 21.35 3.03
C GLY C 838 -7.07 22.25 2.92
N GLU C 839 -7.16 23.34 2.18
CA GLU C 839 -6.05 24.27 2.03
C GLU C 839 -6.42 25.63 2.61
N SER C 840 -5.42 26.31 3.16
CA SER C 840 -5.57 27.62 3.78
C SER C 840 -4.19 28.14 4.10
N GLY C 841 -4.07 29.45 4.22
CA GLY C 841 -2.82 30.07 4.60
C GLY C 841 -2.73 31.49 4.08
N LYS C 842 -1.56 32.07 4.26
CA LYS C 842 -1.27 33.42 3.79
C LYS C 842 -0.60 33.35 2.43
N VAL C 843 -1.01 34.23 1.52
CA VAL C 843 -0.41 34.35 0.21
C VAL C 843 0.92 35.08 0.38
N ILE C 844 2.03 34.37 0.21
CA ILE C 844 3.35 34.93 0.48
C ILE C 844 4.10 35.30 -0.78
N GLY C 845 3.52 35.07 -1.96
CA GLY C 845 4.21 35.37 -3.18
C GLY C 845 3.36 35.19 -4.42
N ILE C 846 3.59 36.04 -5.42
CA ILE C 846 2.88 35.96 -6.70
C ILE C 846 3.89 36.15 -7.81
N ARG C 847 3.78 35.32 -8.85
CA ARG C 847 4.60 35.48 -10.05
C ARG C 847 3.69 35.47 -11.26
N VAL C 848 3.97 36.33 -12.22
CA VAL C 848 3.09 36.51 -13.38
C VAL C 848 3.93 36.59 -14.65
N PHE C 849 3.45 35.93 -15.71
CA PHE C 849 4.04 35.96 -17.03
C PHE C 849 2.97 36.33 -18.04
N SER C 850 3.32 37.22 -18.97
CA SER C 850 2.39 37.70 -19.98
C SER C 850 3.05 37.71 -21.34
N ARG C 851 2.25 37.46 -22.38
CA ARG C 851 2.73 37.61 -23.74
C ARG C 851 3.02 39.07 -24.09
N GLU C 852 2.39 40.01 -23.37
CA GLU C 852 2.70 41.42 -23.57
C GLU C 852 4.19 41.68 -23.37
N ASP C 853 4.81 40.99 -22.42
CA ASP C 853 6.25 41.02 -22.25
C ASP C 853 6.89 39.90 -23.07
N GLU C 854 8.22 39.85 -23.07
CA GLU C 854 8.95 38.83 -23.80
C GLU C 854 8.91 37.46 -23.13
N ASP C 855 8.07 37.31 -22.10
CA ASP C 855 7.98 36.03 -21.39
C ASP C 855 7.52 34.93 -22.33
N GLU C 856 8.34 33.90 -22.46
CA GLU C 856 8.00 32.77 -23.33
C GLU C 856 6.94 31.89 -22.68
N LEU C 857 5.96 31.49 -23.49
CA LEU C 857 4.87 30.65 -23.04
C LEU C 857 4.56 29.64 -24.14
N PRO C 858 3.92 28.53 -23.81
CA PRO C 858 3.53 27.56 -24.85
C PRO C 858 2.55 28.14 -25.86
N ALA C 859 2.22 27.37 -26.87
CA ALA C 859 1.34 27.85 -27.93
C ALA C 859 -0.04 28.17 -27.40
N GLY C 860 -0.51 29.39 -27.65
CA GLY C 860 -1.89 29.76 -27.36
C GLY C 860 -2.18 30.11 -25.92
N VAL C 861 -1.16 30.38 -25.11
CA VAL C 861 -1.34 30.75 -23.71
C VAL C 861 -1.02 32.23 -23.56
N ASN C 862 -2.03 33.02 -23.21
CA ASN C 862 -1.86 34.46 -23.09
C ASN C 862 -1.13 34.83 -21.80
N GLU C 863 -1.66 34.38 -20.65
CA GLU C 863 -1.14 34.80 -19.35
C GLU C 863 -1.01 33.58 -18.44
N LEU C 864 -0.01 33.62 -17.55
CA LEU C 864 0.29 32.50 -16.68
C LEU C 864 0.66 33.04 -15.30
N VAL C 865 -0.13 32.72 -14.29
CA VAL C 865 0.08 33.29 -12.96
C VAL C 865 0.18 32.17 -11.93
N ARG C 866 1.16 32.29 -11.03
CA ARG C 866 1.39 31.38 -9.93
C ARG C 866 1.23 32.13 -8.61
N VAL C 867 0.49 31.52 -7.68
CA VAL C 867 0.28 32.03 -6.33
C VAL C 867 0.87 31.03 -5.35
N TYR C 868 1.69 31.51 -4.42
CA TYR C 868 2.31 30.66 -3.43
C TYR C 868 1.63 30.87 -2.08
N VAL C 869 1.11 29.79 -1.49
CA VAL C 869 0.39 29.85 -0.24
C VAL C 869 1.18 29.08 0.81
N ALA C 870 1.45 29.73 1.94
CA ALA C 870 2.17 29.11 3.05
C ALA C 870 1.21 28.87 4.21
N GLN C 871 1.40 27.73 4.89
CA GLN C 871 0.63 27.39 6.08
C GLN C 871 1.57 26.88 7.17
N LYS C 872 1.31 27.30 8.41
CA LYS C 872 2.02 26.85 9.60
C LYS C 872 1.22 25.72 10.23
N ARG C 873 1.72 24.49 10.13
CA ARG C 873 1.05 23.33 10.67
C ARG C 873 1.64 23.01 12.04
N LYS C 874 0.83 23.11 13.08
CA LYS C 874 1.21 22.61 14.37
C LYS C 874 0.95 21.10 14.43
N ILE C 875 1.55 20.45 15.42
CA ILE C 875 1.36 19.01 15.59
C ILE C 875 -0.10 18.75 15.97
N SER C 876 -0.65 17.66 15.45
CA SER C 876 -2.08 17.39 15.57
C SER C 876 -2.31 15.90 15.76
N ASP C 877 -3.57 15.56 16.03
CA ASP C 877 -3.99 14.17 15.97
C ASP C 877 -3.84 13.66 14.55
N GLY C 878 -3.37 12.43 14.40
CA GLY C 878 -3.16 11.83 13.10
C GLY C 878 -1.79 12.09 12.51
N ASP C 879 -1.05 13.07 13.01
CA ASP C 879 0.29 13.31 12.52
C ASP C 879 1.23 12.18 12.97
N LYS C 880 2.21 11.89 12.12
CA LYS C 880 3.07 10.73 12.29
C LYS C 880 4.41 11.16 12.86
N LEU C 881 4.80 10.55 13.98
CA LEU C 881 6.09 10.76 14.61
C LEU C 881 6.88 9.46 14.58
N ALA C 882 8.20 9.59 14.67
CA ALA C 882 9.07 8.42 14.69
C ALA C 882 10.40 8.80 15.28
N GLY C 883 10.96 7.89 16.08
CA GLY C 883 12.34 7.98 16.49
C GLY C 883 13.26 7.56 15.35
N ARG C 884 14.48 7.21 15.71
CA ARG C 884 15.45 6.75 14.72
C ARG C 884 15.61 5.24 14.70
N HIS C 885 14.82 4.51 15.49
CA HIS C 885 14.96 3.06 15.60
C HIS C 885 13.74 2.32 15.05
N GLY C 886 13.08 2.90 14.05
CA GLY C 886 11.90 2.29 13.48
C GLY C 886 10.66 2.35 14.35
N ASN C 887 10.65 3.19 15.39
CA ASN C 887 9.49 3.30 16.27
C ASN C 887 8.61 4.45 15.78
N LYS C 888 7.64 4.10 14.93
CA LYS C 888 6.73 5.06 14.32
C LYS C 888 5.34 4.91 14.93
N GLY C 889 4.61 6.01 14.93
CA GLY C 889 3.23 5.98 15.38
C GLY C 889 2.58 7.32 15.18
N VAL C 890 1.25 7.29 15.13
CA VAL C 890 0.47 8.51 14.95
C VAL C 890 0.02 9.01 16.31
N ILE C 891 -0.25 10.31 16.38
CA ILE C 891 -0.69 10.95 17.61
C ILE C 891 -2.17 10.62 17.82
N GLY C 892 -2.46 9.93 18.92
CA GLY C 892 -3.83 9.57 19.24
C GLY C 892 -4.51 10.57 20.14
N LYS C 893 -3.72 11.36 20.89
CA LYS C 893 -4.29 12.26 21.88
C LYS C 893 -3.25 13.29 22.28
N ILE C 894 -3.63 14.56 22.22
CA ILE C 894 -2.82 15.64 22.76
C ILE C 894 -3.44 16.06 24.08
N LEU C 895 -2.73 15.85 25.17
CA LEU C 895 -3.29 16.15 26.46
C LEU C 895 -2.87 17.53 26.94
N PRO C 896 -3.71 18.19 27.72
CA PRO C 896 -3.30 19.45 28.36
C PRO C 896 -2.10 19.20 29.28
N VAL C 897 -1.28 20.24 29.44
CA VAL C 897 -0.04 20.10 30.20
C VAL C 897 -0.31 19.59 31.61
N GLU C 898 -1.51 19.83 32.14
CA GLU C 898 -1.87 19.38 33.47
C GLU C 898 -2.25 17.90 33.51
N ASP C 899 -2.58 17.29 32.37
CA ASP C 899 -2.96 15.88 32.34
C ASP C 899 -1.74 14.95 32.26
N MET C 900 -0.63 15.44 31.73
CA MET C 900 0.52 14.58 31.53
C MET C 900 1.07 14.09 32.87
N PRO C 901 1.54 12.85 32.95
CA PRO C 901 2.34 12.45 34.10
C PRO C 901 3.53 13.38 34.26
N PHE C 902 3.71 13.88 35.47
CA PHE C 902 4.78 14.84 35.73
C PHE C 902 5.73 14.32 36.80
N LEU C 903 6.99 14.70 36.67
CA LEU C 903 8.03 14.29 37.60
C LEU C 903 7.78 14.93 38.97
N ALA C 904 8.64 14.56 39.92
CA ALA C 904 8.44 14.98 41.31
C ALA C 904 8.50 16.49 41.48
N ASP C 905 9.25 17.18 40.61
CA ASP C 905 9.42 18.63 40.73
C ASP C 905 8.36 19.43 39.96
N GLY C 906 7.41 18.76 39.32
CA GLY C 906 6.35 19.42 38.57
C GLY C 906 6.53 19.39 37.06
N THR C 907 7.69 18.98 36.58
CA THR C 907 7.96 18.91 35.15
C THR C 907 7.06 17.86 34.49
N PRO C 908 6.16 18.25 33.58
CA PRO C 908 5.34 17.26 32.90
C PRO C 908 6.10 16.63 31.74
N VAL C 909 5.92 15.32 31.57
CA VAL C 909 6.53 14.65 30.42
C VAL C 909 5.88 15.15 29.14
N ASP C 910 6.62 15.02 28.04
CA ASP C 910 6.18 15.54 26.75
C ASP C 910 5.55 14.50 25.85
N ILE C 911 6.01 13.26 25.90
CA ILE C 911 5.52 12.22 25.01
C ILE C 911 5.46 10.90 25.78
N ILE C 912 4.34 10.20 25.66
CA ILE C 912 4.11 8.93 26.36
C ILE C 912 4.16 7.82 25.32
N LEU C 913 5.18 6.97 25.40
CA LEU C 913 5.34 5.84 24.49
C LEU C 913 4.90 4.56 25.17
N ASN C 914 4.04 3.80 24.49
CA ASN C 914 3.50 2.59 25.09
C ASN C 914 4.57 1.52 25.24
N THR C 915 4.53 0.82 26.38
CA THR C 915 5.56 -0.17 26.70
C THR C 915 5.50 -1.37 25.76
N HIS C 916 4.29 -1.85 25.47
CA HIS C 916 4.12 -3.10 24.74
C HIS C 916 4.74 -3.10 23.35
N GLY C 917 5.10 -1.93 22.84
CA GLY C 917 5.78 -1.85 21.56
C GLY C 917 7.25 -2.19 21.63
N VAL C 918 7.92 -1.82 22.71
CA VAL C 918 9.38 -1.89 22.73
C VAL C 918 9.93 -3.31 22.62
N PRO C 919 9.47 -4.29 23.42
CA PRO C 919 10.19 -5.58 23.45
C PRO C 919 9.98 -6.45 22.22
N ARG C 920 8.79 -6.46 21.61
CA ARG C 920 8.55 -7.39 20.51
C ARG C 920 9.04 -6.87 19.17
N ARG C 921 9.18 -5.55 18.98
CA ARG C 921 9.70 -5.03 17.73
C ARG C 921 11.22 -5.16 17.64
N MET C 922 11.87 -5.63 18.70
CA MET C 922 13.30 -5.95 18.67
C MET C 922 14.17 -4.71 18.42
N ASN C 923 13.71 -3.54 18.84
CA ASN C 923 14.50 -2.31 18.75
C ASN C 923 14.67 -1.75 20.16
N ILE C 924 15.65 -2.29 20.90
CA ILE C 924 15.89 -1.87 22.28
C ILE C 924 16.80 -0.65 22.35
N GLY C 925 17.48 -0.29 21.26
CA GLY C 925 18.28 0.91 21.26
C GLY C 925 17.48 2.15 21.64
N GLN C 926 16.20 2.19 21.26
CA GLN C 926 15.36 3.34 21.60
C GLN C 926 15.26 3.53 23.10
N ILE C 927 15.36 2.45 23.87
CA ILE C 927 15.41 2.57 25.32
C ILE C 927 16.78 3.07 25.76
N LEU C 928 17.85 2.50 25.22
CA LEU C 928 19.19 2.96 25.58
C LEU C 928 19.35 4.44 25.26
N GLU C 929 18.96 4.85 24.04
CA GLU C 929 18.97 6.26 23.68
C GLU C 929 18.25 7.10 24.72
N THR C 930 17.13 6.58 25.25
CA THR C 930 16.39 7.31 26.28
C THR C 930 17.25 7.53 27.51
N HIS C 931 17.89 6.46 28.00
CA HIS C 931 18.69 6.58 29.22
C HIS C 931 19.80 7.60 29.05
N LEU C 932 20.65 7.41 28.03
CA LEU C 932 21.66 8.41 27.72
C LEU C 932 21.02 9.79 27.52
N GLY C 933 19.85 9.84 26.88
CA GLY C 933 19.17 11.10 26.68
C GLY C 933 18.90 11.84 27.97
N TRP C 934 18.67 11.11 29.06
CA TRP C 934 18.51 11.76 30.35
C TRP C 934 19.84 12.26 30.89
N CYS C 935 20.89 11.45 30.78
CA CYS C 935 22.19 11.84 31.30
C CYS C 935 22.67 13.13 30.66
N ALA C 936 22.70 13.17 29.33
CA ALA C 936 23.05 14.38 28.61
C ALA C 936 22.18 15.56 29.03
N HIS C 937 20.92 15.30 29.39
CA HIS C 937 20.06 16.42 29.81
C HIS C 937 20.47 16.98 31.15
N SER C 938 20.94 16.13 32.06
CA SER C 938 21.27 16.57 33.41
C SER C 938 22.77 16.63 33.68
N GLY C 939 23.59 16.08 32.80
CA GLY C 939 25.01 16.06 33.04
C GLY C 939 25.38 15.06 34.11
N TRP C 940 26.67 14.83 34.33
CA TRP C 940 27.09 13.87 35.34
C TRP C 940 28.45 14.28 35.88
N LYS C 941 28.87 13.59 36.96
CA LYS C 941 30.16 13.84 37.61
C LYS C 941 30.62 12.50 38.19
N VAL C 942 31.44 11.78 37.41
CA VAL C 942 31.96 10.50 37.85
C VAL C 942 32.89 10.70 39.03
N ASP C 943 32.62 9.97 40.11
CA ASP C 943 33.41 10.10 41.34
C ASP C 943 34.79 9.50 41.12
N ALA C 944 35.82 10.36 41.08
CA ALA C 944 37.19 9.93 40.85
C ALA C 944 38.10 10.21 42.04
N ALA C 945 37.53 10.52 43.21
CA ALA C 945 38.35 10.81 44.39
C ALA C 945 39.15 9.59 44.82
N LYS C 946 38.50 8.43 44.89
CA LYS C 946 39.17 7.17 45.22
C LYS C 946 39.65 6.43 43.98
N GLY C 947 39.98 7.17 42.93
CA GLY C 947 40.40 6.59 41.66
C GLY C 947 39.25 6.48 40.68
N VAL C 948 39.61 6.35 39.40
CA VAL C 948 38.59 6.15 38.37
C VAL C 948 38.01 4.74 38.52
N PRO C 949 36.68 4.60 38.63
CA PRO C 949 36.08 3.26 38.77
C PRO C 949 36.44 2.33 37.62
N ASP C 950 36.12 1.06 37.81
CA ASP C 950 36.49 0.04 36.83
C ASP C 950 35.62 0.11 35.58
N TRP C 951 34.32 0.35 35.77
CA TRP C 951 33.43 0.45 34.61
C TRP C 951 33.79 1.64 33.73
N ALA C 952 34.34 2.70 34.33
CA ALA C 952 34.68 3.92 33.61
C ALA C 952 36.11 3.94 33.10
N ALA C 953 36.79 2.79 33.08
CA ALA C 953 38.19 2.76 32.66
C ALA C 953 38.34 3.14 31.19
N ARG C 954 37.62 2.45 30.30
CA ARG C 954 37.73 2.69 28.87
C ARG C 954 37.23 4.07 28.45
N LEU C 955 36.59 4.82 29.35
CA LEU C 955 36.07 6.13 29.00
C LEU C 955 37.22 7.09 28.71
N PRO C 956 37.10 7.93 27.68
CA PRO C 956 38.02 9.05 27.54
C PRO C 956 37.75 10.10 28.60
N ASP C 957 38.82 10.82 28.98
CA ASP C 957 38.75 11.71 30.13
C ASP C 957 37.69 12.81 29.98
N GLU C 958 37.33 13.16 28.75
CA GLU C 958 36.37 14.23 28.51
C GLU C 958 34.95 13.84 28.90
N LEU C 959 34.69 12.55 29.13
CA LEU C 959 33.36 12.07 29.48
C LEU C 959 33.17 11.83 30.97
N LEU C 960 34.19 12.06 31.78
CA LEU C 960 34.06 11.82 33.21
C LEU C 960 33.18 12.86 33.89
N GLU C 961 32.93 14.00 33.24
CA GLU C 961 31.97 14.97 33.75
C GLU C 961 31.36 15.73 32.58
N ALA C 962 30.07 16.06 32.71
CA ALA C 962 29.36 16.76 31.65
C ALA C 962 28.41 17.77 32.25
N GLN C 963 28.36 18.94 31.64
CA GLN C 963 27.45 20.00 32.03
C GLN C 963 26.06 19.72 31.45
N PRO C 964 24.99 20.23 32.09
CA PRO C 964 23.64 20.00 31.58
C PRO C 964 23.50 20.34 30.10
N ASN C 965 22.62 19.59 29.43
CA ASN C 965 22.38 19.73 28.00
C ASN C 965 23.67 19.57 27.19
N ALA C 966 24.43 18.52 27.53
CA ALA C 966 25.66 18.22 26.83
C ALA C 966 25.36 17.39 25.58
N ILE C 967 25.78 17.88 24.43
CA ILE C 967 25.66 17.11 23.20
C ILE C 967 26.71 16.00 23.21
N VAL C 968 26.33 14.81 22.77
CA VAL C 968 27.15 13.62 22.92
C VAL C 968 27.01 12.74 21.68
N SER C 969 28.12 12.14 21.27
CA SER C 969 28.18 11.29 20.09
C SER C 969 28.40 9.85 20.52
N THR C 970 27.54 8.94 20.05
CA THR C 970 27.70 7.50 20.26
C THR C 970 27.75 6.84 18.89
N PRO C 971 28.94 6.74 18.29
CA PRO C 971 29.06 6.13 16.97
C PRO C 971 28.58 4.69 16.96
N VAL C 972 28.08 4.24 15.81
CA VAL C 972 27.60 2.87 15.69
C VAL C 972 28.80 1.92 15.70
N PHE C 973 28.64 0.80 16.41
CA PHE C 973 29.65 -0.24 16.62
C PHE C 973 30.88 0.25 17.37
N ASP C 974 30.90 1.51 17.82
CA ASP C 974 31.96 2.02 18.69
C ASP C 974 31.40 2.99 19.73
N GLY C 975 30.15 2.81 20.12
CA GLY C 975 29.46 3.72 21.01
C GLY C 975 29.67 3.42 22.48
N ALA C 976 28.78 3.97 23.30
CA ALA C 976 28.83 3.74 24.74
C ALA C 976 28.43 2.30 25.06
N GLN C 977 29.25 1.62 25.85
CA GLN C 977 28.96 0.25 26.24
C GLN C 977 27.93 0.21 27.37
N GLU C 978 27.33 -0.97 27.56
CA GLU C 978 26.29 -1.12 28.57
C GLU C 978 26.79 -0.77 29.96
N ALA C 979 28.00 -1.22 30.30
CA ALA C 979 28.56 -0.93 31.62
C ALA C 979 28.69 0.57 31.85
N GLU C 980 29.22 1.30 30.85
CA GLU C 980 29.41 2.73 30.98
C GLU C 980 28.07 3.46 31.10
N LEU C 981 27.08 3.05 30.31
CA LEU C 981 25.77 3.67 30.38
C LEU C 981 25.13 3.43 31.75
N GLN C 982 25.22 2.20 32.27
CA GLN C 982 24.71 1.92 33.61
C GLN C 982 25.43 2.76 34.66
N GLY C 983 26.74 2.94 34.49
CA GLY C 983 27.49 3.74 35.44
C GLY C 983 27.08 5.21 35.43
N LEU C 984 26.75 5.74 34.26
CA LEU C 984 26.43 7.16 34.18
C LEU C 984 25.11 7.48 34.88
N LEU C 985 24.15 6.56 34.89
CA LEU C 985 22.87 6.83 35.54
C LEU C 985 22.99 7.00 37.04
N SER C 986 24.12 6.61 37.64
CA SER C 986 24.30 6.75 39.08
C SER C 986 24.72 8.16 39.46
N CYS C 987 25.65 8.75 38.73
CA CYS C 987 26.17 10.08 39.02
C CYS C 987 25.49 11.18 38.23
N THR C 988 24.20 10.99 37.91
CA THR C 988 23.40 12.05 37.34
C THR C 988 23.36 13.26 38.27
N LEU C 989 23.75 14.42 37.74
CA LEU C 989 23.67 15.64 38.53
C LEU C 989 22.22 15.93 38.90
N PRO C 990 21.97 16.56 40.04
CA PRO C 990 20.59 16.81 40.48
C PRO C 990 20.01 18.04 39.81
N ASN C 991 18.73 18.26 40.07
CA ASN C 991 18.03 19.41 39.52
C ASN C 991 18.44 20.66 40.30
N ARG C 992 17.74 21.77 40.05
CA ARG C 992 18.07 23.03 40.70
C ARG C 992 17.88 22.97 42.21
N ASP C 993 17.04 22.05 42.71
CA ASP C 993 16.76 21.94 44.13
C ASP C 993 17.58 20.86 44.82
N GLY C 994 18.52 20.23 44.12
CA GLY C 994 19.35 19.19 44.69
C GLY C 994 18.72 17.81 44.75
N ASP C 995 17.63 17.58 44.03
CA ASP C 995 16.96 16.29 44.00
C ASP C 995 17.40 15.51 42.77
N VAL C 996 17.73 14.24 42.95
CA VAL C 996 17.98 13.33 41.83
C VAL C 996 16.64 12.73 41.43
N LEU C 997 16.16 13.07 40.24
CA LEU C 997 14.82 12.67 39.82
C LEU C 997 14.80 11.30 39.17
N VAL C 998 15.92 10.81 38.65
CA VAL C 998 15.98 9.54 37.95
C VAL C 998 17.00 8.65 38.64
N ASP C 999 16.56 7.49 39.13
CA ASP C 999 17.42 6.56 39.84
C ASP C 999 18.38 5.88 38.87
N ALA C 1000 19.18 4.95 39.40
CA ALA C 1000 20.20 4.26 38.60
C ALA C 1000 19.61 3.14 37.75
N ASP C 1001 18.31 2.88 37.85
CA ASP C 1001 17.63 2.01 36.90
C ASP C 1001 17.07 2.78 35.71
N GLY C 1002 17.14 4.11 35.73
CA GLY C 1002 16.56 4.91 34.68
C GLY C 1002 15.09 5.19 34.83
N LYS C 1003 14.54 5.00 36.02
CA LYS C 1003 13.11 5.20 36.27
C LYS C 1003 12.90 6.32 37.27
N ALA C 1004 11.64 6.69 37.47
CA ALA C 1004 11.29 7.83 38.29
C ALA C 1004 9.85 7.69 38.75
N MET C 1005 9.53 8.37 39.85
CA MET C 1005 8.19 8.33 40.42
C MET C 1005 7.38 9.50 39.85
N LEU C 1006 6.37 9.17 39.04
CA LEU C 1006 5.52 10.17 38.40
C LEU C 1006 4.19 10.28 39.12
N PHE C 1007 3.59 11.45 39.05
CA PHE C 1007 2.25 11.68 39.56
C PHE C 1007 1.25 11.71 38.41
N ASP C 1008 0.07 11.17 38.65
CA ASP C 1008 -1.00 11.21 37.64
C ASP C 1008 -1.69 12.56 37.73
N GLY C 1009 -1.39 13.44 36.77
CA GLY C 1009 -1.93 14.78 36.79
C GLY C 1009 -3.44 14.87 36.66
N ARG C 1010 -4.11 13.72 36.56
CA ARG C 1010 -5.57 13.69 36.47
C ARG C 1010 -6.21 13.39 37.82
N SER C 1011 -5.83 12.29 38.47
CA SER C 1011 -6.37 11.99 39.78
C SER C 1011 -5.58 12.68 40.88
N GLY C 1012 -4.27 12.78 40.71
CA GLY C 1012 -3.38 13.38 41.69
C GLY C 1012 -2.52 12.37 42.42
N GLU C 1013 -3.03 11.17 42.62
CA GLU C 1013 -2.26 10.14 43.31
C GLU C 1013 -1.03 9.78 42.48
N PRO C 1014 0.10 9.46 43.12
CA PRO C 1014 1.27 9.04 42.36
C PRO C 1014 1.08 7.65 41.75
N PHE C 1015 1.67 7.47 40.58
CA PHE C 1015 1.63 6.16 39.94
C PHE C 1015 2.36 5.14 40.82
N PRO C 1016 1.83 3.93 40.95
CA PRO C 1016 2.36 3.00 41.96
C PRO C 1016 3.80 2.58 41.71
N TYR C 1017 4.25 2.49 40.47
CA TYR C 1017 5.60 2.00 40.27
C TYR C 1017 6.44 3.00 39.47
N PRO C 1018 7.76 2.98 39.62
CA PRO C 1018 8.60 3.89 38.84
C PRO C 1018 8.58 3.56 37.35
N VAL C 1019 8.68 4.62 36.55
CA VAL C 1019 8.53 4.56 35.11
C VAL C 1019 9.81 5.09 34.46
N THR C 1020 10.26 4.43 33.40
CA THR C 1020 11.44 4.90 32.67
C THR C 1020 11.14 6.22 31.98
N VAL C 1021 11.81 7.28 32.42
CA VAL C 1021 11.72 8.57 31.75
C VAL C 1021 13.11 8.94 31.25
N GLY C 1022 13.13 9.74 30.19
CA GLY C 1022 14.38 10.16 29.60
C GLY C 1022 14.10 11.10 28.45
N TYR C 1023 15.08 11.27 27.58
CA TYR C 1023 14.96 12.19 26.46
C TYR C 1023 15.22 11.45 25.16
N MET C 1024 14.22 11.44 24.30
CA MET C 1024 14.27 10.73 23.03
C MET C 1024 14.15 11.71 21.89
N TYR C 1025 14.86 11.43 20.80
CA TYR C 1025 14.81 12.27 19.61
C TYR C 1025 13.63 11.84 18.76
N ILE C 1026 12.66 12.72 18.61
CA ILE C 1026 11.42 12.44 17.88
C ILE C 1026 11.37 13.32 16.65
N MET C 1027 11.00 12.73 15.52
CA MET C 1027 10.92 13.44 14.24
C MET C 1027 9.47 13.61 13.82
N LYS C 1028 9.20 14.69 13.08
CA LYS C 1028 7.89 14.91 12.48
C LYS C 1028 7.93 14.41 11.05
N LEU C 1029 7.37 13.22 10.82
CA LEU C 1029 7.38 12.62 9.50
C LEU C 1029 6.37 13.31 8.59
N HIS C 1030 6.62 13.25 7.29
CA HIS C 1030 5.87 14.07 6.34
C HIS C 1030 4.55 13.40 5.97
N HIS C 1031 4.01 12.59 6.86
CA HIS C 1031 2.70 12.00 6.68
C HIS C 1031 1.77 12.68 7.68
N LEU C 1032 1.25 13.83 7.28
CA LEU C 1032 0.46 14.70 8.15
C LEU C 1032 -1.02 14.59 7.79
N VAL C 1033 -1.86 14.59 8.81
CA VAL C 1033 -3.29 14.36 8.60
C VAL C 1033 -3.92 15.42 7.73
N ASP C 1034 -3.30 16.61 7.64
CA ASP C 1034 -3.82 17.64 6.74
C ASP C 1034 -3.71 17.22 5.28
N ASP C 1035 -2.74 16.37 4.95
CA ASP C 1035 -2.54 15.90 3.59
C ASP C 1035 -3.32 14.63 3.29
N LYS C 1036 -3.75 13.91 4.32
CA LYS C 1036 -4.40 12.62 4.12
C LYS C 1036 -5.92 12.72 4.11
N ILE C 1037 -6.50 13.57 4.97
CA ILE C 1037 -7.95 13.62 5.10
C ILE C 1037 -8.56 14.05 3.76
N HIS C 1038 -9.59 13.32 3.34
CA HIS C 1038 -10.26 13.59 2.07
C HIS C 1038 -11.66 13.00 2.11
N ALA C 1039 -12.57 13.65 1.42
CA ALA C 1039 -13.94 13.18 1.31
C ALA C 1039 -14.56 13.74 0.05
N ARG C 1040 -15.69 13.15 -0.35
CA ARG C 1040 -16.37 13.54 -1.56
C ARG C 1040 -17.78 13.00 -1.53
N SER C 1041 -18.77 13.86 -1.76
CA SER C 1041 -20.14 13.41 -2.01
C SER C 1041 -20.35 13.18 -3.49
N THR C 1042 -19.99 14.17 -4.32
CA THR C 1042 -20.09 14.08 -5.76
C THR C 1042 -19.05 15.02 -6.35
N GLY C 1043 -18.54 14.66 -7.53
CA GLY C 1043 -17.51 15.45 -8.17
C GLY C 1043 -17.25 15.03 -9.60
N PRO C 1044 -16.07 15.35 -10.10
CA PRO C 1044 -15.73 15.01 -11.49
C PRO C 1044 -15.68 13.50 -11.71
N TYR C 1045 -16.07 13.10 -12.89
CA TYR C 1045 -16.09 11.70 -13.28
C TYR C 1045 -15.14 11.44 -14.44
N SER C 1046 -14.80 10.16 -14.62
CA SER C 1046 -14.00 9.75 -15.76
C SER C 1046 -14.80 9.84 -17.04
N MET C 1047 -14.12 10.20 -18.14
CA MET C 1047 -14.82 10.32 -19.42
C MET C 1047 -15.11 8.95 -20.03
N ILE C 1048 -14.10 8.09 -20.06
CA ILE C 1048 -14.18 6.86 -20.83
C ILE C 1048 -15.14 5.86 -20.18
N THR C 1049 -15.23 5.86 -18.84
CA THR C 1049 -16.04 4.89 -18.14
C THR C 1049 -17.13 5.50 -17.26
N GLN C 1050 -17.16 6.83 -17.12
CA GLN C 1050 -18.18 7.53 -16.34
C GLN C 1050 -18.16 7.12 -14.87
N GLN C 1051 -17.03 6.69 -14.40
CA GLN C 1051 -16.86 6.40 -12.98
C GLN C 1051 -16.10 7.52 -12.30
N PRO C 1052 -16.32 7.73 -11.00
CA PRO C 1052 -15.62 8.82 -10.31
C PRO C 1052 -14.11 8.76 -10.51
N LEU C 1053 -13.49 9.92 -10.67
CA LEU C 1053 -12.05 10.00 -10.77
C LEU C 1053 -11.41 9.49 -9.48
N GLY C 1054 -10.10 9.28 -9.53
CA GLY C 1054 -9.35 8.76 -8.40
C GLY C 1054 -8.29 9.74 -7.94
N GLY C 1055 -8.00 9.70 -6.66
CA GLY C 1055 -6.99 10.57 -6.08
C GLY C 1055 -7.61 11.80 -5.44
N LYS C 1056 -6.95 12.29 -4.38
CA LYS C 1056 -7.47 13.46 -3.67
C LYS C 1056 -7.37 14.71 -4.52
N ALA C 1057 -6.24 14.88 -5.23
CA ALA C 1057 -6.01 16.11 -5.99
C ALA C 1057 -7.11 16.39 -7.00
N GLN C 1058 -7.76 15.34 -7.49
CA GLN C 1058 -8.87 15.47 -8.45
C GLN C 1058 -10.23 15.43 -7.77
N PHE C 1059 -10.28 15.55 -6.44
CA PHE C 1059 -11.52 15.45 -5.69
C PHE C 1059 -12.25 14.15 -6.02
N GLY C 1060 -11.49 13.07 -6.09
CA GLY C 1060 -12.01 11.80 -6.54
C GLY C 1060 -12.65 10.99 -5.44
N GLY C 1061 -13.41 9.97 -5.86
CA GLY C 1061 -14.03 9.04 -4.94
C GLY C 1061 -13.13 7.88 -4.59
N GLN C 1062 -13.55 7.14 -3.57
CA GLN C 1062 -12.78 6.00 -3.09
C GLN C 1062 -13.10 4.75 -3.91
N ARG C 1063 -12.10 3.93 -4.10
CA ARG C 1063 -12.24 2.67 -4.82
C ARG C 1063 -12.89 1.64 -3.92
N PHE C 1064 -14.00 1.06 -4.39
CA PHE C 1064 -14.64 -0.07 -3.73
C PHE C 1064 -14.33 -1.30 -4.57
N GLY C 1065 -13.22 -1.97 -4.24
CA GLY C 1065 -12.65 -3.00 -5.10
C GLY C 1065 -13.35 -4.34 -5.01
N GLU C 1066 -12.77 -5.30 -5.74
CA GLU C 1066 -13.38 -6.63 -5.86
C GLU C 1066 -13.45 -7.34 -4.51
N MET C 1067 -12.40 -7.22 -3.69
CA MET C 1067 -12.42 -7.85 -2.38
C MET C 1067 -13.50 -7.26 -1.48
N GLU C 1068 -13.74 -5.96 -1.61
CA GLU C 1068 -14.81 -5.33 -0.84
C GLU C 1068 -16.17 -5.88 -1.25
N CYS C 1069 -16.36 -6.14 -2.54
CA CYS C 1069 -17.60 -6.75 -3.00
C CYS C 1069 -17.74 -8.18 -2.51
N TRP C 1070 -16.62 -8.92 -2.45
CA TRP C 1070 -16.65 -10.23 -1.83
C TRP C 1070 -17.11 -10.13 -0.37
N ALA C 1071 -16.57 -9.15 0.36
CA ALA C 1071 -16.97 -8.97 1.75
C ALA C 1071 -18.47 -8.66 1.85
N MET C 1072 -18.96 -7.76 0.99
CA MET C 1072 -20.38 -7.47 0.94
C MET C 1072 -21.20 -8.74 0.73
N GLN C 1073 -20.82 -9.54 -0.27
CA GLN C 1073 -21.57 -10.75 -0.56
C GLN C 1073 -21.55 -11.72 0.61
N ALA C 1074 -20.38 -11.86 1.26
CA ALA C 1074 -20.30 -12.69 2.46
C ALA C 1074 -21.26 -12.20 3.53
N TYR C 1075 -21.41 -10.87 3.63
CA TYR C 1075 -22.43 -10.33 4.51
C TYR C 1075 -23.84 -10.55 3.99
N GLY C 1076 -23.98 -10.84 2.70
CA GLY C 1076 -25.30 -10.92 2.10
C GLY C 1076 -25.98 -9.58 1.97
N ALA C 1077 -25.21 -8.49 1.89
CA ALA C 1077 -25.77 -7.14 1.79
C ALA C 1077 -25.95 -6.81 0.31
N ALA C 1078 -27.02 -7.35 -0.27
CA ALA C 1078 -27.23 -7.22 -1.71
C ALA C 1078 -27.55 -5.78 -2.11
N TYR C 1079 -28.43 -5.12 -1.35
CA TYR C 1079 -28.84 -3.77 -1.73
C TYR C 1079 -27.71 -2.77 -1.61
N THR C 1080 -26.90 -2.88 -0.54
CA THR C 1080 -25.73 -2.03 -0.42
C THR C 1080 -24.79 -2.22 -1.61
N LEU C 1081 -24.57 -3.48 -1.99
CA LEU C 1081 -23.69 -3.76 -3.12
C LEU C 1081 -24.24 -3.18 -4.41
N GLN C 1082 -25.54 -3.29 -4.63
CA GLN C 1082 -26.13 -2.72 -5.84
C GLN C 1082 -26.02 -1.20 -5.85
N GLU C 1083 -26.31 -0.58 -4.71
CA GLU C 1083 -26.22 0.88 -4.61
C GLU C 1083 -24.80 1.36 -4.86
N LEU C 1084 -23.82 0.70 -4.26
CA LEU C 1084 -22.44 1.10 -4.44
C LEU C 1084 -22.01 1.00 -5.89
N LEU C 1085 -22.54 0.03 -6.63
CA LEU C 1085 -22.06 -0.24 -7.98
C LEU C 1085 -22.94 0.35 -9.07
N THR C 1086 -24.11 0.90 -8.75
CA THR C 1086 -24.92 1.56 -9.77
C THR C 1086 -25.09 3.04 -9.53
N ILE C 1087 -25.70 3.45 -8.41
CA ILE C 1087 -26.08 4.86 -8.24
C ILE C 1087 -25.00 5.66 -7.54
N LYS C 1088 -23.85 5.06 -7.25
CA LYS C 1088 -22.70 5.80 -6.75
C LYS C 1088 -21.55 5.83 -7.75
N SER C 1089 -21.59 5.05 -8.82
CA SER C 1089 -20.49 5.05 -9.79
C SER C 1089 -20.90 5.55 -11.17
N ASP C 1090 -21.81 4.85 -11.85
CA ASP C 1090 -21.98 5.15 -13.28
C ASP C 1090 -23.42 5.01 -13.80
N ASP C 1091 -24.43 5.00 -12.93
CA ASP C 1091 -25.81 5.16 -13.39
C ASP C 1091 -26.03 6.65 -13.62
N THR C 1092 -25.87 7.09 -14.87
CA THR C 1092 -25.80 8.52 -15.15
C THR C 1092 -27.09 9.26 -14.79
N VAL C 1093 -28.23 8.57 -14.82
CA VAL C 1093 -29.46 9.19 -14.37
C VAL C 1093 -29.71 8.94 -12.88
N GLY C 1094 -29.25 7.79 -12.37
CA GLY C 1094 -29.51 7.45 -10.98
C GLY C 1094 -28.83 8.39 -10.00
N ARG C 1095 -27.64 8.87 -10.34
CA ARG C 1095 -26.92 9.74 -9.42
C ARG C 1095 -27.60 11.11 -9.30
N VAL C 1096 -28.07 11.65 -10.42
CA VAL C 1096 -28.80 12.92 -10.36
C VAL C 1096 -30.13 12.75 -9.65
N LYS C 1097 -30.83 11.64 -9.92
CA LYS C 1097 -32.07 11.40 -9.20
C LYS C 1097 -31.84 11.21 -7.71
N VAL C 1098 -30.68 10.64 -7.35
CA VAL C 1098 -30.33 10.48 -5.93
C VAL C 1098 -30.10 11.84 -5.29
N TYR C 1099 -29.37 12.73 -5.97
CA TYR C 1099 -29.19 14.07 -5.45
C TYR C 1099 -30.53 14.78 -5.26
N GLU C 1100 -31.41 14.67 -6.25
CA GLU C 1100 -32.73 15.31 -6.14
C GLU C 1100 -33.53 14.74 -4.99
N ALA C 1101 -33.51 13.41 -4.82
CA ALA C 1101 -34.29 12.79 -3.76
C ALA C 1101 -33.75 13.16 -2.38
N ILE C 1102 -32.43 13.24 -2.23
CA ILE C 1102 -31.87 13.59 -0.92
C ILE C 1102 -32.13 15.06 -0.62
N VAL C 1103 -32.04 15.92 -1.63
CA VAL C 1103 -32.29 17.35 -1.41
C VAL C 1103 -33.75 17.60 -1.05
N LYS C 1104 -34.66 16.74 -1.52
CA LYS C 1104 -36.09 16.91 -1.28
C LYS C 1104 -36.63 15.90 -0.26
N GLY C 1105 -35.76 15.20 0.46
CA GLY C 1105 -36.20 14.24 1.46
C GLY C 1105 -36.99 13.07 0.93
N GLU C 1106 -37.03 12.87 -0.39
CA GLU C 1106 -37.75 11.74 -0.97
C GLU C 1106 -36.93 10.46 -0.85
N ASN C 1107 -37.59 9.34 -1.09
CA ASN C 1107 -36.92 8.04 -1.04
C ASN C 1107 -35.90 7.92 -2.17
N ILE C 1108 -34.83 7.18 -1.90
CA ILE C 1108 -33.78 6.98 -2.90
C ILE C 1108 -34.33 6.14 -4.05
N PRO C 1109 -34.14 6.56 -5.31
CA PRO C 1109 -34.79 5.85 -6.43
C PRO C 1109 -34.22 4.47 -6.71
N GLU C 1110 -34.72 3.82 -7.75
CA GLU C 1110 -34.29 2.49 -8.10
C GLU C 1110 -33.04 2.55 -8.98
N PRO C 1111 -32.06 1.67 -8.75
CA PRO C 1111 -30.84 1.69 -9.56
C PRO C 1111 -31.13 1.44 -11.04
N GLY C 1112 -30.26 1.98 -11.88
CA GLY C 1112 -30.34 1.82 -13.32
C GLY C 1112 -29.36 0.78 -13.84
N ILE C 1113 -28.79 1.06 -15.00
CA ILE C 1113 -27.86 0.15 -15.68
C ILE C 1113 -26.48 0.78 -15.65
N PRO C 1114 -25.45 0.06 -15.20
CA PRO C 1114 -24.11 0.66 -15.12
C PRO C 1114 -23.58 1.00 -16.50
N GLU C 1115 -23.13 2.24 -16.66
CA GLU C 1115 -22.59 2.69 -17.94
C GLU C 1115 -21.38 1.86 -18.36
N SER C 1116 -20.59 1.39 -17.40
CA SER C 1116 -19.45 0.55 -17.73
C SER C 1116 -19.87 -0.74 -18.43
N PHE C 1117 -21.05 -1.26 -18.12
CA PHE C 1117 -21.56 -2.44 -18.82
C PHE C 1117 -21.86 -2.12 -20.29
N LYS C 1118 -22.47 -0.96 -20.54
CA LYS C 1118 -22.65 -0.53 -21.92
C LYS C 1118 -21.31 -0.39 -22.63
N VAL C 1119 -20.30 0.14 -21.94
CA VAL C 1119 -19.00 0.31 -22.57
C VAL C 1119 -18.37 -1.06 -22.88
N LEU C 1120 -18.57 -2.03 -21.98
CA LEU C 1120 -18.07 -3.38 -22.23
C LEU C 1120 -18.73 -3.98 -23.47
N LEU C 1121 -20.06 -3.83 -23.57
CA LEU C 1121 -20.76 -4.31 -24.76
C LEU C 1121 -20.22 -3.65 -26.01
N LYS C 1122 -19.98 -2.34 -25.98
CA LYS C 1122 -19.47 -1.66 -27.16
C LYS C 1122 -18.07 -2.11 -27.52
N GLU C 1123 -17.23 -2.41 -26.51
CA GLU C 1123 -15.89 -2.88 -26.80
C GLU C 1123 -15.91 -4.30 -27.38
N LEU C 1124 -16.79 -5.16 -26.86
CA LEU C 1124 -16.94 -6.49 -27.43
C LEU C 1124 -17.44 -6.42 -28.88
N GLN C 1125 -18.38 -5.52 -29.15
CA GLN C 1125 -18.84 -5.34 -30.53
C GLN C 1125 -17.73 -4.80 -31.41
N SER C 1126 -16.84 -3.97 -30.87
CA SER C 1126 -15.66 -3.56 -31.61
C SER C 1126 -14.70 -4.72 -31.84
N LEU C 1127 -14.80 -5.78 -31.05
CA LEU C 1127 -14.04 -7.01 -31.28
C LEU C 1127 -14.77 -8.03 -32.15
N CYS C 1128 -15.67 -7.57 -33.02
CA CYS C 1128 -16.43 -8.44 -33.93
C CYS C 1128 -17.21 -9.52 -33.17
N LEU C 1129 -17.78 -9.15 -32.04
CA LEU C 1129 -18.58 -10.07 -31.23
C LEU C 1129 -20.01 -9.55 -31.18
N ASN C 1130 -20.92 -10.26 -31.82
CA ASN C 1130 -22.33 -9.90 -31.77
C ASN C 1130 -22.90 -10.26 -30.41
N VAL C 1131 -22.83 -9.32 -29.47
CA VAL C 1131 -23.35 -9.51 -28.12
C VAL C 1131 -24.67 -8.77 -28.02
N GLU C 1132 -25.70 -9.46 -27.51
CA GLU C 1132 -27.04 -8.91 -27.47
C GLU C 1132 -27.67 -9.24 -26.12
N VAL C 1133 -28.49 -8.32 -25.63
CA VAL C 1133 -29.27 -8.51 -24.41
C VAL C 1133 -30.66 -8.97 -24.80
N LEU C 1134 -31.10 -10.10 -24.25
CA LEU C 1134 -32.37 -10.70 -24.62
C LEU C 1134 -33.37 -10.60 -23.48
N SER C 1135 -34.62 -10.31 -23.83
CA SER C 1135 -35.70 -10.21 -22.86
C SER C 1135 -36.24 -11.60 -22.55
N SER C 1136 -37.31 -11.66 -21.74
CA SER C 1136 -37.85 -12.95 -21.31
C SER C 1136 -38.49 -13.73 -22.45
N ASP C 1137 -38.79 -13.09 -23.57
CA ASP C 1137 -39.45 -13.75 -24.70
C ASP C 1137 -38.51 -14.08 -25.85
N GLY C 1138 -37.34 -13.46 -25.91
CA GLY C 1138 -36.35 -13.77 -26.93
C GLY C 1138 -35.92 -12.59 -27.79
N ALA C 1139 -36.62 -11.47 -27.76
CA ALA C 1139 -36.26 -10.34 -28.59
C ALA C 1139 -35.02 -9.63 -28.03
N ALA C 1140 -34.48 -8.70 -28.82
CA ALA C 1140 -33.32 -7.91 -28.41
C ALA C 1140 -33.78 -6.63 -27.76
N ILE C 1141 -33.14 -6.29 -26.64
CA ILE C 1141 -33.46 -5.09 -25.86
C ILE C 1141 -32.50 -3.99 -26.28
N GLU C 1142 -33.04 -2.94 -26.86
CA GLU C 1142 -32.26 -1.74 -27.17
C GLU C 1142 -32.02 -0.94 -25.90
N LEU C 1143 -30.74 -0.75 -25.55
CA LEU C 1143 -30.33 0.00 -24.37
C LEU C 1143 -29.85 1.37 -24.84
N ARG C 1144 -30.81 2.31 -24.92
CA ARG C 1144 -30.57 3.70 -25.30
C ARG C 1144 -31.51 4.57 -24.48
N GLU C 1145 -31.43 5.89 -24.71
CA GLU C 1145 -32.08 6.88 -23.88
C GLU C 1145 -32.89 7.85 -24.74
N GLY C 1146 -34.04 8.25 -24.22
CA GLY C 1146 -34.75 9.41 -24.72
C GLY C 1146 -34.88 10.40 -23.56
N GLU C 1147 -34.66 11.67 -23.87
CA GLU C 1147 -34.41 12.68 -22.85
C GLU C 1147 -35.53 13.72 -22.76
N ASP C 1148 -36.75 13.33 -23.13
CA ASP C 1148 -37.88 14.26 -23.00
C ASP C 1148 -38.18 14.59 -21.53
N GLU C 1149 -37.93 13.63 -20.63
CA GLU C 1149 -38.28 13.80 -19.21
C GLU C 1149 -37.63 15.05 -18.62
N ASP C 1150 -36.34 15.27 -18.91
CA ASP C 1150 -35.68 16.49 -18.44
C ASP C 1150 -36.37 17.73 -18.98
N LEU C 1151 -36.73 17.71 -20.27
CA LEU C 1151 -37.43 18.86 -20.85
C LEU C 1151 -38.81 19.05 -20.23
N GLU C 1152 -39.52 17.95 -19.97
CA GLU C 1152 -40.84 18.06 -19.34
C GLU C 1152 -40.74 18.69 -17.96
N ARG C 1153 -39.81 18.20 -17.13
CA ARG C 1153 -39.65 18.76 -15.78
C ARG C 1153 -39.20 20.22 -15.82
N ALA C 1154 -38.26 20.54 -16.73
CA ALA C 1154 -37.74 21.90 -16.79
C ALA C 1154 -38.76 22.89 -17.34
N ALA C 1155 -39.63 22.45 -18.25
CA ALA C 1155 -40.67 23.33 -18.77
C ALA C 1155 -41.80 23.50 -17.75
N ALA C 1156 -42.16 22.42 -17.03
CA ALA C 1156 -43.15 22.55 -15.97
C ALA C 1156 -42.61 23.32 -14.77
N ASN C 1157 -41.29 23.47 -14.65
CA ASN C 1157 -40.69 24.26 -13.58
C ASN C 1157 -41.14 25.72 -13.62
N LEU D 3 -34.93 3.99 -18.58
CA LEU D 3 -36.09 3.54 -19.33
C LEU D 3 -36.38 2.07 -19.07
N ASP D 4 -35.34 1.30 -18.80
CA ASP D 4 -35.43 -0.15 -18.69
C ASP D 4 -34.71 -0.62 -17.43
N VAL D 5 -35.45 -1.26 -16.52
CA VAL D 5 -34.84 -1.91 -15.38
C VAL D 5 -34.11 -3.16 -15.87
N ASN D 6 -32.93 -3.42 -15.28
CA ASN D 6 -32.08 -4.51 -15.74
C ASN D 6 -32.65 -5.84 -15.28
N PHE D 7 -33.72 -6.27 -15.95
CA PHE D 7 -34.25 -7.63 -15.83
C PHE D 7 -34.23 -8.24 -17.22
N PHE D 8 -33.08 -8.78 -17.59
CA PHE D 8 -32.86 -9.44 -18.86
C PHE D 8 -32.82 -10.95 -18.62
N ASP D 9 -33.39 -11.71 -19.54
CA ASP D 9 -33.39 -13.17 -19.36
C ASP D 9 -32.00 -13.74 -19.62
N GLU D 10 -31.40 -13.38 -20.75
CA GLU D 10 -30.10 -13.93 -21.13
C GLU D 10 -29.25 -12.86 -21.80
N LEU D 11 -27.95 -13.13 -21.85
CA LEU D 11 -26.98 -12.32 -22.60
C LEU D 11 -26.25 -13.26 -23.54
N ARG D 12 -26.52 -13.14 -24.84
CA ARG D 12 -26.00 -14.05 -25.84
C ARG D 12 -24.86 -13.42 -26.62
N ILE D 13 -23.89 -14.25 -27.00
CA ILE D 13 -22.72 -13.82 -27.76
C ILE D 13 -22.49 -14.82 -28.89
N GLY D 14 -22.00 -14.31 -30.01
CA GLY D 14 -21.63 -15.14 -31.13
C GLY D 14 -20.74 -14.36 -32.07
N LEU D 15 -20.31 -15.03 -33.14
CA LEU D 15 -19.52 -14.35 -34.14
C LEU D 15 -20.36 -13.32 -34.87
N ALA D 16 -19.71 -12.22 -35.25
CA ALA D 16 -20.37 -11.12 -35.93
C ALA D 16 -20.10 -11.23 -37.42
N THR D 17 -21.15 -11.43 -38.21
CA THR D 17 -21.02 -11.41 -39.66
C THR D 17 -20.84 -9.97 -40.14
N ALA D 18 -20.34 -9.82 -41.36
CA ALA D 18 -20.14 -8.48 -41.92
C ALA D 18 -21.47 -7.74 -42.09
N GLU D 19 -22.57 -8.48 -42.24
CA GLU D 19 -23.88 -7.83 -42.27
C GLU D 19 -24.18 -7.18 -40.92
N ASP D 20 -23.78 -7.82 -39.82
CA ASP D 20 -23.92 -7.21 -38.51
C ASP D 20 -23.09 -5.93 -38.40
N ILE D 21 -21.83 -5.98 -38.86
CA ILE D 21 -20.95 -4.82 -38.78
C ILE D 21 -21.46 -3.68 -39.64
N ARG D 22 -22.17 -3.98 -40.73
CA ARG D 22 -22.75 -2.90 -41.53
C ARG D 22 -24.05 -2.38 -40.93
N GLN D 23 -24.85 -3.26 -40.34
CA GLN D 23 -26.09 -2.82 -39.71
C GLN D 23 -25.81 -1.92 -38.51
N TRP D 24 -24.81 -2.28 -37.71
CA TRP D 24 -24.41 -1.43 -36.59
C TRP D 24 -23.95 -0.06 -37.07
N SER D 25 -23.03 -0.05 -38.03
CA SER D 25 -22.28 1.15 -38.36
C SER D 25 -23.21 2.28 -38.78
N TYR D 26 -22.79 3.51 -38.46
CA TYR D 26 -23.46 4.72 -38.88
C TYR D 26 -22.74 5.42 -40.03
N GLY D 27 -21.72 4.77 -40.59
CA GLY D 27 -20.94 5.38 -41.64
C GLY D 27 -19.61 4.68 -41.80
N GLU D 28 -18.90 5.05 -42.86
CA GLU D 28 -17.62 4.46 -43.19
C GLU D 28 -16.51 5.48 -42.97
N VAL D 29 -15.50 5.09 -42.18
CA VAL D 29 -14.33 5.93 -41.99
C VAL D 29 -13.40 5.74 -43.17
N LYS D 30 -12.97 6.85 -43.79
CA LYS D 30 -12.14 6.77 -44.99
C LYS D 30 -10.85 7.58 -44.91
N LYS D 31 -10.68 8.43 -43.89
CA LYS D 31 -9.52 9.30 -43.81
C LYS D 31 -8.70 8.99 -42.56
N PRO D 32 -7.37 9.20 -42.62
CA PRO D 32 -6.57 9.09 -41.40
C PRO D 32 -6.59 10.34 -40.55
N GLU D 33 -6.96 11.48 -41.13
CA GLU D 33 -6.99 12.73 -40.39
C GLU D 33 -7.98 12.64 -39.24
N THR D 34 -7.57 13.17 -38.08
CA THR D 34 -8.37 13.11 -36.86
C THR D 34 -9.22 14.36 -36.68
N ILE D 35 -8.57 15.51 -36.55
CA ILE D 35 -9.23 16.80 -36.36
C ILE D 35 -8.40 17.86 -37.08
N ASN D 36 -8.96 19.07 -37.17
CA ASN D 36 -8.24 20.22 -37.68
C ASN D 36 -7.49 20.86 -36.51
N TYR D 37 -6.16 20.87 -36.59
CA TYR D 37 -5.35 21.39 -35.50
C TYR D 37 -5.64 22.87 -35.24
N ARG D 38 -6.04 23.61 -36.28
CA ARG D 38 -6.34 25.03 -36.11
C ARG D 38 -7.64 25.24 -35.34
N THR D 39 -8.75 24.72 -35.86
CA THR D 39 -10.07 25.02 -35.34
C THR D 39 -10.58 24.00 -34.33
N LEU D 40 -9.80 22.96 -34.03
CA LEU D 40 -10.20 21.88 -33.13
C LEU D 40 -11.49 21.21 -33.55
N LYS D 41 -11.85 21.30 -34.84
CA LYS D 41 -13.05 20.74 -35.45
C LYS D 41 -12.73 19.42 -36.13
N PRO D 42 -13.57 18.41 -35.93
CA PRO D 42 -13.29 17.09 -36.49
C PRO D 42 -13.34 17.11 -38.01
N GLU D 43 -12.38 16.40 -38.63
CA GLU D 43 -12.37 16.25 -40.07
C GLU D 43 -13.49 15.32 -40.52
N LYS D 44 -13.98 15.56 -41.74
CA LYS D 44 -15.06 14.75 -42.28
C LYS D 44 -14.54 13.40 -42.75
N ASP D 45 -15.32 12.35 -42.49
CA ASP D 45 -14.97 10.96 -42.81
C ASP D 45 -13.72 10.49 -42.06
N GLY D 46 -13.33 11.21 -41.02
CA GLY D 46 -12.17 10.85 -40.22
C GLY D 46 -12.55 9.99 -39.03
N LEU D 47 -11.55 9.75 -38.17
CA LEU D 47 -11.76 8.91 -37.00
C LEU D 47 -12.70 9.53 -35.99
N PHE D 48 -12.88 10.85 -36.02
CA PHE D 48 -13.79 11.54 -35.12
C PHE D 48 -14.90 12.26 -35.88
N CYS D 49 -15.21 11.82 -37.10
CA CYS D 49 -16.17 12.52 -37.95
C CYS D 49 -17.52 12.67 -37.26
N GLU D 50 -17.96 13.93 -37.09
CA GLU D 50 -19.24 14.19 -36.46
C GLU D 50 -20.42 13.69 -37.30
N LYS D 51 -20.23 13.56 -38.61
CA LYS D 51 -21.31 13.10 -39.48
C LYS D 51 -21.75 11.69 -39.11
N ILE D 52 -20.80 10.79 -38.88
CA ILE D 52 -21.11 9.38 -38.65
C ILE D 52 -21.19 9.05 -37.16
N PHE D 53 -20.31 9.62 -36.34
CA PHE D 53 -20.28 9.29 -34.92
C PHE D 53 -21.27 10.12 -34.12
N GLY D 54 -21.30 11.43 -34.34
CA GLY D 54 -22.20 12.30 -33.63
C GLY D 54 -21.63 13.69 -33.41
N PRO D 55 -22.49 14.65 -33.10
CA PRO D 55 -22.02 16.03 -32.91
C PRO D 55 -21.30 16.21 -31.57
N THR D 56 -20.21 16.96 -31.61
CA THR D 56 -19.40 17.16 -30.40
C THR D 56 -20.18 17.92 -29.34
N ARG D 57 -21.02 18.86 -29.76
CA ARG D 57 -21.79 19.69 -28.84
C ARG D 57 -23.27 19.45 -29.05
N ASP D 58 -24.04 19.64 -27.99
CA ASP D 58 -25.45 19.28 -27.99
C ASP D 58 -26.24 20.12 -28.99
N TRP D 59 -26.94 19.44 -29.89
CA TRP D 59 -27.86 20.05 -30.85
C TRP D 59 -27.18 21.04 -31.79
N GLU D 60 -25.87 20.86 -32.02
CA GLU D 60 -25.11 21.70 -32.92
C GLU D 60 -24.55 20.87 -34.06
N CYS D 61 -24.80 21.29 -35.30
CA CYS D 61 -24.27 20.59 -36.46
C CYS D 61 -22.85 21.10 -36.76
N TYR D 62 -22.22 20.48 -37.75
CA TYR D 62 -20.82 20.79 -38.05
C TYR D 62 -20.70 22.17 -38.69
N CYS D 63 -21.51 22.46 -39.70
CA CYS D 63 -21.39 23.72 -40.43
C CYS D 63 -22.12 24.87 -39.76
N GLY D 64 -22.72 24.67 -38.58
CA GLY D 64 -23.28 25.74 -37.79
C GLY D 64 -24.67 26.18 -38.18
N LYS D 65 -25.28 25.56 -39.21
CA LYS D 65 -26.61 25.97 -39.66
C LYS D 65 -27.69 25.71 -38.62
N TYR D 66 -27.49 24.76 -37.71
CA TYR D 66 -28.48 24.41 -36.69
C TYR D 66 -27.81 24.29 -35.34
N LYS D 67 -28.00 25.29 -34.47
CA LYS D 67 -27.56 25.23 -33.06
C LYS D 67 -28.73 25.67 -32.20
N ARG D 68 -29.63 24.73 -31.92
CA ARG D 68 -30.81 24.97 -31.11
C ARG D 68 -31.54 23.64 -30.97
N VAL D 69 -32.31 23.53 -29.88
CA VAL D 69 -33.09 22.32 -29.64
C VAL D 69 -34.33 22.22 -30.51
N ARG D 70 -34.69 23.29 -31.22
CA ARG D 70 -35.89 23.26 -32.04
C ARG D 70 -35.73 22.31 -33.22
N PHE D 71 -34.53 22.24 -33.80
CA PHE D 71 -34.28 21.41 -34.96
C PHE D 71 -34.09 19.94 -34.62
N LYS D 72 -34.43 19.52 -33.40
CA LYS D 72 -34.15 18.17 -32.95
C LYS D 72 -34.82 17.14 -33.86
N GLY D 73 -34.00 16.29 -34.47
CA GLY D 73 -34.47 15.19 -35.30
C GLY D 73 -34.05 15.28 -36.75
N ILE D 74 -33.85 16.50 -37.25
CA ILE D 74 -33.54 16.69 -38.67
C ILE D 74 -32.08 16.34 -38.92
N ILE D 75 -31.72 16.17 -40.19
CA ILE D 75 -30.35 15.94 -40.61
C ILE D 75 -29.93 17.10 -41.50
N CYS D 76 -28.88 17.81 -41.07
CA CYS D 76 -28.41 18.98 -41.81
C CYS D 76 -27.96 18.57 -43.21
N GLU D 77 -28.64 19.12 -44.23
CA GLU D 77 -28.37 18.73 -45.61
C GLU D 77 -27.01 19.25 -46.11
N ARG D 78 -26.39 20.19 -45.41
CA ARG D 78 -25.09 20.68 -45.83
C ARG D 78 -23.96 19.78 -45.36
N CYS D 79 -24.02 19.32 -44.11
CA CYS D 79 -22.94 18.56 -43.50
C CYS D 79 -23.31 17.13 -43.12
N GLY D 80 -24.59 16.77 -43.13
CA GLY D 80 -25.00 15.41 -42.81
C GLY D 80 -25.00 15.07 -41.35
N VAL D 81 -24.81 16.05 -40.46
CA VAL D 81 -24.78 15.82 -39.02
C VAL D 81 -26.20 15.88 -38.48
N GLU D 82 -26.52 14.97 -37.58
CA GLU D 82 -27.82 14.96 -36.92
C GLU D 82 -27.77 15.82 -35.67
N VAL D 83 -28.69 16.78 -35.58
CA VAL D 83 -28.78 17.63 -34.39
C VAL D 83 -29.40 16.83 -33.27
N THR D 84 -28.56 16.37 -32.34
CA THR D 84 -29.00 15.58 -31.20
C THR D 84 -27.95 15.74 -30.09
N ARG D 85 -28.06 14.91 -29.06
CA ARG D 85 -27.16 15.01 -27.93
C ARG D 85 -25.79 14.44 -28.27
N ALA D 86 -24.75 15.05 -27.68
CA ALA D 86 -23.40 14.50 -27.82
C ALA D 86 -23.25 13.16 -27.12
N LYS D 87 -24.21 12.77 -26.27
CA LYS D 87 -24.16 11.47 -25.62
C LYS D 87 -24.06 10.35 -26.65
N VAL D 88 -24.77 10.47 -27.76
CA VAL D 88 -24.73 9.44 -28.80
C VAL D 88 -23.31 9.18 -29.28
N ARG D 89 -22.41 10.15 -29.12
CA ARG D 89 -21.03 9.97 -29.54
C ARG D 89 -20.30 8.87 -28.78
N ARG D 90 -20.92 8.28 -27.76
CA ARG D 90 -20.34 7.13 -27.08
C ARG D 90 -21.17 5.86 -27.30
N GLU D 91 -22.02 5.84 -28.32
CA GLU D 91 -22.78 4.64 -28.65
C GLU D 91 -22.95 4.41 -30.15
N ARG D 92 -22.34 5.22 -31.01
CA ARG D 92 -22.47 5.10 -32.45
C ARG D 92 -21.16 4.59 -33.03
N MET D 93 -21.17 3.35 -33.52
CA MET D 93 -20.00 2.73 -34.08
C MET D 93 -19.88 3.03 -35.57
N GLY D 94 -18.64 3.13 -36.05
CA GLY D 94 -18.35 3.23 -37.46
C GLY D 94 -17.86 1.91 -38.02
N HIS D 95 -17.42 1.94 -39.27
CA HIS D 95 -16.83 0.74 -39.86
C HIS D 95 -15.86 1.15 -40.96
N ILE D 96 -15.01 0.19 -41.31
CA ILE D 96 -13.97 0.35 -42.32
C ILE D 96 -14.12 -0.76 -43.33
N GLU D 97 -14.36 -0.40 -44.59
CA GLU D 97 -14.49 -1.40 -45.65
C GLU D 97 -13.11 -1.80 -46.16
N LEU D 98 -12.79 -3.08 -46.05
CA LEU D 98 -11.47 -3.57 -46.42
C LEU D 98 -11.42 -3.89 -47.90
N ALA D 99 -10.23 -3.67 -48.49
CA ALA D 99 -10.03 -3.96 -49.90
C ALA D 99 -9.83 -5.45 -50.16
N ALA D 100 -9.23 -6.16 -49.21
CA ALA D 100 -9.05 -7.60 -49.29
C ALA D 100 -9.38 -8.18 -47.93
N PRO D 101 -10.06 -9.33 -47.90
CA PRO D 101 -10.48 -9.91 -46.62
C PRO D 101 -9.30 -10.14 -45.68
N VAL D 102 -9.61 -10.27 -44.39
CA VAL D 102 -8.62 -10.41 -43.33
C VAL D 102 -9.15 -11.42 -42.33
N THR D 103 -8.26 -12.28 -41.84
CA THR D 103 -8.64 -13.23 -40.79
C THR D 103 -8.57 -12.58 -39.42
N HIS D 104 -9.51 -12.96 -38.55
CA HIS D 104 -9.52 -12.48 -37.18
C HIS D 104 -8.44 -13.21 -36.39
N ILE D 105 -7.42 -12.47 -35.94
CA ILE D 105 -6.26 -13.11 -35.33
C ILE D 105 -6.63 -13.96 -34.13
N TRP D 106 -7.79 -13.69 -33.52
CA TRP D 106 -8.25 -14.54 -32.42
C TRP D 106 -8.47 -15.98 -32.87
N TYR D 107 -8.96 -16.17 -34.08
CA TYR D 107 -9.30 -17.51 -34.56
C TYR D 107 -8.19 -18.17 -35.37
N PHE D 108 -7.12 -17.43 -35.69
CA PHE D 108 -5.94 -18.03 -36.30
C PHE D 108 -4.85 -18.31 -35.27
N LYS D 109 -4.41 -17.29 -34.54
CA LYS D 109 -3.27 -17.42 -33.65
C LYS D 109 -3.65 -17.83 -32.24
N GLY D 110 -4.93 -17.73 -31.87
CA GLY D 110 -5.36 -18.15 -30.54
C GLY D 110 -5.28 -19.67 -30.42
N VAL D 111 -4.43 -20.15 -29.53
CA VAL D 111 -4.20 -21.60 -29.41
C VAL D 111 -5.39 -22.25 -28.72
N PRO D 112 -6.00 -23.29 -29.30
CA PRO D 112 -5.65 -23.92 -30.57
C PRO D 112 -6.26 -23.21 -31.78
N SER D 113 -5.54 -23.20 -32.91
CA SER D 113 -6.01 -22.48 -34.08
C SER D 113 -7.38 -22.99 -34.51
N ARG D 114 -8.41 -22.15 -34.34
CA ARG D 114 -9.76 -22.59 -34.65
C ARG D 114 -9.95 -22.81 -36.14
N LEU D 115 -9.31 -22.00 -36.98
CA LEU D 115 -9.28 -22.28 -38.41
C LEU D 115 -8.48 -23.55 -38.70
N GLY D 116 -7.34 -23.71 -38.02
CA GLY D 116 -6.53 -24.91 -38.18
C GLY D 116 -7.27 -26.19 -37.83
N TYR D 117 -8.32 -26.10 -37.02
CA TYR D 117 -9.18 -27.25 -36.77
C TYR D 117 -10.32 -27.33 -37.77
N LEU D 118 -10.93 -26.18 -38.08
CA LEU D 118 -12.07 -26.15 -38.99
C LEU D 118 -11.70 -26.73 -40.35
N LEU D 119 -10.57 -26.29 -40.91
CA LEU D 119 -10.11 -26.74 -42.21
C LEU D 119 -9.14 -27.92 -42.12
N ASP D 120 -8.80 -28.36 -40.91
CA ASP D 120 -7.80 -29.39 -40.68
C ASP D 120 -6.49 -29.05 -41.37
N LEU D 121 -6.03 -27.82 -41.14
CA LEU D 121 -4.73 -27.37 -41.62
C LEU D 121 -3.80 -27.17 -40.43
N ALA D 122 -2.52 -27.41 -40.66
CA ALA D 122 -1.54 -27.14 -39.61
C ALA D 122 -1.40 -25.64 -39.40
N PRO D 123 -1.21 -25.19 -38.16
CA PRO D 123 -1.11 -23.75 -37.91
C PRO D 123 0.04 -23.08 -38.65
N LYS D 124 1.15 -23.79 -38.89
CA LYS D 124 2.22 -23.17 -39.66
C LYS D 124 1.85 -23.04 -41.13
N ASP D 125 1.11 -24.01 -41.67
CA ASP D 125 0.61 -23.87 -43.03
C ASP D 125 -0.38 -22.71 -43.13
N LEU D 126 -1.24 -22.57 -42.13
CA LEU D 126 -2.14 -21.42 -42.08
C LEU D 126 -1.37 -20.12 -42.00
N GLU D 127 -0.26 -20.12 -41.25
CA GLU D 127 0.62 -18.97 -41.17
C GLU D 127 1.21 -18.62 -42.53
N LYS D 128 1.62 -19.64 -43.29
CA LYS D 128 2.15 -19.40 -44.62
C LYS D 128 1.09 -18.84 -45.56
N ILE D 129 -0.13 -19.39 -45.48
CA ILE D 129 -1.18 -19.00 -46.42
C ILE D 129 -1.64 -17.58 -46.13
N ILE D 130 -1.89 -17.25 -44.86
CA ILE D 130 -2.50 -15.97 -44.53
C ILE D 130 -1.51 -14.81 -44.70
N TYR D 131 -0.21 -15.06 -44.49
CA TYR D 131 0.80 -14.02 -44.55
C TYR D 131 1.65 -14.12 -45.81
N PHE D 132 1.10 -14.71 -46.87
CA PHE D 132 1.61 -14.60 -48.24
C PHE D 132 3.02 -15.18 -48.36
N ALA D 133 3.21 -16.37 -47.78
CA ALA D 133 4.45 -17.12 -47.99
C ALA D 133 4.26 -18.30 -48.92
N ALA D 134 3.04 -18.82 -49.03
CA ALA D 134 2.74 -20.00 -49.82
C ALA D 134 1.37 -19.87 -50.46
N TYR D 135 1.24 -20.33 -51.70
CA TYR D 135 -0.05 -20.44 -52.36
C TYR D 135 -0.79 -21.68 -51.85
N VAL D 136 -2.12 -21.64 -51.96
CA VAL D 136 -2.95 -22.78 -51.58
C VAL D 136 -3.97 -23.00 -52.69
N ILE D 137 -4.30 -24.27 -52.92
CA ILE D 137 -5.21 -24.65 -54.00
C ILE D 137 -6.63 -24.57 -53.46
N THR D 138 -7.42 -23.64 -54.01
CA THR D 138 -8.77 -23.40 -53.52
C THR D 138 -9.78 -24.36 -54.14
N SER D 139 -9.61 -24.69 -55.42
CA SER D 139 -10.55 -25.56 -56.12
C SER D 139 -9.85 -26.23 -57.29
N VAL D 140 -10.23 -27.48 -57.56
CA VAL D 140 -9.68 -28.27 -58.65
C VAL D 140 -10.82 -28.77 -59.52
N ASP D 141 -10.66 -28.65 -60.83
CA ASP D 141 -11.69 -29.08 -61.80
C ASP D 141 -11.44 -30.55 -62.14
N GLU D 142 -12.24 -31.43 -61.53
CA GLU D 142 -12.02 -32.87 -61.64
C GLU D 142 -12.27 -33.37 -63.07
N GLU D 143 -13.48 -33.12 -63.57
CA GLU D 143 -13.87 -33.68 -64.86
C GLU D 143 -12.99 -33.16 -65.98
N MET D 144 -12.64 -31.87 -65.95
CA MET D 144 -11.79 -31.33 -67.00
C MET D 144 -10.38 -31.90 -66.93
N ARG D 145 -9.88 -32.16 -65.72
CA ARG D 145 -8.56 -32.77 -65.60
C ARG D 145 -8.58 -34.23 -66.05
N HIS D 146 -9.71 -34.91 -65.90
CA HIS D 146 -9.77 -36.32 -66.29
C HIS D 146 -10.02 -36.48 -67.78
N ASN D 147 -10.77 -35.56 -68.41
CA ASN D 147 -11.06 -35.66 -69.82
C ASN D 147 -9.96 -35.08 -70.70
N GLU D 148 -8.88 -34.58 -70.11
CA GLU D 148 -7.74 -34.08 -70.88
C GLU D 148 -6.43 -34.67 -70.38
N LEU D 149 -6.48 -35.67 -69.51
CA LEU D 149 -5.25 -36.22 -68.92
C LEU D 149 -4.39 -36.88 -69.98
N SER D 150 -5.00 -37.57 -70.93
CA SER D 150 -4.23 -38.27 -71.97
C SER D 150 -3.41 -37.31 -72.80
N THR D 151 -4.03 -36.23 -73.28
CA THR D 151 -3.33 -35.27 -74.12
C THR D 151 -2.23 -34.56 -73.35
N LEU D 152 -2.51 -34.19 -72.10
CA LEU D 152 -1.51 -33.50 -71.28
C LEU D 152 -0.33 -34.41 -70.98
N GLU D 153 -0.60 -35.70 -70.71
CA GLU D 153 0.48 -36.65 -70.49
C GLU D 153 1.32 -36.84 -71.75
N ALA D 154 0.66 -36.89 -72.91
CA ALA D 154 1.40 -37.00 -74.16
C ALA D 154 2.33 -35.82 -74.36
N GLU D 155 1.81 -34.60 -74.20
CA GLU D 155 2.64 -33.42 -74.36
C GLU D 155 3.79 -33.42 -73.35
N MET D 156 3.51 -33.84 -72.12
CA MET D 156 4.53 -33.95 -71.10
C MET D 156 5.65 -34.90 -71.53
N ALA D 157 5.26 -36.08 -72.04
CA ALA D 157 6.25 -37.07 -72.45
C ALA D 157 7.10 -36.54 -73.59
N VAL D 158 6.48 -35.80 -74.52
CA VAL D 158 7.26 -35.22 -75.62
C VAL D 158 8.25 -34.20 -75.09
N GLU D 159 7.84 -33.39 -74.12
CA GLU D 159 8.75 -32.42 -73.51
C GLU D 159 9.93 -33.10 -72.84
N ARG D 160 9.67 -34.18 -72.11
CA ARG D 160 10.76 -34.91 -71.45
C ARG D 160 11.70 -35.54 -72.47
N LYS D 161 11.14 -36.11 -73.55
CA LYS D 161 11.97 -36.67 -74.61
C LYS D 161 12.84 -35.59 -75.25
N ALA D 162 12.29 -34.38 -75.40
CA ALA D 162 13.07 -33.29 -75.96
C ALA D 162 14.26 -32.94 -75.05
N VAL D 163 14.01 -32.86 -73.74
CA VAL D 163 15.09 -32.57 -72.80
C VAL D 163 16.17 -33.66 -72.87
N GLU D 164 15.75 -34.92 -72.94
CA GLU D 164 16.72 -36.02 -72.97
C GLU D 164 17.52 -36.01 -74.27
N ASP D 165 16.87 -35.73 -75.41
CA ASP D 165 17.58 -35.65 -76.67
C ASP D 165 18.60 -34.52 -76.66
N GLN D 166 18.25 -33.36 -76.10
CA GLN D 166 19.21 -32.27 -76.00
C GLN D 166 20.38 -32.66 -75.11
N ARG D 167 20.10 -33.33 -73.98
CA ARG D 167 21.18 -33.78 -73.10
C ARG D 167 22.15 -34.70 -73.84
N ASP D 168 21.60 -35.64 -74.61
CA ASP D 168 22.46 -36.58 -75.33
C ASP D 168 23.26 -35.88 -76.42
N GLY D 169 22.65 -34.94 -77.12
CA GLY D 169 23.39 -34.18 -78.12
C GLY D 169 24.56 -33.42 -77.52
N GLU D 170 24.31 -32.69 -76.42
CA GLU D 170 25.37 -31.96 -75.75
C GLU D 170 26.47 -32.90 -75.26
N LEU D 171 26.09 -34.00 -74.63
CA LEU D 171 27.07 -34.93 -74.09
C LEU D 171 27.93 -35.52 -75.19
N GLU D 172 27.32 -35.87 -76.33
CA GLU D 172 28.10 -36.44 -77.43
C GLU D 172 29.04 -35.41 -78.03
N ALA D 173 28.56 -34.17 -78.20
CA ALA D 173 29.44 -33.11 -78.69
C ALA D 173 30.64 -32.93 -77.77
N ARG D 174 30.40 -32.86 -76.47
CA ARG D 174 31.49 -32.67 -75.52
C ARG D 174 32.42 -33.88 -75.50
N ALA D 175 31.89 -35.08 -75.65
CA ALA D 175 32.73 -36.27 -75.62
C ALA D 175 33.64 -36.32 -76.85
N GLN D 176 33.10 -36.01 -78.02
CA GLN D 176 33.93 -35.94 -79.21
C GLN D 176 34.99 -34.84 -79.08
N LYS D 177 34.60 -33.70 -78.52
CA LYS D 177 35.57 -32.62 -78.31
C LYS D 177 36.69 -33.06 -77.38
N LEU D 178 36.35 -33.73 -76.28
CA LEU D 178 37.37 -34.18 -75.33
C LEU D 178 38.29 -35.21 -75.96
N GLU D 179 37.73 -36.15 -76.73
CA GLU D 179 38.57 -37.16 -77.38
C GLU D 179 39.50 -36.51 -78.39
N ALA D 180 39.00 -35.53 -79.15
CA ALA D 180 39.85 -34.82 -80.10
C ALA D 180 40.96 -34.04 -79.40
N ASP D 181 40.63 -33.39 -78.29
CA ASP D 181 41.64 -32.62 -77.57
C ASP D 181 42.70 -33.52 -76.97
N LEU D 182 42.30 -34.66 -76.40
CA LEU D 182 43.27 -35.58 -75.82
C LEU D 182 44.10 -36.24 -76.90
N ALA D 183 43.55 -36.45 -78.10
CA ALA D 183 44.37 -36.92 -79.22
C ALA D 183 45.37 -35.86 -79.64
N GLU D 184 44.94 -34.59 -79.66
CA GLU D 184 45.86 -33.49 -79.97
C GLU D 184 47.01 -33.43 -78.98
N LEU D 185 46.71 -33.64 -77.69
CA LEU D 185 47.77 -33.58 -76.68
C LEU D 185 48.67 -34.82 -76.76
N GLU D 186 48.10 -35.99 -77.03
CA GLU D 186 48.89 -37.20 -77.19
C GLU D 186 49.78 -37.15 -78.42
N ALA D 187 49.40 -36.35 -79.43
CA ALA D 187 50.27 -36.18 -80.59
C ALA D 187 51.60 -35.55 -80.19
N GLU D 188 51.58 -34.60 -79.26
CA GLU D 188 52.76 -33.93 -78.78
C GLU D 188 53.23 -34.55 -77.46
N GLY D 189 54.22 -33.93 -76.84
CA GLY D 189 54.66 -34.37 -75.52
C GLY D 189 53.65 -33.99 -74.45
N ALA D 190 52.95 -34.99 -73.91
CA ALA D 190 51.88 -34.77 -72.96
C ALA D 190 52.23 -35.46 -71.65
N LYS D 191 52.47 -34.67 -70.60
CA LYS D 191 52.60 -35.23 -69.26
C LYS D 191 51.36 -36.01 -68.90
N ALA D 192 51.55 -37.23 -68.38
CA ALA D 192 50.41 -38.08 -68.05
C ALA D 192 49.48 -37.39 -67.06
N ASP D 193 50.03 -36.61 -66.13
CA ASP D 193 49.20 -36.00 -65.09
C ASP D 193 48.47 -34.75 -65.60
N ALA D 194 49.13 -33.92 -66.40
CA ALA D 194 48.40 -32.81 -67.03
C ALA D 194 47.41 -33.32 -68.06
N ARG D 195 47.73 -34.42 -68.74
CA ARG D 195 46.79 -35.05 -69.65
C ARG D 195 45.55 -35.54 -68.91
N ARG D 196 45.75 -36.17 -67.75
CA ARG D 196 44.61 -36.59 -66.94
C ARG D 196 43.90 -35.40 -66.29
N LYS D 197 44.59 -34.27 -66.11
CA LYS D 197 43.91 -33.04 -65.70
C LYS D 197 42.94 -32.57 -66.78
N VAL D 198 43.38 -32.59 -68.04
CA VAL D 198 42.48 -32.23 -69.14
C VAL D 198 41.32 -33.22 -69.22
N ARG D 199 41.62 -34.52 -69.06
CA ARG D 199 40.58 -35.53 -69.09
C ARG D 199 39.57 -35.33 -67.97
N ASP D 200 40.05 -35.00 -66.76
CA ASP D 200 39.15 -34.78 -65.63
C ASP D 200 38.33 -33.51 -65.80
N GLY D 201 38.91 -32.49 -66.43
CA GLY D 201 38.11 -31.32 -66.77
C GLY D 201 36.99 -31.64 -67.73
N GLY D 202 37.29 -32.43 -68.76
CA GLY D 202 36.25 -32.86 -69.68
C GLY D 202 35.17 -33.69 -69.00
N GLU D 203 35.59 -34.64 -68.16
CA GLU D 203 34.62 -35.46 -67.44
C GLU D 203 33.77 -34.64 -66.47
N ARG D 204 34.36 -33.60 -65.85
CA ARG D 204 33.58 -32.71 -65.01
C ARG D 204 32.56 -31.93 -65.83
N GLU D 205 32.96 -31.43 -67.00
CA GLU D 205 32.00 -30.74 -67.86
C GLU D 205 30.85 -31.66 -68.26
N MET D 206 31.17 -32.91 -68.59
CA MET D 206 30.11 -33.87 -68.93
C MET D 206 29.20 -34.11 -67.74
N ARG D 207 29.78 -34.28 -66.55
CA ARG D 207 28.97 -34.50 -65.34
C ARG D 207 28.06 -33.31 -65.08
N GLN D 208 28.57 -32.09 -65.35
CA GLN D 208 27.75 -30.90 -65.15
C GLN D 208 26.60 -30.83 -66.15
N ILE D 209 26.87 -31.16 -67.42
CA ILE D 209 25.80 -31.21 -68.42
C ILE D 209 24.73 -32.21 -67.99
N ARG D 210 25.15 -33.40 -67.61
CA ARG D 210 24.20 -34.45 -67.24
C ARG D 210 23.39 -34.05 -66.01
N ASP D 211 24.04 -33.44 -65.01
CA ASP D 211 23.33 -33.09 -63.79
C ASP D 211 22.39 -31.90 -64.00
N ARG D 212 22.76 -30.96 -64.88
CA ARG D 212 21.83 -29.90 -65.25
C ARG D 212 20.59 -30.48 -65.92
N ALA D 213 20.79 -31.36 -66.90
CA ALA D 213 19.66 -32.01 -67.55
C ALA D 213 18.82 -32.78 -66.55
N GLN D 214 19.46 -33.44 -65.59
CA GLN D 214 18.72 -34.23 -64.61
C GLN D 214 17.91 -33.35 -63.66
N ARG D 215 18.45 -32.18 -63.29
CA ARG D 215 17.69 -31.24 -62.49
C ARG D 215 16.47 -30.74 -63.26
N GLU D 216 16.64 -30.47 -64.56
CA GLU D 216 15.49 -30.06 -65.37
C GLU D 216 14.43 -31.16 -65.45
N LEU D 217 14.87 -32.39 -65.69
CA LEU D 217 13.94 -33.51 -65.75
C LEU D 217 13.24 -33.72 -64.41
N ASP D 218 13.96 -33.51 -63.30
CA ASP D 218 13.34 -33.65 -61.99
C ASP D 218 12.30 -32.57 -61.74
N ARG D 219 12.58 -31.34 -62.17
CA ARG D 219 11.57 -30.28 -62.05
C ARG D 219 10.34 -30.63 -62.88
N LEU D 220 10.54 -31.18 -64.08
CA LEU D 220 9.42 -31.59 -64.92
C LEU D 220 8.59 -32.69 -64.26
N GLU D 221 9.27 -33.72 -63.73
CA GLU D 221 8.59 -34.79 -63.01
C GLU D 221 7.79 -34.24 -61.83
N ASP D 222 8.37 -33.31 -61.09
CA ASP D 222 7.68 -32.69 -59.95
C ASP D 222 6.42 -31.98 -60.42
N ILE D 223 6.54 -31.17 -61.49
CA ILE D 223 5.38 -30.45 -62.02
C ILE D 223 4.26 -31.42 -62.38
N TRP D 224 4.61 -32.48 -63.12
CA TRP D 224 3.57 -33.41 -63.59
C TRP D 224 2.92 -34.15 -62.43
N SER D 225 3.74 -34.68 -61.52
CA SER D 225 3.19 -35.41 -60.38
C SER D 225 2.36 -34.50 -59.49
N THR D 226 2.69 -33.21 -59.42
CA THR D 226 1.91 -32.28 -58.61
C THR D 226 0.57 -31.99 -59.26
N PHE D 227 0.56 -31.75 -60.58
CA PHE D 227 -0.71 -31.46 -61.24
C PHE D 227 -1.63 -32.67 -61.21
N THR D 228 -1.08 -33.88 -61.38
CA THR D 228 -1.91 -35.07 -61.35
C THR D 228 -2.48 -35.35 -59.97
N LYS D 229 -1.86 -34.82 -58.91
CA LYS D 229 -2.31 -35.02 -57.54
C LYS D 229 -2.78 -33.72 -56.90
N LEU D 230 -3.34 -32.82 -57.69
CA LEU D 230 -3.88 -31.58 -57.15
C LEU D 230 -5.19 -31.83 -56.44
N ALA D 231 -5.42 -31.09 -55.36
CA ALA D 231 -6.63 -31.20 -54.57
C ALA D 231 -6.74 -29.96 -53.69
N PRO D 232 -7.96 -29.55 -53.31
CA PRO D 232 -8.09 -28.41 -52.40
C PRO D 232 -7.40 -28.66 -51.07
N LYS D 233 -6.99 -27.56 -50.43
CA LYS D 233 -6.25 -27.47 -49.16
C LYS D 233 -4.78 -27.83 -49.31
N GLN D 234 -4.28 -28.01 -50.53
CA GLN D 234 -2.88 -28.32 -50.74
C GLN D 234 -2.07 -27.05 -50.89
N LEU D 235 -0.85 -27.07 -50.32
CA LEU D 235 0.03 -25.91 -50.35
C LEU D 235 1.13 -26.10 -51.39
N ILE D 236 1.34 -25.07 -52.21
CA ILE D 236 2.46 -25.00 -53.13
C ILE D 236 3.42 -23.97 -52.57
N VAL D 237 4.49 -24.45 -51.92
CA VAL D 237 5.44 -23.54 -51.27
C VAL D 237 6.46 -22.98 -52.25
N ASP D 238 6.70 -23.66 -53.36
CA ASP D 238 7.67 -23.20 -54.35
C ASP D 238 6.99 -22.21 -55.30
N GLU D 239 7.53 -20.99 -55.36
CA GLU D 239 6.99 -19.99 -56.29
C GLU D 239 7.15 -20.43 -57.73
N ASN D 240 8.31 -21.01 -58.06
CA ASN D 240 8.53 -21.51 -59.41
C ASN D 240 7.55 -22.63 -59.75
N LEU D 241 7.31 -23.55 -58.81
CA LEU D 241 6.40 -24.65 -59.07
C LEU D 241 4.99 -24.15 -59.34
N TYR D 242 4.52 -23.19 -58.54
CA TYR D 242 3.18 -22.65 -58.76
C TYR D 242 3.11 -21.88 -60.07
N ARG D 243 4.14 -21.10 -60.39
CA ARG D 243 4.12 -20.34 -61.64
C ARG D 243 4.10 -21.27 -62.84
N GLU D 244 4.78 -22.41 -62.75
CA GLU D 244 4.68 -23.40 -63.82
C GLU D 244 3.29 -24.02 -63.85
N LEU D 245 2.80 -24.50 -62.70
CA LEU D 245 1.48 -25.10 -62.61
C LEU D 245 0.37 -24.18 -63.06
N VAL D 246 0.62 -22.88 -63.19
CA VAL D 246 -0.41 -21.98 -63.72
C VAL D 246 -0.12 -21.64 -65.18
N ASP D 247 1.16 -21.59 -65.55
CA ASP D 247 1.49 -21.36 -66.95
C ASP D 247 0.93 -22.48 -67.82
N ARG D 248 1.19 -23.71 -67.45
CA ARG D 248 0.47 -24.88 -67.94
C ARG D 248 -0.63 -25.23 -66.97
N TYR D 249 -1.66 -25.92 -67.46
CA TYR D 249 -2.79 -26.39 -66.64
C TYR D 249 -3.45 -25.26 -65.84
N GLY D 250 -3.29 -24.01 -66.28
CA GLY D 250 -3.77 -22.89 -65.48
C GLY D 250 -5.28 -22.89 -65.30
N GLU D 251 -5.99 -23.26 -66.36
CA GLU D 251 -7.46 -23.21 -66.36
C GLU D 251 -8.09 -24.49 -65.82
N TYR D 252 -7.32 -25.35 -65.17
CA TYR D 252 -7.84 -26.58 -64.60
C TYR D 252 -8.07 -26.50 -63.10
N PHE D 253 -7.68 -25.40 -62.46
CA PHE D 253 -7.79 -25.26 -61.02
C PHE D 253 -7.77 -23.78 -60.68
N THR D 254 -7.84 -23.48 -59.39
CA THR D 254 -7.66 -22.13 -58.87
C THR D 254 -6.76 -22.18 -57.66
N GLY D 255 -5.79 -21.29 -57.60
CA GLY D 255 -4.93 -21.17 -56.44
C GLY D 255 -4.80 -19.71 -56.03
N ALA D 256 -4.63 -19.50 -54.73
CA ALA D 256 -4.61 -18.15 -54.20
C ALA D 256 -3.83 -18.11 -52.89
N MET D 257 -3.48 -16.88 -52.49
CA MET D 257 -2.79 -16.59 -51.25
C MET D 257 -3.69 -15.74 -50.35
N GLY D 258 -3.19 -15.48 -49.14
CA GLY D 258 -3.87 -14.59 -48.24
C GLY D 258 -5.16 -15.15 -47.65
N ALA D 259 -5.90 -14.25 -47.00
CA ALA D 259 -7.15 -14.62 -46.36
C ALA D 259 -8.30 -14.77 -47.35
N GLU D 260 -8.17 -14.22 -48.56
CA GLU D 260 -9.20 -14.44 -49.58
C GLU D 260 -9.29 -15.93 -49.91
N SER D 261 -8.15 -16.62 -49.97
CA SER D 261 -8.16 -18.05 -50.22
C SER D 261 -8.74 -18.82 -49.04
N ILE D 262 -8.52 -18.37 -47.80
CA ILE D 262 -9.15 -19.04 -46.66
C ILE D 262 -10.65 -18.83 -46.69
N GLN D 263 -11.10 -17.64 -47.08
CA GLN D 263 -12.51 -17.38 -47.27
C GLN D 263 -13.10 -18.32 -48.32
N LYS D 264 -12.38 -18.51 -49.44
CA LYS D 264 -12.84 -19.43 -50.47
C LYS D 264 -12.92 -20.85 -49.94
N LEU D 265 -11.86 -21.30 -49.25
CA LEU D 265 -11.86 -22.65 -48.68
C LEU D 265 -13.01 -22.85 -47.72
N ILE D 266 -13.42 -21.81 -47.00
CA ILE D 266 -14.57 -21.93 -46.11
C ILE D 266 -15.86 -21.98 -46.94
N GLU D 267 -15.91 -21.25 -48.04
CA GLU D 267 -17.09 -21.30 -48.91
C GLU D 267 -17.30 -22.70 -49.46
N ASN D 268 -16.28 -23.26 -50.10
CA ASN D 268 -16.33 -24.60 -50.68
C ASN D 268 -16.26 -25.69 -49.62
N PHE D 269 -16.41 -25.31 -48.36
CA PHE D 269 -16.30 -26.24 -47.24
C PHE D 269 -17.69 -26.77 -46.88
N ASP D 270 -17.84 -28.09 -46.88
CA ASP D 270 -19.08 -28.75 -46.46
C ASP D 270 -18.88 -29.23 -45.02
N ILE D 271 -19.50 -28.52 -44.08
CA ILE D 271 -19.23 -28.78 -42.67
C ILE D 271 -19.89 -30.07 -42.19
N ASP D 272 -21.08 -30.39 -42.71
CA ASP D 272 -21.76 -31.61 -42.29
C ASP D 272 -20.95 -32.85 -42.65
N ALA D 273 -20.34 -32.85 -43.84
CA ALA D 273 -19.53 -33.98 -44.27
C ALA D 273 -18.38 -34.23 -43.31
N GLU D 274 -17.61 -33.18 -43.01
CA GLU D 274 -16.47 -33.33 -42.11
C GLU D 274 -16.91 -33.69 -40.69
N ALA D 275 -18.05 -33.16 -40.25
CA ALA D 275 -18.55 -33.49 -38.93
C ALA D 275 -18.89 -34.97 -38.81
N GLU D 276 -19.63 -35.49 -39.80
CA GLU D 276 -19.97 -36.91 -39.76
C GLU D 276 -18.74 -37.79 -39.94
N SER D 277 -17.78 -37.35 -40.76
CA SER D 277 -16.52 -38.08 -40.88
C SER D 277 -15.81 -38.17 -39.53
N LEU D 278 -15.74 -37.06 -38.81
CA LEU D 278 -15.07 -37.05 -37.51
C LEU D 278 -15.83 -37.91 -36.49
N ARG D 279 -17.17 -37.89 -36.55
CA ARG D 279 -17.94 -38.75 -35.65
C ARG D 279 -17.65 -40.22 -35.93
N ASP D 280 -17.59 -40.60 -37.22
CA ASP D 280 -17.28 -41.98 -37.56
C ASP D 280 -15.87 -42.35 -37.11
N VAL D 281 -14.91 -41.43 -37.25
CA VAL D 281 -13.54 -41.70 -36.83
C VAL D 281 -13.49 -41.91 -35.32
N ILE D 282 -14.18 -41.06 -34.56
CA ILE D 282 -14.16 -41.20 -33.10
C ILE D 282 -14.85 -42.48 -32.68
N ARG D 283 -15.95 -42.84 -33.35
CA ARG D 283 -16.76 -43.95 -32.91
C ARG D 283 -16.12 -45.30 -33.24
N ASN D 284 -15.55 -45.43 -34.44
CA ASN D 284 -15.02 -46.69 -34.93
C ASN D 284 -13.50 -46.77 -34.86
N GLY D 285 -12.87 -46.02 -33.96
CA GLY D 285 -11.42 -46.01 -33.84
C GLY D 285 -10.99 -45.46 -32.50
N LYS D 286 -9.70 -45.63 -32.21
CA LYS D 286 -9.13 -45.18 -30.95
C LYS D 286 -7.65 -44.94 -31.12
N GLY D 287 -7.08 -44.16 -30.20
CA GLY D 287 -5.67 -43.81 -30.19
C GLY D 287 -5.48 -42.32 -30.10
N GLN D 288 -4.32 -41.85 -30.57
CA GLN D 288 -4.05 -40.41 -30.60
C GLN D 288 -4.89 -39.71 -31.65
N LYS D 289 -5.11 -40.37 -32.79
CA LYS D 289 -6.02 -39.83 -33.79
C LYS D 289 -7.42 -39.64 -33.22
N LYS D 290 -7.81 -40.48 -32.25
CA LYS D 290 -9.11 -40.32 -31.60
C LYS D 290 -9.17 -39.01 -30.81
N LEU D 291 -8.10 -38.71 -30.06
CA LEU D 291 -8.07 -37.47 -29.29
C LEU D 291 -8.05 -36.26 -30.22
N ARG D 292 -7.25 -36.31 -31.28
CA ARG D 292 -7.23 -35.22 -32.25
C ARG D 292 -8.59 -35.02 -32.90
N ALA D 293 -9.29 -36.12 -33.20
CA ALA D 293 -10.61 -36.02 -33.82
C ALA D 293 -11.63 -35.44 -32.85
N LEU D 294 -11.51 -35.78 -31.56
CA LEU D 294 -12.40 -35.19 -30.56
C LEU D 294 -12.16 -33.68 -30.44
N LYS D 295 -10.89 -33.29 -30.38
CA LYS D 295 -10.55 -31.87 -30.34
C LYS D 295 -11.14 -31.13 -31.55
N ARG D 296 -10.97 -31.68 -32.75
CA ARG D 296 -11.50 -31.03 -33.94
C ARG D 296 -13.02 -31.02 -33.93
N LEU D 297 -13.64 -32.11 -33.48
CA LEU D 297 -15.10 -32.20 -33.47
C LEU D 297 -15.70 -31.16 -32.54
N LYS D 298 -14.99 -30.81 -31.45
CA LYS D 298 -15.49 -29.74 -30.58
C LYS D 298 -15.89 -28.51 -31.39
N VAL D 299 -14.93 -27.94 -32.13
CA VAL D 299 -15.18 -26.71 -32.88
C VAL D 299 -16.09 -26.98 -34.08
N VAL D 300 -15.91 -28.12 -34.75
CA VAL D 300 -16.73 -28.39 -35.94
C VAL D 300 -18.20 -28.50 -35.57
N ALA D 301 -18.51 -29.23 -34.49
CA ALA D 301 -19.89 -29.35 -34.05
C ALA D 301 -20.41 -28.04 -33.45
N ALA D 302 -19.54 -27.25 -32.84
CA ALA D 302 -19.97 -25.92 -32.39
C ALA D 302 -20.41 -25.06 -33.56
N PHE D 303 -19.68 -25.10 -34.68
CA PHE D 303 -20.10 -24.35 -35.85
C PHE D 303 -21.32 -24.97 -36.52
N GLN D 304 -21.47 -26.30 -36.42
CA GLN D 304 -22.57 -26.98 -37.10
C GLN D 304 -23.89 -26.74 -36.39
N GLN D 305 -23.97 -27.12 -35.11
CA GLN D 305 -25.25 -27.19 -34.40
C GLN D 305 -25.92 -25.83 -34.23
N SER D 306 -25.18 -24.73 -34.31
CA SER D 306 -25.72 -23.44 -33.91
C SER D 306 -26.33 -22.65 -35.06
N GLY D 307 -25.91 -22.89 -36.30
CA GLY D 307 -26.27 -22.00 -37.37
C GLY D 307 -25.41 -20.76 -37.46
N ASN D 308 -24.28 -20.74 -36.75
CA ASN D 308 -23.28 -19.69 -36.91
C ASN D 308 -22.39 -20.03 -38.09
N SER D 309 -22.37 -19.18 -39.09
CA SER D 309 -21.53 -19.42 -40.27
C SER D 309 -20.06 -19.30 -39.89
N PRO D 310 -19.21 -20.27 -40.26
CA PRO D 310 -17.77 -20.11 -40.01
C PRO D 310 -17.15 -18.96 -40.79
N MET D 311 -17.81 -18.47 -41.83
CA MET D 311 -17.32 -17.32 -42.59
C MET D 311 -17.04 -16.12 -41.70
N GLY D 312 -17.69 -16.03 -40.53
CA GLY D 312 -17.42 -14.96 -39.60
C GLY D 312 -15.97 -14.85 -39.16
N MET D 313 -15.20 -15.94 -39.31
CA MET D 313 -13.80 -15.89 -38.92
C MET D 313 -12.95 -15.05 -39.88
N VAL D 314 -13.51 -14.64 -41.03
CA VAL D 314 -12.83 -13.73 -41.94
C VAL D 314 -13.70 -12.50 -42.09
N LEU D 315 -13.05 -11.34 -42.14
CA LEU D 315 -13.73 -10.05 -42.13
C LEU D 315 -13.52 -9.34 -43.45
N ASP D 316 -14.56 -8.64 -43.91
CA ASP D 316 -14.43 -7.71 -45.02
C ASP D 316 -14.62 -6.26 -44.60
N ALA D 317 -15.17 -6.03 -43.40
CA ALA D 317 -15.21 -4.70 -42.81
C ALA D 317 -14.93 -4.83 -41.32
N VAL D 318 -14.27 -3.82 -40.77
CA VAL D 318 -13.83 -3.80 -39.38
C VAL D 318 -14.68 -2.79 -38.62
N PRO D 319 -15.20 -3.12 -37.45
CA PRO D 319 -15.97 -2.14 -36.67
C PRO D 319 -15.04 -1.12 -36.03
N VAL D 320 -15.56 0.09 -35.84
CA VAL D 320 -14.83 1.20 -35.24
C VAL D 320 -15.57 1.63 -33.99
N ILE D 321 -14.89 1.56 -32.85
CA ILE D 321 -15.49 1.92 -31.55
C ILE D 321 -15.76 3.42 -31.52
N PRO D 322 -16.83 3.88 -30.86
CA PRO D 322 -17.14 5.33 -30.87
C PRO D 322 -16.01 6.14 -30.30
N PRO D 323 -15.93 7.43 -30.66
CA PRO D 323 -14.74 8.23 -30.27
C PRO D 323 -14.61 8.47 -28.77
N GLU D 324 -15.73 8.57 -28.04
CA GLU D 324 -15.64 8.86 -26.61
C GLU D 324 -14.93 7.75 -25.85
N LEU D 325 -14.97 6.51 -26.36
CA LEU D 325 -14.28 5.39 -25.75
C LEU D 325 -12.82 5.26 -26.21
N ARG D 326 -12.37 6.17 -27.08
CA ARG D 326 -10.95 6.26 -27.48
C ARG D 326 -10.58 7.73 -27.48
N PRO D 327 -10.54 8.36 -26.30
CA PRO D 327 -10.56 9.82 -26.25
C PRO D 327 -9.31 10.46 -26.85
N MET D 328 -9.52 11.64 -27.43
CA MET D 328 -8.45 12.54 -27.82
C MET D 328 -8.65 13.84 -27.06
N VAL D 329 -7.65 14.23 -26.26
CA VAL D 329 -7.75 15.40 -25.40
C VAL D 329 -6.62 16.36 -25.75
N GLN D 330 -6.92 17.65 -25.68
CA GLN D 330 -5.93 18.69 -25.95
C GLN D 330 -5.08 18.90 -24.71
N LEU D 331 -3.76 18.84 -24.89
CA LEU D 331 -2.84 19.05 -23.78
C LEU D 331 -2.41 20.52 -23.72
N ASP D 332 -1.60 20.83 -22.71
CA ASP D 332 -1.11 22.19 -22.51
C ASP D 332 -0.27 22.62 -23.70
N GLY D 333 -0.81 23.54 -24.49
CA GLY D 333 -0.18 23.97 -25.72
C GLY D 333 -0.76 23.31 -26.93
N GLY D 334 0.06 23.22 -27.98
CA GLY D 334 -0.28 22.55 -29.20
C GLY D 334 -0.24 21.05 -29.13
N ARG D 335 0.18 20.49 -27.99
CA ARG D 335 0.24 19.04 -27.82
C ARG D 335 -1.17 18.44 -27.80
N PHE D 336 -1.24 17.15 -28.13
CA PHE D 336 -2.47 16.39 -28.01
C PHE D 336 -2.16 15.01 -27.44
N ALA D 337 -3.20 14.34 -26.95
CA ALA D 337 -3.05 13.00 -26.40
C ALA D 337 -4.20 12.13 -26.86
N THR D 338 -3.89 10.92 -27.32
CA THR D 338 -4.89 9.97 -27.78
C THR D 338 -4.63 8.59 -27.17
N SER D 339 -5.66 7.77 -27.15
CA SER D 339 -5.47 6.37 -26.81
C SER D 339 -4.74 5.66 -27.96
N ASP D 340 -4.23 4.47 -27.66
CA ASP D 340 -3.53 3.71 -28.69
C ASP D 340 -4.48 3.22 -29.77
N LEU D 341 -5.76 3.03 -29.42
CA LEU D 341 -6.75 2.58 -30.39
C LEU D 341 -6.77 3.49 -31.62
N ASN D 342 -6.61 4.80 -31.41
CA ASN D 342 -6.64 5.71 -32.54
C ASN D 342 -5.45 5.50 -33.47
N ASP D 343 -4.26 5.24 -32.92
CA ASP D 343 -3.11 5.00 -33.79
C ASP D 343 -3.26 3.69 -34.55
N LEU D 344 -3.82 2.67 -33.90
CA LEU D 344 -4.05 1.41 -34.59
C LEU D 344 -5.05 1.56 -35.73
N TYR D 345 -6.16 2.28 -35.46
CA TYR D 345 -7.13 2.56 -36.52
C TYR D 345 -6.49 3.38 -37.64
N ARG D 346 -5.61 4.32 -37.29
CA ARG D 346 -4.94 5.13 -38.32
C ARG D 346 -4.08 4.26 -39.21
N ARG D 347 -3.33 3.31 -38.63
CA ARG D 347 -2.50 2.44 -39.44
C ARG D 347 -3.35 1.55 -40.35
N VAL D 348 -4.44 0.98 -39.80
CA VAL D 348 -5.33 0.17 -40.63
C VAL D 348 -5.88 0.99 -41.80
N ILE D 349 -6.32 2.23 -41.52
CA ILE D 349 -6.89 3.08 -42.56
C ILE D 349 -5.84 3.40 -43.63
N ASN D 350 -4.64 3.82 -43.21
CA ASN D 350 -3.60 4.19 -44.17
C ASN D 350 -3.21 3.00 -45.04
N ARG D 351 -3.13 1.80 -44.46
CA ARG D 351 -2.72 0.64 -45.24
C ARG D 351 -3.83 0.21 -46.20
N ASN D 352 -5.10 0.29 -45.77
CA ASN D 352 -6.20 -0.01 -46.68
C ASN D 352 -6.24 0.99 -47.85
N ASN D 353 -5.99 2.26 -47.56
CA ASN D 353 -5.97 3.26 -48.62
C ASN D 353 -4.81 3.01 -49.60
N ARG D 354 -3.63 2.70 -49.07
CA ARG D 354 -2.49 2.41 -49.95
C ARG D 354 -2.76 1.17 -50.80
N LEU D 355 -3.45 0.17 -50.22
CA LEU D 355 -3.81 -1.02 -50.99
C LEU D 355 -4.78 -0.65 -52.12
N LYS D 356 -5.77 0.20 -51.83
CA LYS D 356 -6.68 0.63 -52.88
C LYS D 356 -5.93 1.36 -54.00
N ARG D 357 -4.97 2.22 -53.62
CA ARG D 357 -4.16 2.90 -54.61
C ARG D 357 -3.40 1.91 -55.49
N LEU D 358 -2.75 0.93 -54.87
CA LEU D 358 -2.00 -0.07 -55.63
C LEU D 358 -2.92 -0.87 -56.55
N ILE D 359 -4.12 -1.21 -56.08
CA ILE D 359 -5.07 -1.94 -56.92
C ILE D 359 -5.45 -1.12 -58.14
N ASP D 360 -5.82 0.15 -57.92
CA ASP D 360 -6.21 0.99 -59.04
C ASP D 360 -5.06 1.24 -60.01
N LEU D 361 -3.82 1.26 -59.50
CA LEU D 361 -2.66 1.57 -60.32
C LEU D 361 -2.11 0.38 -61.09
N GLY D 362 -2.77 -0.77 -61.04
CA GLY D 362 -2.29 -1.97 -61.71
C GLY D 362 -0.87 -2.30 -61.29
N ALA D 363 -0.65 -2.37 -59.99
CA ALA D 363 0.69 -2.59 -59.44
C ALA D 363 1.10 -4.04 -59.55
N PRO D 364 2.41 -4.32 -59.50
CA PRO D 364 2.87 -5.71 -59.51
C PRO D 364 2.22 -6.52 -58.39
N GLU D 365 2.02 -7.81 -58.66
CA GLU D 365 1.39 -8.66 -57.66
C GLU D 365 2.21 -8.72 -56.38
N ILE D 366 3.53 -8.53 -56.48
CA ILE D 366 4.39 -8.60 -55.30
C ILE D 366 4.10 -7.44 -54.35
N ILE D 367 3.98 -6.23 -54.89
CA ILE D 367 3.74 -5.06 -54.05
C ILE D 367 2.35 -5.13 -53.43
N VAL D 368 1.35 -5.55 -54.21
CA VAL D 368 -0.01 -5.65 -53.68
C VAL D 368 -0.10 -6.75 -52.61
N ASN D 369 0.66 -7.83 -52.78
CA ASN D 369 0.68 -8.86 -51.75
C ASN D 369 1.37 -8.37 -50.49
N ASN D 370 2.46 -7.60 -50.64
CA ASN D 370 3.07 -6.95 -49.49
C ASN D 370 2.05 -6.09 -48.74
N GLU D 371 1.27 -5.31 -49.49
CA GLU D 371 0.32 -4.40 -48.85
C GLU D 371 -0.83 -5.17 -48.18
N LYS D 372 -1.29 -6.27 -48.79
CA LYS D 372 -2.31 -7.08 -48.16
C LYS D 372 -1.79 -7.73 -46.87
N ARG D 373 -0.54 -8.21 -46.89
CA ARG D 373 0.07 -8.75 -45.69
C ARG D 373 0.16 -7.70 -44.59
N MET D 374 0.56 -6.48 -44.96
CA MET D 374 0.65 -5.41 -43.97
C MET D 374 -0.72 -5.05 -43.42
N LEU D 375 -1.75 -5.06 -44.28
CA LEU D 375 -3.10 -4.80 -43.81
C LEU D 375 -3.54 -5.85 -42.79
N GLN D 376 -3.31 -7.13 -43.10
CA GLN D 376 -3.63 -8.19 -42.17
C GLN D 376 -2.90 -7.99 -40.83
N GLU D 377 -1.60 -7.66 -40.90
CA GLU D 377 -0.82 -7.50 -39.67
C GLU D 377 -1.33 -6.32 -38.84
N SER D 378 -1.73 -5.24 -39.50
CA SER D 378 -2.22 -4.08 -38.75
C SER D 378 -3.58 -4.37 -38.12
N VAL D 379 -4.44 -5.11 -38.80
CA VAL D 379 -5.70 -5.49 -38.18
C VAL D 379 -5.45 -6.41 -36.98
N ASP D 380 -4.47 -7.30 -37.11
CA ASP D 380 -4.12 -8.18 -35.99
C ASP D 380 -3.61 -7.37 -34.81
N ALA D 381 -2.83 -6.32 -35.07
CA ALA D 381 -2.37 -5.44 -34.00
C ALA D 381 -3.56 -4.71 -33.35
N LEU D 382 -4.47 -4.18 -34.17
CA LEU D 382 -5.65 -3.51 -33.63
C LEU D 382 -6.45 -4.43 -32.72
N PHE D 383 -6.56 -5.71 -33.08
CA PHE D 383 -7.37 -6.63 -32.29
C PHE D 383 -6.61 -7.14 -31.07
N ASP D 384 -5.48 -7.81 -31.29
CA ASP D 384 -4.67 -8.37 -30.20
C ASP D 384 -3.21 -8.13 -30.58
N ASN D 385 -2.65 -7.02 -30.11
CA ASN D 385 -1.27 -6.69 -30.44
C ASN D 385 -0.31 -7.61 -29.70
N GLY D 386 0.81 -7.92 -30.36
CA GLY D 386 1.82 -8.81 -29.81
C GLY D 386 1.49 -10.29 -29.89
N ARG D 387 0.23 -10.64 -30.20
CA ARG D 387 -0.15 -12.06 -30.24
C ARG D 387 0.63 -12.82 -31.30
N ARG D 388 0.94 -12.18 -32.43
CA ARG D 388 1.79 -12.77 -33.45
C ARG D 388 2.93 -11.81 -33.77
N GLY D 389 4.16 -12.32 -33.74
CA GLY D 389 5.30 -11.49 -34.01
C GLY D 389 5.53 -10.48 -32.88
N ARG D 390 6.33 -9.49 -33.19
CA ARG D 390 6.55 -8.45 -32.19
C ARG D 390 5.36 -7.50 -32.14
N PRO D 391 5.08 -6.91 -30.98
CA PRO D 391 3.98 -5.94 -30.89
C PRO D 391 4.34 -4.64 -31.60
N VAL D 392 3.31 -3.88 -31.93
CA VAL D 392 3.50 -2.57 -32.54
C VAL D 392 3.80 -1.56 -31.43
N THR D 393 4.87 -0.79 -31.62
CA THR D 393 5.35 0.15 -30.61
C THR D 393 5.08 1.58 -31.03
N GLY D 394 4.76 2.42 -30.06
CA GLY D 394 4.67 3.85 -30.29
C GLY D 394 5.97 4.53 -29.94
N PRO D 395 5.88 5.76 -29.42
CA PRO D 395 7.10 6.45 -28.98
C PRO D 395 7.72 5.76 -27.77
N GLY D 396 9.04 5.66 -27.78
CA GLY D 396 9.74 5.05 -26.67
C GLY D 396 9.66 3.55 -26.63
N ASN D 397 9.43 2.91 -27.78
CA ASN D 397 9.40 1.45 -27.90
C ASN D 397 8.34 0.83 -26.98
N ARG D 398 7.26 1.57 -26.72
CA ARG D 398 6.21 1.10 -25.84
C ARG D 398 5.11 0.45 -26.66
N PRO D 399 4.73 -0.79 -26.36
CA PRO D 399 3.66 -1.43 -27.14
C PRO D 399 2.34 -0.69 -26.97
N LEU D 400 1.54 -0.72 -28.03
CA LEU D 400 0.25 -0.03 -28.04
C LEU D 400 -0.82 -0.94 -27.47
N LYS D 401 -1.63 -0.38 -26.57
CA LYS D 401 -2.74 -1.14 -25.97
C LYS D 401 -3.77 -1.47 -27.03
N SER D 402 -4.04 -2.75 -27.24
CA SER D 402 -4.96 -3.18 -28.27
C SER D 402 -6.38 -3.26 -27.71
N LEU D 403 -7.32 -3.67 -28.56
CA LEU D 403 -8.69 -3.87 -28.10
C LEU D 403 -8.78 -4.99 -27.08
N SER D 404 -7.94 -6.02 -27.21
CA SER D 404 -7.98 -7.13 -26.27
C SER D 404 -7.38 -6.77 -24.92
N ASP D 405 -6.39 -5.87 -24.91
CA ASP D 405 -5.80 -5.45 -23.64
C ASP D 405 -6.83 -4.77 -22.74
N LEU D 406 -7.84 -4.13 -23.33
CA LEU D 406 -8.86 -3.44 -22.54
C LEU D 406 -9.59 -4.39 -21.61
N LEU D 407 -9.70 -5.66 -21.96
CA LEU D 407 -10.41 -6.63 -21.14
C LEU D 407 -9.50 -7.41 -20.20
N LYS D 408 -8.25 -7.63 -20.58
CA LYS D 408 -7.38 -8.53 -19.84
C LYS D 408 -6.72 -7.82 -18.65
N GLY D 409 -6.24 -8.62 -17.72
CA GLY D 409 -5.45 -8.13 -16.61
C GLY D 409 -6.29 -7.48 -15.52
N LYS D 410 -5.62 -7.17 -14.41
CA LYS D 410 -6.27 -6.44 -13.33
C LYS D 410 -6.70 -5.05 -13.77
N GLN D 411 -5.98 -4.47 -14.73
CA GLN D 411 -6.32 -3.16 -15.25
C GLN D 411 -7.43 -3.19 -16.30
N GLY D 412 -7.83 -4.37 -16.75
CA GLY D 412 -8.87 -4.49 -17.75
C GLY D 412 -10.24 -4.16 -17.22
N ARG D 413 -11.21 -4.08 -18.14
CA ARG D 413 -12.56 -3.65 -17.78
C ARG D 413 -13.16 -4.54 -16.71
N PHE D 414 -12.91 -5.85 -16.78
CA PHE D 414 -13.57 -6.77 -15.85
C PHE D 414 -13.10 -6.51 -14.42
N ARG D 415 -11.80 -6.49 -14.19
CA ARG D 415 -11.29 -6.32 -12.83
C ARG D 415 -11.37 -4.87 -12.36
N GLN D 416 -11.15 -3.91 -13.27
CA GLN D 416 -10.98 -2.52 -12.90
C GLN D 416 -12.25 -1.68 -12.99
N ASN D 417 -13.28 -2.15 -13.69
CA ASN D 417 -14.46 -1.33 -13.88
C ASN D 417 -15.78 -2.05 -13.69
N LEU D 418 -15.80 -3.37 -13.55
CA LEU D 418 -17.05 -4.12 -13.43
C LEU D 418 -17.15 -4.90 -12.13
N LEU D 419 -16.10 -5.63 -11.73
CA LEU D 419 -16.09 -6.30 -10.45
C LEU D 419 -15.74 -5.37 -9.29
N GLY D 420 -15.33 -4.13 -9.59
CA GLY D 420 -15.04 -3.14 -8.58
C GLY D 420 -14.94 -1.76 -9.19
N LYS D 421 -15.44 -0.75 -8.48
CA LYS D 421 -15.50 0.61 -9.01
C LYS D 421 -15.19 1.61 -7.91
N ARG D 422 -14.91 2.84 -8.34
CA ARG D 422 -14.88 3.97 -7.43
C ARG D 422 -16.29 4.48 -7.21
N VAL D 423 -16.58 4.92 -5.99
CA VAL D 423 -17.94 5.27 -5.60
C VAL D 423 -17.99 6.70 -5.10
N ASP D 424 -19.21 7.22 -4.99
CA ASP D 424 -19.49 8.54 -4.44
C ASP D 424 -19.83 8.44 -2.95
N TYR D 425 -19.98 9.60 -2.32
CA TYR D 425 -20.31 9.70 -0.90
C TYR D 425 -19.34 8.88 -0.06
N SER D 426 -18.05 9.13 -0.27
CA SER D 426 -17.01 8.33 0.35
C SER D 426 -15.79 9.20 0.63
N GLY D 427 -15.02 8.80 1.65
CA GLY D 427 -13.84 9.53 2.04
C GLY D 427 -12.82 8.61 2.66
N ARG D 428 -11.69 9.20 3.09
CA ARG D 428 -10.57 8.45 3.61
C ARG D 428 -9.83 9.32 4.62
N SER D 429 -9.29 8.69 5.65
CA SER D 429 -8.45 9.46 6.57
C SER D 429 -7.63 8.52 7.45
N VAL D 430 -6.66 9.12 8.14
CA VAL D 430 -5.83 8.39 9.09
C VAL D 430 -6.66 8.04 10.32
N ILE D 431 -6.45 6.83 10.84
CA ILE D 431 -7.18 6.39 12.02
C ILE D 431 -6.34 6.64 13.26
N VAL D 432 -7.02 6.94 14.36
CA VAL D 432 -6.42 7.02 15.68
C VAL D 432 -7.32 6.26 16.63
N VAL D 433 -6.72 5.79 17.73
CA VAL D 433 -7.46 4.98 18.70
C VAL D 433 -8.31 5.90 19.55
N GLY D 434 -9.62 5.63 19.60
CA GLY D 434 -10.48 6.25 20.57
C GLY D 434 -11.00 5.25 21.57
N PRO D 435 -10.43 5.24 22.78
CA PRO D 435 -10.83 4.24 23.78
C PRO D 435 -12.17 4.59 24.43
N GLN D 436 -12.48 5.88 24.48
CA GLN D 436 -13.75 6.33 25.02
C GLN D 436 -14.94 5.91 24.16
N LEU D 437 -14.70 5.38 22.96
CA LEU D 437 -15.77 4.99 22.07
C LEU D 437 -16.44 3.70 22.55
N LYS D 438 -17.69 3.53 22.11
CA LYS D 438 -18.40 2.28 22.31
C LYS D 438 -18.27 1.42 21.05
N LEU D 439 -18.42 0.10 21.25
CA LEU D 439 -18.14 -0.86 20.19
C LEU D 439 -18.89 -0.54 18.90
N HIS D 440 -20.05 0.11 19.00
CA HIS D 440 -20.84 0.44 17.83
C HIS D 440 -20.60 1.86 17.33
N GLN D 441 -19.57 2.53 17.85
CA GLN D 441 -19.35 3.93 17.54
C GLN D 441 -17.99 4.13 16.87
N CYS D 442 -17.86 5.27 16.22
CA CYS D 442 -16.59 5.67 15.63
C CYS D 442 -16.57 7.19 15.53
N GLY D 443 -15.35 7.73 15.47
CA GLY D 443 -15.18 9.16 15.42
C GLY D 443 -14.98 9.70 14.02
N LEU D 444 -15.96 10.44 13.52
CA LEU D 444 -15.87 11.03 12.19
C LEU D 444 -15.34 12.44 12.30
N PRO D 445 -14.23 12.79 11.65
CA PRO D 445 -13.81 14.19 11.59
C PRO D 445 -14.93 15.08 11.07
N LYS D 446 -14.98 16.30 11.58
CA LYS D 446 -16.12 17.16 11.30
C LYS D 446 -16.18 17.54 9.82
N LEU D 447 -15.06 17.96 9.25
CA LEU D 447 -15.05 18.32 7.83
C LEU D 447 -15.46 17.15 6.94
N MET D 448 -14.96 15.96 7.27
CA MET D 448 -15.28 14.77 6.48
C MET D 448 -16.78 14.48 6.54
N ALA D 449 -17.37 14.53 7.73
CA ALA D 449 -18.80 14.28 7.86
C ALA D 449 -19.61 15.33 7.13
N LEU D 450 -19.18 16.60 7.20
CA LEU D 450 -19.90 17.66 6.50
C LEU D 450 -19.91 17.41 5.00
N GLU D 451 -18.76 17.05 4.42
CA GLU D 451 -18.73 16.79 2.99
C GLU D 451 -19.54 15.54 2.63
N LEU D 452 -19.46 14.51 3.47
CA LEU D 452 -20.16 13.26 3.17
C LEU D 452 -21.67 13.45 3.16
N PHE D 453 -22.20 14.20 4.12
CA PHE D 453 -23.64 14.37 4.28
C PHE D 453 -24.15 15.66 3.66
N LYS D 454 -23.39 16.25 2.73
CA LYS D 454 -23.69 17.58 2.23
C LYS D 454 -25.15 17.78 1.81
N PRO D 455 -25.75 16.94 0.95
CA PRO D 455 -27.16 17.19 0.60
C PRO D 455 -28.11 17.01 1.76
N PHE D 456 -27.86 16.06 2.66
CA PHE D 456 -28.70 15.92 3.86
C PHE D 456 -28.65 17.19 4.71
N VAL D 457 -27.44 17.74 4.89
CA VAL D 457 -27.30 18.97 5.67
C VAL D 457 -28.03 20.12 4.98
N MET D 458 -27.96 20.19 3.65
CA MET D 458 -28.66 21.25 2.93
C MET D 458 -30.18 21.11 3.09
N LYS D 459 -30.69 19.89 3.02
CA LYS D 459 -32.13 19.70 3.16
C LYS D 459 -32.60 20.07 4.56
N ARG D 460 -31.89 19.60 5.60
CA ARG D 460 -32.26 19.96 6.97
C ARG D 460 -31.99 21.43 7.25
N LEU D 461 -31.13 22.07 6.46
CA LEU D 461 -30.82 23.48 6.60
C LEU D 461 -31.91 24.34 5.96
N VAL D 462 -32.62 23.79 4.99
CA VAL D 462 -33.76 24.49 4.42
C VAL D 462 -35.06 24.17 5.18
N ASP D 463 -35.18 22.98 5.75
CA ASP D 463 -36.30 22.66 6.62
C ASP D 463 -36.40 23.67 7.76
N LEU D 464 -35.38 23.70 8.61
CA LEU D 464 -35.19 24.84 9.48
C LEU D 464 -34.93 26.08 8.63
N ASN D 465 -35.28 27.24 9.16
CA ASN D 465 -35.27 28.44 8.33
C ASN D 465 -33.89 29.09 8.23
N HIS D 466 -32.81 28.34 8.48
CA HIS D 466 -31.47 28.91 8.33
C HIS D 466 -31.17 29.28 6.89
N ALA D 467 -31.79 28.59 5.92
CA ALA D 467 -31.51 28.79 4.51
C ALA D 467 -32.77 29.24 3.80
N GLN D 468 -32.62 30.26 2.95
CA GLN D 468 -33.76 30.72 2.15
C GLN D 468 -34.18 29.67 1.14
N ASN D 469 -33.28 29.34 0.21
CA ASN D 469 -33.53 28.28 -0.77
C ASN D 469 -32.39 27.28 -0.75
N ILE D 470 -32.38 26.34 -1.69
CA ILE D 470 -31.39 25.28 -1.67
C ILE D 470 -30.03 25.77 -2.15
N LYS D 471 -30.00 26.76 -3.05
CA LYS D 471 -28.72 27.32 -3.47
C LYS D 471 -28.06 28.08 -2.33
N SER D 472 -28.86 28.79 -1.52
CA SER D 472 -28.32 29.46 -0.34
C SER D 472 -27.76 28.45 0.65
N ALA D 473 -28.48 27.35 0.86
CA ALA D 473 -27.96 26.31 1.75
C ALA D 473 -26.65 25.74 1.23
N LYS D 474 -26.55 25.54 -0.10
CA LYS D 474 -25.31 25.06 -0.68
C LYS D 474 -24.17 26.03 -0.44
N ARG D 475 -24.42 27.33 -0.65
CA ARG D 475 -23.39 28.33 -0.39
C ARG D 475 -22.98 28.34 1.07
N MET D 476 -23.95 28.18 1.98
CA MET D 476 -23.64 28.19 3.41
C MET D 476 -22.80 26.97 3.80
N VAL D 477 -23.14 25.79 3.28
CA VAL D 477 -22.38 24.60 3.59
C VAL D 477 -20.97 24.69 3.00
N GLU D 478 -20.84 25.32 1.83
CA GLU D 478 -19.52 25.46 1.24
C GLU D 478 -18.66 26.45 2.03
N ARG D 479 -19.25 27.53 2.52
CA ARG D 479 -18.51 28.52 3.29
C ARG D 479 -18.25 28.10 4.73
N GLN D 480 -18.73 26.91 5.14
CA GLN D 480 -18.57 26.42 6.51
C GLN D 480 -19.11 27.43 7.53
N ARG D 481 -20.37 27.82 7.35
CA ARG D 481 -21.01 28.78 8.22
C ARG D 481 -21.27 28.16 9.59
N PRO D 482 -21.36 28.97 10.65
CA PRO D 482 -21.50 28.41 12.00
C PRO D 482 -22.80 27.66 12.25
N GLN D 483 -23.82 27.87 11.42
CA GLN D 483 -25.11 27.23 11.66
C GLN D 483 -25.14 25.76 11.27
N VAL D 484 -24.25 25.32 10.38
CA VAL D 484 -24.36 23.98 9.81
C VAL D 484 -24.11 22.92 10.87
N TRP D 485 -23.24 23.20 11.84
CA TRP D 485 -22.75 22.14 12.72
C TRP D 485 -23.87 21.59 13.61
N ASP D 486 -24.67 22.48 14.20
CA ASP D 486 -25.85 22.03 14.93
C ASP D 486 -26.75 21.17 14.04
N VAL D 487 -26.86 21.56 12.77
CA VAL D 487 -27.62 20.75 11.82
C VAL D 487 -26.89 19.44 11.53
N LEU D 488 -25.56 19.50 11.40
CA LEU D 488 -24.79 18.32 11.02
C LEU D 488 -25.03 17.18 12.01
N GLU D 489 -24.73 17.40 13.28
CA GLU D 489 -24.96 16.38 14.30
C GLU D 489 -26.41 15.90 14.32
N GLU D 490 -27.34 16.72 13.84
CA GLU D 490 -28.74 16.30 13.78
C GLU D 490 -28.94 15.24 12.69
N VAL D 491 -28.37 15.46 11.50
CA VAL D 491 -28.51 14.51 10.40
C VAL D 491 -27.59 13.30 10.53
N ILE D 492 -26.61 13.37 11.43
CA ILE D 492 -25.70 12.24 11.64
C ILE D 492 -26.34 11.19 12.56
N ALA D 493 -27.25 11.60 13.42
CA ALA D 493 -27.78 10.73 14.47
C ALA D 493 -28.37 9.45 13.86
N GLU D 494 -27.84 8.31 14.30
CA GLU D 494 -28.36 6.99 13.93
C GLU D 494 -28.33 6.74 12.43
N HIS D 495 -27.41 7.40 11.72
CA HIS D 495 -27.20 7.13 10.30
C HIS D 495 -25.84 6.46 10.15
N PRO D 496 -25.80 5.14 10.00
CA PRO D 496 -24.52 4.43 10.09
C PRO D 496 -23.62 4.74 8.91
N VAL D 497 -22.32 4.56 9.14
CA VAL D 497 -21.33 4.62 8.08
C VAL D 497 -20.61 3.28 8.04
N LEU D 498 -19.90 3.06 6.94
CA LEU D 498 -19.12 1.84 6.75
C LEU D 498 -17.65 2.18 6.78
N LEU D 499 -16.89 1.48 7.62
CA LEU D 499 -15.45 1.63 7.71
C LEU D 499 -14.79 0.40 7.09
N ASN D 500 -13.77 0.64 6.26
CA ASN D 500 -13.06 -0.42 5.57
C ASN D 500 -11.56 -0.15 5.62
N ARG D 501 -10.78 -1.21 5.83
CA ARG D 501 -9.32 -1.15 5.79
C ARG D 501 -8.81 -2.22 4.83
N ALA D 502 -8.18 -1.79 3.75
CA ALA D 502 -7.57 -2.75 2.85
C ALA D 502 -6.23 -3.21 3.41
N PRO D 503 -5.85 -4.48 3.16
CA PRO D 503 -6.58 -5.50 2.39
C PRO D 503 -7.78 -6.09 3.13
N THR D 504 -8.93 -6.14 2.45
CA THR D 504 -10.14 -6.74 3.02
C THR D 504 -10.01 -8.26 2.87
N LEU D 505 -9.53 -8.91 3.93
CA LEU D 505 -9.24 -10.34 3.84
C LEU D 505 -10.49 -11.17 4.11
N HIS D 506 -11.30 -10.76 5.07
CA HIS D 506 -12.58 -11.40 5.36
C HIS D 506 -13.66 -10.32 5.45
N ARG D 507 -14.91 -10.76 5.61
CA ARG D 507 -16.02 -9.81 5.58
C ARG D 507 -15.94 -8.83 6.75
N LEU D 508 -15.29 -9.22 7.84
CA LEU D 508 -15.08 -8.31 8.96
C LEU D 508 -14.19 -7.14 8.59
N GLY D 509 -13.50 -7.19 7.45
CA GLY D 509 -12.75 -6.06 6.95
C GLY D 509 -13.58 -4.88 6.56
N ILE D 510 -14.91 -5.01 6.57
CA ILE D 510 -15.82 -3.88 6.41
C ILE D 510 -16.86 -3.98 7.53
N GLN D 511 -16.95 -2.94 8.35
CA GLN D 511 -17.88 -2.96 9.48
C GLN D 511 -18.64 -1.65 9.55
N ALA D 512 -19.89 -1.73 10.00
CA ALA D 512 -20.73 -0.55 10.14
C ALA D 512 -20.58 0.02 11.54
N PHE D 513 -20.56 1.35 11.62
CA PHE D 513 -20.42 2.06 12.88
C PHE D 513 -21.40 3.21 12.94
N GLU D 514 -21.74 3.61 14.15
CA GLU D 514 -22.45 4.87 14.27
C GLU D 514 -21.44 6.01 14.40
N PRO D 515 -21.54 7.03 13.57
CA PRO D 515 -20.54 8.12 13.63
C PRO D 515 -20.92 9.16 14.68
N MET D 516 -19.91 9.62 15.41
CA MET D 516 -20.03 10.79 16.27
C MET D 516 -18.98 11.81 15.85
N LEU D 517 -19.39 13.07 15.78
CA LEU D 517 -18.48 14.12 15.32
C LEU D 517 -17.30 14.23 16.27
N VAL D 518 -16.11 14.37 15.69
CA VAL D 518 -14.86 14.45 16.43
C VAL D 518 -14.09 15.67 15.95
N GLU D 519 -13.50 16.39 16.90
CA GLU D 519 -12.62 17.49 16.53
C GLU D 519 -11.30 16.94 16.02
N GLY D 520 -10.86 17.44 14.88
CA GLY D 520 -9.65 16.98 14.24
C GLY D 520 -9.94 16.41 12.87
N LYS D 521 -8.89 15.86 12.27
CA LYS D 521 -8.99 15.33 10.91
C LYS D 521 -8.75 13.82 10.86
N ALA D 522 -8.75 13.14 12.00
CA ALA D 522 -8.47 11.72 12.06
C ALA D 522 -9.71 10.95 12.46
N ILE D 523 -9.91 9.80 11.83
CA ILE D 523 -10.97 8.89 12.23
C ILE D 523 -10.59 8.24 13.55
N GLN D 524 -11.53 8.20 14.48
CA GLN D 524 -11.33 7.50 15.75
C GLN D 524 -11.94 6.12 15.64
N LEU D 525 -11.12 5.10 15.88
CA LEU D 525 -11.51 3.70 15.72
C LEU D 525 -11.51 3.01 17.07
N HIS D 526 -12.53 2.20 17.31
CA HIS D 526 -12.65 1.49 18.58
C HIS D 526 -11.49 0.51 18.73
N PRO D 527 -10.85 0.44 19.90
CA PRO D 527 -9.66 -0.42 20.04
C PRO D 527 -9.96 -1.92 19.94
N LEU D 528 -11.23 -2.33 19.97
CA LEU D 528 -11.58 -3.75 19.92
C LEU D 528 -11.79 -4.26 18.52
N VAL D 529 -11.97 -3.37 17.53
CA VAL D 529 -12.15 -3.78 16.15
C VAL D 529 -10.82 -3.87 15.40
N CYS D 530 -9.69 -3.68 16.09
CA CYS D 530 -8.40 -3.71 15.40
C CYS D 530 -8.01 -5.13 14.99
N GLU D 531 -8.48 -6.16 15.71
CA GLU D 531 -8.14 -7.52 15.32
C GLU D 531 -8.81 -7.91 14.00
N ALA D 532 -10.05 -7.47 13.80
CA ALA D 532 -10.75 -7.81 12.57
C ALA D 532 -10.16 -7.07 11.37
N PHE D 533 -9.86 -5.78 11.53
CA PHE D 533 -9.27 -4.99 10.46
C PHE D 533 -7.79 -5.24 10.27
N ASN D 534 -7.14 -5.98 11.18
CA ASN D 534 -5.68 -6.05 11.25
C ASN D 534 -5.08 -4.66 11.31
N ALA D 535 -5.78 -3.76 12.00
CA ALA D 535 -5.41 -2.36 12.05
C ALA D 535 -4.52 -2.06 13.25
N ASP D 536 -3.48 -1.27 13.00
CA ASP D 536 -2.67 -0.65 14.03
C ASP D 536 -2.69 0.86 13.76
N PHE D 537 -1.87 1.59 14.51
CA PHE D 537 -1.80 3.04 14.39
C PHE D 537 -0.38 3.49 14.10
N ASP D 538 0.30 2.73 13.23
CA ASP D 538 1.60 3.11 12.69
C ASP D 538 1.47 3.95 11.43
N GLY D 539 0.32 4.56 11.20
CA GLY D 539 0.11 5.37 10.01
C GLY D 539 -1.01 4.88 9.12
N ASP D 540 -1.73 3.87 9.60
CA ASP D 540 -2.81 3.27 8.81
C ASP D 540 -3.89 4.30 8.47
N GLN D 541 -4.55 4.07 7.34
CA GLN D 541 -5.69 4.86 6.91
C GLN D 541 -6.88 3.94 6.66
N MET D 542 -8.08 4.50 6.78
CA MET D 542 -9.30 3.76 6.53
C MET D 542 -10.26 4.59 5.70
N ALA D 543 -11.19 3.90 5.06
CA ALA D 543 -12.15 4.50 4.15
C ALA D 543 -13.55 4.46 4.75
N VAL D 544 -14.31 5.51 4.48
CA VAL D 544 -15.66 5.70 4.98
C VAL D 544 -16.61 5.73 3.79
N HIS D 545 -17.65 4.90 3.84
CA HIS D 545 -18.69 4.87 2.83
C HIS D 545 -20.03 5.15 3.48
N LEU D 546 -20.86 5.95 2.80
CA LEU D 546 -22.12 6.40 3.37
C LEU D 546 -23.30 5.72 2.68
N PRO D 547 -23.96 4.76 3.31
CA PRO D 547 -25.16 4.18 2.70
C PRO D 547 -26.29 5.19 2.67
N LEU D 548 -27.00 5.23 1.53
CA LEU D 548 -28.07 6.19 1.31
C LEU D 548 -29.46 5.57 1.38
N SER D 549 -29.69 4.49 0.65
CA SER D 549 -31.00 3.87 0.59
C SER D 549 -31.39 3.29 1.94
N ALA D 550 -32.70 3.19 2.16
CA ALA D 550 -33.20 2.62 3.41
C ALA D 550 -32.74 1.18 3.59
N GLU D 551 -32.68 0.43 2.48
CA GLU D 551 -32.21 -0.94 2.55
C GLU D 551 -30.73 -1.01 2.93
N ALA D 552 -29.92 -0.09 2.39
CA ALA D 552 -28.51 -0.07 2.72
C ALA D 552 -28.28 0.30 4.19
N GLN D 553 -29.01 1.30 4.68
CA GLN D 553 -28.92 1.65 6.09
C GLN D 553 -29.35 0.49 6.97
N ALA D 554 -30.40 -0.24 6.56
CA ALA D 554 -30.84 -1.39 7.33
C ALA D 554 -29.78 -2.47 7.35
N GLU D 555 -29.16 -2.75 6.20
CA GLU D 555 -28.10 -3.77 6.15
C GLU D 555 -26.92 -3.36 7.01
N ALA D 556 -26.62 -2.06 7.07
CA ALA D 556 -25.54 -1.60 7.93
C ALA D 556 -25.90 -1.78 9.41
N ARG D 557 -27.12 -1.38 9.79
CA ARG D 557 -27.49 -1.43 11.20
C ARG D 557 -27.67 -2.86 11.69
N ILE D 558 -28.00 -3.80 10.81
CA ILE D 558 -28.34 -5.17 11.20
C ILE D 558 -27.23 -6.15 10.85
N LEU D 559 -26.84 -6.22 9.57
CA LEU D 559 -25.89 -7.23 9.14
C LEU D 559 -24.46 -6.84 9.50
N MET D 560 -24.06 -5.62 9.13
CA MET D 560 -22.67 -5.20 9.18
C MET D 560 -22.32 -4.37 10.40
N LEU D 561 -23.25 -4.21 11.35
CA LEU D 561 -22.98 -3.40 12.52
C LEU D 561 -21.82 -3.99 13.32
N SER D 562 -20.99 -3.10 13.87
CA SER D 562 -19.79 -3.52 14.58
C SER D 562 -20.12 -4.45 15.74
N SER D 563 -21.03 -4.03 16.62
CA SER D 563 -21.38 -4.78 17.81
C SER D 563 -22.19 -6.03 17.53
N ASN D 564 -22.52 -6.31 16.27
CA ASN D 564 -23.22 -7.53 15.90
C ASN D 564 -22.29 -8.61 15.40
N ASN D 565 -21.02 -8.31 15.17
CA ASN D 565 -20.05 -9.26 14.63
C ASN D 565 -18.85 -9.28 15.58
N ILE D 566 -18.94 -10.11 16.62
CA ILE D 566 -17.92 -10.19 17.65
C ILE D 566 -17.04 -11.40 17.41
N LEU D 567 -17.59 -12.42 16.76
CA LEU D 567 -16.91 -13.69 16.56
C LEU D 567 -16.36 -13.78 15.13
N SER D 568 -15.25 -14.49 15.00
CA SER D 568 -14.64 -14.70 13.70
C SER D 568 -15.53 -15.63 12.87
N PRO D 569 -15.97 -15.20 11.67
CA PRO D 569 -16.78 -16.09 10.83
C PRO D 569 -16.01 -17.31 10.33
N ALA D 570 -14.73 -17.43 10.63
CA ALA D 570 -13.92 -18.55 10.17
C ALA D 570 -13.81 -19.65 11.21
N SER D 571 -13.62 -19.28 12.47
CA SER D 571 -13.39 -20.25 13.54
C SER D 571 -14.37 -20.13 14.70
N GLY D 572 -15.26 -19.13 14.68
CA GLY D 572 -16.16 -18.92 15.80
C GLY D 572 -15.52 -18.37 17.06
N ARG D 573 -14.20 -18.23 17.09
CA ARG D 573 -13.55 -17.67 18.25
C ARG D 573 -13.77 -16.15 18.30
N PRO D 574 -13.76 -15.56 19.49
CA PRO D 574 -13.97 -14.11 19.58
C PRO D 574 -12.81 -13.33 18.99
N LEU D 575 -13.16 -12.30 18.21
CA LEU D 575 -12.18 -11.34 17.71
C LEU D 575 -12.25 -10.00 18.42
N ALA D 576 -13.44 -9.54 18.80
CA ALA D 576 -13.57 -8.31 19.56
C ALA D 576 -13.30 -8.59 21.03
N MET D 577 -12.18 -9.20 21.31
CA MET D 577 -11.59 -9.70 22.54
C MET D 577 -10.55 -8.71 23.07
N PRO D 578 -10.44 -8.58 24.40
CA PRO D 578 -9.35 -7.77 24.97
C PRO D 578 -7.98 -8.17 24.45
N ARG D 579 -7.27 -7.21 23.85
CA ARG D 579 -5.95 -7.42 23.31
C ARG D 579 -4.88 -6.94 24.30
N LEU D 580 -3.64 -6.81 23.81
CA LEU D 580 -2.45 -6.76 24.66
C LEU D 580 -2.57 -5.87 25.89
N ASP D 581 -2.83 -4.58 25.70
CA ASP D 581 -2.86 -3.66 26.84
C ASP D 581 -3.96 -4.03 27.83
N MET D 582 -5.17 -4.29 27.33
CA MET D 582 -6.27 -4.69 28.18
C MET D 582 -5.97 -6.01 28.87
N VAL D 583 -5.35 -6.95 28.14
CA VAL D 583 -4.90 -8.18 28.78
C VAL D 583 -4.00 -7.84 29.96
N THR D 584 -2.85 -7.22 29.69
CA THR D 584 -1.90 -6.81 30.74
C THR D 584 -2.61 -6.21 31.95
N GLY D 585 -3.55 -5.30 31.71
CA GLY D 585 -4.30 -4.69 32.78
C GLY D 585 -5.09 -5.67 33.61
N LEU D 586 -5.95 -6.47 32.97
CA LEU D 586 -6.78 -7.41 33.71
C LEU D 586 -5.95 -8.49 34.38
N TYR D 587 -4.86 -8.93 33.73
CA TYR D 587 -3.95 -9.89 34.32
C TYR D 587 -3.35 -9.35 35.61
N TYR D 588 -2.85 -8.11 35.58
CA TYR D 588 -2.37 -7.48 36.80
C TYR D 588 -3.47 -7.40 37.84
N LEU D 589 -4.69 -7.06 37.41
CA LEU D 589 -5.79 -6.85 38.35
C LEU D 589 -6.17 -8.12 39.09
N THR D 590 -6.04 -9.28 38.45
CA THR D 590 -6.54 -10.52 39.03
C THR D 590 -5.45 -11.43 39.56
N THR D 591 -4.18 -11.07 39.41
CA THR D 591 -3.11 -11.85 40.02
C THR D 591 -3.24 -11.83 41.54
N GLU D 592 -2.81 -12.93 42.17
CA GLU D 592 -2.82 -13.07 43.62
C GLU D 592 -1.37 -12.98 44.13
N VAL D 593 -1.11 -12.05 45.03
CA VAL D 593 0.23 -11.81 45.56
C VAL D 593 0.26 -12.29 47.00
N PRO D 594 0.99 -13.37 47.30
CA PRO D 594 1.13 -13.80 48.70
C PRO D 594 1.86 -12.77 49.52
N GLY D 595 1.27 -12.41 50.66
CA GLY D 595 1.91 -11.48 51.57
C GLY D 595 1.73 -10.02 51.23
N ASP D 596 0.72 -9.68 50.44
CA ASP D 596 0.51 -8.28 50.06
C ASP D 596 -0.09 -7.51 51.24
N THR D 597 -0.35 -6.22 51.01
CA THR D 597 -0.84 -5.35 52.07
C THR D 597 -2.29 -5.69 52.41
N GLY D 598 -2.57 -5.79 53.71
CA GLY D 598 -3.91 -6.14 54.15
C GLY D 598 -4.33 -7.56 53.85
N GLU D 599 -3.36 -8.44 53.60
CA GLU D 599 -3.66 -9.84 53.32
C GLU D 599 -4.35 -10.49 54.52
N TYR D 600 -5.15 -11.51 54.24
CA TYR D 600 -5.84 -12.25 55.28
C TYR D 600 -4.85 -12.97 56.19
N GLN D 601 -5.17 -13.04 57.48
CA GLN D 601 -4.37 -13.71 58.49
C GLN D 601 -5.17 -14.81 59.19
N PRO D 602 -4.52 -15.86 59.67
CA PRO D 602 -5.25 -16.99 60.27
C PRO D 602 -5.84 -16.69 61.64
N ALA D 603 -5.64 -15.49 62.19
CA ALA D 603 -6.23 -15.09 63.47
C ALA D 603 -5.74 -15.97 64.62
N SER D 604 -4.43 -16.18 64.68
CA SER D 604 -3.82 -16.95 65.75
C SER D 604 -3.50 -16.05 66.93
N GLY D 605 -3.84 -16.50 68.13
CA GLY D 605 -3.62 -15.72 69.34
C GLY D 605 -4.85 -14.95 69.77
N ASP D 606 -4.58 -13.88 70.53
CA ASP D 606 -5.65 -13.00 70.99
C ASP D 606 -6.16 -12.07 69.89
N HIS D 607 -5.48 -12.00 68.74
CA HIS D 607 -5.89 -11.12 67.66
C HIS D 607 -6.80 -11.88 66.69
N PRO D 608 -8.02 -11.41 66.44
CA PRO D 608 -8.93 -12.14 65.54
C PRO D 608 -8.60 -11.91 64.07
N GLU D 609 -9.48 -12.38 63.19
CA GLU D 609 -9.26 -12.24 61.76
C GLU D 609 -9.22 -10.77 61.35
N THR D 610 -8.37 -10.46 60.38
CA THR D 610 -8.16 -9.09 59.90
C THR D 610 -8.50 -8.91 58.43
N GLY D 611 -8.24 -9.90 57.58
CA GLY D 611 -8.55 -9.78 56.16
C GLY D 611 -9.96 -10.17 55.80
N VAL D 612 -10.93 -9.69 56.58
CA VAL D 612 -12.34 -9.95 56.35
C VAL D 612 -13.07 -8.62 56.23
N TYR D 613 -14.00 -8.53 55.28
CA TYR D 613 -14.69 -7.29 55.01
C TYR D 613 -16.18 -7.58 54.80
N SER D 614 -17.02 -6.66 55.29
CA SER D 614 -18.46 -6.87 55.22
C SER D 614 -18.98 -6.79 53.79
N SER D 615 -18.35 -5.98 52.95
CA SER D 615 -18.80 -5.75 51.59
C SER D 615 -17.60 -5.36 50.75
N PRO D 616 -17.70 -5.48 49.42
CA PRO D 616 -16.61 -4.96 48.57
C PRO D 616 -16.42 -3.46 48.70
N ALA D 617 -17.46 -2.71 49.11
CA ALA D 617 -17.30 -1.28 49.32
C ALA D 617 -16.35 -1.01 50.50
N GLU D 618 -16.43 -1.83 51.55
CA GLU D 618 -15.48 -1.66 52.65
C GLU D 618 -14.06 -1.95 52.19
N ALA D 619 -13.89 -2.94 51.31
CA ALA D 619 -12.57 -3.23 50.77
C ALA D 619 -12.06 -2.06 49.93
N ILE D 620 -12.95 -1.43 49.16
CA ILE D 620 -12.58 -0.23 48.41
C ILE D 620 -12.13 0.87 49.35
N MET D 621 -12.84 1.05 50.47
CA MET D 621 -12.45 2.04 51.47
C MET D 621 -11.08 1.72 52.05
N ALA D 622 -10.82 0.43 52.33
CA ALA D 622 -9.53 0.04 52.86
C ALA D 622 -8.42 0.22 51.83
N ALA D 623 -8.74 0.09 50.55
CA ALA D 623 -7.75 0.32 49.51
C ALA D 623 -7.50 1.80 49.31
N ASP D 624 -8.48 2.66 49.60
CA ASP D 624 -8.24 4.10 49.59
C ASP D 624 -7.08 4.47 50.51
N ARG D 625 -7.16 4.08 51.78
CA ARG D 625 -5.99 4.11 52.64
C ARG D 625 -4.98 3.07 52.16
N GLY D 626 -3.78 3.14 52.72
CA GLY D 626 -2.76 2.17 52.35
C GLY D 626 -2.96 0.81 52.98
N VAL D 627 -4.19 0.52 53.40
CA VAL D 627 -4.45 -0.64 54.25
C VAL D 627 -4.53 -1.92 53.44
N LEU D 628 -5.18 -1.88 52.27
CA LEU D 628 -5.48 -3.08 51.51
C LEU D 628 -4.94 -2.96 50.09
N SER D 629 -4.30 -4.03 49.62
CA SER D 629 -3.84 -4.13 48.24
C SER D 629 -4.91 -4.79 47.39
N VAL D 630 -5.01 -4.34 46.13
CA VAL D 630 -6.03 -4.86 45.22
C VAL D 630 -5.78 -6.33 44.91
N ARG D 631 -4.52 -6.76 44.87
CA ARG D 631 -4.15 -8.13 44.57
C ARG D 631 -3.88 -8.96 45.83
N ALA D 632 -4.31 -8.47 47.00
CA ALA D 632 -4.11 -9.17 48.25
C ALA D 632 -5.27 -10.11 48.53
N LYS D 633 -4.94 -11.31 49.02
CA LYS D 633 -5.96 -12.30 49.33
C LYS D 633 -6.73 -11.92 50.59
N ILE D 634 -8.06 -11.96 50.50
CA ILE D 634 -8.97 -11.63 51.59
C ILE D 634 -10.20 -12.52 51.48
N LYS D 635 -11.10 -12.34 52.44
CA LYS D 635 -12.43 -12.94 52.45
C LYS D 635 -13.45 -11.81 52.46
N VAL D 636 -14.42 -11.87 51.56
CA VAL D 636 -15.43 -10.82 51.42
C VAL D 636 -16.82 -11.43 51.44
N ARG D 637 -17.78 -10.67 51.96
CA ARG D 637 -19.19 -11.03 51.91
C ARG D 637 -19.81 -10.37 50.70
N LEU D 638 -20.19 -11.18 49.71
CA LEU D 638 -20.71 -10.69 48.44
C LEU D 638 -22.21 -10.92 48.38
N THR D 639 -22.95 -9.89 47.97
CA THR D 639 -24.40 -9.95 47.88
C THR D 639 -24.94 -9.78 46.47
N GLN D 640 -24.12 -9.34 45.51
CA GLN D 640 -24.58 -9.06 44.15
C GLN D 640 -23.82 -9.85 43.09
N LEU D 641 -23.13 -10.92 43.50
CA LEU D 641 -22.38 -11.76 42.58
C LEU D 641 -22.75 -13.21 42.80
N ARG D 642 -22.91 -13.94 41.70
CA ARG D 642 -23.28 -15.35 41.78
C ARG D 642 -22.09 -16.18 42.21
N PRO D 643 -22.25 -17.06 43.20
CA PRO D 643 -21.13 -17.89 43.64
C PRO D 643 -20.79 -18.94 42.60
N PRO D 644 -19.63 -19.61 42.73
CA PRO D 644 -19.29 -20.69 41.80
C PRO D 644 -20.29 -21.84 41.85
N VAL D 645 -20.11 -22.83 40.97
CA VAL D 645 -21.05 -23.94 40.89
C VAL D 645 -21.07 -24.71 42.20
N GLU D 646 -19.90 -25.12 42.69
CA GLU D 646 -19.82 -25.94 43.89
C GLU D 646 -20.33 -25.17 45.11
N ILE D 647 -19.90 -23.91 45.25
CA ILE D 647 -20.29 -23.13 46.41
C ILE D 647 -21.79 -22.84 46.39
N GLU D 648 -22.34 -22.55 45.21
CA GLU D 648 -23.79 -22.36 45.12
C GLU D 648 -24.55 -23.64 45.40
N ALA D 649 -24.00 -24.79 45.01
CA ALA D 649 -24.66 -26.05 45.30
C ALA D 649 -24.58 -26.41 46.78
N GLU D 650 -23.55 -25.92 47.48
CA GLU D 650 -23.38 -26.30 48.88
C GLU D 650 -24.06 -25.33 49.84
N LEU D 651 -24.04 -24.04 49.54
CA LEU D 651 -24.63 -23.04 50.43
C LEU D 651 -26.07 -22.73 50.09
N PHE D 652 -26.53 -23.03 48.87
CA PHE D 652 -27.90 -22.76 48.48
C PHE D 652 -28.62 -23.98 47.93
N GLY D 653 -27.89 -25.02 47.54
CA GLY D 653 -28.52 -26.28 47.16
C GLY D 653 -29.40 -26.14 45.95
N HIS D 654 -30.60 -26.74 46.04
CA HIS D 654 -31.53 -26.73 44.92
C HIS D 654 -32.00 -25.32 44.60
N SER D 655 -32.41 -24.56 45.61
CA SER D 655 -32.80 -23.17 45.41
C SER D 655 -31.60 -22.36 44.95
N GLY D 656 -31.65 -21.85 43.72
CA GLY D 656 -30.55 -21.08 43.20
C GLY D 656 -30.33 -19.80 43.99
N TRP D 657 -29.09 -19.32 43.92
CA TRP D 657 -28.74 -18.04 44.50
C TRP D 657 -29.58 -16.94 43.87
N GLN D 658 -29.93 -15.95 44.68
CA GLN D 658 -30.72 -14.81 44.20
C GLN D 658 -29.99 -13.53 44.50
N PRO D 659 -30.13 -12.50 43.64
CA PRO D 659 -29.49 -11.21 43.92
C PRO D 659 -29.88 -10.65 45.27
N GLY D 660 -28.91 -10.54 46.18
CA GLY D 660 -29.14 -10.14 47.56
C GLY D 660 -28.66 -11.17 48.57
N ASP D 661 -28.71 -12.44 48.20
CA ASP D 661 -28.25 -13.51 49.09
C ASP D 661 -26.73 -13.44 49.23
N ALA D 662 -26.25 -13.18 50.45
CA ALA D 662 -24.82 -13.01 50.68
C ALA D 662 -24.11 -14.35 50.74
N TRP D 663 -22.80 -14.31 50.51
CA TRP D 663 -21.96 -15.50 50.66
C TRP D 663 -20.52 -15.06 50.84
N MET D 664 -19.74 -15.93 51.49
CA MET D 664 -18.33 -15.65 51.78
C MET D 664 -17.44 -16.17 50.65
N ALA D 665 -16.56 -15.31 50.16
CA ALA D 665 -15.64 -15.66 49.08
C ALA D 665 -14.21 -15.37 49.52
N GLU D 666 -13.29 -16.25 49.16
CA GLU D 666 -11.87 -16.14 49.49
C GLU D 666 -11.12 -15.81 48.20
N THR D 667 -11.00 -14.52 47.91
CA THR D 667 -10.44 -14.05 46.64
C THR D 667 -9.64 -12.78 46.89
N THR D 668 -9.27 -12.11 45.81
CA THR D 668 -8.68 -10.78 45.89
C THR D 668 -9.70 -9.74 45.46
N LEU D 669 -9.55 -8.52 45.99
CA LEU D 669 -10.43 -7.43 45.59
C LEU D 669 -10.39 -7.21 44.08
N GLY D 670 -9.23 -7.44 43.46
CA GLY D 670 -9.14 -7.31 42.02
C GLY D 670 -10.07 -8.26 41.30
N ARG D 671 -10.17 -9.50 41.78
CA ARG D 671 -11.05 -10.47 41.14
C ARG D 671 -12.51 -10.13 41.39
N VAL D 672 -12.81 -9.49 42.52
CA VAL D 672 -14.17 -8.99 42.75
C VAL D 672 -14.51 -7.89 41.76
N MET D 673 -13.58 -6.95 41.55
CA MET D 673 -13.82 -5.89 40.57
C MET D 673 -13.89 -6.43 39.15
N PHE D 674 -13.16 -7.51 38.86
CA PHE D 674 -13.24 -8.14 37.55
C PHE D 674 -14.62 -8.78 37.33
N ASN D 675 -15.08 -9.56 38.31
CA ASN D 675 -16.38 -10.21 38.19
C ASN D 675 -17.54 -9.22 38.26
N GLU D 676 -17.32 -8.02 38.82
CA GLU D 676 -18.35 -6.99 38.73
C GLU D 676 -18.58 -6.56 37.28
N LEU D 677 -17.58 -6.73 36.42
CA LEU D 677 -17.73 -6.38 35.01
C LEU D 677 -18.57 -7.40 34.26
N LEU D 678 -18.41 -8.67 34.58
CA LEU D 678 -19.16 -9.73 33.93
C LEU D 678 -20.64 -9.60 34.26
N PRO D 679 -21.52 -10.19 33.46
CA PRO D 679 -22.97 -9.98 33.65
C PRO D 679 -23.44 -10.49 35.00
N LEU D 680 -24.49 -9.86 35.51
CA LEU D 680 -25.12 -10.32 36.74
C LEU D 680 -25.67 -11.72 36.53
N GLY D 681 -25.32 -12.63 37.43
CA GLY D 681 -25.69 -14.02 37.28
C GLY D 681 -24.66 -14.88 36.58
N TYR D 682 -23.44 -14.40 36.41
CA TYR D 682 -22.42 -15.29 35.90
C TYR D 682 -21.62 -15.90 37.05
N PRO D 683 -21.37 -17.21 37.03
CA PRO D 683 -20.66 -17.84 38.14
C PRO D 683 -19.29 -17.21 38.37
N PHE D 684 -18.99 -16.94 39.63
CA PHE D 684 -17.77 -16.23 40.00
C PHE D 684 -16.53 -16.99 39.53
N VAL D 685 -15.63 -16.27 38.86
CA VAL D 685 -14.39 -16.83 38.32
C VAL D 685 -13.26 -16.33 39.21
N ASN D 686 -12.76 -17.20 40.08
CA ASN D 686 -11.65 -16.88 40.97
C ASN D 686 -10.36 -17.42 40.35
N LYS D 687 -9.86 -16.69 39.36
CA LYS D 687 -8.66 -17.09 38.63
C LYS D 687 -7.84 -15.86 38.29
N GLN D 688 -6.59 -16.11 37.88
CA GLN D 688 -5.72 -15.09 37.33
C GLN D 688 -5.96 -15.02 35.82
N MET D 689 -6.40 -13.86 35.34
CA MET D 689 -6.95 -13.74 33.98
C MET D 689 -5.83 -13.71 32.94
N HIS D 690 -5.37 -14.90 32.57
CA HIS D 690 -4.60 -15.04 31.35
C HIS D 690 -5.49 -14.74 30.15
N LYS D 691 -4.87 -14.55 28.98
CA LYS D 691 -5.67 -14.29 27.80
C LYS D 691 -6.53 -15.49 27.43
N LYS D 692 -6.02 -16.71 27.67
CA LYS D 692 -6.80 -17.92 27.39
C LYS D 692 -8.09 -17.93 28.20
N VAL D 693 -8.01 -17.60 29.49
CA VAL D 693 -9.19 -17.59 30.34
C VAL D 693 -10.20 -16.54 29.87
N GLN D 694 -9.71 -15.38 29.43
CA GLN D 694 -10.59 -14.35 28.91
C GLN D 694 -11.30 -14.82 27.65
N ALA D 695 -10.55 -15.48 26.75
CA ALA D 695 -11.14 -16.07 25.56
C ALA D 695 -12.22 -17.08 25.94
N ALA D 696 -11.97 -17.88 26.97
CA ALA D 696 -12.94 -18.89 27.39
C ALA D 696 -14.21 -18.24 27.94
N ILE D 697 -14.04 -17.22 28.78
CA ILE D 697 -15.20 -16.53 29.35
C ILE D 697 -16.03 -15.89 28.25
N ILE D 698 -15.39 -15.29 27.25
CA ILE D 698 -16.15 -14.66 26.18
C ILE D 698 -16.78 -15.70 25.26
N ASN D 699 -16.10 -16.84 25.04
CA ASN D 699 -16.71 -17.95 24.31
C ASN D 699 -17.99 -18.39 24.99
N ASP D 700 -17.97 -18.51 26.32
CA ASP D 700 -19.17 -18.92 27.05
C ASP D 700 -20.25 -17.85 26.96
N LEU D 701 -19.88 -16.58 27.13
CA LEU D 701 -20.87 -15.51 27.03
C LEU D 701 -21.49 -15.46 25.64
N ALA D 702 -20.74 -15.87 24.61
CA ALA D 702 -21.32 -15.97 23.28
C ALA D 702 -22.25 -17.17 23.19
N GLU D 703 -21.84 -18.30 23.76
CA GLU D 703 -22.61 -19.54 23.62
C GLU D 703 -23.92 -19.48 24.37
N ARG D 704 -24.02 -18.65 25.41
CA ARG D 704 -25.20 -18.68 26.27
C ARG D 704 -25.97 -17.36 26.32
N TYR D 705 -25.29 -16.22 26.25
CA TYR D 705 -25.94 -14.94 26.45
C TYR D 705 -26.27 -14.27 25.12
N PRO D 706 -27.17 -13.29 25.12
CA PRO D 706 -27.44 -12.52 23.90
C PRO D 706 -26.20 -11.80 23.40
N MET D 707 -26.25 -11.41 22.12
CA MET D 707 -25.12 -10.74 21.49
C MET D 707 -24.86 -9.37 22.12
N ILE D 708 -25.93 -8.63 22.45
CA ILE D 708 -25.78 -7.27 22.96
C ILE D 708 -25.11 -7.29 24.34
N VAL D 709 -25.41 -8.30 25.15
CA VAL D 709 -24.79 -8.39 26.47
C VAL D 709 -23.30 -8.65 26.35
N VAL D 710 -22.91 -9.46 25.35
CA VAL D 710 -21.48 -9.66 25.09
C VAL D 710 -20.84 -8.37 24.61
N ALA D 711 -21.53 -7.63 23.74
CA ALA D 711 -21.00 -6.36 23.25
C ALA D 711 -20.84 -5.35 24.38
N GLN D 712 -21.65 -5.46 25.43
CA GLN D 712 -21.49 -4.56 26.57
C GLN D 712 -20.39 -5.03 27.51
N THR D 713 -20.30 -6.35 27.73
CA THR D 713 -19.28 -6.88 28.62
C THR D 713 -17.89 -6.63 28.08
N VAL D 714 -17.70 -6.74 26.76
CA VAL D 714 -16.37 -6.49 26.22
C VAL D 714 -15.98 -5.03 26.38
N ASP D 715 -16.95 -4.11 26.29
CA ASP D 715 -16.65 -2.70 26.53
C ASP D 715 -16.28 -2.44 27.98
N LYS D 716 -17.02 -3.05 28.91
CA LYS D 716 -16.68 -2.91 30.32
C LYS D 716 -15.28 -3.43 30.61
N LEU D 717 -14.94 -4.59 30.03
CA LEU D 717 -13.58 -5.12 30.19
C LEU D 717 -12.55 -4.21 29.56
N LYS D 718 -12.87 -3.62 28.40
CA LYS D 718 -11.97 -2.66 27.77
C LYS D 718 -11.63 -1.53 28.71
N ASP D 719 -12.66 -0.86 29.24
CA ASP D 719 -12.45 0.26 30.14
C ASP D 719 -11.64 -0.17 31.37
N ALA D 720 -12.00 -1.31 31.96
CA ALA D 720 -11.31 -1.75 33.17
C ALA D 720 -9.84 -2.06 32.89
N GLY D 721 -9.57 -2.79 31.82
CA GLY D 721 -8.20 -3.17 31.50
C GLY D 721 -7.34 -1.99 31.10
N PHE D 722 -7.93 -0.99 30.45
CA PHE D 722 -7.16 0.22 30.16
C PHE D 722 -6.87 1.00 31.43
N TYR D 723 -7.83 1.10 32.35
CA TYR D 723 -7.57 1.77 33.62
C TYR D 723 -6.45 1.08 34.38
N TRP D 724 -6.53 -0.25 34.51
CA TRP D 724 -5.57 -0.98 35.34
C TRP D 724 -4.28 -1.33 34.61
N ALA D 725 -4.19 -1.06 33.31
CA ALA D 725 -2.95 -1.34 32.58
C ALA D 725 -1.88 -0.30 32.86
N THR D 726 -2.26 0.99 32.91
CA THR D 726 -1.29 2.02 33.23
C THR D 726 -0.79 1.91 34.68
N ARG D 727 -1.67 1.47 35.58
CA ARG D 727 -1.35 1.33 36.99
C ARG D 727 -0.75 -0.04 37.31
N SER D 728 -0.30 -0.76 36.29
CA SER D 728 0.34 -2.06 36.49
C SER D 728 1.86 -1.97 36.55
N GLY D 729 2.45 -0.88 36.06
CA GLY D 729 3.89 -0.71 36.12
C GLY D 729 4.68 -1.52 35.11
N VAL D 730 4.15 -1.71 33.90
CA VAL D 730 4.87 -2.40 32.83
C VAL D 730 5.72 -1.37 32.11
N THR D 731 7.04 -1.53 32.21
CA THR D 731 8.00 -0.57 31.67
C THR D 731 9.23 -1.34 31.22
N VAL D 732 9.99 -0.75 30.30
CA VAL D 732 11.24 -1.31 29.84
C VAL D 732 12.39 -0.44 30.32
N SER D 733 13.49 -1.09 30.69
CA SER D 733 14.71 -0.40 31.06
C SER D 733 15.88 -1.32 30.76
N MET D 734 17.07 -0.72 30.63
CA MET D 734 18.26 -1.54 30.48
C MET D 734 18.46 -2.46 31.68
N ALA D 735 17.93 -2.07 32.84
CA ALA D 735 18.02 -2.93 34.02
C ALA D 735 17.05 -4.09 33.97
N ASP D 736 15.86 -3.88 33.38
CA ASP D 736 14.89 -4.97 33.28
C ASP D 736 15.33 -6.05 32.31
N VAL D 737 16.18 -5.73 31.35
CA VAL D 737 16.71 -6.73 30.44
C VAL D 737 17.88 -7.42 31.13
N LEU D 738 17.59 -8.48 31.87
CA LEU D 738 18.63 -9.20 32.58
C LEU D 738 19.41 -10.11 31.63
N VAL D 739 20.72 -10.11 31.78
CA VAL D 739 21.59 -11.02 31.03
C VAL D 739 21.73 -12.30 31.85
N PRO D 740 21.55 -13.48 31.24
CA PRO D 740 21.70 -14.73 31.99
C PRO D 740 23.12 -14.87 32.50
N PRO D 741 23.30 -15.06 33.81
CA PRO D 741 24.65 -15.07 34.38
C PRO D 741 25.45 -16.32 34.05
N ARG D 742 24.83 -17.32 33.40
CA ARG D 742 25.53 -18.53 33.01
C ARG D 742 25.81 -18.58 31.51
N LYS D 743 25.63 -17.47 30.79
CA LYS D 743 25.74 -17.49 29.33
C LYS D 743 27.16 -17.81 28.88
N LYS D 744 28.16 -17.21 29.53
CA LYS D 744 29.54 -17.40 29.12
C LYS D 744 29.95 -18.86 29.19
N GLU D 745 29.61 -19.55 30.29
CA GLU D 745 30.03 -20.94 30.48
C GLU D 745 29.30 -21.89 29.53
N ILE D 746 28.00 -21.65 29.31
CA ILE D 746 27.26 -22.43 28.33
C ILE D 746 27.91 -22.33 26.95
N LEU D 747 28.18 -21.09 26.52
CA LEU D 747 28.79 -20.90 25.20
C LEU D 747 30.19 -21.49 25.14
N ASP D 748 30.95 -21.45 26.24
CA ASP D 748 32.28 -22.05 26.23
C ASP D 748 32.21 -23.57 26.08
N HIS D 749 31.29 -24.21 26.81
CA HIS D 749 31.13 -25.66 26.69
C HIS D 749 30.74 -26.06 25.27
N TYR D 750 29.76 -25.37 24.69
CA TYR D 750 29.36 -25.71 23.33
C TYR D 750 30.40 -25.31 22.29
N GLU D 751 31.26 -24.32 22.59
CA GLU D 751 32.39 -24.06 21.72
C GLU D 751 33.41 -25.19 21.78
N GLU D 752 33.60 -25.79 22.96
CA GLU D 752 34.43 -26.99 23.05
C GLU D 752 33.87 -28.10 22.16
N ARG D 753 32.54 -28.31 22.21
CA ARG D 753 31.95 -29.36 21.39
C ARG D 753 32.10 -29.06 19.90
N ALA D 754 31.87 -27.80 19.50
CA ALA D 754 32.09 -27.41 18.10
C ALA D 754 33.54 -27.57 17.70
N ASP D 755 34.48 -27.33 18.62
CA ASP D 755 35.90 -27.51 18.32
C ASP D 755 36.23 -28.98 18.14
N LYS D 756 35.57 -29.86 18.91
CA LYS D 756 35.73 -31.29 18.68
C LYS D 756 35.23 -31.68 17.30
N VAL D 757 34.09 -31.12 16.87
CA VAL D 757 33.59 -31.41 15.52
C VAL D 757 34.55 -30.87 14.46
N GLU D 758 35.13 -29.69 14.71
CA GLU D 758 36.07 -29.11 13.76
C GLU D 758 37.36 -29.92 13.68
N LYS D 759 37.80 -30.53 14.79
CA LYS D 759 38.96 -31.41 14.75
C LYS D 759 38.63 -32.75 14.09
N GLN D 760 37.39 -33.21 14.23
CA GLN D 760 36.96 -34.40 13.48
C GLN D 760 36.93 -34.13 11.99
N PHE D 761 36.63 -32.88 11.59
CA PHE D 761 36.67 -32.49 10.18
C PHE D 761 38.10 -32.31 9.69
N GLN D 762 38.98 -31.74 10.52
CA GLN D 762 40.39 -31.61 10.16
C GLN D 762 41.07 -32.98 10.05
N ARG D 763 40.54 -33.99 10.75
CA ARG D 763 41.09 -35.34 10.65
C ARG D 763 40.75 -35.99 9.31
N GLY D 764 39.61 -35.64 8.73
CA GLY D 764 39.12 -36.26 7.54
C GLY D 764 38.07 -37.34 7.76
N ALA D 765 37.64 -37.54 9.01
CA ALA D 765 36.64 -38.57 9.30
C ALA D 765 35.20 -38.07 9.17
N LEU D 766 35.00 -36.76 9.09
CA LEU D 766 33.68 -36.17 9.00
C LEU D 766 33.47 -35.51 7.64
N ASN D 767 32.23 -35.59 7.15
CA ASN D 767 31.83 -34.96 5.91
C ASN D 767 31.56 -33.47 6.13
N HIS D 768 31.68 -32.68 5.06
CA HIS D 768 31.37 -31.26 5.16
C HIS D 768 29.91 -31.04 5.49
N ASP D 769 29.01 -31.76 4.82
CA ASP D 769 27.60 -31.75 5.21
C ASP D 769 27.43 -32.25 6.64
N GLU D 770 28.18 -33.29 7.01
CA GLU D 770 28.15 -33.76 8.39
C GLU D 770 28.68 -32.70 9.35
N ARG D 771 29.74 -31.98 8.96
CA ARG D 771 30.26 -30.92 9.82
C ARG D 771 29.21 -29.85 10.06
N ASN D 772 28.57 -29.39 8.99
CA ASN D 772 27.56 -28.34 9.13
C ASN D 772 26.37 -28.84 9.94
N GLU D 773 25.93 -30.08 9.70
CA GLU D 773 24.80 -30.63 10.44
C GLU D 773 25.10 -30.77 11.93
N ALA D 774 26.30 -31.25 12.26
CA ALA D 774 26.71 -31.36 13.65
C ALA D 774 26.78 -30.01 14.32
N LEU D 775 27.33 -29.01 13.63
CA LEU D 775 27.42 -27.67 14.22
C LEU D 775 26.04 -27.06 14.41
N VAL D 776 25.11 -27.32 13.48
CA VAL D 776 23.74 -26.82 13.65
C VAL D 776 23.09 -27.46 14.86
N GLU D 777 23.26 -28.77 15.03
CA GLU D 777 22.78 -29.44 16.24
C GLU D 777 23.35 -28.78 17.50
N ILE D 778 24.67 -28.61 17.53
CA ILE D 778 25.34 -28.05 18.72
C ILE D 778 24.76 -26.68 19.05
N TRP D 779 24.65 -25.79 18.05
CA TRP D 779 24.28 -24.42 18.35
C TRP D 779 22.78 -24.26 18.59
N LYS D 780 21.94 -25.12 18.00
CA LYS D 780 20.54 -25.15 18.43
C LYS D 780 20.42 -25.55 19.89
N GLU D 781 21.19 -26.56 20.31
CA GLU D 781 21.17 -26.94 21.72
C GLU D 781 21.63 -25.78 22.60
N ALA D 782 22.70 -25.08 22.21
CA ALA D 782 23.21 -23.98 23.01
C ALA D 782 22.21 -22.82 23.09
N THR D 783 21.49 -22.56 22.00
CA THR D 783 20.45 -21.55 22.04
C THR D 783 19.35 -21.93 23.03
N ASP D 784 18.87 -23.18 22.95
CA ASP D 784 17.86 -23.63 23.90
C ASP D 784 18.34 -23.53 25.33
N GLU D 785 19.63 -23.81 25.56
CA GLU D 785 20.17 -23.79 26.92
C GLU D 785 20.27 -22.37 27.47
N VAL D 786 20.73 -21.41 26.66
CA VAL D 786 20.76 -20.04 27.16
C VAL D 786 19.34 -19.51 27.34
N GLY D 787 18.39 -19.98 26.55
CA GLY D 787 17.00 -19.62 26.79
C GLY D 787 16.48 -20.15 28.11
N GLN D 788 16.82 -21.41 28.43
CA GLN D 788 16.43 -21.98 29.72
C GLN D 788 17.04 -21.21 30.88
N ALA D 789 18.35 -20.91 30.80
CA ALA D 789 18.99 -20.12 31.85
C ALA D 789 18.34 -18.74 31.97
N LEU D 790 17.93 -18.16 30.84
CA LEU D 790 17.25 -16.88 30.84
C LEU D 790 15.95 -16.95 31.62
N ARG D 791 15.09 -17.92 31.27
CA ARG D 791 13.80 -18.02 31.96
C ARG D 791 13.94 -18.46 33.41
N GLU D 792 15.05 -19.11 33.76
CA GLU D 792 15.26 -19.47 35.16
C GLU D 792 15.79 -18.29 35.98
N HIS D 793 16.52 -17.38 35.34
CA HIS D 793 17.05 -16.22 36.05
C HIS D 793 16.03 -15.10 36.22
N TYR D 794 14.97 -15.08 35.42
CA TYR D 794 14.02 -13.98 35.41
C TYR D 794 12.94 -14.19 36.47
N PRO D 795 12.74 -13.24 37.39
CA PRO D 795 11.56 -13.30 38.25
C PRO D 795 10.28 -13.09 37.45
N ASP D 796 9.20 -13.72 37.93
CA ASP D 796 7.97 -13.79 37.16
C ASP D 796 7.20 -12.47 37.14
N ASP D 797 7.59 -11.48 37.95
CA ASP D 797 6.98 -10.16 37.91
C ASP D 797 7.82 -9.16 37.11
N ASN D 798 8.82 -9.64 36.40
CA ASN D 798 9.57 -8.80 35.48
C ASN D 798 8.68 -8.38 34.31
N PRO D 799 8.76 -7.12 33.86
CA PRO D 799 7.82 -6.66 32.83
C PRO D 799 7.96 -7.38 31.50
N ILE D 800 9.20 -7.73 31.11
CA ILE D 800 9.40 -8.47 29.87
C ILE D 800 8.82 -9.87 29.99
N ILE D 801 8.82 -10.44 31.20
CA ILE D 801 8.19 -11.74 31.42
C ILE D 801 6.67 -11.60 31.53
N THR D 802 6.21 -10.57 32.24
CA THR D 802 4.77 -10.36 32.39
C THR D 802 4.10 -10.16 31.04
N ILE D 803 4.74 -9.41 30.15
CA ILE D 803 4.16 -9.12 28.84
C ILE D 803 3.96 -10.41 28.03
N VAL D 804 4.95 -11.30 28.04
CA VAL D 804 4.87 -12.50 27.22
C VAL D 804 3.94 -13.53 27.86
N ASP D 805 4.19 -13.87 29.13
CA ASP D 805 3.51 -15.01 29.75
C ASP D 805 2.03 -14.76 30.02
N SER D 806 1.59 -13.50 30.03
CA SER D 806 0.18 -13.20 30.21
C SER D 806 -0.62 -13.34 28.92
N GLY D 807 0.03 -13.67 27.81
CA GLY D 807 -0.63 -13.67 26.53
C GLY D 807 -0.84 -12.31 25.92
N ALA D 808 -0.28 -11.26 26.53
CA ALA D 808 -0.49 -9.90 26.04
C ALA D 808 0.07 -9.73 24.64
N THR D 809 1.38 -9.89 24.49
CA THR D 809 2.01 -9.76 23.18
C THR D 809 3.40 -10.40 23.20
N GLY D 810 3.83 -10.83 22.02
CA GLY D 810 5.16 -11.37 21.86
C GLY D 810 5.26 -12.83 22.27
N ASN D 811 6.45 -13.38 22.06
CA ASN D 811 6.76 -14.75 22.43
C ASN D 811 8.14 -14.79 23.06
N PHE D 812 8.43 -15.89 23.75
CA PHE D 812 9.69 -15.98 24.48
C PHE D 812 10.90 -16.06 23.56
N THR D 813 10.70 -16.42 22.29
CA THR D 813 11.82 -16.41 21.35
C THR D 813 12.39 -15.00 21.22
N GLN D 814 11.51 -14.00 21.17
CA GLN D 814 11.96 -12.61 21.12
C GLN D 814 12.69 -12.21 22.40
N THR D 815 12.17 -12.65 23.55
CA THR D 815 12.86 -12.39 24.81
C THR D 815 14.26 -12.98 24.81
N ARG D 816 14.39 -14.19 24.27
CA ARG D 816 15.70 -14.84 24.20
C ARG D 816 16.63 -14.13 23.23
N THR D 817 16.09 -13.60 22.12
CA THR D 817 16.91 -12.82 21.21
C THR D 817 17.39 -11.54 21.85
N LEU D 818 16.54 -10.92 22.66
CA LEU D 818 16.88 -9.63 23.28
C LEU D 818 17.92 -9.80 24.39
N ALA D 819 17.64 -10.68 25.36
CA ALA D 819 18.44 -10.77 26.57
C ALA D 819 19.45 -11.89 26.54
N GLY D 820 19.23 -12.90 25.70
CA GLY D 820 19.97 -14.14 25.69
C GLY D 820 20.97 -14.15 24.54
N MET D 821 20.65 -14.81 23.42
CA MET D 821 21.48 -14.74 22.25
C MET D 821 20.59 -14.85 21.02
N LYS D 822 20.97 -14.15 19.95
CA LYS D 822 20.17 -14.21 18.71
C LYS D 822 20.06 -15.63 18.20
N GLY D 823 21.18 -16.35 18.14
CA GLY D 823 21.16 -17.72 17.66
C GLY D 823 21.64 -17.86 16.23
N LEU D 824 21.08 -18.84 15.51
CA LEU D 824 21.47 -19.10 14.13
C LEU D 824 20.71 -18.18 13.18
N VAL D 825 21.41 -17.74 12.14
CA VAL D 825 20.85 -16.85 11.12
C VAL D 825 20.91 -17.56 9.78
N THR D 826 19.85 -17.39 8.98
CA THR D 826 19.74 -18.08 7.71
C THR D 826 20.70 -17.51 6.67
N ASN D 827 20.79 -18.20 5.55
CA ASN D 827 21.57 -17.78 4.39
C ASN D 827 20.68 -17.03 3.42
N PRO D 828 21.26 -16.36 2.42
CA PRO D 828 20.44 -15.93 1.27
C PRO D 828 19.81 -17.09 0.52
N LYS D 829 20.38 -18.30 0.63
CA LYS D 829 19.83 -19.49 0.01
C LYS D 829 18.78 -20.19 0.88
N GLY D 830 18.81 -19.96 2.19
CA GLY D 830 17.92 -20.62 3.12
C GLY D 830 18.60 -21.54 4.11
N GLU D 831 19.89 -21.83 3.93
CA GLU D 831 20.60 -22.71 4.83
C GLU D 831 21.05 -21.95 6.07
N PHE D 832 21.54 -22.68 7.07
CA PHE D 832 22.08 -22.09 8.28
C PHE D 832 23.60 -21.99 8.18
N ILE D 833 24.16 -21.08 8.97
CA ILE D 833 25.58 -20.76 8.91
C ILE D 833 26.29 -21.43 10.09
N PRO D 834 27.46 -22.05 9.87
CA PRO D 834 28.13 -22.77 10.97
C PRO D 834 28.38 -21.93 12.22
N ARG D 835 28.69 -20.64 12.06
CA ARG D 835 28.93 -19.80 13.23
C ARG D 835 27.67 -19.00 13.56
N PRO D 836 27.19 -19.05 14.80
CA PRO D 836 25.96 -18.33 15.16
C PRO D 836 26.24 -16.93 15.67
N VAL D 837 25.16 -16.17 15.86
CA VAL D 837 25.22 -14.85 16.46
C VAL D 837 25.15 -15.06 17.97
N LYS D 838 26.32 -15.10 18.62
CA LYS D 838 26.37 -15.33 20.06
C LYS D 838 25.96 -14.11 20.87
N SER D 839 26.03 -12.91 20.29
CA SER D 839 25.65 -11.71 21.03
C SER D 839 24.13 -11.60 21.15
N SER D 840 23.68 -10.90 22.18
CA SER D 840 22.29 -10.51 22.31
C SER D 840 22.13 -9.09 21.80
N PHE D 841 20.87 -8.69 21.60
CA PHE D 841 20.61 -7.31 21.21
C PHE D 841 20.78 -6.35 22.38
N ARG D 842 20.77 -6.84 23.62
CA ARG D 842 21.10 -5.98 24.73
C ARG D 842 22.60 -5.69 24.76
N GLU D 843 23.42 -6.70 24.48
CA GLU D 843 24.87 -6.50 24.40
C GLU D 843 25.29 -5.78 23.13
N GLY D 844 24.48 -5.87 22.08
CA GLY D 844 24.82 -5.24 20.81
C GLY D 844 25.61 -6.16 19.91
N LEU D 845 25.05 -6.51 18.76
CA LEU D 845 25.74 -7.37 17.82
C LEU D 845 27.04 -6.72 17.36
N THR D 846 27.97 -7.55 16.89
CA THR D 846 29.18 -7.03 16.29
C THR D 846 28.91 -6.69 14.82
N VAL D 847 29.93 -6.14 14.16
CA VAL D 847 29.78 -5.75 12.76
C VAL D 847 29.41 -6.96 11.90
N LEU D 848 30.20 -8.03 12.01
CA LEU D 848 29.96 -9.20 11.17
C LEU D 848 28.65 -9.88 11.55
N GLU D 849 28.30 -9.92 12.83
CA GLU D 849 27.03 -10.50 13.24
C GLU D 849 25.87 -9.73 12.64
N TYR D 850 25.94 -8.39 12.67
CA TYR D 850 24.89 -7.57 12.08
C TYR D 850 24.78 -7.80 10.58
N PHE D 851 25.93 -7.84 9.90
CA PHE D 851 25.92 -8.04 8.46
C PHE D 851 25.35 -9.40 8.09
N ILE D 852 25.60 -10.43 8.91
CA ILE D 852 25.07 -11.76 8.61
C ILE D 852 23.57 -11.81 8.90
N ASN D 853 23.13 -11.14 9.97
CA ASN D 853 21.70 -11.12 10.30
C ASN D 853 20.89 -10.40 9.22
N THR D 854 21.51 -9.43 8.55
CA THR D 854 20.79 -8.71 7.48
C THR D 854 20.34 -9.66 6.37
N HIS D 855 21.13 -10.68 6.05
CA HIS D 855 20.73 -11.64 5.02
C HIS D 855 19.35 -12.22 5.31
N GLY D 856 19.21 -12.79 6.52
CA GLY D 856 17.93 -13.35 6.91
C GLY D 856 16.82 -12.32 6.91
N ALA D 857 17.10 -11.12 7.43
CA ALA D 857 16.07 -10.10 7.49
C ALA D 857 15.56 -9.74 6.09
N ARG D 858 16.48 -9.44 5.18
CA ARG D 858 16.10 -9.06 3.82
C ARG D 858 15.34 -10.19 3.14
N LYS D 859 15.86 -11.42 3.22
CA LYS D 859 15.20 -12.53 2.56
C LYS D 859 13.80 -12.75 3.13
N GLY D 860 13.63 -12.53 4.44
CA GLY D 860 12.32 -12.67 5.03
C GLY D 860 11.33 -11.64 4.53
N LEU D 861 11.77 -10.38 4.44
CA LEU D 861 10.87 -9.34 3.93
C LEU D 861 10.46 -9.61 2.48
N ALA D 862 11.44 -10.00 1.65
CA ALA D 862 11.12 -10.28 0.24
C ALA D 862 10.18 -11.48 0.10
N ASP D 863 10.47 -12.56 0.84
CA ASP D 863 9.62 -13.74 0.74
C ASP D 863 8.22 -13.47 1.27
N THR D 864 8.08 -12.61 2.28
CA THR D 864 6.75 -12.21 2.72
C THR D 864 6.02 -11.47 1.63
N ALA D 865 6.72 -10.56 0.93
CA ALA D 865 6.12 -9.91 -0.23
C ALA D 865 5.60 -10.93 -1.22
N LEU D 866 6.37 -11.98 -1.48
CA LEU D 866 5.94 -13.02 -2.43
C LEU D 866 4.71 -13.77 -1.93
N ARG D 867 4.76 -14.21 -0.66
CA ARG D 867 3.68 -15.02 -0.11
C ARG D 867 2.36 -14.25 -0.06
N THR D 868 2.41 -12.94 0.15
CA THR D 868 1.17 -12.17 0.15
C THR D 868 0.45 -12.30 -1.19
N ALA D 869 1.20 -12.16 -2.29
CA ALA D 869 0.60 -12.25 -3.62
C ALA D 869 0.14 -13.67 -3.92
N ASP D 870 0.91 -14.68 -3.51
CA ASP D 870 0.48 -16.05 -3.74
C ASP D 870 -0.83 -16.35 -3.02
N SER D 871 -0.91 -15.97 -1.73
CA SER D 871 -2.14 -16.15 -0.98
C SER D 871 -3.31 -15.39 -1.61
N GLY D 872 -3.04 -14.19 -2.13
CA GLY D 872 -4.10 -13.45 -2.80
C GLY D 872 -4.63 -14.15 -4.02
N TYR D 873 -3.72 -14.69 -4.84
CA TYR D 873 -4.14 -15.41 -6.05
C TYR D 873 -4.94 -16.66 -5.70
N LEU D 874 -4.48 -17.42 -4.70
CA LEU D 874 -5.26 -18.57 -4.24
C LEU D 874 -6.64 -18.17 -3.75
N THR D 875 -6.72 -17.08 -2.98
CA THR D 875 -8.01 -16.64 -2.47
C THR D 875 -8.95 -16.26 -3.60
N ARG D 876 -8.42 -15.59 -4.63
CA ARG D 876 -9.28 -15.22 -5.76
C ARG D 876 -9.79 -16.47 -6.49
N ARG D 877 -8.91 -17.44 -6.71
CA ARG D 877 -9.33 -18.68 -7.36
C ARG D 877 -10.40 -19.40 -6.53
N LEU D 878 -10.22 -19.43 -5.21
CA LEU D 878 -11.21 -20.08 -4.34
C LEU D 878 -12.55 -19.35 -4.41
N VAL D 879 -12.51 -18.02 -4.30
CA VAL D 879 -13.74 -17.23 -4.38
C VAL D 879 -14.49 -17.52 -5.66
N ASP D 880 -13.76 -17.60 -6.78
CA ASP D 880 -14.44 -17.84 -8.05
C ASP D 880 -15.01 -19.25 -8.14
N VAL D 881 -14.25 -20.25 -7.69
CA VAL D 881 -14.74 -21.62 -7.81
C VAL D 881 -15.89 -21.89 -6.86
N SER D 882 -16.04 -21.10 -5.79
CA SER D 882 -17.00 -21.40 -4.74
C SER D 882 -18.22 -20.50 -4.74
N GLN D 883 -18.28 -19.47 -5.59
CA GLN D 883 -19.38 -18.52 -5.49
C GLN D 883 -20.69 -19.06 -6.06
N ASP D 884 -20.75 -20.35 -6.39
CA ASP D 884 -22.00 -21.00 -6.70
C ASP D 884 -22.68 -21.55 -5.44
N VAL D 885 -21.90 -21.84 -4.40
CA VAL D 885 -22.38 -22.49 -3.19
C VAL D 885 -23.05 -21.44 -2.32
N ILE D 886 -24.38 -21.36 -2.36
CA ILE D 886 -25.14 -20.61 -1.38
C ILE D 886 -26.23 -21.52 -0.83
N VAL D 887 -26.67 -21.23 0.39
CA VAL D 887 -27.72 -22.02 1.03
C VAL D 887 -29.07 -21.68 0.40
N ARG D 888 -29.86 -22.70 0.10
CA ARG D 888 -31.13 -22.49 -0.59
C ARG D 888 -32.33 -23.16 0.07
N GLU D 889 -32.14 -24.12 0.97
CA GLU D 889 -33.25 -24.78 1.66
C GLU D 889 -32.83 -25.11 3.09
N HIS D 890 -33.83 -25.42 3.92
CA HIS D 890 -33.55 -25.68 5.33
C HIS D 890 -33.00 -27.08 5.56
N ASP D 891 -33.55 -28.09 4.90
CA ASP D 891 -33.14 -29.46 5.17
C ASP D 891 -33.49 -30.34 3.98
N CYS D 892 -32.47 -30.91 3.34
CA CYS D 892 -32.67 -31.91 2.28
C CYS D 892 -33.06 -33.27 2.84
N GLN D 893 -33.06 -33.42 4.17
CA GLN D 893 -33.53 -34.62 4.85
C GLN D 893 -32.76 -35.87 4.47
N THR D 894 -31.57 -35.72 3.89
CA THR D 894 -30.75 -36.88 3.58
C THR D 894 -30.25 -37.54 4.85
N GLU D 895 -29.99 -38.84 4.76
CA GLU D 895 -29.44 -39.60 5.87
C GLU D 895 -27.95 -39.84 5.72
N ARG D 896 -27.31 -39.19 4.75
CA ARG D 896 -25.89 -39.35 4.52
C ARG D 896 -25.09 -38.43 5.42
N GLY D 897 -23.82 -38.78 5.62
CA GLY D 897 -22.95 -37.97 6.45
C GLY D 897 -21.55 -38.54 6.46
N ILE D 898 -20.76 -38.08 7.42
CA ILE D 898 -19.39 -38.53 7.59
C ILE D 898 -19.19 -38.88 9.06
N VAL D 899 -18.47 -39.97 9.32
CA VAL D 899 -18.12 -40.36 10.67
C VAL D 899 -16.89 -39.58 11.11
N VAL D 900 -16.88 -39.18 12.38
CA VAL D 900 -15.86 -38.32 12.95
C VAL D 900 -15.41 -38.90 14.29
N GLU D 901 -14.10 -38.91 14.49
CA GLU D 901 -13.51 -39.37 15.76
C GLU D 901 -13.71 -38.30 16.83
N LEU D 902 -14.39 -38.66 17.91
CA LEU D 902 -14.54 -37.78 19.05
C LEU D 902 -13.52 -38.04 20.15
N ALA D 903 -12.92 -39.22 20.18
CA ALA D 903 -11.96 -39.59 21.21
C ALA D 903 -11.32 -40.92 20.81
N GLU D 904 -10.41 -41.39 21.66
CA GLU D 904 -9.75 -42.68 21.47
C GLU D 904 -9.64 -43.37 22.81
N ARG D 905 -9.92 -44.67 22.82
CA ARG D 905 -9.85 -45.46 24.04
C ARG D 905 -8.41 -45.89 24.28
N ALA D 906 -7.76 -45.28 25.26
CA ALA D 906 -6.42 -45.68 25.64
C ALA D 906 -6.48 -47.01 26.40
N PRO D 907 -5.35 -47.71 26.51
CA PRO D 907 -5.32 -48.91 27.36
C PRO D 907 -5.74 -48.63 28.80
N ASP D 908 -5.55 -47.41 29.28
CA ASP D 908 -6.03 -47.02 30.60
C ASP D 908 -7.55 -46.81 30.57
N GLY D 909 -8.10 -46.42 31.72
CA GLY D 909 -9.50 -46.02 31.76
C GLY D 909 -9.78 -44.63 31.23
N THR D 910 -8.73 -43.88 30.90
CA THR D 910 -8.89 -42.54 30.38
C THR D 910 -9.23 -42.56 28.90
N LEU D 911 -9.92 -41.52 28.45
CA LEU D 911 -10.39 -41.41 27.07
C LEU D 911 -9.69 -40.22 26.43
N ILE D 912 -8.72 -40.49 25.56
CA ILE D 912 -7.89 -39.45 24.95
C ILE D 912 -8.76 -38.63 24.01
N ARG D 913 -8.98 -37.36 24.36
CA ARG D 913 -9.80 -36.49 23.53
C ARG D 913 -9.08 -36.18 22.22
N ASP D 914 -9.85 -36.08 21.14
CA ASP D 914 -9.28 -35.84 19.81
C ASP D 914 -8.93 -34.37 19.64
N PRO D 915 -7.80 -34.06 18.98
CA PRO D 915 -7.43 -32.65 18.81
C PRO D 915 -8.28 -31.93 17.79
N TYR D 916 -8.81 -32.64 16.78
CA TYR D 916 -9.54 -32.03 15.68
C TYR D 916 -10.97 -31.65 16.03
N ILE D 917 -11.40 -31.89 17.28
CA ILE D 917 -12.81 -31.67 17.62
C ILE D 917 -13.21 -30.22 17.40
N GLU D 918 -12.32 -29.29 17.71
CA GLU D 918 -12.63 -27.88 17.52
C GLU D 918 -12.94 -27.56 16.06
N THR D 919 -12.35 -28.33 15.13
CA THR D 919 -12.52 -28.06 13.71
C THR D 919 -13.25 -29.15 12.94
N SER D 920 -13.37 -30.37 13.50
CA SER D 920 -14.03 -31.46 12.80
C SER D 920 -15.45 -31.71 13.31
N ALA D 921 -15.62 -31.87 14.63
CA ALA D 921 -16.91 -32.25 15.20
C ALA D 921 -17.70 -31.08 15.75
N TYR D 922 -17.03 -30.05 16.24
CA TYR D 922 -17.72 -28.88 16.79
C TYR D 922 -18.51 -28.16 15.71
N ALA D 923 -19.70 -27.69 16.08
CA ALA D 923 -20.57 -26.90 15.19
C ALA D 923 -21.03 -27.71 13.98
N ARG D 924 -21.41 -28.96 14.22
CA ARG D 924 -22.00 -29.82 13.21
C ARG D 924 -23.41 -30.20 13.64
N THR D 925 -24.27 -30.45 12.66
CA THR D 925 -25.58 -31.03 12.94
C THR D 925 -25.49 -32.54 12.85
N LEU D 926 -26.12 -33.21 13.82
CA LEU D 926 -25.95 -34.66 13.98
C LEU D 926 -26.73 -35.42 12.93
N GLY D 927 -26.09 -36.40 12.30
CA GLY D 927 -26.72 -37.20 11.28
C GLY D 927 -27.61 -38.32 11.80
N THR D 928 -27.04 -39.27 12.51
CA THR D 928 -27.77 -40.34 13.15
C THR D 928 -27.60 -40.25 14.66
N ASP D 929 -28.44 -40.97 15.39
CA ASP D 929 -28.43 -40.88 16.84
C ASP D 929 -27.15 -41.48 17.41
N ALA D 930 -26.67 -40.87 18.49
CA ALA D 930 -25.51 -41.36 19.24
C ALA D 930 -26.02 -42.03 20.51
N VAL D 931 -25.98 -43.36 20.52
CA VAL D 931 -26.47 -44.16 21.64
C VAL D 931 -25.29 -44.87 22.27
N ASP D 932 -25.33 -45.00 23.59
CA ASP D 932 -24.32 -45.74 24.33
C ASP D 932 -24.73 -47.21 24.45
N GLU D 933 -23.76 -48.05 24.80
CA GLU D 933 -24.03 -49.46 25.03
C GLU D 933 -24.96 -49.63 26.24
N ALA D 934 -26.18 -50.11 25.99
CA ALA D 934 -27.20 -50.28 27.01
C ALA D 934 -27.52 -48.96 27.71
N GLY D 935 -28.03 -48.02 26.92
CA GLY D 935 -28.41 -46.72 27.45
C GLY D 935 -29.24 -45.96 26.45
N ASN D 936 -29.82 -44.86 26.93
CA ASN D 936 -30.65 -44.01 26.09
C ASN D 936 -29.79 -43.16 25.17
N VAL D 937 -30.43 -42.65 24.11
CA VAL D 937 -29.73 -41.76 23.18
C VAL D 937 -29.35 -40.49 23.92
N ILE D 938 -28.06 -40.16 23.90
CA ILE D 938 -27.57 -39.00 24.64
C ILE D 938 -27.71 -37.71 23.84
N VAL D 939 -27.55 -37.76 22.52
CA VAL D 939 -27.76 -36.60 21.66
C VAL D 939 -28.59 -37.04 20.47
N GLU D 940 -29.72 -36.38 20.27
CA GLU D 940 -30.61 -36.67 19.15
C GLU D 940 -30.07 -36.05 17.87
N ARG D 941 -30.42 -36.66 16.73
CA ARG D 941 -29.93 -36.18 15.45
C ARG D 941 -30.53 -34.82 15.13
N GLY D 942 -29.73 -33.96 14.50
CA GLY D 942 -30.12 -32.59 14.25
C GLY D 942 -29.71 -31.59 15.31
N GLN D 943 -28.83 -31.98 16.23
CA GLN D 943 -28.39 -31.09 17.30
C GLN D 943 -27.13 -30.34 16.91
N ASP D 944 -26.99 -29.14 17.47
CA ASP D 944 -25.89 -28.25 17.11
C ASP D 944 -24.52 -28.81 17.45
N LEU D 945 -24.43 -29.74 18.40
CA LEU D 945 -23.16 -30.34 18.83
C LEU D 945 -22.19 -29.30 19.37
N GLY D 946 -22.69 -28.40 20.20
CA GLY D 946 -21.84 -27.42 20.85
C GLY D 946 -21.03 -28.02 21.97
N ASP D 947 -20.30 -27.16 22.68
CA ASP D 947 -19.52 -27.58 23.85
C ASP D 947 -20.33 -28.41 24.83
N PRO D 948 -21.56 -28.05 25.20
CA PRO D 948 -22.34 -28.94 26.08
C PRO D 948 -22.60 -30.31 25.48
N GLU D 949 -23.02 -30.36 24.21
CA GLU D 949 -23.31 -31.65 23.58
C GLU D 949 -22.04 -32.49 23.42
N ILE D 950 -20.93 -31.86 23.05
CA ILE D 950 -19.66 -32.58 22.92
C ILE D 950 -19.25 -33.15 24.26
N ASP D 951 -19.35 -32.34 25.33
CA ASP D 951 -18.96 -32.81 26.65
C ASP D 951 -19.87 -33.92 27.16
N ALA D 952 -21.17 -33.84 26.84
CA ALA D 952 -22.08 -34.90 27.21
C ALA D 952 -21.76 -36.20 26.47
N LEU D 953 -21.50 -36.10 25.16
CA LEU D 953 -21.09 -37.27 24.39
C LEU D 953 -19.82 -37.90 24.97
N LEU D 954 -18.86 -37.05 25.36
CA LEU D 954 -17.60 -37.58 25.88
C LEU D 954 -17.78 -38.22 27.25
N ALA D 955 -18.56 -37.60 28.14
CA ALA D 955 -18.84 -38.19 29.43
C ALA D 955 -19.66 -39.46 29.31
N ALA D 956 -20.43 -39.60 28.23
CA ALA D 956 -21.18 -40.82 27.99
C ALA D 956 -20.31 -41.96 27.52
N GLY D 957 -19.07 -41.70 27.12
CA GLY D 957 -18.19 -42.74 26.63
C GLY D 957 -18.31 -43.02 25.14
N ILE D 958 -18.83 -42.08 24.36
CA ILE D 958 -18.92 -42.25 22.92
C ILE D 958 -17.58 -41.87 22.29
N THR D 959 -17.20 -42.59 21.24
CA THR D 959 -15.91 -42.38 20.61
C THR D 959 -16.00 -42.03 19.12
N GLN D 960 -17.14 -42.23 18.48
CA GLN D 960 -17.34 -41.82 17.10
C GLN D 960 -18.73 -41.20 16.98
N VAL D 961 -18.91 -40.36 15.95
CA VAL D 961 -20.21 -39.73 15.73
C VAL D 961 -20.36 -39.41 14.25
N LYS D 962 -21.55 -39.66 13.72
CA LYS D 962 -21.86 -39.33 12.33
C LYS D 962 -22.51 -37.97 12.25
N VAL D 963 -21.98 -37.09 11.40
CA VAL D 963 -22.50 -35.75 11.24
C VAL D 963 -22.84 -35.49 9.78
N ARG D 964 -23.75 -34.55 9.57
CA ARG D 964 -24.14 -34.14 8.23
C ARG D 964 -23.24 -33.01 7.77
N SER D 965 -22.65 -33.17 6.59
CA SER D 965 -21.79 -32.17 6.01
C SER D 965 -22.29 -31.80 4.62
N VAL D 966 -21.65 -30.79 4.02
CA VAL D 966 -21.99 -30.42 2.64
C VAL D 966 -21.37 -31.34 1.62
N LEU D 967 -20.52 -32.28 2.04
CA LEU D 967 -20.03 -33.31 1.12
C LEU D 967 -21.13 -34.28 0.74
N THR D 968 -22.06 -34.55 1.65
CA THR D 968 -23.12 -35.52 1.44
C THR D 968 -24.50 -34.86 1.31
N CYS D 969 -24.53 -33.56 1.02
CA CYS D 969 -25.80 -32.86 0.89
C CYS D 969 -26.47 -33.21 -0.42
N ALA D 970 -27.77 -33.49 -0.36
CA ALA D 970 -28.54 -33.92 -1.51
C ALA D 970 -29.22 -32.77 -2.25
N THR D 971 -28.98 -31.53 -1.83
CA THR D 971 -29.58 -30.38 -2.50
C THR D 971 -29.02 -30.24 -3.91
N SER D 972 -29.89 -29.83 -4.84
CA SER D 972 -29.53 -29.86 -6.26
C SER D 972 -28.45 -28.83 -6.59
N THR D 973 -28.77 -27.54 -6.40
CA THR D 973 -27.87 -26.47 -6.84
C THR D 973 -26.95 -26.00 -5.71
N GLY D 974 -27.53 -25.51 -4.62
CA GLY D 974 -26.80 -25.06 -3.46
C GLY D 974 -26.70 -26.13 -2.39
N VAL D 975 -26.61 -25.69 -1.14
CA VAL D 975 -26.62 -26.61 0.00
C VAL D 975 -27.77 -26.24 0.92
N CYS D 976 -28.11 -27.16 1.81
CA CYS D 976 -29.16 -26.96 2.80
C CYS D 976 -28.55 -26.53 4.12
N ALA D 977 -29.32 -25.76 4.90
CA ALA D 977 -28.80 -25.20 6.14
C ALA D 977 -28.44 -26.28 7.13
N THR D 978 -29.24 -27.36 7.19
CA THR D 978 -29.01 -28.41 8.18
C THR D 978 -27.75 -29.19 7.85
N CYS D 979 -27.50 -29.47 6.57
CA CYS D 979 -26.27 -30.16 6.20
C CYS D 979 -25.04 -29.30 6.45
N TYR D 980 -25.16 -27.98 6.25
CA TYR D 980 -24.04 -27.08 6.55
C TYR D 980 -23.78 -27.01 8.04
N GLY D 981 -24.82 -26.69 8.82
CA GLY D 981 -24.71 -26.66 10.26
C GLY D 981 -24.75 -25.28 10.86
N ARG D 982 -23.93 -25.05 11.88
CA ARG D 982 -23.91 -23.78 12.58
C ARG D 982 -23.15 -22.73 11.77
N SER D 983 -23.62 -21.49 11.86
CA SER D 983 -22.87 -20.35 11.34
C SER D 983 -21.83 -19.93 12.38
N MET D 984 -20.56 -19.96 11.99
CA MET D 984 -19.48 -19.65 12.94
C MET D 984 -19.63 -18.25 13.51
N ALA D 985 -20.09 -17.31 12.69
CA ALA D 985 -20.20 -15.93 13.14
C ALA D 985 -21.35 -15.74 14.12
N THR D 986 -22.54 -16.23 13.77
CA THR D 986 -23.74 -15.97 14.55
C THR D 986 -23.96 -16.98 15.68
N GLY D 987 -23.31 -18.14 15.63
CA GLY D 987 -23.45 -19.15 16.66
C GLY D 987 -24.70 -20.00 16.55
N LYS D 988 -25.68 -19.60 15.75
CA LYS D 988 -26.89 -20.37 15.53
C LYS D 988 -26.81 -21.11 14.20
N LEU D 989 -27.90 -21.76 13.81
CA LEU D 989 -27.97 -22.41 12.51
C LEU D 989 -27.85 -21.37 11.41
N VAL D 990 -27.12 -21.73 10.35
CA VAL D 990 -26.90 -20.79 9.25
C VAL D 990 -28.24 -20.42 8.62
N ASP D 991 -28.36 -19.16 8.22
CA ASP D 991 -29.59 -18.66 7.62
C ASP D 991 -29.69 -19.12 6.17
N ILE D 992 -30.71 -18.66 5.45
CA ILE D 992 -30.95 -19.14 4.11
C ILE D 992 -30.03 -18.48 3.10
N GLY D 993 -30.12 -17.16 2.97
CA GLY D 993 -29.39 -16.49 1.91
C GLY D 993 -27.87 -16.53 2.02
N GLU D 994 -27.32 -17.06 3.10
CA GLU D 994 -25.88 -16.98 3.35
C GLU D 994 -25.10 -17.61 2.20
N ALA D 995 -24.15 -16.84 1.66
CA ALA D 995 -23.26 -17.34 0.60
C ALA D 995 -22.02 -17.95 1.24
N VAL D 996 -22.23 -19.12 1.86
CA VAL D 996 -21.18 -19.78 2.63
C VAL D 996 -19.96 -20.12 1.78
N GLY D 997 -20.10 -20.12 0.46
CA GLY D 997 -18.95 -20.37 -0.39
C GLY D 997 -17.90 -19.28 -0.29
N ILE D 998 -18.33 -18.01 -0.37
CA ILE D 998 -17.39 -16.90 -0.25
C ILE D 998 -16.82 -16.84 1.17
N VAL D 999 -17.67 -17.08 2.17
CA VAL D 999 -17.19 -17.13 3.54
C VAL D 999 -16.11 -18.19 3.69
N ALA D 1000 -16.30 -19.34 3.05
CA ALA D 1000 -15.31 -20.41 3.13
C ALA D 1000 -14.02 -20.03 2.41
N ALA D 1001 -14.14 -19.42 1.23
CA ALA D 1001 -12.95 -19.00 0.50
C ALA D 1001 -12.15 -17.99 1.30
N GLN D 1002 -12.84 -17.03 1.93
CA GLN D 1002 -12.15 -16.04 2.74
C GLN D 1002 -11.54 -16.67 3.99
N SER D 1003 -12.25 -17.61 4.61
CA SER D 1003 -11.71 -18.26 5.81
C SER D 1003 -10.49 -19.10 5.49
N ILE D 1004 -10.42 -19.63 4.27
CA ILE D 1004 -9.24 -20.41 3.89
C ILE D 1004 -8.10 -19.49 3.45
N GLY D 1005 -8.40 -18.36 2.82
CA GLY D 1005 -7.36 -17.50 2.31
C GLY D 1005 -6.77 -16.56 3.34
N GLU D 1006 -7.57 -16.10 4.30
CA GLU D 1006 -7.13 -15.06 5.22
C GLU D 1006 -5.88 -15.45 6.00
N PRO D 1007 -5.80 -16.62 6.66
CA PRO D 1007 -4.55 -16.99 7.34
C PRO D 1007 -3.49 -17.57 6.42
N GLY D 1008 -3.65 -17.46 5.11
CA GLY D 1008 -2.67 -18.02 4.19
C GLY D 1008 -1.31 -17.36 4.31
N THR D 1009 -1.28 -16.08 4.71
CA THR D 1009 -0.03 -15.33 4.83
C THR D 1009 0.91 -15.92 5.88
N GLN D 1010 0.43 -16.83 6.73
CA GLN D 1010 1.23 -17.40 7.81
C GLN D 1010 1.92 -18.70 7.43
N LEU D 1011 1.52 -19.33 6.33
CA LEU D 1011 2.11 -20.60 5.94
C LEU D 1011 3.54 -20.42 5.46
N THR D 1012 4.35 -21.47 5.63
CA THR D 1012 5.73 -21.48 5.17
C THR D 1012 6.08 -22.82 4.53
N THR D 1026 4.10 -31.35 -0.35
CA THR D 1026 5.45 -30.82 -0.37
C THR D 1026 5.66 -29.81 0.76
N GLY D 1027 5.70 -28.53 0.41
CA GLY D 1027 5.95 -27.48 1.39
C GLY D 1027 4.70 -27.06 2.14
N GLY D 1028 4.47 -25.75 2.23
CA GLY D 1028 3.29 -25.24 2.91
C GLY D 1028 2.21 -24.83 1.95
N LEU D 1029 2.06 -23.52 1.74
CA LEU D 1029 1.09 -23.01 0.77
C LEU D 1029 1.22 -23.62 -0.62
N PRO D 1030 2.43 -23.90 -1.15
CA PRO D 1030 2.49 -24.64 -2.43
C PRO D 1030 1.75 -25.98 -2.40
N ARG D 1031 1.78 -26.70 -1.28
CA ARG D 1031 1.04 -27.95 -1.19
C ARG D 1031 -0.47 -27.71 -1.20
N VAL D 1032 -0.92 -26.64 -0.55
CA VAL D 1032 -2.34 -26.28 -0.61
C VAL D 1032 -2.76 -26.03 -2.04
N GLN D 1033 -1.93 -25.28 -2.79
CA GLN D 1033 -2.27 -25.04 -4.19
C GLN D 1033 -2.21 -26.32 -5.00
N GLU D 1034 -1.28 -27.21 -4.66
CA GLU D 1034 -1.16 -28.50 -5.36
C GLU D 1034 -2.42 -29.34 -5.17
N LEU D 1035 -3.02 -29.28 -3.98
CA LEU D 1035 -4.22 -30.04 -3.71
C LEU D 1035 -5.46 -29.41 -4.33
N PHE D 1036 -5.65 -28.10 -4.12
CA PHE D 1036 -6.85 -27.45 -4.62
C PHE D 1036 -6.93 -27.45 -6.14
N GLU D 1037 -5.79 -27.57 -6.82
CA GLU D 1037 -5.77 -27.66 -8.27
C GLU D 1037 -5.81 -29.10 -8.75
N ALA D 1038 -5.76 -30.08 -7.85
CA ALA D 1038 -5.81 -31.50 -8.19
C ALA D 1038 -4.66 -31.90 -9.12
N ARG D 1039 -3.50 -31.27 -8.96
CA ARG D 1039 -2.35 -31.61 -9.75
C ARG D 1039 -1.71 -32.91 -9.24
N VAL D 1040 -1.10 -33.65 -10.16
CA VAL D 1040 -0.38 -34.87 -9.82
C VAL D 1040 0.81 -34.49 -8.96
N PRO D 1041 0.85 -34.90 -7.68
CA PRO D 1041 1.88 -34.39 -6.77
C PRO D 1041 3.25 -34.93 -7.09
N ARG D 1042 4.27 -34.10 -6.85
CA ARG D 1042 5.65 -34.58 -6.94
C ARG D 1042 5.95 -35.45 -5.74
N GLY D 1043 6.73 -36.51 -5.96
CA GLY D 1043 6.91 -37.51 -4.93
C GLY D 1043 5.66 -38.35 -4.79
N LYS D 1044 5.20 -38.92 -5.91
CA LYS D 1044 3.96 -39.67 -5.92
C LYS D 1044 4.13 -41.01 -5.22
N ALA D 1045 3.18 -41.34 -4.34
CA ALA D 1045 3.12 -42.63 -3.70
C ALA D 1045 1.91 -43.38 -4.23
N PRO D 1046 2.08 -44.36 -5.11
CA PRO D 1046 0.92 -45.09 -5.65
C PRO D 1046 0.20 -45.89 -4.58
N ILE D 1047 -1.06 -46.21 -4.87
CA ILE D 1047 -1.89 -47.00 -3.97
C ILE D 1047 -2.25 -48.31 -4.68
N ALA D 1048 -2.84 -49.23 -3.91
CA ALA D 1048 -3.20 -50.54 -4.41
C ALA D 1048 -4.57 -50.50 -5.09
N ASP D 1049 -4.67 -51.20 -6.22
CA ASP D 1049 -5.94 -51.24 -6.96
C ASP D 1049 -6.92 -52.26 -6.39
N VAL D 1050 -6.43 -53.37 -5.84
CA VAL D 1050 -7.30 -54.46 -5.43
C VAL D 1050 -6.60 -55.25 -4.33
N THR D 1051 -7.40 -55.91 -3.48
CA THR D 1051 -6.87 -56.77 -2.44
C THR D 1051 -6.10 -57.94 -3.05
N GLY D 1052 -4.89 -58.18 -2.57
CA GLY D 1052 -4.10 -59.26 -3.11
C GLY D 1052 -2.80 -59.44 -2.35
N ARG D 1053 -1.99 -60.36 -2.87
CA ARG D 1053 -0.66 -60.65 -2.33
C ARG D 1053 0.37 -59.77 -3.03
N VAL D 1054 1.32 -59.25 -2.26
CA VAL D 1054 2.31 -58.30 -2.75
C VAL D 1054 3.64 -59.02 -2.96
N ARG D 1055 4.37 -58.57 -3.98
CA ARG D 1055 5.73 -59.04 -4.25
C ARG D 1055 6.57 -57.83 -4.60
N LEU D 1056 7.45 -57.43 -3.69
CA LEU D 1056 8.30 -56.25 -3.84
C LEU D 1056 9.74 -56.69 -4.08
N GLU D 1057 10.27 -56.39 -5.27
CA GLU D 1057 11.61 -56.80 -5.65
C GLU D 1057 12.61 -55.74 -5.20
N ASP D 1058 13.53 -56.12 -4.32
CA ASP D 1058 14.51 -55.17 -3.81
C ASP D 1058 15.54 -54.85 -4.88
N GLY D 1059 15.79 -53.56 -5.08
CA GLY D 1059 16.80 -53.11 -6.01
C GLY D 1059 17.56 -51.92 -5.48
N GLU D 1060 18.87 -51.88 -5.74
CA GLU D 1060 19.69 -50.79 -5.22
C GLU D 1060 19.27 -49.45 -5.80
N ARG D 1061 19.04 -49.40 -7.12
CA ARG D 1061 18.68 -48.15 -7.79
C ARG D 1061 17.18 -47.90 -7.78
N PHE D 1062 16.36 -48.94 -7.97
CA PHE D 1062 14.92 -48.75 -8.07
C PHE D 1062 14.21 -49.99 -7.53
N TYR D 1063 12.97 -49.79 -7.08
CA TYR D 1063 12.11 -50.85 -6.61
C TYR D 1063 11.13 -51.25 -7.73
N LYS D 1064 10.31 -52.26 -7.44
CA LYS D 1064 9.28 -52.75 -8.35
C LYS D 1064 8.33 -53.65 -7.58
N ILE D 1065 7.04 -53.62 -7.92
CA ILE D 1065 6.01 -54.31 -7.17
C ILE D 1065 5.05 -55.01 -8.12
N THR D 1066 4.62 -56.21 -7.74
CA THR D 1066 3.58 -56.94 -8.45
C THR D 1066 2.55 -57.46 -7.46
N ILE D 1067 1.28 -57.33 -7.81
CA ILE D 1067 0.18 -57.74 -6.94
C ILE D 1067 -0.60 -58.85 -7.64
N VAL D 1068 -0.82 -59.96 -6.93
CA VAL D 1068 -1.63 -61.07 -7.42
C VAL D 1068 -2.95 -61.05 -6.64
N PRO D 1069 -4.08 -60.80 -7.28
CA PRO D 1069 -5.32 -60.61 -6.53
C PRO D 1069 -5.81 -61.88 -5.88
N ASP D 1070 -6.49 -61.70 -4.74
CA ASP D 1070 -7.11 -62.79 -4.01
C ASP D 1070 -8.50 -63.15 -4.51
N ASP D 1071 -9.04 -62.37 -5.45
CA ASP D 1071 -10.38 -62.58 -5.98
C ASP D 1071 -10.39 -63.42 -7.25
N GLY D 1072 -9.27 -64.07 -7.57
CA GLY D 1072 -9.15 -64.77 -8.83
C GLY D 1072 -8.83 -63.87 -10.00
N GLY D 1073 -8.14 -62.76 -9.76
CA GLY D 1073 -7.80 -61.81 -10.81
C GLY D 1073 -6.44 -62.06 -11.40
N GLU D 1074 -5.88 -61.01 -12.02
CA GLU D 1074 -4.61 -61.09 -12.72
C GLU D 1074 -3.66 -60.00 -12.20
N GLU D 1075 -2.39 -60.12 -12.57
CA GLU D 1075 -1.33 -59.35 -11.95
C GLU D 1075 -1.40 -57.87 -12.32
N VAL D 1076 -1.37 -57.01 -11.30
CA VAL D 1076 -1.24 -55.57 -11.46
C VAL D 1076 0.21 -55.19 -11.23
N VAL D 1077 0.74 -54.29 -12.04
CA VAL D 1077 2.17 -53.97 -12.03
C VAL D 1077 2.34 -52.48 -11.74
N TYR D 1078 2.81 -52.17 -10.53
CA TYR D 1078 3.38 -50.86 -10.21
C TYR D 1078 4.89 -50.99 -10.26
N ASP D 1079 5.55 -50.15 -11.04
CA ASP D 1079 6.97 -50.32 -11.31
C ASP D 1079 7.69 -48.98 -11.29
N LYS D 1080 9.02 -49.07 -11.32
CA LYS D 1080 9.91 -47.90 -11.42
C LYS D 1080 9.74 -46.97 -10.22
N ILE D 1081 9.85 -47.54 -9.02
CA ILE D 1081 9.77 -46.76 -7.79
C ILE D 1081 11.14 -46.16 -7.49
N SER D 1082 11.14 -45.03 -6.79
CA SER D 1082 12.38 -44.35 -6.46
C SER D 1082 13.05 -45.00 -5.25
N LYS D 1083 14.37 -45.13 -5.32
CA LYS D 1083 15.12 -45.62 -4.17
C LYS D 1083 15.15 -44.61 -3.02
N ARG D 1084 14.87 -43.34 -3.30
CA ARG D 1084 14.81 -42.30 -2.29
C ARG D 1084 13.48 -42.29 -1.53
N GLN D 1085 12.53 -43.14 -1.89
CA GLN D 1085 11.24 -43.22 -1.21
C GLN D 1085 11.24 -44.42 -0.27
N ARG D 1086 10.77 -44.20 0.96
CA ARG D 1086 10.67 -45.27 1.95
C ARG D 1086 9.41 -46.09 1.68
N LEU D 1087 9.05 -46.95 2.63
CA LEU D 1087 7.89 -47.82 2.53
C LEU D 1087 6.93 -47.50 3.65
N ARG D 1088 5.63 -47.52 3.34
CA ARG D 1088 4.61 -47.19 4.32
C ARG D 1088 4.59 -48.22 5.44
N VAL D 1089 4.53 -47.75 6.67
CA VAL D 1089 4.46 -48.61 7.85
C VAL D 1089 2.98 -48.76 8.19
N PHE D 1090 2.34 -49.74 7.58
CA PHE D 1090 0.91 -49.97 7.70
C PHE D 1090 0.63 -51.18 8.56
N LYS D 1091 -0.48 -51.14 9.30
CA LYS D 1091 -0.89 -52.22 10.17
C LYS D 1091 -1.46 -53.36 9.32
N HIS D 1092 -0.76 -54.49 9.30
CA HIS D 1092 -1.16 -55.61 8.46
C HIS D 1092 -2.42 -56.27 9.01
N GLU D 1093 -2.83 -57.36 8.35
CA GLU D 1093 -4.08 -58.01 8.74
C GLU D 1093 -3.95 -58.76 10.05
N ASP D 1094 -2.75 -59.28 10.36
CA ASP D 1094 -2.53 -59.96 11.63
C ASP D 1094 -2.62 -59.01 12.82
N GLY D 1095 -2.54 -57.69 12.58
CA GLY D 1095 -2.65 -56.68 13.61
C GLY D 1095 -1.36 -55.93 13.88
N SER D 1096 -0.21 -56.60 13.71
CA SER D 1096 1.07 -56.00 14.05
C SER D 1096 1.47 -54.97 12.99
N GLU D 1097 1.75 -53.74 13.44
CA GLU D 1097 2.26 -52.71 12.54
C GLU D 1097 3.75 -52.88 12.36
N ARG D 1098 4.20 -52.84 11.10
CA ARG D 1098 5.61 -52.98 10.80
C ARG D 1098 5.86 -52.39 9.41
N VAL D 1099 7.15 -52.36 9.03
CA VAL D 1099 7.50 -51.86 7.71
C VAL D 1099 6.92 -52.79 6.64
N LEU D 1100 6.76 -52.25 5.44
CA LEU D 1100 6.18 -53.02 4.34
C LEU D 1100 7.01 -54.28 4.09
N SER D 1101 6.39 -55.44 4.32
CA SER D 1101 7.06 -56.72 4.17
C SER D 1101 6.50 -57.43 2.93
N ASP D 1102 7.40 -57.88 2.06
CA ASP D 1102 7.00 -58.66 0.89
C ASP D 1102 6.27 -59.92 1.34
N GLY D 1103 5.47 -60.47 0.44
CA GLY D 1103 4.72 -61.67 0.74
C GLY D 1103 3.74 -61.51 1.88
N ASP D 1104 3.00 -60.41 1.90
CA ASP D 1104 1.98 -60.20 2.91
C ASP D 1104 0.75 -59.59 2.26
N HIS D 1105 -0.34 -59.56 3.03
CA HIS D 1105 -1.63 -59.18 2.50
C HIS D 1105 -1.75 -57.66 2.36
N VAL D 1106 -2.38 -57.22 1.29
CA VAL D 1106 -2.57 -55.81 0.98
C VAL D 1106 -4.05 -55.56 0.70
N GLU D 1107 -4.62 -54.54 1.33
CA GLU D 1107 -6.01 -54.19 1.13
C GLU D 1107 -6.15 -53.32 -0.13
N VAL D 1108 -7.33 -52.74 -0.34
CA VAL D 1108 -7.59 -51.89 -1.50
C VAL D 1108 -7.28 -50.45 -1.13
N GLY D 1109 -6.55 -49.76 -2.01
CA GLY D 1109 -6.22 -48.37 -1.76
C GLY D 1109 -5.16 -48.14 -0.70
N GLN D 1110 -4.45 -49.18 -0.28
CA GLN D 1110 -3.38 -49.02 0.69
C GLN D 1110 -2.24 -48.23 0.07
N GLN D 1111 -1.72 -47.25 0.81
CA GLN D 1111 -0.60 -46.45 0.33
C GLN D 1111 0.65 -47.31 0.26
N LEU D 1112 1.22 -47.44 -0.94
CA LEU D 1112 2.35 -48.35 -1.12
C LEU D 1112 3.65 -47.80 -0.55
N MET D 1113 3.86 -46.50 -0.59
CA MET D 1113 5.09 -45.90 -0.07
C MET D 1113 4.77 -44.61 0.66
N GLU D 1114 5.77 -44.09 1.36
CA GLU D 1114 5.61 -42.80 2.02
C GLU D 1114 5.57 -41.68 0.99
N GLY D 1115 5.11 -40.51 1.43
CA GLY D 1115 4.99 -39.35 0.57
C GLY D 1115 3.55 -38.86 0.52
N SER D 1116 3.13 -38.44 -0.68
CA SER D 1116 1.78 -37.96 -0.90
C SER D 1116 1.17 -38.70 -2.07
N ALA D 1117 -0.05 -39.19 -1.89
CA ALA D 1117 -0.71 -39.99 -2.91
C ALA D 1117 -1.41 -39.09 -3.93
N ASP D 1118 -1.60 -39.64 -5.12
CA ASP D 1118 -2.33 -38.94 -6.17
C ASP D 1118 -3.83 -39.02 -5.89
N PRO D 1119 -4.52 -37.89 -5.75
CA PRO D 1119 -5.97 -37.95 -5.47
C PRO D 1119 -6.78 -38.44 -6.65
N HIS D 1120 -6.27 -38.36 -7.87
CA HIS D 1120 -6.97 -38.97 -9.00
C HIS D 1120 -7.03 -40.48 -8.85
N GLU D 1121 -5.93 -41.11 -8.45
CA GLU D 1121 -5.92 -42.54 -8.21
C GLU D 1121 -6.82 -42.90 -7.03
N VAL D 1122 -6.85 -42.06 -6.00
CA VAL D 1122 -7.75 -42.30 -4.88
C VAL D 1122 -9.20 -42.27 -5.35
N LEU D 1123 -9.56 -41.29 -6.19
CA LEU D 1123 -10.91 -41.25 -6.73
C LEU D 1123 -11.23 -42.49 -7.55
N ARG D 1124 -10.30 -42.90 -8.41
CA ARG D 1124 -10.56 -44.04 -9.30
C ARG D 1124 -10.73 -45.33 -8.51
N VAL D 1125 -9.81 -45.61 -7.59
CA VAL D 1125 -9.84 -46.87 -6.86
C VAL D 1125 -10.90 -46.84 -5.77
N GLN D 1126 -10.78 -45.91 -4.82
CA GLN D 1126 -11.59 -45.93 -3.61
C GLN D 1126 -12.93 -45.22 -3.74
N GLY D 1127 -13.07 -44.29 -4.70
CA GLY D 1127 -14.34 -43.65 -4.93
C GLY D 1127 -14.37 -42.18 -4.51
N PRO D 1128 -15.46 -41.48 -4.84
CA PRO D 1128 -15.53 -40.05 -4.56
C PRO D 1128 -15.63 -39.70 -3.08
N ARG D 1129 -16.50 -40.38 -2.35
CA ARG D 1129 -16.63 -40.08 -0.92
C ARG D 1129 -15.38 -40.45 -0.13
N GLU D 1130 -14.38 -41.04 -0.78
CA GLU D 1130 -13.07 -41.27 -0.16
C GLU D 1130 -12.05 -40.21 -0.54
N VAL D 1131 -12.02 -39.82 -1.82
CA VAL D 1131 -11.13 -38.74 -2.22
C VAL D 1131 -11.51 -37.44 -1.55
N GLN D 1132 -12.80 -37.25 -1.23
CA GLN D 1132 -13.20 -36.05 -0.49
C GLN D 1132 -12.56 -36.02 0.89
N ILE D 1133 -12.65 -37.13 1.62
CA ILE D 1133 -11.99 -37.23 2.92
C ILE D 1133 -10.48 -37.02 2.77
N HIS D 1134 -9.89 -37.61 1.73
CA HIS D 1134 -8.45 -37.50 1.52
C HIS D 1134 -8.03 -36.05 1.33
N LEU D 1135 -8.71 -35.34 0.43
CA LEU D 1135 -8.37 -33.94 0.15
C LEU D 1135 -8.57 -33.07 1.39
N VAL D 1136 -9.71 -33.22 2.07
CA VAL D 1136 -9.96 -32.41 3.26
C VAL D 1136 -8.89 -32.65 4.30
N ARG D 1137 -8.52 -33.92 4.54
CA ARG D 1137 -7.55 -34.20 5.59
C ARG D 1137 -6.16 -33.73 5.20
N GLU D 1138 -5.79 -33.82 3.92
CA GLU D 1138 -4.48 -33.34 3.50
C GLU D 1138 -4.37 -31.82 3.65
N VAL D 1139 -5.38 -31.09 3.16
CA VAL D 1139 -5.36 -29.63 3.29
C VAL D 1139 -5.35 -29.23 4.75
N GLN D 1140 -6.13 -29.93 5.59
CA GLN D 1140 -6.14 -29.63 7.00
C GLN D 1140 -4.79 -29.95 7.65
N GLU D 1141 -4.10 -30.98 7.17
CA GLU D 1141 -2.76 -31.27 7.68
C GLU D 1141 -1.81 -30.13 7.41
N VAL D 1142 -1.85 -29.60 6.17
CA VAL D 1142 -0.97 -28.49 5.83
C VAL D 1142 -1.28 -27.26 6.67
N TYR D 1143 -2.57 -26.96 6.86
CA TYR D 1143 -2.92 -25.78 7.65
C TYR D 1143 -2.62 -25.97 9.13
N ARG D 1144 -2.73 -27.20 9.64
CA ARG D 1144 -2.48 -27.44 11.06
C ARG D 1144 -1.00 -27.50 11.38
N ALA D 1145 -0.17 -27.90 10.41
CA ALA D 1145 1.28 -27.91 10.64
C ALA D 1145 1.84 -26.53 10.93
N GLN D 1146 1.09 -25.47 10.62
CA GLN D 1146 1.51 -24.10 10.85
C GLN D 1146 0.67 -23.41 11.92
N GLY D 1147 -0.14 -24.15 12.66
CA GLY D 1147 -0.92 -23.57 13.74
C GLY D 1147 -2.18 -22.85 13.33
N VAL D 1148 -2.81 -23.26 12.23
CA VAL D 1148 -3.99 -22.60 11.70
C VAL D 1148 -5.21 -23.45 12.00
N SER D 1149 -6.19 -22.85 12.69
CA SER D 1149 -7.42 -23.55 13.07
C SER D 1149 -8.54 -23.07 12.15
N ILE D 1150 -8.75 -23.82 11.06
CA ILE D 1150 -9.86 -23.60 10.15
C ILE D 1150 -10.80 -24.78 10.27
N HIS D 1151 -12.09 -24.50 10.44
CA HIS D 1151 -13.07 -25.56 10.57
C HIS D 1151 -13.18 -26.36 9.27
N ASP D 1152 -13.53 -27.64 9.40
CA ASP D 1152 -13.53 -28.52 8.23
C ASP D 1152 -14.58 -28.10 7.20
N LYS D 1153 -15.68 -27.49 7.64
CA LYS D 1153 -16.77 -27.21 6.70
C LYS D 1153 -16.33 -26.21 5.63
N HIS D 1154 -15.43 -25.27 5.97
CA HIS D 1154 -14.94 -24.32 4.98
C HIS D 1154 -14.18 -25.04 3.87
N ILE D 1155 -13.33 -26.00 4.23
CA ILE D 1155 -12.60 -26.76 3.22
C ILE D 1155 -13.55 -27.66 2.44
N GLU D 1156 -14.57 -28.20 3.11
CA GLU D 1156 -15.52 -29.08 2.44
C GLU D 1156 -16.32 -28.34 1.40
N VAL D 1157 -16.66 -27.08 1.66
CA VAL D 1157 -17.39 -26.29 0.67
C VAL D 1157 -16.57 -26.16 -0.61
N ILE D 1158 -15.25 -26.06 -0.47
CA ILE D 1158 -14.37 -25.97 -1.64
C ILE D 1158 -14.24 -27.33 -2.32
N VAL D 1159 -14.08 -28.39 -1.52
CA VAL D 1159 -13.89 -29.73 -2.09
C VAL D 1159 -15.13 -30.15 -2.88
N ARG D 1160 -16.32 -29.80 -2.38
CA ARG D 1160 -17.56 -30.15 -3.06
C ARG D 1160 -17.57 -29.64 -4.50
N GLN D 1161 -17.04 -28.44 -4.74
CA GLN D 1161 -17.08 -27.87 -6.08
C GLN D 1161 -16.06 -28.48 -7.03
N MET D 1162 -15.25 -29.43 -6.57
CA MET D 1162 -14.36 -30.14 -7.49
C MET D 1162 -15.03 -31.37 -8.08
N LEU D 1163 -15.84 -32.07 -7.30
CA LEU D 1163 -16.47 -33.33 -7.71
C LEU D 1163 -17.89 -33.13 -8.21
N ARG D 1164 -18.18 -32.02 -8.87
CA ARG D 1164 -19.54 -31.75 -9.33
C ARG D 1164 -19.79 -32.26 -10.74
N ARG D 1165 -18.76 -32.70 -11.46
CA ARG D 1165 -18.90 -33.06 -12.86
C ARG D 1165 -18.45 -34.50 -13.10
N VAL D 1166 -18.82 -35.02 -14.28
CA VAL D 1166 -18.47 -36.35 -14.71
C VAL D 1166 -17.97 -36.31 -16.16
N THR D 1167 -17.20 -37.32 -16.51
CA THR D 1167 -16.64 -37.49 -17.85
C THR D 1167 -17.49 -38.48 -18.63
N ILE D 1168 -17.80 -38.13 -19.87
CA ILE D 1168 -18.61 -38.97 -20.76
C ILE D 1168 -17.69 -39.99 -21.43
N ILE D 1169 -17.80 -41.26 -21.02
CA ILE D 1169 -17.03 -42.33 -21.64
C ILE D 1169 -17.65 -42.75 -22.97
N ASP D 1170 -18.89 -43.25 -22.92
CA ASP D 1170 -19.66 -43.59 -24.10
C ASP D 1170 -20.87 -42.66 -24.15
N SER D 1171 -20.93 -41.82 -25.19
CA SER D 1171 -22.03 -40.87 -25.30
C SER D 1171 -23.37 -41.58 -25.41
N GLY D 1172 -23.46 -42.56 -26.32
CA GLY D 1172 -24.71 -43.27 -26.50
C GLY D 1172 -25.74 -42.39 -27.20
N SER D 1173 -26.98 -42.48 -26.72
CA SER D 1173 -28.09 -41.76 -27.33
C SER D 1173 -28.05 -40.25 -27.09
N THR D 1174 -27.04 -39.74 -26.40
CA THR D 1174 -27.00 -38.35 -25.97
C THR D 1174 -26.14 -37.50 -26.91
N GLU D 1175 -26.40 -36.19 -26.89
CA GLU D 1175 -25.67 -35.23 -27.70
C GLU D 1175 -24.32 -34.85 -27.11
N PHE D 1176 -24.00 -35.33 -25.91
CA PHE D 1176 -22.71 -35.01 -25.30
C PHE D 1176 -21.59 -35.65 -26.09
N LEU D 1177 -20.49 -34.92 -26.24
CA LEU D 1177 -19.33 -35.50 -26.88
C LEU D 1177 -18.57 -36.36 -25.88
N PRO D 1178 -18.01 -37.50 -26.31
CA PRO D 1178 -17.26 -38.34 -25.37
C PRO D 1178 -16.01 -37.63 -24.88
N GLY D 1179 -15.62 -37.97 -23.65
CA GLY D 1179 -14.48 -37.31 -23.03
C GLY D 1179 -14.72 -35.87 -22.61
N SER D 1180 -15.97 -35.48 -22.42
CA SER D 1180 -16.35 -34.14 -22.04
C SER D 1180 -16.77 -34.11 -20.58
N LEU D 1181 -16.67 -32.93 -19.97
CA LEU D 1181 -16.96 -32.74 -18.56
C LEU D 1181 -18.32 -32.08 -18.42
N ILE D 1182 -19.31 -32.83 -17.95
CA ILE D 1182 -20.68 -32.34 -17.83
C ILE D 1182 -21.08 -32.41 -16.36
N ASP D 1183 -21.78 -31.37 -15.90
CA ASP D 1183 -22.31 -31.34 -14.54
C ASP D 1183 -23.12 -32.59 -14.26
N ARG D 1184 -22.97 -33.13 -13.05
CA ARG D 1184 -23.69 -34.35 -12.69
C ARG D 1184 -25.19 -34.13 -12.69
N ALA D 1185 -25.64 -32.90 -12.47
CA ALA D 1185 -27.07 -32.60 -12.57
C ALA D 1185 -27.56 -32.78 -14.00
N GLU D 1186 -26.85 -32.19 -14.97
CA GLU D 1186 -27.21 -32.36 -16.37
C GLU D 1186 -27.07 -33.82 -16.79
N PHE D 1187 -26.07 -34.52 -16.27
CA PHE D 1187 -25.87 -35.91 -16.63
C PHE D 1187 -26.98 -36.80 -16.09
N GLU D 1188 -27.51 -36.49 -14.90
CA GLU D 1188 -28.54 -37.33 -14.32
C GLU D 1188 -29.94 -36.96 -14.80
N ALA D 1189 -30.14 -35.70 -15.22
CA ALA D 1189 -31.46 -35.27 -15.67
C ALA D 1189 -31.63 -35.41 -17.19
N GLU D 1190 -30.57 -35.18 -17.95
CA GLU D 1190 -30.62 -35.31 -19.40
C GLU D 1190 -30.95 -36.74 -19.83
N ASN D 1191 -30.64 -37.73 -18.99
CA ASN D 1191 -30.94 -39.11 -19.32
C ASN D 1191 -32.43 -39.38 -19.23
N ARG D 1192 -33.12 -39.24 -20.36
CA ARG D 1192 -34.53 -39.63 -20.51
C ARG D 1192 -34.52 -40.86 -21.42
N ARG D 1193 -34.62 -42.04 -20.82
CA ARG D 1193 -34.45 -43.27 -21.59
C ARG D 1193 -35.51 -43.39 -22.68
N VAL D 1194 -36.73 -42.93 -22.41
CA VAL D 1194 -37.83 -42.88 -23.37
C VAL D 1194 -38.04 -44.23 -24.07
N ALA D 1202 -24.20 -41.60 -21.95
CA ALA D 1202 -24.87 -42.36 -20.91
C ALA D 1202 -23.88 -42.82 -19.85
N ALA D 1203 -22.66 -43.15 -20.28
CA ALA D 1203 -21.62 -43.65 -19.40
C ALA D 1203 -20.87 -42.47 -18.79
N GLY D 1204 -20.94 -42.34 -17.46
CA GLY D 1204 -20.29 -41.24 -16.79
C GLY D 1204 -19.39 -41.63 -15.64
N ARG D 1205 -18.13 -41.18 -15.67
CA ARG D 1205 -17.18 -41.46 -14.61
C ARG D 1205 -16.92 -40.21 -13.77
N PRO D 1206 -16.91 -40.34 -12.44
CA PRO D 1206 -16.63 -39.17 -11.59
C PRO D 1206 -15.26 -38.58 -11.88
N VAL D 1207 -15.18 -37.25 -11.77
CA VAL D 1207 -13.99 -36.51 -12.14
C VAL D 1207 -13.57 -35.63 -10.96
N LEU D 1208 -12.29 -35.65 -10.64
CA LEU D 1208 -11.70 -34.67 -9.74
C LEU D 1208 -11.17 -33.51 -10.56
N MET D 1209 -11.52 -32.29 -10.16
CA MET D 1209 -11.25 -31.10 -10.96
C MET D 1209 -10.51 -30.06 -10.14
N GLY D 1210 -9.58 -29.36 -10.79
CA GLY D 1210 -8.91 -28.25 -10.13
C GLY D 1210 -9.78 -27.02 -10.07
N ILE D 1211 -9.50 -26.15 -9.10
CA ILE D 1211 -10.36 -24.99 -8.88
C ILE D 1211 -10.33 -24.06 -10.08
N THR D 1212 -9.17 -23.90 -10.72
CA THR D 1212 -9.09 -23.10 -11.94
C THR D 1212 -9.87 -23.75 -13.07
N LYS D 1213 -9.68 -25.06 -13.25
CA LYS D 1213 -10.40 -25.80 -14.28
C LYS D 1213 -11.91 -25.72 -14.05
N ALA D 1214 -12.34 -25.92 -12.80
CA ALA D 1214 -13.77 -25.88 -12.50
C ALA D 1214 -14.32 -24.47 -12.67
N SER D 1215 -13.52 -23.45 -12.35
CA SER D 1215 -13.99 -22.07 -12.48
C SER D 1215 -14.18 -21.69 -13.94
N LEU D 1216 -13.22 -22.03 -14.80
CA LEU D 1216 -13.32 -21.66 -16.20
C LEU D 1216 -14.43 -22.41 -16.93
N ALA D 1217 -14.86 -23.56 -16.40
CA ALA D 1217 -15.89 -24.37 -17.03
C ALA D 1217 -17.28 -24.04 -16.50
N THR D 1218 -17.53 -22.79 -16.13
CA THR D 1218 -18.74 -22.44 -15.39
C THR D 1218 -19.93 -22.27 -16.34
N ASP D 1219 -21.10 -22.11 -15.71
CA ASP D 1219 -22.36 -21.94 -16.43
C ASP D 1219 -22.41 -20.63 -17.19
N SER D 1220 -21.74 -19.59 -16.69
CA SER D 1220 -21.87 -18.24 -17.21
C SER D 1220 -20.57 -17.82 -17.90
N TRP D 1221 -20.65 -17.55 -19.20
CA TRP D 1221 -19.45 -17.13 -19.92
C TRP D 1221 -18.98 -15.75 -19.47
N LEU D 1222 -19.91 -14.88 -19.08
CA LEU D 1222 -19.53 -13.58 -18.53
C LEU D 1222 -18.76 -13.77 -17.23
N SER D 1223 -19.16 -14.74 -16.41
CA SER D 1223 -18.44 -15.03 -15.17
C SER D 1223 -17.03 -15.51 -15.46
N ALA D 1224 -16.86 -16.37 -16.46
CA ALA D 1224 -15.53 -16.91 -16.76
C ALA D 1224 -14.64 -15.87 -17.43
N ALA D 1225 -15.22 -14.95 -18.20
CA ALA D 1225 -14.40 -13.95 -18.88
C ALA D 1225 -13.71 -13.03 -17.89
N SER D 1226 -14.30 -12.81 -16.72
CA SER D 1226 -13.76 -11.92 -15.72
C SER D 1226 -12.79 -12.61 -14.76
N PHE D 1227 -12.62 -13.92 -14.86
CA PHE D 1227 -11.73 -14.63 -13.94
C PHE D 1227 -10.32 -14.77 -14.52
N GLN D 1228 -10.19 -15.46 -15.66
CA GLN D 1228 -8.90 -15.70 -16.27
C GLN D 1228 -9.09 -15.93 -17.76
N GLU D 1229 -8.02 -15.68 -18.52
CA GLU D 1229 -7.94 -16.03 -19.94
C GLU D 1229 -9.15 -15.51 -20.71
N THR D 1230 -9.30 -14.19 -20.66
CA THR D 1230 -10.47 -13.55 -21.25
C THR D 1230 -10.57 -13.84 -22.74
N THR D 1231 -9.43 -13.84 -23.44
CA THR D 1231 -9.45 -14.04 -24.89
C THR D 1231 -9.96 -15.43 -25.26
N ARG D 1232 -9.41 -16.47 -24.63
CA ARG D 1232 -9.82 -17.83 -24.93
C ARG D 1232 -11.30 -18.04 -24.61
N VAL D 1233 -11.73 -17.53 -23.46
CA VAL D 1233 -13.13 -17.70 -23.05
C VAL D 1233 -14.06 -17.00 -24.04
N LEU D 1234 -13.72 -15.78 -24.45
CA LEU D 1234 -14.58 -15.06 -25.38
C LEU D 1234 -14.62 -15.72 -26.75
N THR D 1235 -13.48 -16.20 -27.25
CA THR D 1235 -13.48 -16.91 -28.53
C THR D 1235 -14.36 -18.14 -28.46
N ASP D 1236 -14.14 -19.01 -27.47
CA ASP D 1236 -14.91 -20.24 -27.37
C ASP D 1236 -16.38 -19.97 -27.10
N ALA D 1237 -16.71 -18.82 -26.48
CA ALA D 1237 -18.11 -18.48 -26.28
C ALA D 1237 -18.75 -18.01 -27.57
N ALA D 1238 -18.01 -17.25 -28.38
CA ALA D 1238 -18.56 -16.86 -29.68
C ALA D 1238 -18.78 -18.07 -30.57
N ILE D 1239 -17.81 -18.97 -30.64
CA ILE D 1239 -17.91 -20.13 -31.52
C ILE D 1239 -19.09 -21.00 -31.12
N ASN D 1240 -19.19 -21.32 -29.83
CA ASN D 1240 -20.29 -22.12 -29.33
C ASN D 1240 -21.58 -21.32 -29.16
N CYS D 1241 -21.59 -20.06 -29.61
CA CYS D 1241 -22.76 -19.18 -29.57
C CYS D 1241 -23.46 -19.26 -28.22
N ARG D 1242 -22.66 -19.15 -27.16
CA ARG D 1242 -23.14 -19.33 -25.80
C ARG D 1242 -24.14 -18.25 -25.43
N SER D 1243 -25.00 -18.60 -24.46
CA SER D 1243 -25.97 -17.66 -23.92
C SER D 1243 -25.91 -17.75 -22.40
N ASP D 1244 -25.55 -16.64 -21.75
CA ASP D 1244 -25.47 -16.58 -20.29
C ASP D 1244 -26.86 -16.30 -19.72
N LYS D 1245 -27.34 -17.22 -18.88
CA LYS D 1245 -28.64 -17.05 -18.25
C LYS D 1245 -28.66 -15.95 -17.19
N LEU D 1246 -27.52 -15.33 -16.90
CA LEU D 1246 -27.41 -14.20 -15.97
C LEU D 1246 -27.95 -14.56 -14.58
N ASN D 1247 -27.50 -15.71 -14.07
CA ASN D 1247 -27.88 -16.17 -12.74
C ASN D 1247 -26.60 -16.57 -12.00
N GLY D 1248 -26.26 -15.80 -10.97
CA GLY D 1248 -25.00 -15.97 -10.27
C GLY D 1248 -24.54 -14.62 -9.78
N LEU D 1249 -24.01 -14.57 -8.56
CA LEU D 1249 -23.78 -13.27 -7.92
C LEU D 1249 -22.78 -12.42 -8.71
N LYS D 1250 -21.74 -13.05 -9.28
CA LYS D 1250 -20.75 -12.27 -10.00
C LYS D 1250 -21.36 -11.59 -11.23
N GLU D 1251 -22.20 -12.31 -11.97
CA GLU D 1251 -22.83 -11.74 -13.14
C GLU D 1251 -23.78 -10.60 -12.77
N ASN D 1252 -24.52 -10.77 -11.67
CA ASN D 1252 -25.40 -9.70 -11.22
C ASN D 1252 -24.60 -8.47 -10.80
N VAL D 1253 -23.46 -8.70 -10.16
CA VAL D 1253 -22.54 -7.61 -9.84
C VAL D 1253 -22.15 -6.86 -11.09
N ILE D 1254 -21.81 -7.60 -12.15
CA ILE D 1254 -21.36 -6.95 -13.38
C ILE D 1254 -22.49 -6.15 -14.01
N ILE D 1255 -23.70 -6.72 -14.07
CA ILE D 1255 -24.80 -6.04 -14.75
C ILE D 1255 -25.57 -5.09 -13.83
N GLY D 1256 -25.29 -5.09 -12.54
CA GLY D 1256 -25.96 -4.18 -11.63
C GLY D 1256 -27.30 -4.67 -11.14
N LYS D 1257 -27.45 -5.98 -10.96
CA LYS D 1257 -28.69 -6.58 -10.47
C LYS D 1257 -28.46 -7.12 -9.06
N LEU D 1258 -29.55 -7.17 -8.29
CA LEU D 1258 -29.49 -7.72 -6.94
C LEU D 1258 -28.97 -9.15 -6.98
N ILE D 1259 -27.84 -9.38 -6.30
CA ILE D 1259 -27.23 -10.71 -6.35
C ILE D 1259 -28.20 -11.74 -5.78
N PRO D 1260 -28.23 -12.97 -6.29
CA PRO D 1260 -29.17 -13.99 -5.76
C PRO D 1260 -28.64 -14.67 -4.50
N ALA D 1261 -28.42 -13.87 -3.46
CA ALA D 1261 -27.95 -14.38 -2.17
C ALA D 1261 -28.19 -13.31 -1.11
N GLY D 1262 -28.40 -13.76 0.11
CA GLY D 1262 -28.65 -12.83 1.21
C GLY D 1262 -30.01 -12.16 1.06
N THR D 1263 -30.01 -10.83 1.08
CA THR D 1263 -31.24 -10.06 0.94
C THR D 1263 -31.71 -9.95 -0.50
N GLY D 1264 -31.04 -10.61 -1.44
CA GLY D 1264 -31.40 -10.49 -2.84
C GLY D 1264 -32.25 -11.63 -3.37
N ILE D 1265 -32.38 -12.71 -2.58
CA ILE D 1265 -33.20 -13.84 -3.01
C ILE D 1265 -34.67 -13.47 -2.90
N ASN D 1266 -35.48 -14.11 -3.73
CA ASN D 1266 -36.89 -13.73 -3.85
C ASN D 1266 -37.67 -13.94 -2.57
N ARG D 1267 -37.16 -14.78 -1.66
CA ARG D 1267 -37.85 -15.00 -0.39
C ARG D 1267 -37.91 -13.72 0.44
N TYR D 1268 -36.77 -13.05 0.61
CA TYR D 1268 -36.72 -11.82 1.41
C TYR D 1268 -36.95 -10.57 0.58
N ARG D 1269 -36.50 -10.54 -0.68
CA ARG D 1269 -36.57 -9.32 -1.48
C ARG D 1269 -38.00 -8.93 -1.82
N ASN D 1270 -38.92 -9.88 -1.83
CA ASN D 1270 -40.34 -9.62 -2.08
C ASN D 1270 -41.11 -9.97 -0.81
N ILE D 1271 -41.35 -8.98 0.04
CA ILE D 1271 -42.09 -9.16 1.29
C ILE D 1271 -43.21 -8.13 1.35
N ALA D 1272 -44.40 -8.58 1.74
CA ALA D 1272 -45.53 -7.69 1.96
C ALA D 1272 -45.54 -7.28 3.44
N VAL D 1273 -45.48 -5.96 3.68
CA VAL D 1273 -45.48 -5.40 5.02
C VAL D 1273 -46.63 -4.42 5.12
N GLN D 1274 -47.48 -4.59 6.15
CA GLN D 1274 -48.62 -3.71 6.38
C GLN D 1274 -48.92 -3.73 7.87
N PRO D 1275 -49.31 -2.60 8.45
CA PRO D 1275 -49.64 -2.59 9.88
C PRO D 1275 -50.91 -3.36 10.18
N THR D 1276 -50.99 -3.90 11.39
CA THR D 1276 -52.16 -4.64 11.82
C THR D 1276 -53.35 -3.69 11.98
N GLU D 1277 -54.52 -4.28 12.25
CA GLU D 1277 -55.71 -3.49 12.53
C GLU D 1277 -55.72 -3.02 13.98
N GLU D 1278 -55.24 -3.87 14.91
CA GLU D 1278 -55.14 -3.47 16.30
C GLU D 1278 -54.16 -2.31 16.48
N ALA D 1279 -53.16 -2.22 15.60
CA ALA D 1279 -52.22 -1.11 15.61
C ALA D 1279 -52.72 0.08 14.78
N ARG D 1280 -53.47 -0.18 13.72
CA ARG D 1280 -54.06 0.93 12.96
C ARG D 1280 -55.12 1.66 13.77
N ALA D 1281 -55.77 0.95 14.70
CA ALA D 1281 -56.72 1.60 15.61
C ALA D 1281 -56.00 2.42 16.67
N ALA D 1282 -54.88 1.92 17.19
CA ALA D 1282 -54.12 2.63 18.21
C ALA D 1282 -53.11 3.58 17.58
N GLY E 27 -33.33 -9.57 30.02
CA GLY E 27 -33.52 -8.48 30.96
C GLY E 27 -32.28 -8.19 31.80
N GLY E 28 -31.11 -8.58 31.29
CA GLY E 28 -29.86 -8.37 31.99
C GLY E 28 -28.88 -7.51 31.23
N TYR E 29 -29.37 -6.46 30.58
CA TYR E 29 -28.53 -5.54 29.82
C TYR E 29 -28.86 -4.11 30.18
N ASP E 30 -27.87 -3.23 30.01
CA ASP E 30 -28.06 -1.81 30.31
C ASP E 30 -28.83 -1.13 29.18
N THR E 31 -29.28 0.08 29.46
CA THR E 31 -30.08 0.85 28.50
C THR E 31 -29.26 1.11 27.24
N PRO E 32 -29.70 0.60 26.09
CA PRO E 32 -28.89 0.72 24.87
C PRO E 32 -28.77 2.16 24.38
N LEU E 33 -27.73 2.41 23.59
CA LEU E 33 -27.37 3.74 23.15
C LEU E 33 -27.53 3.86 21.63
N GLY E 34 -28.27 4.87 21.21
CA GLY E 34 -28.35 5.24 19.80
C GLY E 34 -28.82 4.15 18.87
N ILE E 35 -27.92 3.67 18.00
CA ILE E 35 -28.29 2.79 16.90
C ILE E 35 -28.83 1.45 17.39
N THR E 36 -28.47 1.02 18.60
CA THR E 36 -28.95 -0.25 19.14
C THR E 36 -30.18 -0.08 20.02
N ASN E 37 -31.04 0.92 19.73
CA ASN E 37 -32.16 1.24 20.60
C ASN E 37 -33.05 0.04 20.93
N PRO E 38 -33.50 -0.77 19.97
CA PRO E 38 -34.02 -2.08 20.33
C PRO E 38 -32.90 -3.11 20.26
N PRO E 39 -32.77 -3.98 21.26
CA PRO E 39 -31.75 -5.02 21.21
C PRO E 39 -31.92 -5.88 19.97
N ILE E 40 -30.79 -6.24 19.34
CA ILE E 40 -30.85 -6.97 18.09
C ILE E 40 -31.48 -8.35 18.28
N ASP E 41 -31.38 -8.91 19.50
CA ASP E 41 -31.89 -10.25 19.74
C ASP E 41 -33.42 -10.25 19.81
N GLU E 42 -33.99 -9.32 20.58
CA GLU E 42 -35.44 -9.19 20.64
C GLU E 42 -36.03 -8.94 19.27
N LEU E 43 -35.34 -8.15 18.44
CA LEU E 43 -35.80 -7.95 17.07
C LEU E 43 -35.71 -9.24 16.26
N LEU E 44 -34.61 -9.98 16.40
CA LEU E 44 -34.46 -11.24 15.69
C LEU E 44 -35.51 -12.27 16.09
N ASP E 45 -36.11 -12.11 17.27
CA ASP E 45 -37.19 -13.02 17.66
C ASP E 45 -38.42 -12.83 16.77
N ARG E 46 -38.72 -11.59 16.39
CA ARG E 46 -39.94 -11.32 15.62
C ARG E 46 -39.87 -11.87 14.21
N VAL E 47 -38.69 -12.17 13.69
CA VAL E 47 -38.51 -12.57 12.30
C VAL E 47 -37.80 -13.92 12.25
N SER E 48 -37.72 -14.47 11.04
CA SER E 48 -37.12 -15.78 10.85
C SER E 48 -35.59 -15.70 10.79
N SER E 49 -35.06 -14.64 10.20
CA SER E 49 -33.61 -14.46 10.10
C SER E 49 -33.32 -12.97 9.99
N LYS E 50 -32.04 -12.65 9.78
CA LYS E 50 -31.61 -11.26 9.75
C LYS E 50 -32.01 -10.57 8.45
N TYR E 51 -31.92 -11.28 7.32
CA TYR E 51 -32.23 -10.67 6.03
C TYR E 51 -33.70 -10.28 5.96
N ALA E 52 -34.58 -11.15 6.48
CA ALA E 52 -36.00 -10.84 6.52
C ALA E 52 -36.26 -9.57 7.30
N LEU E 53 -35.62 -9.43 8.47
CA LEU E 53 -35.78 -8.21 9.26
C LEU E 53 -35.26 -6.99 8.52
N VAL E 54 -34.15 -7.16 7.79
CA VAL E 54 -33.60 -6.04 7.03
C VAL E 54 -34.63 -5.51 6.04
N ILE E 55 -35.19 -6.40 5.21
CA ILE E 55 -36.14 -5.95 4.20
C ILE E 55 -37.42 -5.46 4.86
N TYR E 56 -37.85 -6.13 5.94
CA TYR E 56 -38.97 -5.69 6.76
C TYR E 56 -38.86 -4.21 7.11
N ALA E 57 -37.79 -3.87 7.85
CA ALA E 57 -37.61 -2.50 8.31
C ALA E 57 -37.41 -1.53 7.16
N ALA E 58 -36.73 -1.97 6.08
CA ALA E 58 -36.50 -1.09 4.96
C ALA E 58 -37.80 -0.67 4.29
N LYS E 59 -38.69 -1.65 4.03
CA LYS E 59 -39.95 -1.32 3.39
C LYS E 59 -40.86 -0.51 4.32
N ARG E 60 -40.84 -0.81 5.63
CA ARG E 60 -41.62 0.01 6.55
C ARG E 60 -41.10 1.45 6.59
N ALA E 61 -39.79 1.63 6.50
CA ALA E 61 -39.22 2.97 6.50
C ALA E 61 -39.57 3.72 5.23
N ARG E 62 -39.59 3.02 4.09
CA ARG E 62 -40.03 3.65 2.85
C ARG E 62 -41.49 4.11 2.98
N GLN E 63 -42.34 3.27 3.58
CA GLN E 63 -43.71 3.68 3.86
C GLN E 63 -43.75 4.95 4.72
N ILE E 64 -42.96 4.97 5.79
CA ILE E 64 -42.99 6.11 6.71
C ILE E 64 -42.55 7.38 6.00
N ASN E 65 -41.52 7.29 5.16
CA ASN E 65 -41.04 8.48 4.47
C ASN E 65 -42.05 8.96 3.43
N ASP E 66 -42.74 8.03 2.76
CA ASP E 66 -43.81 8.46 1.85
C ASP E 66 -44.93 9.15 2.61
N TYR E 67 -45.29 8.62 3.78
CA TYR E 67 -46.31 9.26 4.60
C TYR E 67 -45.89 10.68 4.98
N TYR E 68 -44.64 10.84 5.41
CA TYR E 68 -44.15 12.18 5.79
C TYR E 68 -44.09 13.12 4.59
N ASN E 69 -43.90 12.58 3.38
CA ASN E 69 -43.91 13.44 2.20
C ASN E 69 -45.31 13.75 1.71
N GLN E 70 -46.32 12.96 2.10
CA GLN E 70 -47.69 13.27 1.71
C GLN E 70 -48.41 14.16 2.71
N LEU E 71 -48.02 14.11 3.99
CA LEU E 71 -48.61 14.99 5.01
C LEU E 71 -47.53 15.81 5.71
N TYR E 78 -50.65 4.71 2.49
CA TYR E 78 -49.87 5.57 3.37
C TYR E 78 -50.33 5.46 4.82
N VAL E 79 -49.46 4.92 5.68
CA VAL E 79 -49.74 4.72 7.09
C VAL E 79 -48.69 5.45 7.91
N GLY E 80 -49.14 6.29 8.84
CA GLY E 80 -48.25 7.07 9.64
C GLY E 80 -47.56 6.25 10.71
N PRO E 81 -46.69 6.91 11.48
CA PRO E 81 -45.95 6.21 12.53
C PRO E 81 -46.88 5.64 13.59
N LEU E 82 -46.65 4.38 13.96
CA LEU E 82 -47.45 3.70 14.96
C LEU E 82 -46.99 3.97 16.39
N VAL E 83 -45.80 4.55 16.57
CA VAL E 83 -45.28 4.92 17.88
C VAL E 83 -44.83 6.37 17.82
N GLU E 84 -44.94 7.06 18.95
CA GLU E 84 -44.54 8.46 19.05
C GLU E 84 -43.07 8.60 18.67
N PRO E 85 -42.74 9.34 17.61
CA PRO E 85 -41.34 9.51 17.22
C PRO E 85 -40.60 10.42 18.19
N GLY E 86 -39.29 10.35 18.12
CA GLY E 86 -38.45 11.30 18.82
C GLY E 86 -38.55 12.68 18.17
N LEU E 87 -37.72 13.59 18.68
CA LEU E 87 -37.71 14.95 18.15
C LEU E 87 -37.46 14.94 16.64
N GLN E 88 -36.30 14.43 16.22
CA GLN E 88 -35.99 14.20 14.81
C GLN E 88 -35.48 12.77 14.71
N GLU E 89 -36.39 11.81 14.58
CA GLU E 89 -36.05 10.40 14.52
C GLU E 89 -36.07 9.94 13.07
N LYS E 90 -35.02 9.24 12.65
CA LYS E 90 -34.97 8.71 11.31
C LYS E 90 -36.06 7.66 11.12
N PRO E 91 -36.64 7.57 9.92
CA PRO E 91 -37.72 6.60 9.69
C PRO E 91 -37.32 5.17 10.00
N LEU E 92 -36.05 4.82 9.82
CA LEU E 92 -35.60 3.47 10.11
C LEU E 92 -35.70 3.14 11.60
N SER E 93 -35.36 4.11 12.46
CA SER E 93 -35.48 3.88 13.90
C SER E 93 -36.94 3.72 14.31
N ILE E 94 -37.83 4.52 13.72
CA ILE E 94 -39.25 4.37 13.98
C ILE E 94 -39.73 3.00 13.55
N ALA E 95 -39.32 2.54 12.38
CA ALA E 95 -39.74 1.22 11.89
C ALA E 95 -39.21 0.11 12.80
N LEU E 96 -37.97 0.23 13.26
CA LEU E 96 -37.43 -0.77 14.16
C LEU E 96 -38.19 -0.81 15.48
N ARG E 97 -38.53 0.37 16.03
CA ARG E 97 -39.31 0.40 17.25
C ARG E 97 -40.71 -0.19 17.04
N GLU E 98 -41.28 0.03 15.85
CA GLU E 98 -42.59 -0.56 15.55
C GLU E 98 -42.51 -2.08 15.50
N ILE E 99 -41.49 -2.61 14.80
CA ILE E 99 -41.32 -4.06 14.73
C ILE E 99 -41.07 -4.64 16.11
N HIS E 100 -40.38 -3.89 16.98
CA HIS E 100 -40.15 -4.33 18.35
C HIS E 100 -41.44 -4.41 19.16
N ALA E 101 -42.47 -3.64 18.79
CA ALA E 101 -43.73 -3.62 19.51
C ALA E 101 -44.79 -4.52 18.89
N ASP E 102 -44.42 -5.32 17.89
CA ASP E 102 -45.34 -6.27 17.25
C ASP E 102 -46.56 -5.57 16.65
N LEU E 103 -46.29 -4.49 15.92
CA LEU E 103 -47.34 -3.66 15.34
C LEU E 103 -47.45 -3.82 13.82
N LEU E 104 -46.73 -4.78 13.24
CA LEU E 104 -46.72 -4.96 11.80
C LEU E 104 -46.78 -6.43 11.47
N GLU E 105 -47.44 -6.75 10.36
CA GLU E 105 -47.45 -8.10 9.83
C GLU E 105 -46.35 -8.28 8.80
N HIS E 106 -46.08 -9.53 8.44
CA HIS E 106 -45.03 -9.85 7.48
C HIS E 106 -45.35 -11.19 6.83
N THR E 107 -45.40 -11.20 5.50
CA THR E 107 -45.69 -12.40 4.73
C THR E 107 -44.53 -12.63 3.75
N GLU E 108 -43.69 -13.60 4.04
CA GLU E 108 -42.58 -13.95 3.15
C GLU E 108 -43.09 -14.49 1.82
N ASP F 24 3.04 0.63 -70.44
CA ASP F 24 3.36 -0.56 -71.23
C ASP F 24 3.62 -1.76 -70.32
N GLU F 25 3.05 -2.90 -70.68
CA GLU F 25 3.27 -4.12 -69.91
C GLU F 25 4.74 -4.55 -69.94
N GLU F 26 5.53 -4.01 -70.86
CA GLU F 26 6.97 -4.27 -70.86
C GLU F 26 7.66 -3.52 -69.74
N LEU F 27 7.10 -2.38 -69.31
CA LEU F 27 7.68 -1.61 -68.22
C LEU F 27 7.42 -2.25 -66.86
N THR F 28 6.26 -2.88 -66.69
CA THR F 28 5.97 -3.54 -65.40
C THR F 28 6.81 -4.80 -65.24
N ALA F 29 7.06 -5.53 -66.33
CA ALA F 29 8.01 -6.63 -66.28
C ALA F 29 9.44 -6.13 -66.21
N ARG F 30 9.71 -4.95 -66.77
CA ARG F 30 11.00 -4.30 -66.58
C ARG F 30 11.22 -3.96 -65.11
N PHE F 31 10.14 -3.71 -64.38
CA PHE F 31 10.25 -3.40 -62.96
C PHE F 31 10.60 -4.65 -62.15
N GLU F 32 9.76 -5.68 -62.24
CA GLU F 32 9.96 -6.88 -61.43
C GLU F 32 11.25 -7.61 -61.78
N ARG F 33 11.89 -7.28 -62.90
CA ARG F 33 13.08 -8.02 -63.32
C ARG F 33 14.30 -7.64 -62.48
N ASP F 34 14.70 -6.37 -62.52
CA ASP F 34 15.96 -5.95 -61.92
C ASP F 34 15.80 -4.99 -60.74
N ALA F 35 14.57 -4.67 -60.33
CA ALA F 35 14.36 -3.72 -59.24
C ALA F 35 13.76 -4.33 -57.98
N ILE F 36 13.16 -5.52 -58.08
CA ILE F 36 12.59 -6.20 -56.92
C ILE F 36 13.69 -6.73 -56.00
N PRO F 37 14.83 -7.23 -56.50
CA PRO F 37 15.94 -7.56 -55.58
C PRO F 37 16.43 -6.37 -54.78
N LEU F 38 16.24 -5.15 -55.28
CA LEU F 38 16.58 -3.97 -54.50
C LEU F 38 15.57 -3.71 -53.39
N LEU F 39 14.33 -4.16 -53.58
CA LEU F 39 13.28 -3.92 -52.59
C LEU F 39 13.63 -4.50 -51.23
N ASP F 40 14.37 -5.61 -51.19
CA ASP F 40 14.75 -6.19 -49.91
C ASP F 40 15.90 -5.43 -49.26
N GLN F 41 16.83 -4.91 -50.06
CA GLN F 41 17.92 -4.13 -49.50
C GLN F 41 17.46 -2.73 -49.09
N LEU F 42 16.35 -2.24 -49.64
CA LEU F 42 15.82 -0.95 -49.23
C LEU F 42 15.11 -1.01 -47.89
N TYR F 43 14.57 -2.18 -47.52
CA TYR F 43 13.91 -2.31 -46.23
C TYR F 43 14.90 -2.09 -45.09
N GLY F 44 16.12 -2.64 -45.22
CA GLY F 44 17.15 -2.35 -44.26
C GLY F 44 17.58 -0.90 -44.24
N GLY F 45 17.36 -0.17 -45.33
CA GLY F 45 17.69 1.24 -45.39
C GLY F 45 16.62 2.11 -44.77
N ALA F 46 15.35 1.84 -45.09
CA ALA F 46 14.27 2.59 -44.48
C ALA F 46 14.22 2.38 -42.97
N LEU F 47 14.63 1.19 -42.51
CA LEU F 47 14.67 0.93 -41.08
C LEU F 47 15.72 1.78 -40.38
N ARG F 48 16.84 2.05 -41.07
CA ARG F 48 17.88 2.90 -40.50
C ARG F 48 17.41 4.34 -40.33
N MET F 49 16.31 4.72 -40.96
CA MET F 49 15.80 6.09 -40.88
C MET F 49 14.63 6.23 -39.94
N THR F 50 13.69 5.29 -39.96
CA THR F 50 12.50 5.39 -39.12
C THR F 50 12.65 4.73 -37.76
N ARG F 51 13.58 3.80 -37.61
CA ARG F 51 13.81 3.07 -36.36
C ARG F 51 12.54 2.43 -35.83
N ASN F 52 11.63 2.07 -36.73
CA ASN F 52 10.36 1.46 -36.38
C ASN F 52 9.90 0.57 -37.53
N PRO F 53 9.88 -0.76 -37.35
CA PRO F 53 9.53 -1.64 -38.47
C PRO F 53 8.16 -1.36 -39.07
N ALA F 54 7.18 -1.00 -38.25
CA ALA F 54 5.86 -0.69 -38.77
C ALA F 54 5.87 0.58 -39.62
N ASP F 55 6.79 1.50 -39.35
CA ASP F 55 6.91 2.72 -40.14
C ASP F 55 7.80 2.56 -41.36
N ALA F 56 8.84 1.75 -41.26
CA ALA F 56 9.70 1.51 -42.43
C ALA F 56 8.94 0.79 -43.53
N GLU F 57 8.03 -0.12 -43.16
CA GLU F 57 7.23 -0.83 -44.15
C GLU F 57 6.28 0.12 -44.85
N ASP F 58 5.65 1.04 -44.11
CA ASP F 58 4.80 2.04 -44.75
C ASP F 58 5.61 2.97 -45.64
N LEU F 59 6.84 3.29 -45.24
CA LEU F 59 7.68 4.16 -46.05
C LEU F 59 8.16 3.46 -47.31
N LEU F 60 8.56 2.19 -47.19
CA LEU F 60 9.05 1.46 -48.35
C LEU F 60 7.95 1.25 -49.39
N GLN F 61 6.74 0.92 -48.93
CA GLN F 61 5.62 0.76 -49.85
C GLN F 61 5.25 2.08 -50.51
N GLU F 62 5.24 3.18 -49.73
CA GLU F 62 4.93 4.49 -50.30
C GLU F 62 5.96 4.89 -51.35
N THR F 63 7.22 4.48 -51.17
CA THR F 63 8.24 4.72 -52.18
C THR F 63 7.95 3.92 -53.45
N MET F 64 7.48 2.67 -53.30
CA MET F 64 7.20 1.84 -54.46
C MET F 64 6.03 2.39 -55.27
N VAL F 65 4.99 2.89 -54.58
CA VAL F 65 3.88 3.52 -55.30
C VAL F 65 4.37 4.72 -56.09
N LYS F 66 5.22 5.55 -55.48
CA LYS F 66 5.71 6.76 -56.15
C LYS F 66 6.63 6.43 -57.31
N ALA F 67 7.35 5.32 -57.25
CA ALA F 67 8.28 4.95 -58.30
C ALA F 67 7.61 4.19 -59.44
N TYR F 68 6.57 3.40 -59.15
CA TYR F 68 5.89 2.64 -60.19
C TYR F 68 4.98 3.53 -61.03
N ALA F 69 4.33 4.52 -60.41
CA ALA F 69 3.49 5.44 -61.15
C ALA F 69 4.30 6.26 -62.16
N GLY F 70 5.55 6.56 -61.83
CA GLY F 70 6.40 7.31 -62.74
C GLY F 70 7.63 6.52 -63.16
N PHE F 71 7.45 5.22 -63.41
CA PHE F 71 8.58 4.39 -63.81
C PHE F 71 9.05 4.75 -65.22
N ARG F 72 8.13 5.15 -66.11
CA ARG F 72 8.51 5.56 -67.45
C ARG F 72 9.45 6.75 -67.45
N SER F 73 9.51 7.50 -66.34
CA SER F 73 10.42 8.62 -66.21
C SER F 73 11.87 8.19 -65.92
N PHE F 74 12.09 6.92 -65.61
CA PHE F 74 13.43 6.40 -65.43
C PHE F 74 14.01 5.95 -66.76
N ARG F 75 15.29 6.27 -66.98
CA ARG F 75 15.98 5.88 -68.21
C ARG F 75 16.70 4.56 -67.99
N HIS F 76 16.33 3.55 -68.77
CA HIS F 76 16.85 2.21 -68.60
C HIS F 76 18.37 2.19 -68.79
N GLY F 77 18.99 1.16 -68.23
CA GLY F 77 20.43 0.99 -68.29
C GLY F 77 21.21 1.67 -67.18
N THR F 78 20.77 2.86 -66.76
CA THR F 78 21.43 3.57 -65.67
C THR F 78 21.09 2.91 -64.33
N ASN F 79 21.64 3.46 -63.26
CA ASN F 79 21.52 2.86 -61.93
C ASN F 79 20.13 3.09 -61.38
N LEU F 80 19.38 2.00 -61.18
CA LEU F 80 18.06 2.09 -60.57
C LEU F 80 18.13 2.11 -59.05
N LYS F 81 19.19 1.52 -58.47
CA LYS F 81 19.33 1.51 -57.03
C LYS F 81 19.56 2.91 -56.48
N ALA F 82 20.42 3.70 -57.13
CA ALA F 82 20.61 5.08 -56.72
C ALA F 82 19.36 5.91 -56.96
N TRP F 83 18.55 5.55 -57.96
CA TRP F 83 17.31 6.27 -58.23
C TRP F 83 16.28 5.99 -57.15
N LEU F 84 16.01 4.72 -56.87
CA LEU F 84 15.00 4.38 -55.87
C LEU F 84 15.39 4.88 -54.49
N TYR F 85 16.68 4.87 -54.17
CA TYR F 85 17.12 5.27 -52.84
C TYR F 85 16.88 6.77 -52.60
N ARG F 86 17.05 7.59 -53.64
CA ARG F 86 16.76 9.01 -53.50
C ARG F 86 15.26 9.26 -53.40
N ILE F 87 14.45 8.39 -53.99
CA ILE F 87 13.00 8.51 -53.84
C ILE F 87 12.60 8.29 -52.39
N LEU F 88 13.14 7.25 -51.77
CA LEU F 88 12.82 6.95 -50.38
C LEU F 88 13.34 8.04 -49.45
N THR F 89 14.56 8.54 -49.71
CA THR F 89 15.12 9.60 -48.86
C THR F 89 14.25 10.85 -48.89
N ASN F 90 13.75 11.22 -50.07
CA ASN F 90 12.98 12.45 -50.18
C ASN F 90 11.57 12.31 -49.61
N THR F 91 10.94 11.15 -49.81
CA THR F 91 9.59 10.95 -49.28
C THR F 91 9.58 10.79 -47.76
N TYR F 92 10.74 10.51 -47.16
CA TYR F 92 10.82 10.44 -45.71
C TYR F 92 11.00 11.84 -45.10
N ILE F 93 11.82 12.67 -45.73
CA ILE F 93 12.01 14.05 -45.26
C ILE F 93 10.69 14.81 -45.38
N ASN F 94 9.92 14.54 -46.42
CA ASN F 94 8.59 15.13 -46.52
C ASN F 94 7.64 14.56 -45.47
N SER F 95 7.63 13.23 -45.34
CA SER F 95 6.72 12.60 -44.39
C SER F 95 7.05 12.98 -42.94
N TYR F 96 8.30 13.35 -42.68
CA TYR F 96 8.68 13.77 -41.33
C TYR F 96 8.06 15.11 -40.99
N ARG F 97 8.31 16.13 -41.82
CA ARG F 97 7.79 17.47 -41.56
C ARG F 97 6.27 17.53 -41.71
N ARG F 98 5.66 16.62 -42.49
CA ARG F 98 4.21 16.65 -42.68
C ARG F 98 3.49 16.22 -41.40
N ARG F 99 3.94 15.13 -40.78
CA ARG F 99 3.25 14.55 -39.63
C ARG F 99 3.84 14.99 -38.29
N ALA F 100 5.03 15.56 -38.26
CA ALA F 100 5.59 16.12 -37.04
C ALA F 100 5.24 17.60 -36.86
N ARG F 101 4.33 18.12 -37.68
CA ARG F 101 3.84 19.48 -37.48
C ARG F 101 2.90 19.58 -36.28
N ILE F 102 2.33 18.46 -35.84
CA ILE F 102 1.50 18.40 -34.65
C ILE F 102 2.04 17.31 -33.75
N ARG F 103 2.43 17.68 -32.52
CA ARG F 103 3.03 16.76 -31.57
C ARG F 103 1.95 15.88 -30.96
N MET F 104 2.00 14.58 -31.26
CA MET F 104 1.01 13.62 -30.79
C MET F 104 1.69 12.64 -29.83
N GLU F 105 1.26 12.63 -28.58
CA GLU F 105 1.79 11.73 -27.57
C GLU F 105 0.64 11.00 -26.89
N ALA F 106 0.99 10.12 -25.96
CA ALA F 106 0.04 9.15 -25.42
C ALA F 106 -0.62 9.66 -24.15
N LEU F 107 -1.77 9.07 -23.84
CA LEU F 107 -2.48 9.32 -22.59
C LEU F 107 -1.66 8.77 -21.43
N PRO F 108 -2.01 9.14 -20.19
CA PRO F 108 -1.42 8.46 -19.03
C PRO F 108 -1.77 6.98 -19.04
N GLU F 109 -1.01 6.21 -18.26
CA GLU F 109 -1.09 4.76 -18.34
C GLU F 109 -2.49 4.25 -17.99
N ASP F 110 -3.19 4.94 -17.10
CA ASP F 110 -4.59 4.63 -16.78
C ASP F 110 -5.48 5.59 -17.56
N TYR F 111 -6.36 5.04 -18.40
CA TYR F 111 -7.27 5.89 -19.15
C TYR F 111 -8.42 6.41 -18.30
N ASP F 112 -8.66 5.80 -17.14
CA ASP F 112 -9.74 6.22 -16.26
C ASP F 112 -9.42 7.51 -15.50
N ARG F 113 -8.21 8.04 -15.64
CA ARG F 113 -7.87 9.32 -15.03
C ARG F 113 -7.95 10.48 -16.03
N VAL F 114 -8.42 10.22 -17.24
CA VAL F 114 -8.71 11.27 -18.20
C VAL F 114 -10.08 11.83 -17.87
N PRO F 115 -10.17 13.06 -17.38
CA PRO F 115 -11.42 13.54 -16.78
C PRO F 115 -12.47 13.89 -17.84
N ALA F 116 -13.69 13.47 -17.58
CA ALA F 116 -14.83 14.03 -18.29
C ALA F 116 -14.99 15.50 -17.91
N ASP F 117 -15.46 16.31 -18.86
CA ASP F 117 -15.61 17.74 -18.65
C ASP F 117 -17.07 18.15 -18.62
N GLU F 118 -17.89 17.36 -17.95
CA GLU F 118 -19.31 17.62 -17.75
C GLU F 118 -19.55 18.17 -16.35
N PRO F 119 -20.68 18.81 -16.12
CA PRO F 119 -21.04 19.22 -14.76
C PRO F 119 -21.55 18.05 -13.93
N ASN F 120 -21.25 18.12 -12.63
CA ASN F 120 -21.59 17.07 -11.68
C ASN F 120 -23.10 17.07 -11.38
N PRO F 121 -23.62 15.98 -10.81
CA PRO F 121 -25.06 15.95 -10.48
C PRO F 121 -25.53 17.13 -9.66
N GLU F 122 -24.74 17.54 -8.67
CA GLU F 122 -25.03 18.77 -7.94
C GLU F 122 -24.94 19.98 -8.86
N GLN F 123 -23.93 20.00 -9.74
CA GLN F 123 -23.76 21.13 -10.63
C GLN F 123 -24.88 21.23 -11.66
N ILE F 124 -25.42 20.10 -12.12
CA ILE F 124 -26.52 20.15 -13.09
C ILE F 124 -27.87 20.34 -12.44
N TYR F 125 -27.97 20.17 -11.12
CA TYR F 125 -29.22 20.44 -10.43
C TYR F 125 -29.43 21.94 -10.22
N HIS F 126 -28.42 22.61 -9.65
CA HIS F 126 -28.54 24.04 -9.38
C HIS F 126 -28.50 24.88 -10.65
N ASP F 127 -27.96 24.34 -11.75
CA ASP F 127 -27.90 25.08 -13.00
C ASP F 127 -29.16 24.96 -13.83
N ALA F 128 -29.96 23.92 -13.61
CA ALA F 128 -31.21 23.77 -14.34
C ALA F 128 -32.38 24.52 -13.72
N ARG F 129 -32.28 24.86 -12.43
CA ARG F 129 -33.33 25.58 -11.74
C ARG F 129 -33.13 27.09 -11.96
N LEU F 130 -33.88 27.90 -11.22
CA LEU F 130 -33.80 29.35 -11.35
C LEU F 130 -33.68 29.98 -9.97
N GLY F 131 -33.21 31.23 -9.95
CA GLY F 131 -32.97 31.94 -8.72
C GLY F 131 -34.23 32.44 -8.05
N PRO F 132 -34.09 33.39 -7.11
CA PRO F 132 -35.27 33.91 -6.40
C PRO F 132 -36.18 34.77 -7.26
N ASP F 133 -35.74 35.23 -8.43
CA ASP F 133 -36.59 36.01 -9.31
C ASP F 133 -37.69 35.19 -9.95
N LEU F 134 -37.68 33.86 -9.75
CA LEU F 134 -38.72 33.00 -10.33
C LEU F 134 -40.12 33.38 -9.84
N GLN F 135 -40.22 34.09 -8.72
CA GLN F 135 -41.49 34.62 -8.25
C GLN F 135 -41.77 36.03 -8.74
N ALA F 136 -40.79 36.69 -9.34
CA ALA F 136 -41.03 38.00 -9.96
C ALA F 136 -41.72 37.84 -11.31
N ALA F 137 -41.18 36.96 -12.17
CA ALA F 137 -41.79 36.71 -13.47
C ALA F 137 -43.04 35.86 -13.39
N LEU F 138 -43.36 35.30 -12.22
CA LEU F 138 -44.53 34.44 -12.07
C LEU F 138 -45.77 35.23 -11.66
N GLN F 139 -45.64 36.08 -10.63
CA GLN F 139 -46.77 36.81 -10.08
C GLN F 139 -46.82 38.27 -10.52
N ALA F 140 -45.66 38.95 -10.56
CA ALA F 140 -45.67 40.37 -10.90
C ALA F 140 -46.00 40.59 -12.37
N LEU F 141 -45.68 39.65 -13.23
CA LEU F 141 -46.09 39.85 -14.61
C LEU F 141 -47.42 39.16 -14.87
N PRO F 142 -48.22 39.71 -15.79
CA PRO F 142 -49.44 39.00 -16.21
C PRO F 142 -49.09 37.70 -16.92
N GLU F 143 -50.05 36.77 -16.91
CA GLU F 143 -49.85 35.51 -17.61
C GLU F 143 -49.71 35.71 -19.11
N GLU F 144 -50.15 36.85 -19.64
CA GLU F 144 -49.91 37.17 -21.04
C GLU F 144 -48.44 37.43 -21.30
N PHE F 145 -47.77 38.16 -20.40
CA PHE F 145 -46.34 38.39 -20.53
C PHE F 145 -45.54 37.18 -20.06
N ARG F 146 -45.98 36.55 -18.97
CA ARG F 146 -45.23 35.43 -18.40
C ARG F 146 -45.10 34.27 -19.39
N MET F 147 -46.20 33.88 -20.02
CA MET F 147 -46.17 32.74 -20.93
C MET F 147 -45.44 33.07 -22.23
N ALA F 148 -45.53 34.32 -22.70
CA ALA F 148 -44.89 34.68 -23.96
C ALA F 148 -43.39 34.91 -23.79
N VAL F 149 -42.96 35.44 -22.64
CA VAL F 149 -41.54 35.68 -22.42
C VAL F 149 -40.82 34.37 -22.11
N TYR F 150 -41.46 33.48 -21.35
CA TYR F 150 -40.80 32.23 -20.96
C TYR F 150 -40.56 31.30 -22.15
N TYR F 151 -41.42 31.37 -23.17
CA TYR F 151 -41.32 30.46 -24.31
C TYR F 151 -40.56 31.06 -25.48
N ALA F 152 -40.28 32.37 -25.45
CA ALA F 152 -39.50 33.00 -26.51
C ALA F 152 -38.02 33.07 -26.20
N ASP F 153 -37.64 32.97 -24.92
CA ASP F 153 -36.24 33.06 -24.50
C ASP F 153 -35.65 31.72 -24.08
N VAL F 154 -36.38 30.92 -23.31
CA VAL F 154 -35.90 29.60 -22.94
C VAL F 154 -35.89 28.68 -24.16
N GLU F 155 -37.05 28.52 -24.80
CA GLU F 155 -37.16 27.60 -25.93
C GLU F 155 -36.51 28.16 -27.18
N GLY F 156 -36.51 29.48 -27.35
CA GLY F 156 -35.95 30.06 -28.55
C GLY F 156 -36.73 29.75 -29.80
N PHE F 157 -38.05 29.57 -29.69
CA PHE F 157 -38.88 29.28 -30.84
C PHE F 157 -38.84 30.43 -31.83
N PRO F 158 -39.11 30.14 -33.10
CA PRO F 158 -39.29 31.23 -34.08
C PRO F 158 -40.43 32.15 -33.68
N TYR F 159 -40.38 33.38 -34.21
CA TYR F 159 -41.41 34.36 -33.87
C TYR F 159 -42.79 33.92 -34.32
N LYS F 160 -42.87 33.09 -35.36
CA LYS F 160 -44.15 32.55 -35.82
C LYS F 160 -44.53 31.27 -35.10
N GLU F 161 -43.59 30.60 -34.44
CA GLU F 161 -43.92 29.41 -33.65
C GLU F 161 -44.51 29.81 -32.30
N ILE F 162 -44.03 30.89 -31.70
CA ILE F 162 -44.68 31.44 -30.52
C ILE F 162 -46.00 32.11 -30.90
N ALA F 163 -46.15 32.49 -32.17
CA ALA F 163 -47.44 32.97 -32.65
C ALA F 163 -48.47 31.84 -32.70
N GLU F 164 -48.01 30.60 -32.89
CA GLU F 164 -48.93 29.48 -33.03
C GLU F 164 -49.36 28.91 -31.69
N ILE F 165 -48.53 29.02 -30.65
CA ILE F 165 -48.84 28.38 -29.38
C ILE F 165 -50.00 29.06 -28.68
N MET F 166 -50.09 30.39 -28.78
CA MET F 166 -51.11 31.15 -28.06
C MET F 166 -52.21 31.70 -28.96
N ASP F 167 -52.19 31.38 -30.26
CA ASP F 167 -53.19 31.86 -31.21
C ASP F 167 -53.19 33.41 -31.26
N THR F 168 -52.01 33.96 -31.55
CA THR F 168 -51.79 35.40 -31.59
C THR F 168 -50.83 35.73 -32.72
N PRO F 169 -51.03 36.86 -33.41
CA PRO F 169 -50.12 37.24 -34.49
C PRO F 169 -48.79 37.78 -33.98
N ILE F 170 -47.95 38.27 -34.91
CA ILE F 170 -46.69 38.90 -34.53
C ILE F 170 -46.96 40.17 -33.73
N GLY F 171 -48.05 40.88 -34.02
CA GLY F 171 -48.38 42.09 -33.30
C GLY F 171 -48.58 41.87 -31.81
N THR F 172 -49.08 40.68 -31.43
CA THR F 172 -49.27 40.35 -30.02
C THR F 172 -48.01 39.74 -29.40
N VAL F 173 -47.37 38.82 -30.12
CA VAL F 173 -46.22 38.10 -29.55
C VAL F 173 -45.03 39.03 -29.42
N MET F 174 -44.71 39.77 -30.48
CA MET F 174 -43.57 40.67 -30.43
C MET F 174 -43.78 41.80 -29.43
N SER F 175 -45.03 42.18 -29.17
CA SER F 175 -45.30 43.25 -28.21
C SER F 175 -45.20 42.75 -26.78
N ARG F 176 -45.85 41.63 -26.47
CA ARG F 176 -45.80 41.07 -25.12
C ARG F 176 -44.36 40.75 -24.71
N LEU F 177 -43.49 40.50 -25.69
CA LEU F 177 -42.08 40.25 -25.37
C LEU F 177 -41.36 41.56 -25.08
N HIS F 178 -41.56 42.58 -25.91
CA HIS F 178 -40.91 43.86 -25.70
C HIS F 178 -41.34 44.51 -24.39
N ARG F 179 -42.60 44.33 -24.01
CA ARG F 179 -43.16 44.91 -22.79
C ARG F 179 -42.90 44.05 -21.56
N GLY F 180 -42.84 42.73 -21.73
CA GLY F 180 -42.49 41.86 -20.61
C GLY F 180 -41.05 42.02 -20.17
N ARG F 181 -40.16 42.40 -21.09
CA ARG F 181 -38.78 42.65 -20.72
C ARG F 181 -38.65 43.94 -19.91
N ARG F 182 -39.32 45.00 -20.36
CA ARG F 182 -39.35 46.24 -19.56
C ARG F 182 -40.09 46.03 -18.25
N GLN F 183 -41.08 45.14 -18.24
CA GLN F 183 -41.73 44.76 -16.99
C GLN F 183 -40.72 44.12 -16.03
N LEU F 184 -39.97 43.14 -16.53
CA LEU F 184 -38.98 42.44 -15.73
C LEU F 184 -37.70 43.24 -15.51
N ARG F 185 -37.52 44.36 -16.21
CA ARG F 185 -36.37 45.23 -15.93
C ARG F 185 -36.46 45.78 -14.51
N GLY F 186 -37.66 46.06 -14.04
CA GLY F 186 -37.85 46.35 -12.63
C GLY F 186 -37.48 45.16 -11.77
N LEU F 187 -37.34 45.44 -10.47
CA LEU F 187 -36.91 44.44 -9.49
C LEU F 187 -35.51 43.94 -9.83
ZN ZN J . -27.98 -31.24 2.78
ZN ZN K . -24.65 21.69 -40.87
MG MG L . -0.03 -0.73 9.97
#